data_9D6E
#
_entry.id   9D6E
#
_cell.length_a   1.00
_cell.length_b   1.00
_cell.length_c   1.00
_cell.angle_alpha   90.00
_cell.angle_beta   90.00
_cell.angle_gamma   90.00
#
_symmetry.space_group_name_H-M   'P 1'
#
loop_
_entity.id
_entity.type
_entity.pdbx_description
1 polymer 'Gag polyprotein'
2 non-polymer 'INOSITOL HEXAKISPHOSPHATE'
3 non-polymer '3alpha-[(3-carboxy-3-methylbutanoyl)oxy]-8alpha,9beta,10alpha,13alpha,17alpha,19beta-lup-20(29)-en-28-oic acid'
#
_entity_poly.entity_id   1
_entity_poly.type   'polypeptide(L)'
_entity_poly.pdbx_seq_one_letter_code
;VHQAISPRTLNAWVKVVEEKAFSPEVIPMFSALSEGATPQDLNTMLNTVGGHQAAMQMLKETINEEAAEWDRLHPVHAGP
IAPGQMREPRGSDIAGTTSTLQEQIGWMTHNPPIPVGEIYKRWIILGLNKIVRMYSPTSILDIRQGPKEPFRDYVDRFYK
TLRAEQASQEVKNWMTETLLVQNANPDCKTILKALGPGATLEEMMTACQGVGGPGHKARVIAEAMSQVT
;
_entity_poly.pdbx_strand_id   A,B,C,D,E,F,G,H,I,J,K,L,M,N,O,P,Q,R
#
loop_
_chem_comp.id
_chem_comp.type
_chem_comp.name
_chem_comp.formula
2I4 non-polymer '3alpha-[(3-carboxy-3-methylbutanoyl)oxy]-8alpha,9beta,10alpha,13alpha,17alpha,19beta-lup-20(29)-en-28-oic acid' 'C36 H56 O6'
IHP non-polymer 'INOSITOL HEXAKISPHOSPHATE' 'C6 H18 O24 P6'
#
# COMPACT_ATOMS: atom_id res chain seq x y z
N HIS A 2 -22.35 -22.10 -40.50
CA HIS A 2 -21.07 -22.43 -39.88
C HIS A 2 -21.27 -23.35 -38.67
N GLN A 3 -20.29 -24.22 -38.43
CA GLN A 3 -20.33 -25.16 -37.32
C GLN A 3 -19.54 -24.57 -36.16
N ALA A 4 -20.24 -24.19 -35.10
CA ALA A 4 -19.60 -23.61 -33.92
C ALA A 4 -19.12 -24.74 -33.00
N ILE A 5 -18.62 -24.36 -31.82
CA ILE A 5 -18.18 -25.37 -30.87
C ILE A 5 -19.37 -26.15 -30.34
N SER A 6 -19.09 -27.34 -29.83
CA SER A 6 -20.11 -28.21 -29.27
C SER A 6 -19.87 -28.40 -27.78
N PRO A 7 -20.93 -28.67 -27.01
CA PRO A 7 -20.74 -28.83 -25.56
C PRO A 7 -19.78 -29.94 -25.18
N ARG A 8 -19.69 -31.01 -25.97
CA ARG A 8 -18.83 -32.13 -25.60
C ARG A 8 -17.36 -31.76 -25.67
N THR A 9 -16.94 -31.14 -26.77
CA THR A 9 -15.54 -30.75 -26.90
C THR A 9 -15.14 -29.74 -25.83
N LEU A 10 -16.01 -28.77 -25.56
CA LEU A 10 -15.75 -27.79 -24.52
C LEU A 10 -15.65 -28.45 -23.15
N ASN A 11 -16.55 -29.39 -22.85
CA ASN A 11 -16.51 -30.08 -21.56
C ASN A 11 -15.25 -30.93 -21.44
N ALA A 12 -14.86 -31.61 -22.53
CA ALA A 12 -13.63 -32.40 -22.51
C ALA A 12 -12.42 -31.51 -22.31
N TRP A 13 -12.42 -30.32 -22.91
CA TRP A 13 -11.33 -29.37 -22.72
C TRP A 13 -11.26 -28.93 -21.27
N VAL A 14 -12.39 -28.61 -20.67
CA VAL A 14 -12.40 -28.25 -19.25
C VAL A 14 -11.88 -29.41 -18.42
N LYS A 15 -12.31 -30.63 -18.74
CA LYS A 15 -11.91 -31.80 -17.96
C LYS A 15 -10.41 -32.06 -18.08
N VAL A 16 -9.84 -31.93 -19.27
CA VAL A 16 -8.41 -32.19 -19.41
C VAL A 16 -7.61 -31.09 -18.72
N VAL A 17 -8.07 -29.85 -18.79
CA VAL A 17 -7.40 -28.80 -18.02
C VAL A 17 -7.46 -29.11 -16.53
N GLU A 18 -8.59 -29.64 -16.07
CA GLU A 18 -8.74 -29.94 -14.64
C GLU A 18 -7.83 -31.08 -14.21
N GLU A 19 -7.82 -32.18 -14.96
CA GLU A 19 -7.09 -33.37 -14.53
C GLU A 19 -5.59 -33.14 -14.53
N LYS A 20 -5.04 -32.63 -15.64
CA LYS A 20 -3.64 -32.27 -15.72
C LYS A 20 -3.55 -30.74 -15.64
N ALA A 21 -3.04 -30.24 -14.52
CA ALA A 21 -3.08 -28.81 -14.23
C ALA A 21 -2.05 -28.10 -15.12
N PHE A 22 -2.46 -27.82 -16.35
CA PHE A 22 -1.64 -27.13 -17.33
C PHE A 22 -0.30 -27.85 -17.54
N SER A 23 -0.39 -29.16 -17.68
CA SER A 23 0.75 -29.98 -18.10
C SER A 23 0.99 -29.77 -19.58
N PRO A 24 2.15 -30.18 -20.11
CA PRO A 24 2.38 -30.01 -21.55
C PRO A 24 1.34 -30.67 -22.42
N GLU A 25 0.68 -31.73 -21.93
CA GLU A 25 -0.34 -32.41 -22.70
C GLU A 25 -1.52 -31.51 -23.01
N VAL A 26 -1.65 -30.38 -22.31
CA VAL A 26 -2.70 -29.42 -22.63
C VAL A 26 -2.48 -28.83 -24.02
N ILE A 27 -1.23 -28.59 -24.40
CA ILE A 27 -0.95 -27.89 -25.65
C ILE A 27 -1.47 -28.65 -26.87
N PRO A 28 -1.22 -29.97 -27.03
CA PRO A 28 -1.76 -30.65 -28.21
C PRO A 28 -3.28 -30.73 -28.21
N MET A 29 -3.89 -31.05 -27.07
CA MET A 29 -5.33 -31.18 -27.00
C MET A 29 -6.02 -29.89 -27.42
N PHE A 30 -5.49 -28.74 -26.98
CA PHE A 30 -6.06 -27.47 -27.39
C PHE A 30 -5.97 -27.30 -28.90
N SER A 31 -4.86 -27.71 -29.51
CA SER A 31 -4.75 -27.65 -30.95
C SER A 31 -5.56 -28.74 -31.64
N ALA A 32 -6.02 -29.74 -30.88
CA ALA A 32 -6.82 -30.82 -31.46
C ALA A 32 -8.32 -30.56 -31.32
N LEU A 33 -8.75 -30.07 -30.15
CA LEU A 33 -10.17 -29.79 -29.96
C LEU A 33 -10.61 -28.55 -30.72
N SER A 34 -9.73 -27.57 -30.90
CA SER A 34 -10.05 -26.35 -31.60
C SER A 34 -9.40 -26.39 -32.98
N GLU A 35 -10.21 -26.48 -34.02
CA GLU A 35 -9.72 -26.48 -35.39
C GLU A 35 -10.77 -25.80 -36.26
N GLY A 36 -10.37 -24.73 -36.95
CA GLY A 36 -11.34 -23.93 -37.66
C GLY A 36 -12.22 -23.08 -36.77
N ALA A 37 -11.87 -22.94 -35.50
CA ALA A 37 -12.70 -22.23 -34.55
C ALA A 37 -12.57 -20.72 -34.73
N THR A 38 -13.70 -20.02 -34.76
CA THR A 38 -13.70 -18.57 -34.78
C THR A 38 -13.15 -18.05 -33.46
N PRO A 39 -12.61 -16.82 -33.46
CA PRO A 39 -12.02 -16.29 -32.21
C PRO A 39 -12.98 -16.29 -31.03
N GLN A 40 -14.28 -16.09 -31.28
CA GLN A 40 -15.26 -16.21 -30.21
C GLN A 40 -15.28 -17.62 -29.65
N ASP A 41 -15.07 -18.62 -30.52
CA ASP A 41 -15.08 -20.01 -30.05
C ASP A 41 -13.94 -20.27 -29.07
N LEU A 42 -12.73 -19.81 -29.38
CA LEU A 42 -11.64 -20.01 -28.43
C LEU A 42 -11.77 -19.10 -27.22
N ASN A 43 -12.43 -17.94 -27.38
CA ASN A 43 -12.72 -17.12 -26.20
C ASN A 43 -13.61 -17.87 -25.23
N THR A 44 -14.65 -18.53 -25.74
CA THR A 44 -15.48 -19.40 -24.91
C THR A 44 -14.66 -20.56 -24.36
N MET A 45 -13.80 -21.14 -25.18
CA MET A 45 -12.96 -22.27 -24.78
C MET A 45 -12.04 -21.90 -23.63
N LEU A 46 -11.68 -20.62 -23.52
CA LEU A 46 -10.79 -20.15 -22.46
C LEU A 46 -11.55 -19.65 -21.23
N ASN A 47 -12.70 -19.00 -21.43
CA ASN A 47 -13.44 -18.44 -20.30
C ASN A 47 -13.95 -19.54 -19.37
N THR A 48 -14.42 -20.65 -19.92
CA THR A 48 -15.03 -21.71 -19.13
C THR A 48 -14.02 -22.42 -18.23
N VAL A 49 -12.72 -22.19 -18.42
CA VAL A 49 -11.73 -22.81 -17.55
C VAL A 49 -11.90 -22.26 -16.14
N GLY A 50 -12.32 -23.13 -15.22
CA GLY A 50 -12.47 -22.74 -13.83
C GLY A 50 -11.17 -22.95 -13.06
N GLY A 51 -10.93 -22.05 -12.11
CA GLY A 51 -9.71 -22.10 -11.34
C GLY A 51 -8.52 -21.62 -12.14
N HIS A 52 -7.34 -21.78 -11.53
CA HIS A 52 -6.08 -21.37 -12.14
C HIS A 52 -6.15 -19.91 -12.60
N GLN A 53 -6.42 -19.03 -11.63
CA GLN A 53 -6.56 -17.61 -11.95
C GLN A 53 -5.24 -17.01 -12.40
N ALA A 54 -4.14 -17.38 -11.75
CA ALA A 54 -2.83 -16.86 -12.14
C ALA A 54 -2.46 -17.29 -13.55
N ALA A 55 -2.71 -18.55 -13.89
CA ALA A 55 -2.40 -19.03 -15.23
C ALA A 55 -3.22 -18.28 -16.28
N MET A 56 -4.51 -18.08 -16.03
CA MET A 56 -5.33 -17.36 -16.99
C MET A 56 -4.93 -15.90 -17.08
N GLN A 57 -4.46 -15.30 -15.99
CA GLN A 57 -3.92 -13.94 -16.05
C GLN A 57 -2.69 -13.89 -16.93
N MET A 58 -1.78 -14.85 -16.78
CA MET A 58 -0.61 -14.91 -17.65
C MET A 58 -1.00 -15.08 -19.11
N LEU A 59 -1.99 -15.94 -19.37
CA LEU A 59 -2.46 -16.15 -20.73
C LEU A 59 -3.03 -14.88 -21.33
N LYS A 60 -3.85 -14.16 -20.56
CA LYS A 60 -4.42 -12.91 -21.05
C LYS A 60 -3.33 -11.88 -21.30
N GLU A 61 -2.33 -11.82 -20.43
CA GLU A 61 -1.21 -10.91 -20.66
C GLU A 61 -0.49 -11.26 -21.96
N THR A 62 -0.31 -12.55 -22.24
CA THR A 62 0.31 -12.96 -23.49
C THR A 62 -0.52 -12.54 -24.69
N ILE A 63 -1.85 -12.71 -24.61
CA ILE A 63 -2.69 -12.31 -25.72
C ILE A 63 -2.62 -10.80 -25.94
N ASN A 64 -2.59 -10.01 -24.86
CA ASN A 64 -2.43 -8.57 -25.03
C ASN A 64 -1.09 -8.24 -25.67
N GLU A 65 -0.02 -8.94 -25.27
CA GLU A 65 1.29 -8.68 -25.87
C GLU A 65 1.29 -8.95 -27.37
N GLU A 66 0.77 -10.11 -27.77
CA GLU A 66 0.75 -10.43 -29.20
C GLU A 66 -0.21 -9.52 -29.97
N ALA A 67 -1.33 -9.12 -29.35
CA ALA A 67 -2.22 -8.17 -30.02
C ALA A 67 -1.56 -6.82 -30.23
N ALA A 68 -0.80 -6.35 -29.23
CA ALA A 68 -0.06 -5.11 -29.38
C ALA A 68 0.99 -5.23 -30.47
N GLU A 69 1.67 -6.37 -30.54
CA GLU A 69 2.67 -6.57 -31.59
C GLU A 69 2.01 -6.59 -32.97
N TRP A 70 0.86 -7.24 -33.09
CA TRP A 70 0.12 -7.23 -34.37
C TRP A 70 -0.30 -5.81 -34.73
N ASP A 71 -0.74 -5.04 -33.74
CA ASP A 71 -1.09 -3.65 -33.99
C ASP A 71 0.10 -2.85 -34.48
N ARG A 72 1.28 -3.09 -33.88
CA ARG A 72 2.48 -2.36 -34.27
C ARG A 72 2.89 -2.71 -35.70
N LEU A 73 2.94 -4.00 -36.02
CA LEU A 73 3.43 -4.42 -37.33
C LEU A 73 2.43 -4.09 -38.43
N HIS A 74 1.14 -4.23 -38.16
CA HIS A 74 0.11 -3.99 -39.17
C HIS A 74 -0.60 -2.69 -38.87
N PRO A 75 -0.50 -1.68 -39.73
CA PRO A 75 -1.11 -0.38 -39.45
C PRO A 75 -2.55 -0.30 -39.95
N VAL A 76 -3.20 0.81 -39.61
CA VAL A 76 -4.55 1.07 -40.08
C VAL A 76 -4.49 1.46 -41.55
N HIS A 77 -5.22 0.73 -42.39
CA HIS A 77 -5.24 1.05 -43.82
C HIS A 77 -5.95 2.38 -44.05
N ALA A 78 -5.39 3.17 -44.97
CA ALA A 78 -5.97 4.47 -45.28
C ALA A 78 -7.34 4.31 -45.94
N GLY A 79 -8.27 5.19 -45.57
CA GLY A 79 -9.61 5.14 -46.10
C GLY A 79 -10.60 4.57 -45.12
N PRO A 80 -11.36 5.43 -44.45
CA PRO A 80 -12.35 4.93 -43.47
C PRO A 80 -13.49 4.14 -44.11
N ILE A 81 -13.72 4.30 -45.40
CA ILE A 81 -14.81 3.62 -46.11
C ILE A 81 -14.20 2.65 -47.11
N ALA A 82 -14.63 1.39 -47.05
CA ALA A 82 -14.15 0.33 -47.93
C ALA A 82 -15.36 -0.37 -48.55
N PRO A 83 -15.91 0.19 -49.63
CA PRO A 83 -17.05 -0.47 -50.29
C PRO A 83 -16.73 -1.84 -50.84
N GLY A 84 -15.48 -2.07 -51.26
CA GLY A 84 -15.14 -3.34 -51.90
C GLY A 84 -15.26 -4.52 -50.96
N GLN A 85 -14.72 -4.40 -49.75
CA GLN A 85 -14.69 -5.51 -48.81
C GLN A 85 -14.77 -4.95 -47.39
N MET A 86 -14.85 -5.87 -46.42
CA MET A 86 -14.97 -5.47 -45.03
C MET A 86 -13.68 -4.85 -44.52
N ARG A 87 -13.75 -4.33 -43.30
CA ARG A 87 -12.60 -3.68 -42.69
C ARG A 87 -11.48 -4.69 -42.42
N GLU A 88 -10.25 -4.19 -42.40
CA GLU A 88 -9.11 -5.03 -42.12
C GLU A 88 -9.08 -5.41 -40.63
N PRO A 89 -8.58 -6.60 -40.30
CA PRO A 89 -8.52 -7.02 -38.91
C PRO A 89 -7.57 -6.14 -38.11
N ARG A 90 -7.86 -6.06 -36.81
CA ARG A 90 -7.06 -5.27 -35.88
C ARG A 90 -6.48 -6.21 -34.82
N GLY A 91 -5.62 -5.65 -33.98
CA GLY A 91 -5.01 -6.47 -32.93
C GLY A 91 -6.03 -6.98 -31.92
N SER A 92 -6.95 -6.12 -31.51
CA SER A 92 -7.92 -6.52 -30.49
C SER A 92 -8.99 -7.45 -31.05
N ASP A 93 -9.51 -7.16 -32.24
CA ASP A 93 -10.65 -7.91 -32.75
C ASP A 93 -10.26 -9.31 -33.23
N ILE A 94 -8.97 -9.55 -33.49
CA ILE A 94 -8.53 -10.92 -33.73
C ILE A 94 -8.65 -11.75 -32.47
N ALA A 95 -8.36 -11.15 -31.31
CA ALA A 95 -8.58 -11.81 -30.04
C ALA A 95 -10.06 -11.93 -29.69
N GLY A 96 -10.94 -11.30 -30.46
CA GLY A 96 -12.37 -11.44 -30.27
C GLY A 96 -13.01 -10.44 -29.34
N THR A 97 -12.22 -9.59 -28.68
CA THR A 97 -12.79 -8.63 -27.75
C THR A 97 -13.69 -7.63 -28.47
N THR A 98 -13.26 -7.15 -29.64
CA THR A 98 -13.98 -6.12 -30.38
C THR A 98 -14.38 -6.61 -31.77
N SER A 99 -14.87 -7.84 -31.86
CA SER A 99 -15.32 -8.38 -33.12
C SER A 99 -16.58 -9.21 -32.92
N THR A 100 -17.50 -9.12 -33.87
CA THR A 100 -18.69 -9.95 -33.88
C THR A 100 -18.39 -11.27 -34.61
N LEU A 101 -19.22 -12.27 -34.33
CA LEU A 101 -19.03 -13.57 -34.96
C LEU A 101 -19.20 -13.49 -36.47
N GLN A 102 -20.12 -12.64 -36.94
CA GLN A 102 -20.33 -12.50 -38.38
C GLN A 102 -19.08 -11.94 -39.05
N GLU A 103 -18.43 -10.95 -38.45
CA GLU A 103 -17.20 -10.39 -39.02
C GLU A 103 -16.09 -11.43 -39.04
N GLN A 104 -15.95 -12.20 -37.95
CA GLN A 104 -14.91 -13.22 -37.91
C GLN A 104 -15.14 -14.29 -38.97
N ILE A 105 -16.41 -14.70 -39.14
CA ILE A 105 -16.71 -15.68 -40.18
C ILE A 105 -16.42 -15.12 -41.56
N GLY A 106 -16.79 -13.86 -41.79
CA GLY A 106 -16.51 -13.24 -43.08
C GLY A 106 -15.02 -13.16 -43.38
N TRP A 107 -14.21 -12.86 -42.36
CA TRP A 107 -12.76 -12.86 -42.54
C TRP A 107 -12.24 -14.26 -42.84
N MET A 108 -12.68 -15.27 -42.06
CA MET A 108 -12.18 -16.62 -42.25
C MET A 108 -12.72 -17.30 -43.49
N THR A 109 -13.72 -16.71 -44.16
CA THR A 109 -14.27 -17.29 -45.38
C THR A 109 -14.02 -16.45 -46.63
N HIS A 110 -13.44 -15.26 -46.49
CA HIS A 110 -13.20 -14.40 -47.63
C HIS A 110 -12.13 -15.00 -48.54
N ASN A 111 -12.13 -14.55 -49.80
CA ASN A 111 -11.10 -14.92 -50.75
C ASN A 111 -10.28 -13.68 -51.11
N PRO A 112 -9.02 -13.58 -50.71
CA PRO A 112 -8.23 -14.56 -49.93
C PRO A 112 -8.59 -14.55 -48.44
N PRO A 113 -8.45 -15.69 -47.77
CA PRO A 113 -8.80 -15.77 -46.36
C PRO A 113 -7.83 -14.99 -45.47
N ILE A 114 -8.36 -14.51 -44.36
CA ILE A 114 -7.55 -13.92 -43.30
C ILE A 114 -7.72 -14.79 -42.06
N PRO A 115 -6.80 -15.71 -41.80
CA PRO A 115 -7.01 -16.68 -40.72
C PRO A 115 -6.94 -16.05 -39.33
N VAL A 116 -7.95 -15.25 -38.97
CA VAL A 116 -7.97 -14.66 -37.65
C VAL A 116 -8.08 -15.74 -36.58
N GLY A 117 -8.82 -16.82 -36.87
CA GLY A 117 -8.89 -17.93 -35.94
C GLY A 117 -7.55 -18.59 -35.72
N GLU A 118 -6.80 -18.83 -36.81
CA GLU A 118 -5.50 -19.47 -36.69
C GLU A 118 -4.51 -18.57 -35.97
N ILE A 119 -4.53 -17.26 -36.26
CA ILE A 119 -3.62 -16.34 -35.58
C ILE A 119 -3.93 -16.27 -34.09
N TYR A 120 -5.22 -16.19 -33.74
CA TYR A 120 -5.59 -16.20 -32.33
C TYR A 120 -5.16 -17.51 -31.68
N LYS A 121 -5.34 -18.63 -32.37
CA LYS A 121 -4.92 -19.92 -31.83
C LYS A 121 -3.42 -19.93 -31.58
N ARG A 122 -2.64 -19.33 -32.48
CA ARG A 122 -1.20 -19.22 -32.27
C ARG A 122 -0.88 -18.41 -31.02
N TRP A 123 -1.59 -17.30 -30.83
CA TRP A 123 -1.35 -16.49 -29.63
C TRP A 123 -1.67 -17.28 -28.36
N ILE A 124 -2.79 -17.99 -28.34
CA ILE A 124 -3.11 -18.82 -27.18
C ILE A 124 -2.10 -19.95 -27.01
N ILE A 125 -1.58 -20.48 -28.10
CA ILE A 125 -0.57 -21.53 -27.99
C ILE A 125 0.68 -21.00 -27.31
N LEU A 126 1.11 -19.80 -27.70
CA LEU A 126 2.24 -19.17 -27.02
C LEU A 126 1.93 -18.94 -25.54
N GLY A 127 0.71 -18.50 -25.24
CA GLY A 127 0.33 -18.29 -23.86
C GLY A 127 0.38 -19.56 -23.03
N LEU A 128 -0.18 -20.65 -23.56
CA LEU A 128 -0.13 -21.92 -22.86
C LEU A 128 1.29 -22.46 -22.74
N ASN A 129 2.13 -22.22 -23.75
CA ASN A 129 3.53 -22.64 -23.63
C ASN A 129 4.22 -21.92 -22.49
N LYS A 130 4.01 -20.60 -22.38
CA LYS A 130 4.61 -19.89 -21.25
C LYS A 130 3.99 -20.35 -19.93
N ILE A 131 2.70 -20.69 -19.95
CA ILE A 131 2.03 -21.16 -18.74
C ILE A 131 2.67 -22.45 -18.24
N VAL A 132 2.84 -23.43 -19.13
CA VAL A 132 3.44 -24.69 -18.74
C VAL A 132 4.92 -24.52 -18.44
N ARG A 133 5.55 -23.47 -18.99
CA ARG A 133 6.95 -23.23 -18.70
C ARG A 133 7.16 -22.61 -17.32
N MET A 134 6.25 -21.74 -16.90
CA MET A 134 6.49 -20.88 -15.74
C MET A 134 5.53 -21.10 -14.57
N TYR A 135 4.30 -21.53 -14.83
CA TYR A 135 3.29 -21.58 -13.79
C TYR A 135 3.30 -22.94 -13.11
N SER A 136 3.34 -22.93 -11.77
CA SER A 136 3.24 -24.14 -10.98
C SER A 136 1.91 -24.16 -10.26
N PRO A 137 1.02 -25.09 -10.54
CA PRO A 137 -0.29 -25.11 -9.89
C PRO A 137 -0.18 -25.40 -8.40
N THR A 138 -1.11 -24.82 -7.65
CA THR A 138 -1.20 -25.10 -6.22
C THR A 138 -2.01 -26.37 -5.98
N SER A 139 -1.75 -27.00 -4.84
CA SER A 139 -2.43 -28.24 -4.49
C SER A 139 -2.55 -28.33 -2.98
N ILE A 140 -3.46 -29.20 -2.53
CA ILE A 140 -3.67 -29.37 -1.10
C ILE A 140 -2.44 -29.95 -0.43
N LEU A 141 -1.72 -30.83 -1.13
CA LEU A 141 -0.52 -31.42 -0.56
C LEU A 141 0.60 -30.41 -0.41
N ASP A 142 0.51 -29.27 -1.11
CA ASP A 142 1.52 -28.21 -0.98
C ASP A 142 1.27 -27.31 0.21
N ILE A 143 0.15 -27.45 0.89
CA ILE A 143 -0.16 -26.61 2.05
C ILE A 143 0.56 -27.20 3.26
N ARG A 144 1.50 -26.43 3.80
CA ARG A 144 2.26 -26.84 4.97
C ARG A 144 2.39 -25.67 5.92
N GLN A 145 2.33 -25.96 7.22
CA GLN A 145 2.37 -24.91 8.22
C GLN A 145 3.78 -24.37 8.37
N GLY A 146 3.92 -23.05 8.33
CA GLY A 146 5.20 -22.41 8.54
C GLY A 146 5.65 -22.57 9.98
N PRO A 147 6.97 -22.50 10.21
CA PRO A 147 7.48 -22.73 11.57
C PRO A 147 6.95 -21.75 12.59
N LYS A 148 6.70 -20.50 12.19
CA LYS A 148 6.14 -19.50 13.09
C LYS A 148 4.69 -19.19 12.78
N GLU A 149 4.07 -19.92 11.86
CA GLU A 149 2.69 -19.67 11.51
C GLU A 149 1.76 -20.18 12.62
N PRO A 150 0.83 -19.37 13.09
CA PRO A 150 -0.14 -19.86 14.08
C PRO A 150 -1.05 -20.91 13.46
N PHE A 151 -1.52 -21.84 14.30
CA PHE A 151 -2.29 -22.97 13.81
C PHE A 151 -3.61 -22.53 13.18
N ARG A 152 -4.21 -21.45 13.67
CA ARG A 152 -5.49 -21.02 13.14
C ARG A 152 -5.38 -20.55 11.69
N ASP A 153 -4.39 -19.72 11.39
CA ASP A 153 -4.20 -19.29 10.01
C ASP A 153 -3.79 -20.44 9.12
N TYR A 154 -3.02 -21.39 9.65
CA TYR A 154 -2.73 -22.62 8.92
C TYR A 154 -4.01 -23.32 8.52
N VAL A 155 -4.91 -23.54 9.49
CA VAL A 155 -6.15 -24.27 9.21
C VAL A 155 -7.00 -23.50 8.22
N ASP A 156 -7.04 -22.17 8.36
CA ASP A 156 -7.83 -21.36 7.43
C ASP A 156 -7.30 -21.50 6.00
N ARG A 157 -5.98 -21.42 5.84
CA ARG A 157 -5.39 -21.59 4.51
C ARG A 157 -5.63 -23.00 3.97
N PHE A 158 -5.46 -24.00 4.83
CA PHE A 158 -5.66 -25.39 4.42
C PHE A 158 -7.07 -25.60 3.90
N TYR A 159 -8.06 -25.14 4.67
CA TYR A 159 -9.45 -25.30 4.25
C TYR A 159 -9.77 -24.46 3.03
N LYS A 160 -9.15 -23.29 2.88
CA LYS A 160 -9.39 -22.47 1.70
C LYS A 160 -8.93 -23.19 0.44
N THR A 161 -7.69 -23.69 0.44
CA THR A 161 -7.21 -24.41 -0.76
C THR A 161 -7.96 -25.73 -0.95
N LEU A 162 -8.31 -26.42 0.14
CA LEU A 162 -9.04 -27.67 0.02
C LEU A 162 -10.42 -27.44 -0.60
N ARG A 163 -11.10 -26.37 -0.17
CA ARG A 163 -12.39 -26.03 -0.73
C ARG A 163 -12.25 -25.57 -2.18
N ALA A 164 -11.13 -24.94 -2.53
CA ALA A 164 -10.85 -24.63 -3.92
C ALA A 164 -10.50 -25.86 -4.75
N GLU A 165 -10.09 -26.95 -4.10
CA GLU A 165 -9.75 -28.17 -4.81
C GLU A 165 -11.01 -28.81 -5.40
N GLN A 166 -10.81 -29.56 -6.50
CA GLN A 166 -11.88 -30.33 -7.12
C GLN A 166 -11.67 -31.80 -6.80
N ALA A 167 -12.61 -32.39 -6.08
CA ALA A 167 -12.54 -33.78 -5.63
C ALA A 167 -13.92 -34.16 -5.11
N SER A 168 -14.00 -35.33 -4.47
CA SER A 168 -15.23 -35.82 -3.89
C SER A 168 -15.29 -35.48 -2.40
N GLN A 169 -16.51 -35.44 -1.87
CA GLN A 169 -16.70 -35.01 -0.48
C GLN A 169 -16.04 -35.97 0.49
N GLU A 170 -16.18 -37.28 0.28
CA GLU A 170 -15.51 -38.24 1.14
C GLU A 170 -14.00 -38.15 1.00
N VAL A 171 -13.52 -37.94 -0.23
CA VAL A 171 -12.09 -37.73 -0.44
C VAL A 171 -11.62 -36.50 0.32
N LYS A 172 -12.42 -35.42 0.28
CA LYS A 172 -12.05 -34.21 1.00
C LYS A 172 -12.04 -34.43 2.51
N ASN A 173 -13.00 -35.20 3.02
CA ASN A 173 -13.01 -35.50 4.45
C ASN A 173 -11.80 -36.31 4.86
N TRP A 174 -11.43 -37.30 4.05
CA TRP A 174 -10.24 -38.10 4.33
C TRP A 174 -8.98 -37.24 4.27
N MET A 175 -8.93 -36.32 3.30
CA MET A 175 -7.80 -35.38 3.21
C MET A 175 -7.72 -34.51 4.45
N THR A 176 -8.86 -34.02 4.94
CA THR A 176 -8.87 -33.26 6.19
C THR A 176 -8.36 -34.11 7.34
N GLU A 177 -8.79 -35.37 7.41
CA GLU A 177 -8.39 -36.23 8.52
C GLU A 177 -6.90 -36.53 8.49
N THR A 178 -6.30 -36.61 7.30
CA THR A 178 -4.90 -37.02 7.19
C THR A 178 -3.94 -35.82 7.14
N LEU A 179 -4.09 -34.97 6.13
CA LEU A 179 -3.08 -33.96 5.85
C LEU A 179 -3.00 -32.90 6.94
N LEU A 180 -4.12 -32.57 7.59
CA LEU A 180 -4.12 -31.50 8.59
C LEU A 180 -3.12 -31.79 9.69
N VAL A 181 -3.11 -33.01 10.22
CA VAL A 181 -2.14 -33.37 11.24
C VAL A 181 -0.83 -33.84 10.63
N GLN A 182 -0.84 -34.31 9.38
CA GLN A 182 0.41 -34.73 8.75
C GLN A 182 1.33 -33.54 8.51
N ASN A 183 0.81 -32.47 7.91
CA ASN A 183 1.59 -31.26 7.63
C ASN A 183 1.39 -30.28 8.78
N ALA A 184 2.38 -30.17 9.65
CA ALA A 184 2.30 -29.24 10.77
C ALA A 184 3.70 -29.03 11.32
N ASN A 185 3.86 -27.95 12.08
CA ASN A 185 5.13 -27.72 12.76
C ASN A 185 5.40 -28.84 13.76
N PRO A 186 6.66 -29.12 14.06
CA PRO A 186 6.94 -30.13 15.08
C PRO A 186 6.26 -29.86 16.41
N ASP A 187 6.16 -28.61 16.83
CA ASP A 187 5.47 -28.30 18.09
C ASP A 187 3.98 -28.59 17.98
N CYS A 188 3.32 -28.06 16.95
CA CYS A 188 1.91 -28.36 16.76
C CYS A 188 1.69 -29.84 16.53
N LYS A 189 2.61 -30.49 15.81
CA LYS A 189 2.45 -31.91 15.54
C LYS A 189 2.55 -32.74 16.82
N THR A 190 3.49 -32.41 17.71
CA THR A 190 3.59 -33.20 18.94
C THR A 190 2.42 -32.90 19.87
N ILE A 191 1.92 -31.66 19.86
CA ILE A 191 0.73 -31.34 20.64
C ILE A 191 -0.45 -32.17 20.14
N LEU A 192 -0.64 -32.24 18.83
CA LEU A 192 -1.74 -33.00 18.26
C LEU A 192 -1.57 -34.50 18.50
N LYS A 193 -0.33 -35.00 18.45
CA LYS A 193 -0.11 -36.42 18.74
C LYS A 193 -0.43 -36.74 20.18
N ALA A 194 -0.06 -35.86 21.11
CA ALA A 194 -0.41 -36.05 22.51
C ALA A 194 -1.92 -35.90 22.75
N LEU A 195 -2.62 -35.16 21.87
CA LEU A 195 -4.06 -35.03 22.02
C LEU A 195 -4.76 -36.38 21.90
N GLY A 196 -4.39 -37.17 20.89
CA GLY A 196 -5.01 -38.45 20.67
C GLY A 196 -5.61 -38.56 19.28
N PRO A 197 -5.79 -39.79 18.81
CA PRO A 197 -6.37 -39.96 17.46
C PRO A 197 -7.77 -39.38 17.32
N GLY A 198 -8.58 -39.47 18.36
CA GLY A 198 -9.92 -38.93 18.31
C GLY A 198 -10.02 -37.53 18.87
N ALA A 199 -10.02 -36.53 17.99
CA ALA A 199 -10.11 -35.14 18.41
C ALA A 199 -10.77 -34.33 17.30
N THR A 200 -11.57 -33.36 17.71
CA THR A 200 -12.26 -32.50 16.77
C THR A 200 -11.36 -31.33 16.35
N LEU A 201 -11.79 -30.61 15.32
CA LEU A 201 -11.05 -29.44 14.87
C LEU A 201 -10.97 -28.39 15.97
N GLU A 202 -12.06 -28.18 16.69
CA GLU A 202 -12.07 -27.20 17.78
C GLU A 202 -11.09 -27.59 18.87
N GLU A 203 -11.05 -28.88 19.23
CA GLU A 203 -10.11 -29.33 20.25
C GLU A 203 -8.66 -29.11 19.82
N MET A 204 -8.36 -29.42 18.56
CA MET A 204 -7.00 -29.21 18.06
C MET A 204 -6.64 -27.74 18.03
N MET A 205 -7.56 -26.89 17.60
CA MET A 205 -7.30 -25.46 17.60
C MET A 205 -7.06 -24.94 19.01
N THR A 206 -7.85 -25.40 19.98
CA THR A 206 -7.63 -25.02 21.37
C THR A 206 -6.27 -25.48 21.86
N ALA A 207 -5.88 -26.71 21.51
CA ALA A 207 -4.61 -27.24 21.96
C ALA A 207 -3.43 -26.46 21.39
N CYS A 208 -3.50 -26.08 20.12
CA CYS A 208 -2.40 -25.37 19.47
C CYS A 208 -2.55 -23.85 19.52
N GLN A 209 -3.57 -23.34 20.22
CA GLN A 209 -3.68 -21.89 20.39
C GLN A 209 -2.48 -21.31 21.12
N GLY A 210 -1.83 -22.08 21.98
CA GLY A 210 -0.75 -21.56 22.77
C GLY A 210 0.62 -21.63 22.16
N VAL A 211 0.76 -22.11 20.94
CA VAL A 211 2.07 -22.28 20.32
C VAL A 211 2.57 -20.92 19.82
N GLY A 212 3.74 -20.52 20.31
CA GLY A 212 4.30 -19.23 20.00
C GLY A 212 4.17 -18.19 21.10
N GLY A 213 3.40 -18.48 22.14
CA GLY A 213 3.24 -17.57 23.25
C GLY A 213 4.32 -17.72 24.29
N PRO A 214 4.37 -16.78 25.25
CA PRO A 214 5.41 -16.86 26.27
C PRO A 214 5.39 -18.14 27.08
N GLY A 215 4.20 -18.65 27.41
CA GLY A 215 4.14 -19.85 28.24
C GLY A 215 4.69 -21.07 27.54
N HIS A 216 4.30 -21.26 26.28
CA HIS A 216 4.79 -22.42 25.53
C HIS A 216 6.28 -22.35 25.30
N LYS A 217 6.79 -21.18 24.94
CA LYS A 217 8.23 -21.01 24.73
C LYS A 217 9.00 -21.28 26.02
N ALA A 218 8.50 -20.74 27.14
CA ALA A 218 9.15 -20.99 28.42
C ALA A 218 9.14 -22.48 28.76
N ARG A 219 8.02 -23.16 28.52
CA ARG A 219 7.92 -24.58 28.84
C ARG A 219 8.89 -25.40 28.01
N VAL A 220 8.93 -25.16 26.69
CA VAL A 220 9.79 -25.96 25.83
C VAL A 220 11.26 -25.68 26.13
N ILE A 221 11.60 -24.43 26.44
CA ILE A 221 12.97 -24.13 26.85
C ILE A 221 13.31 -24.85 28.13
N ALA A 222 12.37 -24.90 29.08
CA ALA A 222 12.62 -25.59 30.34
C ALA A 222 12.87 -27.07 30.12
N GLU A 223 12.05 -27.72 29.29
CA GLU A 223 12.29 -29.14 29.01
C GLU A 223 13.62 -29.34 28.29
N ALA A 224 13.96 -28.44 27.37
CA ALA A 224 15.23 -28.57 26.65
C ALA A 224 16.43 -28.52 27.60
N MET A 225 16.44 -27.53 28.51
CA MET A 225 17.54 -27.47 29.46
C MET A 225 17.44 -28.54 30.53
N SER A 226 16.26 -29.15 30.71
CA SER A 226 16.16 -30.28 31.63
C SER A 226 16.81 -31.53 31.03
N GLN A 227 16.63 -31.73 29.72
CA GLN A 227 17.15 -32.95 29.09
C GLN A 227 18.67 -33.01 29.12
N VAL A 228 19.33 -31.87 28.88
CA VAL A 228 20.79 -31.86 28.75
C VAL A 228 21.51 -31.61 30.06
N THR A 229 20.79 -31.31 31.14
CA THR A 229 21.43 -31.07 32.43
C THR A 229 20.92 -32.05 33.48
N HIS B 2 -8.21 -34.80 -55.57
CA HIS B 2 -7.65 -34.87 -54.22
C HIS B 2 -6.52 -35.90 -54.14
N GLN B 3 -5.83 -35.94 -53.01
CA GLN B 3 -4.74 -36.87 -52.78
C GLN B 3 -5.06 -37.75 -51.59
N ALA B 4 -4.56 -38.98 -51.63
CA ALA B 4 -4.78 -39.94 -50.57
C ALA B 4 -3.69 -39.80 -49.50
N ILE B 5 -3.62 -40.76 -48.58
CA ILE B 5 -2.63 -40.74 -47.51
C ILE B 5 -1.56 -41.78 -47.83
N SER B 6 -0.30 -41.37 -47.73
CA SER B 6 0.80 -42.19 -48.20
C SER B 6 0.96 -43.45 -47.35
N PRO B 7 1.40 -44.56 -47.95
CA PRO B 7 1.69 -45.75 -47.16
C PRO B 7 2.74 -45.54 -46.10
N ARG B 8 3.72 -44.66 -46.34
CA ARG B 8 4.69 -44.33 -45.31
C ARG B 8 4.01 -43.68 -44.11
N THR B 9 3.00 -42.84 -44.37
CA THR B 9 2.23 -42.26 -43.27
C THR B 9 1.53 -43.32 -42.45
N LEU B 10 0.91 -44.30 -43.11
CA LEU B 10 0.27 -45.40 -42.40
C LEU B 10 1.27 -46.18 -41.56
N ASN B 11 2.44 -46.48 -42.15
CA ASN B 11 3.46 -47.24 -41.43
C ASN B 11 3.94 -46.47 -40.21
N ALA B 12 4.16 -45.17 -40.36
CA ALA B 12 4.57 -44.35 -39.21
C ALA B 12 3.50 -44.33 -38.14
N TRP B 13 2.23 -44.23 -38.54
CA TRP B 13 1.14 -44.20 -37.57
C TRP B 13 1.07 -45.49 -36.77
N VAL B 14 1.13 -46.63 -37.46
CA VAL B 14 1.10 -47.89 -36.73
C VAL B 14 2.35 -48.06 -35.88
N LYS B 15 3.49 -47.58 -36.36
CA LYS B 15 4.72 -47.71 -35.58
C LYS B 15 4.63 -46.93 -34.29
N VAL B 16 4.11 -45.69 -34.34
CA VAL B 16 4.00 -44.93 -33.11
C VAL B 16 2.94 -45.55 -32.20
N VAL B 17 1.85 -46.08 -32.78
CA VAL B 17 0.81 -46.64 -31.93
C VAL B 17 1.30 -47.89 -31.19
N GLU B 18 2.16 -48.70 -31.80
CA GLU B 18 2.74 -49.81 -31.04
C GLU B 18 3.85 -49.35 -30.09
N GLU B 19 4.66 -48.37 -30.51
CA GLU B 19 5.80 -47.97 -29.69
C GLU B 19 5.35 -47.29 -28.40
N LYS B 20 4.44 -46.33 -28.49
CA LYS B 20 4.03 -45.60 -27.31
C LYS B 20 2.99 -46.34 -26.48
N ALA B 21 2.36 -47.38 -27.03
CA ALA B 21 1.34 -48.15 -26.34
C ALA B 21 0.22 -47.24 -25.82
N PHE B 22 -0.26 -46.38 -26.71
CA PHE B 22 -1.33 -45.42 -26.40
C PHE B 22 -0.96 -44.52 -25.23
N SER B 23 0.31 -44.15 -25.15
CA SER B 23 0.74 -43.08 -24.26
C SER B 23 0.17 -41.76 -24.78
N PRO B 24 0.01 -40.76 -23.90
CA PRO B 24 -0.54 -39.47 -24.36
C PRO B 24 0.14 -38.90 -25.59
N GLU B 25 1.41 -39.24 -25.82
CA GLU B 25 2.15 -38.73 -26.96
C GLU B 25 1.58 -39.19 -28.30
N VAL B 26 0.67 -40.18 -28.30
CA VAL B 26 0.02 -40.56 -29.54
C VAL B 26 -0.97 -39.48 -29.99
N ILE B 27 -1.53 -38.72 -29.05
CA ILE B 27 -2.52 -37.71 -29.38
C ILE B 27 -1.93 -36.62 -30.27
N PRO B 28 -0.76 -36.04 -29.95
CA PRO B 28 -0.18 -35.06 -30.88
C PRO B 28 0.12 -35.65 -32.25
N MET B 29 0.65 -36.87 -32.29
CA MET B 29 1.02 -37.48 -33.57
C MET B 29 -0.20 -37.63 -34.46
N PHE B 30 -1.32 -38.07 -33.89
CA PHE B 30 -2.54 -38.18 -34.69
C PHE B 30 -2.95 -36.83 -35.26
N SER B 31 -2.70 -35.75 -34.51
CA SER B 31 -3.04 -34.42 -35.00
C SER B 31 -2.11 -33.96 -36.11
N ALA B 32 -1.00 -34.66 -36.32
CA ALA B 32 0.03 -34.24 -37.27
C ALA B 32 -0.07 -34.92 -38.62
N LEU B 33 -0.03 -36.26 -38.66
CA LEU B 33 -0.06 -36.97 -39.94
C LEU B 33 -1.46 -37.05 -40.54
N SER B 34 -2.50 -36.62 -39.82
CA SER B 34 -3.87 -36.70 -40.31
C SER B 34 -4.44 -35.34 -40.67
N GLU B 35 -3.61 -34.32 -40.83
CA GLU B 35 -4.09 -33.00 -41.18
C GLU B 35 -4.63 -32.99 -42.60
N GLY B 36 -5.80 -32.39 -42.78
CA GLY B 36 -6.44 -32.36 -44.09
C GLY B 36 -6.76 -33.74 -44.63
N ALA B 37 -7.23 -34.64 -43.78
CA ALA B 37 -7.46 -36.02 -44.16
C ALA B 37 -8.95 -36.30 -44.32
N THR B 38 -9.29 -36.98 -45.40
CA THR B 38 -10.65 -37.40 -45.67
C THR B 38 -11.09 -38.40 -44.59
N PRO B 39 -12.37 -38.36 -44.18
CA PRO B 39 -12.82 -39.32 -43.16
C PRO B 39 -12.67 -40.78 -43.58
N GLN B 40 -12.74 -41.08 -44.87
CA GLN B 40 -12.39 -42.42 -45.32
C GLN B 40 -10.92 -42.73 -45.03
N ASP B 41 -10.05 -41.76 -45.28
CA ASP B 41 -8.64 -41.93 -44.95
C ASP B 41 -8.45 -42.10 -43.44
N LEU B 42 -9.24 -41.36 -42.65
CA LEU B 42 -9.17 -41.52 -41.20
C LEU B 42 -9.60 -42.91 -40.77
N ASN B 43 -10.66 -43.44 -41.39
CA ASN B 43 -11.10 -44.80 -41.07
C ASN B 43 -10.03 -45.82 -41.44
N THR B 44 -9.42 -45.67 -42.60
CA THR B 44 -8.36 -46.59 -43.02
C THR B 44 -7.17 -46.51 -42.06
N MET B 45 -6.78 -45.29 -41.67
CA MET B 45 -5.67 -45.12 -40.76
C MET B 45 -5.99 -45.66 -39.37
N LEU B 46 -7.27 -45.65 -38.98
CA LEU B 46 -7.68 -46.21 -37.70
C LEU B 46 -7.72 -47.73 -37.72
N ASN B 47 -8.13 -48.32 -38.85
CA ASN B 47 -8.32 -49.77 -38.90
C ASN B 47 -7.01 -50.54 -38.83
N THR B 48 -5.93 -50.00 -39.40
CA THR B 48 -4.69 -50.73 -39.51
C THR B 48 -3.97 -50.92 -38.18
N VAL B 49 -4.43 -50.27 -37.11
CA VAL B 49 -3.80 -50.43 -35.80
C VAL B 49 -3.98 -51.88 -35.35
N GLY B 50 -2.86 -52.60 -35.25
CA GLY B 50 -2.93 -54.00 -34.83
C GLY B 50 -2.97 -54.12 -33.31
N GLY B 51 -3.75 -55.09 -32.85
CA GLY B 51 -3.87 -55.31 -31.43
C GLY B 51 -4.65 -54.21 -30.74
N HIS B 52 -4.56 -54.21 -29.42
CA HIS B 52 -5.25 -53.24 -28.56
C HIS B 52 -6.74 -53.21 -28.88
N GLN B 53 -7.37 -54.37 -28.72
CA GLN B 53 -8.79 -54.50 -29.06
C GLN B 53 -9.65 -53.67 -28.11
N ALA B 54 -9.28 -53.61 -26.83
CA ALA B 54 -10.05 -52.80 -25.88
C ALA B 54 -10.02 -51.33 -26.24
N ALA B 55 -8.85 -50.82 -26.63
CA ALA B 55 -8.74 -49.42 -27.02
C ALA B 55 -9.55 -49.14 -28.27
N MET B 56 -9.50 -50.05 -29.24
CA MET B 56 -10.31 -49.88 -30.45
C MET B 56 -11.81 -49.89 -30.12
N GLN B 57 -12.21 -50.75 -29.19
CA GLN B 57 -13.61 -50.79 -28.78
C GLN B 57 -14.03 -49.48 -28.12
N MET B 58 -13.18 -48.94 -27.23
CA MET B 58 -13.50 -47.66 -26.61
C MET B 58 -13.60 -46.55 -27.64
N LEU B 59 -12.67 -46.53 -28.59
CA LEU B 59 -12.67 -45.49 -29.61
C LEU B 59 -13.91 -45.58 -30.49
N LYS B 60 -14.30 -46.81 -30.86
CA LYS B 60 -15.52 -46.99 -31.65
C LYS B 60 -16.75 -46.58 -30.86
N GLU B 61 -16.78 -46.88 -29.56
CA GLU B 61 -17.90 -46.44 -28.74
C GLU B 61 -18.01 -44.93 -28.70
N THR B 62 -16.88 -44.25 -28.54
CA THR B 62 -16.88 -42.79 -28.53
C THR B 62 -17.33 -42.23 -29.87
N ILE B 63 -16.87 -42.85 -30.97
CA ILE B 63 -17.30 -42.40 -32.29
C ILE B 63 -18.80 -42.56 -32.45
N ASN B 64 -19.35 -43.69 -32.03
CA ASN B 64 -20.79 -43.91 -32.13
C ASN B 64 -21.56 -42.91 -31.29
N GLU B 65 -21.06 -42.63 -30.07
CA GLU B 65 -21.70 -41.63 -29.22
C GLU B 65 -21.75 -40.27 -29.91
N GLU B 66 -20.61 -39.82 -30.41
CA GLU B 66 -20.55 -38.50 -31.05
C GLU B 66 -21.39 -38.47 -32.32
N ALA B 67 -21.45 -39.57 -33.06
CA ALA B 67 -22.23 -39.60 -34.28
C ALA B 67 -23.73 -39.54 -33.99
N ALA B 68 -24.19 -40.31 -32.99
CA ALA B 68 -25.60 -40.25 -32.62
C ALA B 68 -25.96 -38.86 -32.11
N GLU B 69 -25.06 -38.23 -31.34
CA GLU B 69 -25.39 -36.92 -30.81
C GLU B 69 -25.30 -35.83 -31.88
N TRP B 70 -24.44 -36.01 -32.88
CA TRP B 70 -24.49 -35.15 -34.06
C TRP B 70 -25.81 -35.32 -34.79
N ASP B 71 -26.32 -36.55 -34.87
CA ASP B 71 -27.63 -36.77 -35.45
C ASP B 71 -28.71 -36.05 -34.66
N ARG B 72 -28.61 -36.08 -33.34
CA ARG B 72 -29.61 -35.44 -32.49
C ARG B 72 -29.59 -33.92 -32.66
N LEU B 73 -28.40 -33.31 -32.53
CA LEU B 73 -28.32 -31.85 -32.58
C LEU B 73 -28.67 -31.31 -33.96
N HIS B 74 -28.13 -31.94 -35.01
CA HIS B 74 -28.34 -31.45 -36.36
C HIS B 74 -29.47 -32.24 -37.03
N PRO B 75 -30.60 -31.63 -37.32
CA PRO B 75 -31.69 -32.35 -37.97
C PRO B 75 -31.38 -32.62 -39.44
N VAL B 76 -32.10 -33.60 -39.99
CA VAL B 76 -32.00 -33.95 -41.39
C VAL B 76 -33.11 -33.25 -42.15
N HIS B 77 -32.73 -32.46 -43.16
CA HIS B 77 -33.72 -31.76 -43.96
C HIS B 77 -34.55 -32.75 -44.77
N ALA B 78 -35.84 -32.44 -44.92
CA ALA B 78 -36.77 -33.29 -45.64
C ALA B 78 -37.16 -32.64 -46.95
N GLY B 79 -37.34 -33.47 -47.98
CA GLY B 79 -37.71 -33.01 -49.29
C GLY B 79 -36.64 -33.31 -50.32
N PRO B 80 -36.98 -33.15 -51.60
CA PRO B 80 -35.99 -33.38 -52.66
C PRO B 80 -34.82 -32.40 -52.56
N ILE B 81 -33.64 -32.89 -52.91
CA ILE B 81 -32.44 -32.07 -52.83
C ILE B 81 -32.38 -31.14 -54.03
N ALA B 82 -32.19 -29.85 -53.77
CA ALA B 82 -32.12 -28.86 -54.84
C ALA B 82 -30.84 -29.04 -55.65
N PRO B 83 -30.87 -28.69 -56.93
CA PRO B 83 -29.64 -28.76 -57.75
C PRO B 83 -28.57 -27.81 -57.21
N GLY B 84 -27.32 -28.23 -57.38
CA GLY B 84 -26.20 -27.52 -56.79
C GLY B 84 -25.95 -27.84 -55.34
N GLN B 85 -26.77 -28.69 -54.73
CA GLN B 85 -26.62 -29.09 -53.34
C GLN B 85 -26.78 -30.60 -53.25
N MET B 86 -26.29 -31.18 -52.17
CA MET B 86 -26.44 -32.60 -51.90
C MET B 86 -26.59 -32.84 -50.40
N ARG B 87 -26.96 -34.08 -50.07
CA ARG B 87 -27.47 -34.41 -48.74
C ARG B 87 -26.52 -34.00 -47.64
N GLU B 88 -27.09 -33.40 -46.58
CA GLU B 88 -26.30 -33.00 -45.43
C GLU B 88 -25.76 -34.23 -44.72
N PRO B 89 -24.55 -34.14 -44.15
CA PRO B 89 -23.93 -35.32 -43.53
C PRO B 89 -24.60 -35.68 -42.21
N ARG B 90 -24.96 -36.95 -42.07
CA ARG B 90 -25.42 -37.49 -40.80
C ARG B 90 -24.21 -37.90 -39.97
N GLY B 91 -24.47 -38.48 -38.79
CA GLY B 91 -23.37 -38.89 -37.93
C GLY B 91 -22.50 -39.95 -38.58
N SER B 92 -23.14 -40.97 -39.18
CA SER B 92 -22.38 -42.00 -39.86
C SER B 92 -21.67 -41.45 -41.10
N ASP B 93 -22.27 -40.48 -41.78
CA ASP B 93 -21.62 -39.87 -42.93
C ASP B 93 -20.34 -39.16 -42.52
N ILE B 94 -20.36 -38.43 -41.40
CA ILE B 94 -19.15 -37.82 -40.88
C ILE B 94 -18.15 -38.89 -40.47
N ALA B 95 -18.62 -39.95 -39.81
CA ALA B 95 -17.75 -41.03 -39.42
C ALA B 95 -17.29 -41.88 -40.61
N GLY B 96 -17.87 -41.67 -41.79
CA GLY B 96 -17.44 -42.38 -42.97
C GLY B 96 -17.98 -43.79 -43.10
N THR B 97 -18.90 -44.21 -42.23
CA THR B 97 -19.44 -45.56 -42.31
C THR B 97 -20.24 -45.77 -43.58
N THR B 98 -21.05 -44.78 -43.97
CA THR B 98 -21.90 -44.92 -45.15
C THR B 98 -21.75 -43.76 -46.13
N SER B 99 -20.65 -43.03 -46.08
CA SER B 99 -20.39 -41.93 -47.01
C SER B 99 -19.23 -42.31 -47.93
N THR B 100 -19.47 -42.20 -49.23
CA THR B 100 -18.45 -42.52 -50.21
C THR B 100 -17.35 -41.46 -50.20
N LEU B 101 -16.19 -41.83 -50.75
CA LEU B 101 -15.07 -40.90 -50.81
C LEU B 101 -15.43 -39.66 -51.61
N GLN B 102 -16.16 -39.83 -52.71
CA GLN B 102 -16.53 -38.70 -53.55
C GLN B 102 -17.41 -37.71 -52.80
N GLU B 103 -18.38 -38.21 -52.05
CA GLU B 103 -19.27 -37.34 -51.29
C GLU B 103 -18.52 -36.60 -50.19
N GLN B 104 -17.59 -37.28 -49.52
CA GLN B 104 -16.81 -36.65 -48.46
C GLN B 104 -15.93 -35.55 -49.04
N ILE B 105 -15.30 -35.80 -50.18
CA ILE B 105 -14.51 -34.76 -50.83
C ILE B 105 -15.40 -33.60 -51.27
N GLY B 106 -16.60 -33.91 -51.75
CA GLY B 106 -17.53 -32.85 -52.12
C GLY B 106 -17.91 -31.98 -50.93
N TRP B 107 -18.15 -32.59 -49.78
CA TRP B 107 -18.43 -31.82 -48.57
C TRP B 107 -17.23 -30.96 -48.18
N MET B 108 -16.03 -31.52 -48.23
CA MET B 108 -14.86 -30.81 -47.76
C MET B 108 -14.42 -29.71 -48.73
N THR B 109 -14.84 -29.81 -49.99
CA THR B 109 -14.46 -28.83 -51.00
C THR B 109 -15.63 -27.95 -51.44
N HIS B 110 -16.82 -28.15 -50.90
CA HIS B 110 -17.95 -27.29 -51.25
C HIS B 110 -17.77 -25.91 -50.63
N ASN B 111 -18.51 -24.95 -51.16
CA ASN B 111 -18.54 -23.61 -50.57
C ASN B 111 -19.93 -23.29 -50.03
N PRO B 112 -20.07 -23.07 -48.72
CA PRO B 112 -19.04 -23.11 -47.67
C PRO B 112 -18.63 -24.55 -47.36
N PRO B 113 -17.42 -24.77 -46.84
CA PRO B 113 -16.95 -26.13 -46.62
C PRO B 113 -17.45 -26.75 -45.32
N ILE B 114 -18.05 -27.93 -45.41
CA ILE B 114 -18.44 -28.70 -44.23
C ILE B 114 -17.22 -29.50 -43.78
N PRO B 115 -16.63 -29.20 -42.64
CA PRO B 115 -15.38 -29.85 -42.26
C PRO B 115 -15.56 -31.26 -41.74
N VAL B 116 -16.04 -32.17 -42.60
CA VAL B 116 -16.31 -33.55 -42.19
C VAL B 116 -15.04 -34.17 -41.65
N GLY B 117 -13.91 -33.89 -42.31
CA GLY B 117 -12.64 -34.45 -41.86
C GLY B 117 -12.25 -33.95 -40.48
N GLU B 118 -12.37 -32.64 -40.25
CA GLU B 118 -11.98 -32.09 -38.96
C GLU B 118 -12.95 -32.49 -37.86
N ILE B 119 -14.24 -32.60 -38.16
CA ILE B 119 -15.19 -33.07 -37.15
C ILE B 119 -14.89 -34.52 -36.78
N TYR B 120 -14.63 -35.37 -37.78
CA TYR B 120 -14.27 -36.75 -37.48
C TYR B 120 -12.98 -36.82 -36.69
N LYS B 121 -12.00 -35.97 -37.04
CA LYS B 121 -10.76 -35.94 -36.29
C LYS B 121 -11.00 -35.52 -34.85
N ARG B 122 -11.92 -34.58 -34.63
CA ARG B 122 -12.27 -34.18 -33.26
C ARG B 122 -12.87 -35.33 -32.48
N TRP B 123 -13.78 -36.08 -33.10
CA TRP B 123 -14.36 -37.24 -32.41
C TRP B 123 -13.29 -38.26 -32.07
N ILE B 124 -12.38 -38.53 -33.02
CA ILE B 124 -11.33 -39.50 -32.78
C ILE B 124 -10.38 -39.00 -31.70
N ILE B 125 -10.14 -37.69 -31.64
CA ILE B 125 -9.28 -37.13 -30.60
C ILE B 125 -9.93 -37.29 -29.23
N LEU B 126 -11.24 -37.06 -29.15
CA LEU B 126 -11.96 -37.30 -27.90
C LEU B 126 -11.84 -38.76 -27.48
N GLY B 127 -12.02 -39.67 -28.43
CA GLY B 127 -11.88 -41.08 -28.12
C GLY B 127 -10.48 -41.43 -27.65
N LEU B 128 -9.47 -40.86 -28.30
CA LEU B 128 -8.09 -41.14 -27.93
C LEU B 128 -7.76 -40.59 -26.54
N ASN B 129 -8.28 -39.40 -26.22
CA ASN B 129 -8.09 -38.86 -24.88
C ASN B 129 -8.73 -39.76 -23.84
N LYS B 130 -9.94 -40.24 -24.12
CA LYS B 130 -10.58 -41.19 -23.21
C LYS B 130 -9.75 -42.46 -23.06
N ILE B 131 -9.16 -42.93 -24.17
CA ILE B 131 -8.35 -44.14 -24.13
C ILE B 131 -7.13 -43.93 -23.24
N VAL B 132 -6.38 -42.85 -23.47
CA VAL B 132 -5.19 -42.60 -22.67
C VAL B 132 -5.55 -42.32 -21.21
N ARG B 133 -6.77 -41.86 -20.93
CA ARG B 133 -7.17 -41.68 -19.55
C ARG B 133 -7.53 -43.01 -18.89
N MET B 134 -8.14 -43.93 -19.64
CA MET B 134 -8.69 -45.16 -19.07
C MET B 134 -7.89 -46.40 -19.40
N TYR B 135 -7.42 -46.55 -20.63
CA TYR B 135 -6.79 -47.80 -21.05
C TYR B 135 -5.46 -48.00 -20.35
N SER B 136 -5.23 -49.21 -19.87
CA SER B 136 -3.93 -49.64 -19.34
C SER B 136 -3.50 -50.87 -20.13
N PRO B 137 -2.67 -50.71 -21.17
CA PRO B 137 -2.34 -51.86 -22.03
C PRO B 137 -1.64 -52.96 -21.26
N THR B 138 -1.96 -54.20 -21.62
CA THR B 138 -1.32 -55.35 -21.01
C THR B 138 0.04 -55.61 -21.63
N SER B 139 0.93 -56.22 -20.85
CA SER B 139 2.29 -56.49 -21.30
C SER B 139 2.75 -57.82 -20.72
N ILE B 140 3.77 -58.40 -21.36
CA ILE B 140 4.32 -59.66 -20.88
C ILE B 140 4.91 -59.49 -19.49
N LEU B 141 5.35 -58.28 -19.15
CA LEU B 141 5.89 -58.02 -17.83
C LEU B 141 4.84 -58.13 -16.74
N ASP B 142 3.57 -57.99 -17.08
CA ASP B 142 2.48 -57.99 -16.09
C ASP B 142 1.77 -59.33 -16.00
N ILE B 143 2.29 -60.38 -16.63
CA ILE B 143 1.70 -61.71 -16.58
C ILE B 143 2.32 -62.43 -15.39
N ARG B 144 1.63 -62.40 -14.26
CA ARG B 144 2.04 -63.09 -13.05
C ARG B 144 1.08 -64.23 -12.75
N GLN B 145 1.44 -65.05 -11.78
CA GLN B 145 0.71 -66.27 -11.46
C GLN B 145 -0.09 -66.08 -10.19
N GLY B 146 -1.35 -66.48 -10.22
CA GLY B 146 -2.21 -66.41 -9.06
C GLY B 146 -1.78 -67.36 -7.98
N PRO B 147 -2.09 -67.04 -6.72
CA PRO B 147 -1.65 -67.90 -5.61
C PRO B 147 -2.13 -69.33 -5.72
N LYS B 148 -3.35 -69.56 -6.18
CA LYS B 148 -3.88 -70.90 -6.37
C LYS B 148 -4.08 -71.25 -7.84
N GLU B 149 -3.61 -70.41 -8.74
CA GLU B 149 -3.80 -70.65 -10.16
C GLU B 149 -2.94 -71.83 -10.61
N PRO B 150 -3.48 -72.74 -11.41
CA PRO B 150 -2.69 -73.88 -11.88
C PRO B 150 -1.50 -73.42 -12.71
N PHE B 151 -0.39 -74.14 -12.58
CA PHE B 151 0.82 -73.77 -13.30
C PHE B 151 0.64 -73.91 -14.80
N ARG B 152 -0.07 -74.96 -15.25
CA ARG B 152 -0.28 -75.16 -16.68
C ARG B 152 -1.10 -74.02 -17.27
N ASP B 153 -2.13 -73.56 -16.56
CA ASP B 153 -2.92 -72.44 -17.03
C ASP B 153 -2.09 -71.17 -17.12
N TYR B 154 -1.21 -70.95 -16.15
CA TYR B 154 -0.33 -69.79 -16.19
C TYR B 154 0.63 -69.87 -17.37
N VAL B 155 1.16 -71.06 -17.65
CA VAL B 155 2.03 -71.23 -18.81
C VAL B 155 1.28 -70.92 -20.09
N ASP B 156 0.04 -71.40 -20.19
CA ASP B 156 -0.76 -71.12 -21.39
C ASP B 156 -1.03 -69.63 -21.54
N ARG B 157 -1.36 -68.95 -20.45
CA ARG B 157 -1.60 -67.51 -20.51
C ARG B 157 -0.33 -66.75 -20.89
N PHE B 158 0.80 -67.16 -20.32
CA PHE B 158 2.08 -66.53 -20.65
C PHE B 158 2.40 -66.70 -22.13
N TYR B 159 2.17 -67.89 -22.66
CA TYR B 159 2.46 -68.11 -24.08
C TYR B 159 1.50 -67.33 -24.97
N LYS B 160 0.23 -67.20 -24.56
CA LYS B 160 -0.69 -66.38 -25.32
C LYS B 160 -0.26 -64.93 -25.34
N THR B 161 0.17 -64.40 -24.18
CA THR B 161 0.65 -63.03 -24.13
C THR B 161 1.89 -62.85 -24.98
N LEU B 162 2.80 -63.83 -24.95
CA LEU B 162 4.00 -63.77 -25.79
C LEU B 162 3.64 -63.76 -27.26
N ARG B 163 2.70 -64.60 -27.67
CA ARG B 163 2.24 -64.59 -29.06
C ARG B 163 1.60 -63.26 -29.42
N ALA B 164 1.00 -62.58 -28.44
CA ALA B 164 0.44 -61.26 -28.69
C ALA B 164 1.47 -60.15 -28.63
N GLU B 165 2.68 -60.43 -28.17
CA GLU B 165 3.71 -59.41 -28.04
C GLU B 165 4.29 -59.03 -29.41
N GLN B 166 4.86 -57.83 -29.48
CA GLN B 166 5.52 -57.32 -30.68
C GLN B 166 7.01 -57.21 -30.35
N ALA B 167 7.75 -58.27 -30.62
CA ALA B 167 9.18 -58.31 -30.35
C ALA B 167 9.82 -59.37 -31.22
N SER B 168 11.15 -59.33 -31.31
CA SER B 168 11.88 -60.29 -32.11
C SER B 168 11.84 -61.67 -31.45
N GLN B 169 12.05 -62.70 -32.28
CA GLN B 169 11.94 -64.08 -31.80
C GLN B 169 12.98 -64.37 -30.72
N GLU B 170 14.20 -63.87 -30.88
CA GLU B 170 15.23 -64.09 -29.87
C GLU B 170 14.86 -63.42 -28.56
N VAL B 171 14.30 -62.21 -28.63
CA VAL B 171 13.86 -61.52 -27.42
C VAL B 171 12.79 -62.34 -26.71
N LYS B 172 11.81 -62.83 -27.47
CA LYS B 172 10.73 -63.61 -26.87
C LYS B 172 11.24 -64.90 -26.25
N ASN B 173 12.22 -65.55 -26.90
CA ASN B 173 12.83 -66.73 -26.29
C ASN B 173 13.55 -66.37 -25.00
N TRP B 174 14.19 -65.21 -24.96
CA TRP B 174 14.83 -64.77 -23.72
C TRP B 174 13.80 -64.56 -22.60
N MET B 175 12.65 -63.95 -22.93
CA MET B 175 11.61 -63.79 -21.92
C MET B 175 11.09 -65.15 -21.46
N THR B 176 10.90 -66.09 -22.40
CA THR B 176 10.51 -67.45 -22.02
C THR B 176 11.51 -68.03 -21.04
N GLU B 177 12.81 -67.81 -21.28
CA GLU B 177 13.84 -68.37 -20.41
C GLU B 177 13.78 -67.77 -19.01
N THR B 178 13.62 -66.44 -18.91
CA THR B 178 13.78 -65.80 -17.60
C THR B 178 12.46 -65.55 -16.86
N LEU B 179 11.48 -64.89 -17.51
CA LEU B 179 10.30 -64.42 -16.79
C LEU B 179 9.45 -65.56 -16.27
N LEU B 180 9.35 -66.65 -17.04
CA LEU B 180 8.48 -67.76 -16.65
C LEU B 180 8.82 -68.27 -15.26
N VAL B 181 10.10 -68.57 -15.02
CA VAL B 181 10.53 -68.97 -13.68
C VAL B 181 10.49 -67.77 -12.73
N GLN B 182 10.88 -66.60 -13.22
CA GLN B 182 10.95 -65.43 -12.34
C GLN B 182 9.56 -65.04 -11.84
N ASN B 183 8.56 -65.07 -12.72
CA ASN B 183 7.20 -64.65 -12.39
C ASN B 183 6.35 -65.89 -12.15
N ALA B 184 6.22 -66.28 -10.88
CA ALA B 184 5.39 -67.42 -10.50
C ALA B 184 5.14 -67.32 -9.00
N ASN B 185 4.19 -68.13 -8.52
CA ASN B 185 3.90 -68.15 -7.10
C ASN B 185 5.09 -68.75 -6.35
N PRO B 186 5.23 -68.42 -5.07
CA PRO B 186 6.38 -68.95 -4.30
C PRO B 186 6.48 -70.46 -4.31
N ASP B 187 5.36 -71.18 -4.30
CA ASP B 187 5.42 -72.63 -4.37
C ASP B 187 5.95 -73.10 -5.72
N CYS B 188 5.37 -72.59 -6.81
CA CYS B 188 5.83 -72.97 -8.14
C CYS B 188 7.26 -72.51 -8.37
N LYS B 189 7.60 -71.30 -7.93
CA LYS B 189 8.97 -70.81 -8.09
C LYS B 189 9.95 -71.66 -7.31
N THR B 190 9.59 -72.07 -6.10
CA THR B 190 10.46 -72.94 -5.31
C THR B 190 10.64 -74.29 -5.98
N ILE B 191 9.55 -74.85 -6.52
CA ILE B 191 9.64 -76.13 -7.20
C ILE B 191 10.55 -76.03 -8.42
N LEU B 192 10.42 -74.95 -9.20
CA LEU B 192 11.26 -74.78 -10.38
C LEU B 192 12.72 -74.56 -9.99
N LYS B 193 12.96 -73.76 -8.95
CA LYS B 193 14.35 -73.46 -8.56
C LYS B 193 15.03 -74.68 -7.95
N ALA B 194 14.27 -75.56 -7.29
CA ALA B 194 14.85 -76.81 -6.79
C ALA B 194 15.36 -77.65 -7.95
N LEU B 195 14.61 -77.71 -9.04
CA LEU B 195 15.11 -78.34 -10.25
C LEU B 195 16.25 -77.53 -10.83
N GLY B 196 17.22 -78.22 -11.42
CA GLY B 196 18.36 -77.58 -12.02
C GLY B 196 17.96 -76.70 -13.19
N PRO B 197 18.68 -75.59 -13.37
CA PRO B 197 18.39 -74.71 -14.51
C PRO B 197 18.66 -75.42 -15.83
N GLY B 198 17.89 -75.03 -16.84
CA GLY B 198 17.98 -75.66 -18.15
C GLY B 198 16.98 -76.77 -18.38
N ALA B 199 16.11 -77.06 -17.42
CA ALA B 199 15.09 -78.07 -17.61
C ALA B 199 14.09 -77.62 -18.67
N THR B 200 13.60 -78.57 -19.46
CA THR B 200 12.68 -78.24 -20.54
C THR B 200 11.32 -77.85 -19.97
N LEU B 201 10.47 -77.31 -20.85
CA LEU B 201 9.15 -76.87 -20.43
C LEU B 201 8.31 -78.04 -19.93
N GLU B 202 8.42 -79.20 -20.58
CA GLU B 202 7.67 -80.37 -20.14
C GLU B 202 8.07 -80.79 -18.74
N GLU B 203 9.37 -80.77 -18.45
CA GLU B 203 9.84 -81.18 -17.12
C GLU B 203 9.32 -80.24 -16.03
N MET B 204 9.36 -78.93 -16.28
CA MET B 204 8.90 -77.99 -15.27
C MET B 204 7.38 -78.02 -15.14
N MET B 205 6.66 -78.30 -16.23
CA MET B 205 5.21 -78.47 -16.14
C MET B 205 4.86 -79.71 -15.32
N THR B 206 5.57 -80.81 -15.55
CA THR B 206 5.32 -82.03 -14.79
C THR B 206 5.66 -81.83 -13.31
N ALA B 207 6.77 -81.14 -13.02
CA ALA B 207 7.16 -80.91 -11.64
C ALA B 207 6.15 -80.03 -10.91
N CYS B 208 5.46 -79.15 -11.64
CA CYS B 208 4.48 -78.26 -11.05
C CYS B 208 3.05 -78.74 -11.27
N GLN B 209 2.87 -79.95 -11.81
CA GLN B 209 1.52 -80.48 -12.00
C GLN B 209 0.86 -80.81 -10.67
N GLY B 210 1.64 -81.24 -9.68
CA GLY B 210 1.11 -81.60 -8.39
C GLY B 210 0.96 -80.46 -7.40
N VAL B 211 1.22 -79.22 -7.82
CA VAL B 211 1.08 -78.09 -6.93
C VAL B 211 -0.39 -77.80 -6.68
N GLY B 212 -0.77 -77.69 -5.41
CA GLY B 212 -2.15 -77.46 -5.03
C GLY B 212 -2.96 -78.70 -4.79
N GLY B 213 -2.41 -79.88 -5.02
CA GLY B 213 -3.12 -81.11 -4.78
C GLY B 213 -3.04 -81.53 -3.32
N PRO B 214 -3.67 -82.67 -3.01
CA PRO B 214 -3.66 -83.15 -1.62
C PRO B 214 -2.27 -83.51 -1.13
N GLY B 215 -1.49 -84.22 -1.93
CA GLY B 215 -0.16 -84.64 -1.49
C GLY B 215 0.75 -83.46 -1.23
N HIS B 216 0.76 -82.48 -2.13
CA HIS B 216 1.60 -81.31 -1.95
C HIS B 216 1.21 -80.53 -0.70
N LYS B 217 -0.10 -80.35 -0.48
CA LYS B 217 -0.55 -79.63 0.70
C LYS B 217 -0.16 -80.36 1.98
N ALA B 218 -0.36 -81.69 1.99
CA ALA B 218 0.04 -82.46 3.17
C ALA B 218 1.53 -82.36 3.42
N ARG B 219 2.33 -82.45 2.35
CA ARG B 219 3.79 -82.39 2.51
C ARG B 219 4.23 -81.03 3.05
N VAL B 220 3.68 -79.94 2.51
CA VAL B 220 4.12 -78.62 2.95
C VAL B 220 3.65 -78.36 4.38
N ILE B 221 2.44 -78.82 4.73
CA ILE B 221 1.96 -78.66 6.10
C ILE B 221 2.86 -79.42 7.06
N ALA B 222 3.22 -80.65 6.72
CA ALA B 222 4.11 -81.43 7.57
C ALA B 222 5.47 -80.78 7.70
N GLU B 223 6.01 -80.26 6.60
CA GLU B 223 7.31 -79.59 6.64
C GLU B 223 7.28 -78.36 7.54
N ALA B 224 6.23 -77.54 7.42
CA ALA B 224 6.12 -76.36 8.25
C ALA B 224 5.97 -76.73 9.73
N MET B 225 5.15 -77.74 10.01
CA MET B 225 4.96 -78.16 11.40
C MET B 225 6.25 -78.69 12.00
N SER B 226 7.01 -79.48 11.23
CA SER B 226 8.29 -79.96 11.71
C SER B 226 9.28 -78.82 11.92
N GLN B 227 9.28 -77.84 11.01
CA GLN B 227 10.22 -76.74 11.10
C GLN B 227 9.96 -75.88 12.33
N VAL B 228 8.70 -75.53 12.58
CA VAL B 228 8.40 -74.66 13.72
C VAL B 228 8.63 -75.39 15.03
N THR B 229 8.32 -76.69 15.09
CA THR B 229 8.48 -77.46 16.31
C THR B 229 9.88 -78.05 16.41
N HIS C 2 -33.98 -19.21 -30.94
CA HIS C 2 -34.64 -18.56 -29.82
C HIS C 2 -33.81 -18.64 -28.56
N GLN C 3 -34.27 -19.44 -27.59
CA GLN C 3 -33.58 -19.63 -26.33
C GLN C 3 -32.86 -20.97 -26.33
N ALA C 4 -31.56 -20.95 -26.06
CA ALA C 4 -30.75 -22.15 -26.03
C ALA C 4 -29.85 -22.11 -24.81
N ILE C 5 -29.42 -23.30 -24.38
CA ILE C 5 -28.53 -23.38 -23.22
C ILE C 5 -27.17 -22.79 -23.56
N SER C 6 -26.47 -22.34 -22.53
CA SER C 6 -25.18 -21.69 -22.71
C SER C 6 -24.06 -22.56 -22.14
N PRO C 7 -22.84 -22.43 -22.68
CA PRO C 7 -21.74 -23.26 -22.16
C PRO C 7 -21.45 -23.06 -20.68
N ARG C 8 -21.63 -21.84 -20.16
CA ARG C 8 -21.34 -21.60 -18.75
C ARG C 8 -22.26 -22.40 -17.85
N THR C 9 -23.57 -22.37 -18.12
CA THR C 9 -24.52 -23.10 -17.28
C THR C 9 -24.30 -24.60 -17.39
N LEU C 10 -24.04 -25.10 -18.59
CA LEU C 10 -23.81 -26.54 -18.76
C LEU C 10 -22.55 -26.99 -18.04
N ASN C 11 -21.48 -26.19 -18.13
CA ASN C 11 -20.26 -26.50 -17.40
C ASN C 11 -20.49 -26.49 -15.91
N ALA C 12 -21.27 -25.51 -15.41
CA ALA C 12 -21.59 -25.49 -13.99
C ALA C 12 -22.40 -26.71 -13.60
N TRP C 13 -23.30 -27.15 -14.47
CA TRP C 13 -24.12 -28.33 -14.19
C TRP C 13 -23.27 -29.59 -14.07
N VAL C 14 -22.37 -29.80 -15.03
CA VAL C 14 -21.52 -30.98 -14.94
C VAL C 14 -20.58 -30.86 -13.75
N LYS C 15 -20.13 -29.65 -13.41
CA LYS C 15 -19.25 -29.48 -12.27
C LYS C 15 -19.96 -29.79 -10.96
N VAL C 16 -21.21 -29.35 -10.81
CA VAL C 16 -21.92 -29.64 -9.57
C VAL C 16 -22.27 -31.12 -9.49
N VAL C 17 -22.58 -31.75 -10.63
CA VAL C 17 -22.81 -33.20 -10.62
C VAL C 17 -21.56 -33.93 -10.17
N GLU C 18 -20.39 -33.53 -10.69
CA GLU C 18 -19.15 -34.17 -10.29
C GLU C 18 -18.83 -33.92 -8.82
N GLU C 19 -19.04 -32.69 -8.34
CA GLU C 19 -18.67 -32.30 -6.98
C GLU C 19 -19.44 -33.11 -5.95
N LYS C 20 -20.76 -32.93 -5.91
CA LYS C 20 -21.62 -33.73 -5.04
C LYS C 20 -22.10 -34.94 -5.82
N ALA C 21 -21.69 -36.13 -5.38
CA ALA C 21 -21.90 -37.36 -6.14
C ALA C 21 -23.38 -37.74 -6.05
N PHE C 22 -24.18 -37.06 -6.87
CA PHE C 22 -25.62 -37.28 -6.93
C PHE C 22 -26.27 -37.19 -5.55
N SER C 23 -25.81 -36.22 -4.76
CA SER C 23 -26.44 -35.90 -3.50
C SER C 23 -27.78 -35.23 -3.78
N PRO C 24 -28.67 -35.14 -2.78
CA PRO C 24 -29.95 -34.45 -3.01
C PRO C 24 -29.78 -33.03 -3.50
N GLU C 25 -28.67 -32.38 -3.16
CA GLU C 25 -28.42 -30.99 -3.54
C GLU C 25 -28.31 -30.80 -5.05
N VAL C 26 -28.39 -31.89 -5.82
CA VAL C 26 -28.40 -31.77 -7.27
C VAL C 26 -29.81 -31.61 -7.84
N ILE C 27 -30.84 -32.01 -7.10
CA ILE C 27 -32.21 -31.79 -7.57
C ILE C 27 -32.54 -30.31 -7.68
N PRO C 28 -32.24 -29.46 -6.68
CA PRO C 28 -32.54 -28.03 -6.86
C PRO C 28 -31.73 -27.39 -7.97
N MET C 29 -30.41 -27.61 -7.96
CA MET C 29 -29.53 -26.91 -8.89
C MET C 29 -29.93 -27.20 -10.33
N PHE C 30 -30.19 -28.46 -10.65
CA PHE C 30 -30.70 -28.81 -11.97
C PHE C 30 -31.97 -28.04 -12.28
N SER C 31 -32.94 -28.06 -11.35
CA SER C 31 -34.18 -27.35 -11.57
C SER C 31 -33.97 -25.84 -11.66
N ALA C 32 -32.81 -25.36 -11.21
CA ALA C 32 -32.48 -23.94 -11.33
C ALA C 32 -31.81 -23.61 -12.65
N LEU C 33 -31.15 -24.57 -13.29
CA LEU C 33 -30.39 -24.31 -14.50
C LEU C 33 -31.16 -24.56 -15.78
N SER C 34 -32.36 -25.13 -15.70
CA SER C 34 -33.09 -25.54 -16.89
C SER C 34 -34.47 -24.90 -16.96
N GLU C 35 -34.62 -23.71 -16.41
CA GLU C 35 -35.91 -23.03 -16.45
C GLU C 35 -36.23 -22.61 -17.88
N GLY C 36 -37.42 -22.98 -18.35
CA GLY C 36 -37.81 -22.66 -19.71
C GLY C 36 -36.91 -23.27 -20.76
N ALA C 37 -36.51 -24.52 -20.57
CA ALA C 37 -35.56 -25.19 -21.44
C ALA C 37 -36.29 -26.15 -22.38
N THR C 38 -35.96 -26.09 -23.66
CA THR C 38 -36.52 -27.01 -24.63
C THR C 38 -36.01 -28.42 -24.35
N PRO C 39 -36.78 -29.46 -24.73
CA PRO C 39 -36.33 -30.84 -24.45
C PRO C 39 -34.97 -31.17 -25.04
N GLN C 40 -34.61 -30.60 -26.20
CA GLN C 40 -33.28 -30.84 -26.74
C GLN C 40 -32.20 -30.29 -25.82
N ASP C 41 -32.43 -29.11 -25.25
CA ASP C 41 -31.49 -28.56 -24.28
C ASP C 41 -31.39 -29.45 -23.06
N LEU C 42 -32.52 -30.02 -22.61
CA LEU C 42 -32.49 -30.93 -21.48
C LEU C 42 -31.70 -32.19 -21.80
N ASN C 43 -31.86 -32.73 -23.00
CA ASN C 43 -31.10 -33.91 -23.39
C ASN C 43 -29.60 -33.61 -23.44
N THR C 44 -29.24 -32.45 -24.00
CA THR C 44 -27.83 -32.06 -24.04
C THR C 44 -27.28 -31.86 -22.63
N MET C 45 -28.09 -31.30 -21.74
CA MET C 45 -27.71 -31.13 -20.34
C MET C 45 -27.49 -32.48 -19.67
N LEU C 46 -28.33 -33.47 -20.01
CA LEU C 46 -28.31 -34.77 -19.36
C LEU C 46 -27.25 -35.71 -19.90
N ASN C 47 -26.88 -35.58 -21.18
CA ASN C 47 -25.93 -36.49 -21.78
C ASN C 47 -24.48 -36.09 -21.57
N THR C 48 -24.23 -34.87 -21.09
CA THR C 48 -22.86 -34.37 -20.99
C THR C 48 -22.15 -34.83 -19.73
N VAL C 49 -22.89 -35.34 -18.73
CA VAL C 49 -22.27 -35.78 -17.50
C VAL C 49 -21.50 -37.07 -17.75
N GLY C 50 -20.21 -37.07 -17.39
CA GLY C 50 -19.39 -38.25 -17.53
C GLY C 50 -19.41 -39.11 -16.29
N GLY C 51 -19.18 -40.41 -16.49
CA GLY C 51 -19.20 -41.33 -15.39
C GLY C 51 -20.61 -41.58 -14.89
N HIS C 52 -20.68 -42.26 -13.73
CA HIS C 52 -21.94 -42.62 -13.10
C HIS C 52 -22.86 -43.33 -14.09
N GLN C 53 -22.34 -44.38 -14.70
CA GLN C 53 -23.09 -45.09 -15.73
C GLN C 53 -24.34 -45.76 -15.14
N ALA C 54 -24.22 -46.33 -13.95
CA ALA C 54 -25.37 -47.00 -13.33
C ALA C 54 -26.48 -46.01 -13.02
N ALA C 55 -26.14 -44.86 -12.44
CA ALA C 55 -27.14 -43.86 -12.12
C ALA C 55 -27.80 -43.33 -13.38
N MET C 56 -27.02 -43.08 -14.43
CA MET C 56 -27.60 -42.62 -15.68
C MET C 56 -28.49 -43.69 -16.30
N GLN C 57 -28.14 -44.97 -16.13
CA GLN C 57 -29.00 -46.04 -16.62
C GLN C 57 -30.34 -46.05 -15.89
N MET C 58 -30.30 -45.89 -14.57
CA MET C 58 -31.55 -45.81 -13.80
C MET C 58 -32.38 -44.63 -14.24
N LEU C 59 -31.75 -43.47 -14.42
CA LEU C 59 -32.47 -42.28 -14.85
C LEU C 59 -33.10 -42.51 -16.22
N LYS C 60 -32.35 -43.09 -17.15
CA LYS C 60 -32.89 -43.37 -18.47
C LYS C 60 -34.10 -44.28 -18.38
N GLU C 61 -33.96 -45.42 -17.68
CA GLU C 61 -35.07 -46.35 -17.53
C GLU C 61 -36.29 -45.65 -16.97
N THR C 62 -36.09 -44.72 -16.04
CA THR C 62 -37.20 -43.90 -15.56
C THR C 62 -37.82 -43.11 -16.68
N ILE C 63 -36.99 -42.52 -17.56
CA ILE C 63 -37.53 -41.73 -18.66
C ILE C 63 -38.39 -42.61 -19.59
N ASN C 64 -37.88 -43.80 -19.94
CA ASN C 64 -38.69 -44.67 -20.80
C ASN C 64 -39.99 -45.10 -20.12
N GLU C 65 -39.94 -45.41 -18.82
CA GLU C 65 -41.17 -45.83 -18.15
C GLU C 65 -42.18 -44.69 -18.10
N GLU C 66 -41.73 -43.47 -17.85
CA GLU C 66 -42.65 -42.33 -17.82
C GLU C 66 -43.18 -42.02 -19.21
N ALA C 67 -42.35 -42.16 -20.25
CA ALA C 67 -42.82 -41.96 -21.61
C ALA C 67 -43.86 -43.00 -21.99
N ALA C 68 -43.65 -44.25 -21.58
CA ALA C 68 -44.64 -45.28 -21.83
C ALA C 68 -45.96 -44.98 -21.13
N GLU C 69 -45.88 -44.52 -19.87
CA GLU C 69 -47.10 -44.16 -19.15
C GLU C 69 -47.82 -43.00 -19.82
N TRP C 70 -47.07 -42.00 -20.27
CA TRP C 70 -47.68 -40.87 -20.97
C TRP C 70 -48.35 -41.32 -22.27
N ASP C 71 -47.69 -42.22 -23.00
CA ASP C 71 -48.27 -42.74 -24.24
C ASP C 71 -49.55 -43.51 -23.96
N ARG C 72 -49.56 -44.31 -22.89
CA ARG C 72 -50.74 -45.09 -22.55
C ARG C 72 -51.90 -44.18 -22.14
N LEU C 73 -51.63 -43.22 -21.25
CA LEU C 73 -52.71 -42.40 -20.72
C LEU C 73 -53.28 -41.46 -21.79
N HIS C 74 -52.41 -40.77 -22.51
CA HIS C 74 -52.88 -39.82 -23.52
C HIS C 74 -53.31 -40.57 -24.78
N PRO C 75 -54.50 -40.31 -25.30
CA PRO C 75 -54.98 -41.07 -26.46
C PRO C 75 -54.15 -40.80 -27.70
N VAL C 76 -54.11 -41.81 -28.58
CA VAL C 76 -53.35 -41.69 -29.82
C VAL C 76 -54.10 -40.80 -30.80
N HIS C 77 -53.36 -40.28 -31.79
CA HIS C 77 -53.94 -39.44 -32.82
C HIS C 77 -54.86 -40.26 -33.71
N ALA C 78 -55.93 -39.61 -34.19
CA ALA C 78 -56.90 -40.28 -35.05
C ALA C 78 -56.26 -40.74 -36.35
N GLY C 79 -55.43 -39.90 -36.97
CA GLY C 79 -54.75 -40.24 -38.19
C GLY C 79 -54.87 -39.24 -39.31
N PRO C 80 -56.05 -38.66 -39.52
CA PRO C 80 -56.15 -37.56 -40.48
C PRO C 80 -55.34 -36.34 -40.03
N ILE C 81 -54.71 -35.69 -41.00
CA ILE C 81 -53.87 -34.53 -40.71
C ILE C 81 -54.75 -33.32 -40.43
N ALA C 82 -54.36 -32.53 -39.44
CA ALA C 82 -55.10 -31.32 -39.11
C ALA C 82 -54.80 -30.22 -40.11
N PRO C 83 -55.77 -29.33 -40.37
CA PRO C 83 -55.51 -28.20 -41.28
C PRO C 83 -54.37 -27.31 -40.82
N GLY C 84 -54.19 -27.15 -39.51
CA GLY C 84 -53.10 -26.36 -38.97
C GLY C 84 -51.75 -27.05 -38.94
N GLN C 85 -51.70 -28.31 -39.34
CA GLN C 85 -50.51 -29.14 -39.42
C GLN C 85 -49.88 -29.43 -38.07
N MET C 86 -50.47 -28.99 -36.96
CA MET C 86 -49.94 -29.30 -35.65
C MET C 86 -50.17 -30.78 -35.33
N ARG C 87 -49.16 -31.41 -34.73
CA ARG C 87 -49.20 -32.83 -34.41
C ARG C 87 -49.19 -33.01 -32.90
N GLU C 88 -50.02 -33.92 -32.41
CA GLU C 88 -50.03 -34.23 -31.00
C GLU C 88 -48.70 -34.85 -30.59
N PRO C 89 -48.07 -34.40 -29.50
CA PRO C 89 -46.73 -34.89 -29.14
C PRO C 89 -46.81 -36.26 -28.50
N ARG C 90 -46.16 -37.24 -29.15
CA ARG C 90 -46.13 -38.59 -28.61
C ARG C 90 -45.20 -38.67 -27.41
N GLY C 91 -45.31 -39.77 -26.66
CA GLY C 91 -44.51 -39.91 -25.46
C GLY C 91 -43.02 -39.91 -25.73
N SER C 92 -42.61 -40.48 -26.87
CA SER C 92 -41.19 -40.54 -27.19
C SER C 92 -40.61 -39.15 -27.45
N ASP C 93 -41.35 -38.30 -28.15
CA ASP C 93 -40.80 -37.03 -28.58
C ASP C 93 -40.73 -35.98 -27.47
N ILE C 94 -41.38 -36.21 -26.34
CA ILE C 94 -41.21 -35.30 -25.20
C ILE C 94 -39.77 -35.37 -24.70
N ALA C 95 -39.20 -36.58 -24.65
CA ALA C 95 -37.82 -36.74 -24.24
C ALA C 95 -36.84 -36.26 -25.32
N GLY C 96 -37.32 -35.91 -26.50
CA GLY C 96 -36.48 -35.41 -27.56
C GLY C 96 -35.92 -36.46 -28.50
N THR C 97 -36.23 -37.74 -28.27
CA THR C 97 -35.71 -38.79 -29.15
C THR C 97 -36.26 -38.66 -30.56
N THR C 98 -37.54 -38.33 -30.69
CA THR C 98 -38.19 -38.27 -32.00
C THR C 98 -38.32 -36.85 -32.54
N SER C 99 -38.77 -35.90 -31.71
CA SER C 99 -39.01 -34.56 -32.19
C SER C 99 -37.69 -33.81 -32.40
N THR C 100 -37.76 -32.79 -33.25
CA THR C 100 -36.64 -31.90 -33.50
C THR C 100 -36.78 -30.65 -32.66
N LEU C 101 -35.76 -29.78 -32.73
CA LEU C 101 -35.79 -28.54 -31.96
C LEU C 101 -36.91 -27.63 -32.42
N GLN C 102 -37.13 -27.54 -33.74
CA GLN C 102 -38.17 -26.67 -34.26
C GLN C 102 -39.55 -27.10 -33.79
N GLU C 103 -39.82 -28.41 -33.81
CA GLU C 103 -41.12 -28.90 -33.37
C GLU C 103 -41.34 -28.65 -31.87
N GLN C 104 -40.30 -28.86 -31.07
CA GLN C 104 -40.42 -28.57 -29.63
C GLN C 104 -40.67 -27.10 -29.38
N ILE C 105 -39.96 -26.23 -30.11
CA ILE C 105 -40.17 -24.79 -29.96
C ILE C 105 -41.59 -24.40 -30.36
N GLY C 106 -42.07 -24.98 -31.47
CA GLY C 106 -43.44 -24.70 -31.89
C GLY C 106 -44.47 -25.15 -30.87
N TRP C 107 -44.26 -26.33 -30.29
CA TRP C 107 -45.18 -26.81 -29.25
C TRP C 107 -45.15 -25.90 -28.03
N MET C 108 -43.96 -25.48 -27.61
CA MET C 108 -43.84 -24.65 -26.41
C MET C 108 -44.37 -23.24 -26.65
N THR C 109 -44.35 -22.77 -27.89
CA THR C 109 -44.82 -21.43 -28.24
C THR C 109 -46.29 -21.41 -28.66
N HIS C 110 -46.86 -22.56 -29.00
CA HIS C 110 -48.24 -22.63 -29.46
C HIS C 110 -49.20 -22.15 -28.37
N ASN C 111 -50.36 -21.67 -28.81
CA ASN C 111 -51.42 -21.26 -27.90
C ASN C 111 -52.60 -22.20 -28.03
N PRO C 112 -52.94 -22.99 -26.99
CA PRO C 112 -52.32 -23.06 -25.66
C PRO C 112 -50.97 -23.78 -25.69
N PRO C 113 -50.08 -23.48 -24.75
CA PRO C 113 -48.75 -24.10 -24.75
C PRO C 113 -48.77 -25.51 -24.18
N ILE C 114 -48.14 -26.43 -24.89
CA ILE C 114 -47.90 -27.78 -24.37
C ILE C 114 -46.47 -27.80 -23.85
N PRO C 115 -46.24 -27.58 -22.56
CA PRO C 115 -44.88 -27.44 -22.07
C PRO C 115 -44.11 -28.74 -22.04
N VAL C 116 -43.72 -29.23 -23.22
CA VAL C 116 -42.99 -30.49 -23.31
C VAL C 116 -41.69 -30.41 -22.52
N GLY C 117 -41.05 -29.24 -22.51
CA GLY C 117 -39.87 -29.06 -21.69
C GLY C 117 -40.15 -29.26 -20.21
N GLU C 118 -41.28 -28.74 -19.74
CA GLU C 118 -41.65 -28.91 -18.33
C GLU C 118 -41.93 -30.38 -18.01
N ILE C 119 -42.61 -31.09 -18.90
CA ILE C 119 -42.92 -32.50 -18.65
C ILE C 119 -41.63 -33.32 -18.61
N TYR C 120 -40.72 -33.08 -19.56
CA TYR C 120 -39.46 -33.80 -19.57
C TYR C 120 -38.63 -33.45 -18.34
N LYS C 121 -38.68 -32.19 -17.91
CA LYS C 121 -37.98 -31.79 -16.69
C LYS C 121 -38.54 -32.53 -15.48
N ARG C 122 -39.87 -32.68 -15.43
CA ARG C 122 -40.48 -33.43 -14.33
C ARG C 122 -40.04 -34.89 -14.34
N TRP C 123 -39.98 -35.51 -15.52
CA TRP C 123 -39.53 -36.89 -15.62
C TRP C 123 -38.08 -37.03 -15.17
N ILE C 124 -37.23 -36.10 -15.59
CA ILE C 124 -35.82 -36.14 -15.19
C ILE C 124 -35.70 -35.91 -13.69
N ILE C 125 -36.57 -35.07 -13.12
CA ILE C 125 -36.57 -34.84 -11.68
C ILE C 125 -36.94 -36.13 -10.93
N LEU C 126 -37.95 -36.84 -11.45
CA LEU C 126 -38.32 -38.13 -10.84
C LEU C 126 -37.15 -39.11 -10.91
N GLY C 127 -36.48 -39.17 -12.06
CA GLY C 127 -35.33 -40.04 -12.18
C GLY C 127 -34.21 -39.68 -11.22
N LEU C 128 -33.95 -38.38 -11.05
CA LEU C 128 -32.92 -37.94 -10.13
C LEU C 128 -33.28 -38.27 -8.69
N ASN C 129 -34.56 -38.14 -8.34
CA ASN C 129 -35.00 -38.52 -7.01
C ASN C 129 -34.80 -40.01 -6.77
N LYS C 130 -35.12 -40.83 -7.78
CA LYS C 130 -34.88 -42.27 -7.66
C LYS C 130 -33.38 -42.55 -7.50
N ILE C 131 -32.54 -41.83 -8.24
CA ILE C 131 -31.10 -42.02 -8.15
C ILE C 131 -30.61 -41.72 -6.74
N VAL C 132 -31.05 -40.58 -6.18
CA VAL C 132 -30.63 -40.23 -4.83
C VAL C 132 -31.16 -41.23 -3.82
N ARG C 133 -32.37 -41.75 -4.06
CA ARG C 133 -32.96 -42.72 -3.14
C ARG C 133 -32.16 -44.02 -3.11
N MET C 134 -31.80 -44.55 -4.28
CA MET C 134 -31.22 -45.88 -4.36
C MET C 134 -29.72 -45.87 -4.66
N TYR C 135 -29.32 -45.20 -5.74
CA TYR C 135 -27.95 -45.34 -6.23
C TYR C 135 -26.96 -44.71 -5.26
N SER C 136 -25.91 -45.46 -4.91
CA SER C 136 -24.84 -44.99 -4.06
C SER C 136 -23.54 -44.98 -4.86
N PRO C 137 -22.92 -43.82 -5.07
CA PRO C 137 -21.71 -43.77 -5.91
C PRO C 137 -20.57 -44.53 -5.27
N THR C 138 -19.73 -45.11 -6.13
CA THR C 138 -18.52 -45.78 -5.70
C THR C 138 -17.38 -44.77 -5.57
N SER C 139 -16.41 -45.10 -4.73
CA SER C 139 -15.29 -44.21 -4.49
C SER C 139 -14.06 -45.03 -4.17
N ILE C 140 -12.90 -44.39 -4.32
CA ILE C 140 -11.63 -45.05 -4.05
C ILE C 140 -11.53 -45.45 -2.59
N LEU C 141 -12.13 -44.66 -1.69
CA LEU C 141 -12.12 -45.00 -0.27
C LEU C 141 -12.85 -46.30 0.01
N ASP C 142 -13.80 -46.69 -0.85
CA ASP C 142 -14.57 -47.90 -0.66
C ASP C 142 -13.84 -49.15 -1.11
N ILE C 143 -12.73 -49.02 -1.83
CA ILE C 143 -12.01 -50.18 -2.36
C ILE C 143 -11.22 -50.81 -1.22
N ARG C 144 -11.59 -52.04 -0.86
CA ARG C 144 -10.87 -52.80 0.14
C ARG C 144 -10.62 -54.21 -0.39
N GLN C 145 -9.48 -54.78 0.01
CA GLN C 145 -9.14 -56.12 -0.43
C GLN C 145 -10.01 -57.16 0.27
N GLY C 146 -10.53 -58.11 -0.51
CA GLY C 146 -11.35 -59.16 0.02
C GLY C 146 -10.55 -60.11 0.89
N PRO C 147 -11.22 -60.84 1.76
CA PRO C 147 -10.50 -61.77 2.65
C PRO C 147 -9.73 -62.85 1.89
N LYS C 148 -10.29 -63.35 0.79
CA LYS C 148 -9.64 -64.37 -0.03
C LYS C 148 -9.24 -63.83 -1.40
N GLU C 149 -9.19 -62.52 -1.56
CA GLU C 149 -8.96 -61.93 -2.88
C GLU C 149 -7.46 -61.89 -3.18
N PRO C 150 -7.04 -62.27 -4.38
CA PRO C 150 -5.63 -62.12 -4.75
C PRO C 150 -5.22 -60.66 -4.81
N PHE C 151 -3.95 -60.41 -4.50
CA PHE C 151 -3.45 -59.03 -4.46
C PHE C 151 -3.45 -58.41 -5.84
N ARG C 152 -3.18 -59.18 -6.89
CA ARG C 152 -3.15 -58.64 -8.23
C ARG C 152 -4.53 -58.13 -8.66
N ASP C 153 -5.57 -58.91 -8.40
CA ASP C 153 -6.93 -58.48 -8.74
C ASP C 153 -7.33 -57.25 -7.93
N TYR C 154 -6.94 -57.21 -6.65
CA TYR C 154 -7.24 -56.04 -5.84
C TYR C 154 -6.55 -54.79 -6.38
N VAL C 155 -5.29 -54.92 -6.80
CA VAL C 155 -4.57 -53.80 -7.38
C VAL C 155 -5.24 -53.36 -8.68
N ASP C 156 -5.67 -54.33 -9.49
CA ASP C 156 -6.35 -53.99 -10.73
C ASP C 156 -7.64 -53.22 -10.46
N ARG C 157 -8.43 -53.67 -9.48
CA ARG C 157 -9.65 -52.95 -9.13
C ARG C 157 -9.33 -51.56 -8.59
N PHE C 158 -8.30 -51.45 -7.74
CA PHE C 158 -7.91 -50.17 -7.18
C PHE C 158 -7.57 -49.17 -8.28
N TYR C 159 -6.75 -49.59 -9.24
CA TYR C 159 -6.34 -48.69 -10.30
C TYR C 159 -7.49 -48.41 -11.26
N LYS C 160 -8.37 -49.38 -11.50
CA LYS C 160 -9.52 -49.14 -12.36
C LYS C 160 -10.44 -48.10 -11.75
N THR C 161 -10.66 -48.15 -10.44
CA THR C 161 -11.46 -47.11 -9.79
C THR C 161 -10.71 -45.78 -9.76
N LEU C 162 -9.39 -45.82 -9.60
CA LEU C 162 -8.60 -44.59 -9.54
C LEU C 162 -8.64 -43.84 -10.85
N ARG C 163 -8.56 -44.56 -11.98
CA ARG C 163 -8.51 -43.91 -13.28
C ARG C 163 -9.80 -43.14 -13.56
N ALA C 164 -10.95 -43.70 -13.17
CA ALA C 164 -12.22 -43.04 -13.42
C ALA C 164 -12.53 -41.94 -12.42
N GLU C 165 -11.71 -41.79 -11.38
CA GLU C 165 -11.97 -40.77 -10.37
C GLU C 165 -11.65 -39.38 -10.91
N GLN C 166 -12.35 -38.38 -10.37
CA GLN C 166 -12.12 -36.98 -10.71
C GLN C 166 -11.21 -36.39 -9.64
N ALA C 167 -9.93 -36.23 -9.97
CA ALA C 167 -8.94 -35.68 -9.05
C ALA C 167 -7.75 -35.21 -9.87
N SER C 168 -6.65 -34.88 -9.19
CA SER C 168 -5.42 -34.43 -9.82
C SER C 168 -4.34 -35.49 -9.68
N GLN C 169 -3.28 -35.33 -10.48
CA GLN C 169 -2.23 -36.34 -10.52
C GLN C 169 -1.49 -36.44 -9.19
N GLU C 170 -1.22 -35.31 -8.54
CA GLU C 170 -0.46 -35.33 -7.29
C GLU C 170 -1.26 -36.03 -6.19
N VAL C 171 -2.52 -35.67 -6.03
CA VAL C 171 -3.34 -36.32 -5.02
C VAL C 171 -3.55 -37.78 -5.36
N LYS C 172 -3.65 -38.12 -6.65
CA LYS C 172 -3.80 -39.52 -7.04
C LYS C 172 -2.56 -40.32 -6.68
N ASN C 173 -1.37 -39.74 -6.88
CA ASN C 173 -0.14 -40.44 -6.50
C ASN C 173 -0.06 -40.61 -4.99
N TRP C 174 -0.46 -39.59 -4.23
CA TRP C 174 -0.45 -39.72 -2.78
C TRP C 174 -1.43 -40.80 -2.31
N MET C 175 -2.61 -40.86 -2.93
CA MET C 175 -3.57 -41.92 -2.63
C MET C 175 -3.01 -43.29 -2.97
N THR C 176 -2.36 -43.42 -4.12
CA THR C 176 -1.72 -44.68 -4.45
C THR C 176 -0.67 -45.05 -3.40
N GLU C 177 0.03 -44.05 -2.87
CA GLU C 177 1.05 -44.30 -1.86
C GLU C 177 0.44 -44.82 -0.57
N THR C 178 -0.67 -44.23 -0.12
CA THR C 178 -1.17 -44.56 1.22
C THR C 178 -2.33 -45.54 1.23
N LEU C 179 -3.38 -45.29 0.44
CA LEU C 179 -4.61 -46.07 0.54
C LEU C 179 -4.39 -47.53 0.15
N LEU C 180 -3.59 -47.78 -0.88
CA LEU C 180 -3.46 -49.14 -1.41
C LEU C 180 -2.91 -50.08 -0.34
N VAL C 181 -1.90 -49.65 0.41
CA VAL C 181 -1.42 -50.46 1.53
C VAL C 181 -2.29 -50.28 2.76
N GLN C 182 -3.07 -49.21 2.84
CA GLN C 182 -3.95 -49.02 3.99
C GLN C 182 -5.11 -50.01 3.96
N ASN C 183 -5.69 -50.25 2.79
CA ASN C 183 -6.81 -51.18 2.65
C ASN C 183 -6.28 -52.48 2.05
N ALA C 184 -6.05 -53.47 2.90
CA ALA C 184 -5.53 -54.75 2.45
C ALA C 184 -5.91 -55.83 3.43
N ASN C 185 -5.85 -57.07 2.97
CA ASN C 185 -6.08 -58.21 3.84
C ASN C 185 -5.07 -58.21 4.97
N PRO C 186 -5.45 -58.60 6.19
CA PRO C 186 -4.44 -58.70 7.26
C PRO C 186 -3.28 -59.59 6.90
N ASP C 187 -3.52 -60.69 6.19
CA ASP C 187 -2.44 -61.52 5.69
C ASP C 187 -1.56 -60.76 4.71
N CYS C 188 -2.17 -59.97 3.83
CA CYS C 188 -1.39 -59.12 2.93
C CYS C 188 -0.79 -57.94 3.68
N LYS C 189 -1.52 -57.41 4.68
CA LYS C 189 -1.03 -56.23 5.39
C LYS C 189 0.23 -56.53 6.17
N THR C 190 0.28 -57.68 6.85
CA THR C 190 1.48 -58.02 7.63
C THR C 190 2.68 -58.24 6.72
N ILE C 191 2.47 -58.85 5.56
CA ILE C 191 3.55 -59.05 4.61
C ILE C 191 4.06 -57.71 4.09
N LEU C 192 3.14 -56.80 3.74
CA LEU C 192 3.55 -55.50 3.23
C LEU C 192 4.26 -54.68 4.30
N LYS C 193 3.81 -54.77 5.55
CA LYS C 193 4.47 -54.06 6.63
C LYS C 193 5.81 -54.68 6.99
N ALA C 194 6.01 -55.98 6.70
CA ALA C 194 7.32 -56.58 6.87
C ALA C 194 8.35 -55.90 5.98
N LEU C 195 7.99 -55.64 4.72
CA LEU C 195 8.85 -54.84 3.85
C LEU C 195 8.89 -53.40 4.34
N GLY C 196 10.06 -52.78 4.24
CA GLY C 196 10.22 -51.41 4.62
C GLY C 196 9.52 -50.47 3.66
N PRO C 197 9.32 -49.23 4.09
CA PRO C 197 8.71 -48.24 3.19
C PRO C 197 9.61 -47.95 1.99
N GLY C 198 8.97 -47.60 0.88
CA GLY C 198 9.68 -47.33 -0.36
C GLY C 198 9.74 -48.49 -1.33
N ALA C 199 9.16 -49.63 -0.98
CA ALA C 199 9.09 -50.75 -1.92
C ALA C 199 8.16 -50.41 -3.08
N THR C 200 8.57 -50.79 -4.28
CA THR C 200 7.78 -50.48 -5.47
C THR C 200 6.61 -51.45 -5.59
N LEU C 201 5.77 -51.20 -6.59
CA LEU C 201 4.58 -52.02 -6.79
C LEU C 201 4.93 -53.45 -7.15
N GLU C 202 5.98 -53.63 -7.97
CA GLU C 202 6.37 -54.98 -8.36
C GLU C 202 6.84 -55.79 -7.15
N GLU C 203 7.61 -55.16 -6.26
CA GLU C 203 8.01 -55.84 -5.03
C GLU C 203 6.80 -56.18 -4.18
N MET C 204 5.83 -55.28 -4.11
CA MET C 204 4.61 -55.53 -3.33
C MET C 204 3.87 -56.75 -3.87
N MET C 205 3.69 -56.81 -5.19
CA MET C 205 2.99 -57.93 -5.79
C MET C 205 3.76 -59.24 -5.61
N THR C 206 5.09 -59.18 -5.76
CA THR C 206 5.90 -60.39 -5.58
C THR C 206 5.80 -60.90 -4.16
N ALA C 207 5.83 -59.99 -3.18
CA ALA C 207 5.71 -60.40 -1.78
C ALA C 207 4.33 -60.97 -1.49
N CYS C 208 3.28 -60.35 -2.03
CA CYS C 208 1.91 -60.76 -1.72
C CYS C 208 1.42 -61.92 -2.57
N GLN C 209 2.19 -62.34 -3.57
CA GLN C 209 1.79 -63.50 -4.37
C GLN C 209 1.70 -64.78 -3.56
N GLY C 210 2.33 -64.83 -2.37
CA GLY C 210 2.33 -66.05 -1.61
C GLY C 210 1.06 -66.31 -0.84
N VAL C 211 0.35 -65.26 -0.43
CA VAL C 211 -0.82 -65.43 0.44
C VAL C 211 -1.90 -66.20 -0.29
N GLY C 212 -2.60 -67.06 0.44
CA GLY C 212 -3.62 -67.90 -0.13
C GLY C 212 -3.11 -69.18 -0.76
N GLY C 213 -1.79 -69.32 -0.91
CA GLY C 213 -1.23 -70.52 -1.48
C GLY C 213 -0.94 -71.56 -0.42
N PRO C 214 -0.66 -72.79 -0.85
CA PRO C 214 -0.39 -73.86 0.14
C PRO C 214 0.76 -73.54 1.07
N GLY C 215 1.84 -72.94 0.55
CA GLY C 215 2.98 -72.63 1.40
C GLY C 215 2.64 -71.62 2.47
N HIS C 216 1.97 -70.54 2.09
CA HIS C 216 1.59 -69.51 3.06
C HIS C 216 0.63 -70.07 4.10
N LYS C 217 -0.35 -70.87 3.66
CA LYS C 217 -1.31 -71.45 4.60
C LYS C 217 -0.62 -72.37 5.60
N ALA C 218 0.28 -73.22 5.11
CA ALA C 218 1.04 -74.09 6.01
C ALA C 218 1.88 -73.27 6.98
N ARG C 219 2.50 -72.20 6.49
CA ARG C 219 3.35 -71.37 7.35
C ARG C 219 2.54 -70.72 8.46
N VAL C 220 1.38 -70.15 8.13
CA VAL C 220 0.60 -69.46 9.16
C VAL C 220 0.01 -70.47 10.13
N ILE C 221 -0.43 -71.63 9.63
CA ILE C 221 -0.96 -72.66 10.53
C ILE C 221 0.11 -73.09 11.51
N ALA C 222 1.33 -73.35 11.02
CA ALA C 222 2.41 -73.77 11.89
C ALA C 222 2.79 -72.67 12.88
N GLU C 223 2.82 -71.42 12.42
CA GLU C 223 3.16 -70.31 13.31
C GLU C 223 2.13 -70.17 14.43
N ALA C 224 0.84 -70.25 14.09
CA ALA C 224 -0.20 -70.15 15.11
C ALA C 224 -0.13 -71.32 16.09
N MET C 225 0.09 -72.53 15.58
CA MET C 225 0.19 -73.69 16.46
C MET C 225 1.38 -73.56 17.41
N SER C 226 2.51 -73.05 16.91
CA SER C 226 3.66 -72.84 17.77
C SER C 226 3.40 -71.75 18.80
N GLN C 227 2.72 -70.68 18.40
CA GLN C 227 2.47 -69.57 19.31
C GLN C 227 1.54 -70.01 20.44
N VAL C 228 0.41 -70.64 20.10
CA VAL C 228 -0.54 -71.04 21.12
C VAL C 228 -0.01 -72.16 22.02
N THR C 229 1.01 -72.87 21.58
CA THR C 229 1.60 -73.94 22.39
C THR C 229 3.11 -73.99 22.24
N HIS D 2 -49.11 -5.79 -13.39
CA HIS D 2 -48.15 -6.85 -13.09
C HIS D 2 -47.97 -7.01 -11.58
N GLN D 3 -47.81 -8.25 -11.14
CA GLN D 3 -47.64 -8.56 -9.73
C GLN D 3 -46.16 -8.54 -9.38
N ALA D 4 -45.75 -7.54 -8.60
CA ALA D 4 -44.36 -7.41 -8.19
C ALA D 4 -44.13 -8.24 -6.93
N ILE D 5 -42.95 -8.06 -6.31
CA ILE D 5 -42.66 -8.78 -5.07
C ILE D 5 -43.54 -8.25 -3.94
N SER D 6 -43.64 -9.04 -2.88
CA SER D 6 -44.44 -8.68 -1.73
C SER D 6 -43.58 -8.67 -0.47
N PRO D 7 -43.94 -7.87 0.53
CA PRO D 7 -43.11 -7.80 1.74
C PRO D 7 -42.95 -9.12 2.46
N ARG D 8 -43.97 -9.99 2.43
CA ARG D 8 -43.87 -11.27 3.13
C ARG D 8 -42.78 -12.16 2.53
N THR D 9 -42.80 -12.34 1.22
CA THR D 9 -41.81 -13.19 0.57
C THR D 9 -40.41 -12.62 0.72
N LEU D 10 -40.27 -11.29 0.55
CA LEU D 10 -38.96 -10.67 0.70
C LEU D 10 -38.42 -10.84 2.11
N ASN D 11 -39.29 -10.62 3.11
CA ASN D 11 -38.86 -10.79 4.50
C ASN D 11 -38.49 -12.24 4.79
N ALA D 12 -39.24 -13.18 4.23
CA ALA D 12 -38.89 -14.59 4.40
C ALA D 12 -37.55 -14.90 3.76
N TRP D 13 -37.26 -14.30 2.61
CA TRP D 13 -35.98 -14.50 1.94
C TRP D 13 -34.83 -13.98 2.81
N VAL D 14 -34.99 -12.76 3.35
CA VAL D 14 -33.95 -12.22 4.23
C VAL D 14 -33.79 -13.11 5.46
N LYS D 15 -34.90 -13.56 6.03
CA LYS D 15 -34.83 -14.39 7.23
C LYS D 15 -34.13 -15.71 6.97
N VAL D 16 -34.43 -16.36 5.85
CA VAL D 16 -33.80 -17.65 5.56
C VAL D 16 -32.31 -17.45 5.27
N VAL D 17 -31.95 -16.35 4.59
CA VAL D 17 -30.54 -16.09 4.33
C VAL D 17 -29.79 -15.89 5.64
N GLU D 18 -30.33 -15.07 6.53
CA GLU D 18 -29.66 -14.85 7.82
C GLU D 18 -29.71 -16.08 8.72
N GLU D 19 -30.66 -16.99 8.50
CA GLU D 19 -30.76 -18.17 9.35
C GLU D 19 -29.76 -19.24 8.93
N LYS D 20 -29.81 -19.68 7.67
CA LYS D 20 -28.92 -20.75 7.25
C LYS D 20 -27.57 -20.26 6.75
N ALA D 21 -27.38 -18.95 6.62
CA ALA D 21 -26.07 -18.36 6.32
C ALA D 21 -25.48 -18.92 5.02
N PHE D 22 -26.25 -18.76 3.94
CA PHE D 22 -25.83 -19.19 2.60
C PHE D 22 -25.47 -20.67 2.58
N SER D 23 -26.26 -21.48 3.28
CA SER D 23 -26.18 -22.92 3.15
C SER D 23 -26.81 -23.33 1.82
N PRO D 24 -26.58 -24.57 1.37
CA PRO D 24 -27.20 -24.99 0.10
C PRO D 24 -28.70 -24.84 0.08
N GLU D 25 -29.35 -24.90 1.25
CA GLU D 25 -30.81 -24.78 1.32
C GLU D 25 -31.31 -23.41 0.89
N VAL D 26 -30.43 -22.42 0.77
CA VAL D 26 -30.87 -21.12 0.26
C VAL D 26 -31.04 -21.15 -1.26
N ILE D 27 -30.40 -22.09 -1.95
CA ILE D 27 -30.52 -22.18 -3.41
C ILE D 27 -31.95 -22.51 -3.83
N PRO D 28 -32.63 -23.50 -3.24
CA PRO D 28 -34.02 -23.77 -3.65
C PRO D 28 -34.96 -22.63 -3.32
N MET D 29 -34.86 -22.06 -2.12
CA MET D 29 -35.78 -21.01 -1.70
C MET D 29 -35.73 -19.82 -2.65
N PHE D 30 -34.52 -19.44 -3.08
CA PHE D 30 -34.40 -18.36 -4.06
C PHE D 30 -35.13 -18.71 -5.34
N SER D 31 -35.00 -19.95 -5.80
CA SER D 31 -35.75 -20.37 -6.99
C SER D 31 -37.22 -20.60 -6.69
N ALA D 32 -37.61 -20.63 -5.41
CA ALA D 32 -38.99 -20.84 -5.01
C ALA D 32 -39.72 -19.55 -4.71
N LEU D 33 -39.09 -18.63 -3.99
CA LEU D 33 -39.72 -17.36 -3.62
C LEU D 33 -39.77 -16.37 -4.76
N SER D 34 -39.03 -16.61 -5.85
CA SER D 34 -38.95 -15.68 -6.99
C SER D 34 -39.11 -16.48 -8.27
N GLU D 35 -40.33 -16.55 -8.79
CA GLU D 35 -40.59 -17.17 -10.07
C GLU D 35 -41.54 -16.27 -10.85
N GLY D 36 -41.15 -15.90 -12.06
CA GLY D 36 -41.83 -14.85 -12.79
C GLY D 36 -41.42 -13.45 -12.40
N ALA D 37 -40.35 -13.31 -11.62
CA ALA D 37 -39.95 -12.01 -11.10
C ALA D 37 -39.16 -11.22 -12.14
N THR D 38 -39.49 -9.93 -12.27
CA THR D 38 -38.71 -9.04 -13.10
C THR D 38 -37.33 -8.84 -12.49
N PRO D 39 -36.32 -8.52 -13.31
CA PRO D 39 -34.95 -8.38 -12.77
C PRO D 39 -34.83 -7.37 -11.65
N GLN D 40 -35.66 -6.32 -11.66
CA GLN D 40 -35.66 -5.39 -10.54
C GLN D 40 -36.10 -6.07 -9.26
N ASP D 41 -37.03 -7.02 -9.35
CA ASP D 41 -37.47 -7.74 -8.17
C ASP D 41 -36.34 -8.55 -7.55
N LEU D 42 -35.55 -9.25 -8.38
CA LEU D 42 -34.41 -9.97 -7.84
C LEU D 42 -33.31 -9.02 -7.37
N ASN D 43 -33.22 -7.84 -7.98
CA ASN D 43 -32.27 -6.86 -7.49
C ASN D 43 -32.61 -6.42 -6.07
N THR D 44 -33.89 -6.15 -5.81
CA THR D 44 -34.31 -5.87 -4.44
C THR D 44 -34.15 -7.09 -3.55
N MET D 45 -34.36 -8.27 -4.11
CA MET D 45 -34.21 -9.52 -3.35
C MET D 45 -32.78 -9.67 -2.85
N LEU D 46 -31.82 -9.24 -3.65
CA LEU D 46 -30.40 -9.33 -3.28
C LEU D 46 -29.92 -8.16 -2.44
N ASN D 47 -30.47 -6.96 -2.68
CA ASN D 47 -29.98 -5.77 -2.00
C ASN D 47 -30.31 -5.81 -0.51
N THR D 48 -31.52 -6.27 -0.17
CA THR D 48 -31.97 -6.25 1.22
C THR D 48 -31.20 -7.22 2.11
N VAL D 49 -30.40 -8.12 1.53
CA VAL D 49 -29.59 -9.03 2.32
C VAL D 49 -28.59 -8.25 3.16
N GLY D 50 -28.73 -8.32 4.48
CA GLY D 50 -27.82 -7.63 5.38
C GLY D 50 -26.67 -8.55 5.77
N GLY D 51 -25.51 -7.94 5.97
CA GLY D 51 -24.33 -8.69 6.29
C GLY D 51 -23.82 -9.49 5.09
N HIS D 52 -22.85 -10.34 5.36
CA HIS D 52 -22.22 -11.19 4.34
C HIS D 52 -21.74 -10.34 3.16
N GLN D 53 -20.87 -9.39 3.47
CA GLN D 53 -20.37 -8.49 2.44
C GLN D 53 -19.53 -9.24 1.41
N ALA D 54 -18.69 -10.18 1.85
CA ALA D 54 -17.90 -10.97 0.92
C ALA D 54 -18.80 -11.81 0.02
N ALA D 55 -19.89 -12.35 0.57
CA ALA D 55 -20.80 -13.15 -0.23
C ALA D 55 -21.40 -12.34 -1.36
N MET D 56 -21.91 -11.14 -1.05
CA MET D 56 -22.49 -10.31 -2.11
C MET D 56 -21.42 -9.80 -3.07
N GLN D 57 -20.20 -9.56 -2.57
CA GLN D 57 -19.08 -9.26 -3.46
C GLN D 57 -18.92 -10.34 -4.51
N MET D 58 -18.82 -11.60 -4.06
CA MET D 58 -18.66 -12.71 -4.99
C MET D 58 -19.87 -12.84 -5.91
N LEU D 59 -21.07 -12.64 -5.37
CA LEU D 59 -22.29 -12.81 -6.15
C LEU D 59 -22.35 -11.81 -7.29
N LYS D 60 -22.13 -10.52 -7.00
CA LYS D 60 -22.19 -9.55 -8.07
C LYS D 60 -20.97 -9.61 -8.98
N GLU D 61 -19.84 -10.12 -8.50
CA GLU D 61 -18.73 -10.42 -9.42
C GLU D 61 -19.14 -11.48 -10.43
N THR D 62 -19.81 -12.53 -9.96
CA THR D 62 -20.29 -13.57 -10.88
C THR D 62 -21.33 -13.02 -11.84
N ILE D 63 -22.23 -12.16 -11.34
CA ILE D 63 -23.23 -11.55 -12.20
C ILE D 63 -22.55 -10.71 -13.29
N ASN D 64 -21.51 -9.95 -12.92
CA ASN D 64 -20.78 -9.17 -13.90
C ASN D 64 -20.11 -10.07 -14.93
N GLU D 65 -19.54 -11.19 -14.48
CA GLU D 65 -18.91 -12.13 -15.42
C GLU D 65 -19.93 -12.67 -16.42
N GLU D 66 -21.10 -13.07 -15.92
CA GLU D 66 -22.12 -13.62 -16.81
C GLU D 66 -22.67 -12.55 -17.75
N ALA D 67 -22.79 -11.30 -17.27
CA ALA D 67 -23.22 -10.22 -18.14
C ALA D 67 -22.20 -9.97 -19.24
N ALA D 68 -20.92 -10.00 -18.90
CA ALA D 68 -19.87 -9.85 -19.91
C ALA D 68 -19.93 -10.97 -20.92
N GLU D 69 -20.17 -12.21 -20.47
CA GLU D 69 -20.27 -13.33 -21.39
C GLU D 69 -21.48 -13.19 -22.31
N TRP D 70 -22.61 -12.72 -21.76
CA TRP D 70 -23.78 -12.49 -22.59
C TRP D 70 -23.51 -11.40 -23.61
N ASP D 71 -22.78 -10.35 -23.23
CA ASP D 71 -22.40 -9.31 -24.16
C ASP D 71 -21.51 -9.88 -25.27
N ARG D 72 -20.57 -10.75 -24.90
CA ARG D 72 -19.68 -11.35 -25.89
C ARG D 72 -20.43 -12.22 -26.87
N LEU D 73 -21.34 -13.07 -26.38
CA LEU D 73 -22.03 -14.03 -27.24
C LEU D 73 -23.21 -13.43 -27.99
N HIS D 74 -23.67 -12.24 -27.61
CA HIS D 74 -24.81 -11.59 -28.27
C HIS D 74 -24.39 -10.20 -28.68
N PRO D 75 -24.35 -9.89 -29.98
CA PRO D 75 -23.90 -8.57 -30.43
C PRO D 75 -25.02 -7.55 -30.48
N VAL D 76 -24.62 -6.29 -30.52
CA VAL D 76 -25.57 -5.20 -30.67
C VAL D 76 -26.10 -5.21 -32.11
N HIS D 77 -27.42 -5.25 -32.25
CA HIS D 77 -28.02 -5.33 -33.58
C HIS D 77 -27.69 -4.08 -34.38
N ALA D 78 -27.34 -4.28 -35.65
CA ALA D 78 -26.98 -3.17 -36.51
C ALA D 78 -28.21 -2.34 -36.83
N GLY D 79 -28.09 -1.02 -36.66
CA GLY D 79 -29.17 -0.11 -36.93
C GLY D 79 -29.92 0.28 -35.68
N PRO D 80 -29.67 1.50 -35.18
CA PRO D 80 -30.39 1.97 -33.99
C PRO D 80 -31.89 2.11 -34.21
N ILE D 81 -32.34 2.27 -35.46
CA ILE D 81 -33.76 2.40 -35.74
C ILE D 81 -34.46 1.07 -35.48
N ALA D 82 -35.59 1.14 -34.79
CA ALA D 82 -36.38 -0.06 -34.47
C ALA D 82 -37.85 0.33 -34.33
N PRO D 83 -38.53 0.54 -35.46
CA PRO D 83 -39.94 0.97 -35.39
C PRO D 83 -40.89 -0.18 -35.10
N GLY D 84 -40.58 -1.38 -35.60
CA GLY D 84 -41.46 -2.51 -35.38
C GLY D 84 -41.55 -2.94 -33.94
N GLN D 85 -40.41 -3.00 -33.25
CA GLN D 85 -40.36 -3.40 -31.85
C GLN D 85 -39.24 -2.65 -31.16
N MET D 86 -39.26 -2.67 -29.84
CA MET D 86 -38.27 -1.95 -29.06
C MET D 86 -36.95 -2.71 -29.00
N ARG D 87 -35.96 -2.11 -28.36
CA ARG D 87 -34.56 -2.55 -28.48
C ARG D 87 -34.35 -3.91 -27.84
N GLU D 88 -33.32 -4.59 -28.31
CA GLU D 88 -32.91 -5.89 -27.79
C GLU D 88 -32.17 -5.73 -26.47
N PRO D 89 -32.17 -6.76 -25.62
CA PRO D 89 -31.53 -6.65 -24.31
C PRO D 89 -30.01 -6.56 -24.37
N ARG D 90 -29.38 -6.52 -23.21
CA ARG D 90 -27.94 -6.43 -23.07
C ARG D 90 -27.58 -7.03 -21.72
N GLY D 91 -26.29 -7.26 -21.50
CA GLY D 91 -25.86 -7.86 -20.24
C GLY D 91 -26.22 -7.00 -19.05
N SER D 92 -25.88 -5.70 -19.12
CA SER D 92 -26.14 -4.82 -18.00
C SER D 92 -27.64 -4.64 -17.75
N ASP D 93 -28.42 -4.45 -18.81
CA ASP D 93 -29.84 -4.21 -18.64
C ASP D 93 -30.65 -5.49 -18.49
N ILE D 94 -30.02 -6.66 -18.64
CA ILE D 94 -30.63 -7.89 -18.17
C ILE D 94 -30.33 -8.09 -16.69
N ALA D 95 -29.13 -7.71 -16.25
CA ALA D 95 -28.83 -7.71 -14.82
C ALA D 95 -29.64 -6.69 -14.05
N GLY D 96 -30.33 -5.77 -14.73
CA GLY D 96 -31.23 -4.83 -14.09
C GLY D 96 -30.64 -3.48 -13.79
N THR D 97 -29.33 -3.32 -13.91
CA THR D 97 -28.71 -2.04 -13.58
C THR D 97 -29.14 -0.94 -14.55
N THR D 98 -29.27 -1.28 -15.83
CA THR D 98 -29.55 -0.28 -16.86
C THR D 98 -31.03 -0.19 -17.23
N SER D 99 -31.71 -1.33 -17.38
CA SER D 99 -33.09 -1.31 -17.83
C SER D 99 -34.02 -0.80 -16.75
N THR D 100 -35.21 -0.38 -17.17
CA THR D 100 -36.28 0.02 -16.28
C THR D 100 -37.30 -1.12 -16.14
N LEU D 101 -38.20 -0.96 -15.18
CA LEU D 101 -39.21 -2.00 -14.95
C LEU D 101 -40.13 -2.15 -16.14
N GLN D 102 -40.50 -1.04 -16.79
CA GLN D 102 -41.37 -1.12 -17.95
C GLN D 102 -40.71 -1.89 -19.08
N GLU D 103 -39.42 -1.65 -19.33
CA GLU D 103 -38.71 -2.36 -20.38
C GLU D 103 -38.62 -3.85 -20.07
N GLN D 104 -38.33 -4.21 -18.82
CA GLN D 104 -38.25 -5.61 -18.44
C GLN D 104 -39.59 -6.30 -18.61
N ILE D 105 -40.67 -5.62 -18.21
CA ILE D 105 -42.01 -6.20 -18.38
C ILE D 105 -42.32 -6.38 -19.87
N GLY D 106 -41.98 -5.38 -20.69
CA GLY D 106 -42.20 -5.50 -22.11
C GLY D 106 -41.44 -6.66 -22.73
N TRP D 107 -40.20 -6.87 -22.29
CA TRP D 107 -39.42 -8.02 -22.76
C TRP D 107 -40.08 -9.33 -22.34
N MET D 108 -40.42 -9.46 -21.06
CA MET D 108 -40.96 -10.71 -20.55
C MET D 108 -42.40 -10.95 -20.99
N THR D 109 -43.06 -9.97 -21.61
CA THR D 109 -44.43 -10.13 -22.07
C THR D 109 -44.58 -10.14 -23.58
N HIS D 110 -43.60 -9.62 -24.32
CA HIS D 110 -43.69 -9.58 -25.77
C HIS D 110 -43.71 -11.00 -26.34
N ASN D 111 -44.28 -11.14 -27.54
CA ASN D 111 -44.29 -12.41 -28.25
C ASN D 111 -43.37 -12.31 -29.45
N PRO D 112 -42.30 -13.12 -29.52
CA PRO D 112 -41.87 -14.15 -28.57
C PRO D 112 -41.23 -13.57 -27.31
N PRO D 113 -41.40 -14.24 -26.18
CA PRO D 113 -40.84 -13.71 -24.93
C PRO D 113 -39.32 -13.77 -24.92
N ILE D 114 -38.74 -12.80 -24.22
CA ILE D 114 -37.32 -12.81 -23.88
C ILE D 114 -37.22 -13.03 -22.39
N PRO D 115 -36.88 -14.23 -21.94
CA PRO D 115 -36.94 -14.53 -20.50
C PRO D 115 -35.87 -13.81 -19.70
N VAL D 116 -35.95 -12.47 -19.64
CA VAL D 116 -34.94 -11.69 -18.94
C VAL D 116 -34.88 -12.08 -17.47
N GLY D 117 -36.05 -12.23 -16.85
CA GLY D 117 -36.07 -12.62 -15.45
C GLY D 117 -35.44 -13.97 -15.21
N GLU D 118 -35.72 -14.95 -16.09
CA GLU D 118 -35.15 -16.28 -15.91
C GLU D 118 -33.64 -16.29 -16.15
N ILE D 119 -33.16 -15.54 -17.14
CA ILE D 119 -31.72 -15.47 -17.38
C ILE D 119 -31.01 -14.84 -16.19
N TYR D 120 -31.56 -13.73 -15.67
CA TYR D 120 -30.96 -13.12 -14.50
C TYR D 120 -30.99 -14.07 -13.31
N LYS D 121 -32.11 -14.77 -13.13
CA LYS D 121 -32.22 -15.73 -12.03
C LYS D 121 -31.18 -16.84 -12.18
N ARG D 122 -30.92 -17.28 -13.41
CA ARG D 122 -29.88 -18.28 -13.64
C ARG D 122 -28.51 -17.73 -13.25
N TRP D 123 -28.23 -16.48 -13.57
CA TRP D 123 -26.95 -15.88 -13.19
C TRP D 123 -26.81 -15.83 -11.67
N ILE D 124 -27.87 -15.40 -10.97
CA ILE D 124 -27.80 -15.39 -9.51
C ILE D 124 -27.72 -16.81 -8.96
N ILE D 125 -28.31 -17.79 -9.63
CA ILE D 125 -28.20 -19.17 -9.16
C ILE D 125 -26.77 -19.66 -9.25
N LEU D 126 -26.09 -19.35 -10.37
CA LEU D 126 -24.68 -19.68 -10.48
C LEU D 126 -23.86 -18.97 -9.42
N GLY D 127 -24.16 -17.69 -9.17
CA GLY D 127 -23.45 -16.96 -8.12
C GLY D 127 -23.65 -17.58 -6.75
N LEU D 128 -24.89 -17.97 -6.43
CA LEU D 128 -25.19 -18.57 -5.14
C LEU D 128 -24.52 -19.93 -5.00
N ASN D 129 -24.44 -20.70 -6.09
CA ASN D 129 -23.70 -21.95 -6.04
C ASN D 129 -22.23 -21.69 -5.76
N LYS D 130 -21.65 -20.67 -6.39
CA LYS D 130 -20.28 -20.30 -6.08
C LYS D 130 -20.12 -19.90 -4.62
N ILE D 131 -21.11 -19.17 -4.08
CA ILE D 131 -21.06 -18.77 -2.67
C ILE D 131 -21.06 -20.00 -1.77
N VAL D 132 -22.01 -20.91 -1.98
CA VAL D 132 -22.12 -22.07 -1.10
C VAL D 132 -20.95 -23.02 -1.30
N ARG D 133 -20.25 -22.94 -2.42
CA ARG D 133 -19.05 -23.73 -2.63
C ARG D 133 -17.78 -23.05 -2.13
N MET D 134 -17.83 -21.75 -1.88
CA MET D 134 -16.62 -20.98 -1.57
C MET D 134 -16.68 -20.20 -0.27
N TYR D 135 -17.86 -19.72 0.14
CA TYR D 135 -17.97 -18.83 1.28
C TYR D 135 -18.18 -19.61 2.57
N SER D 136 -17.33 -19.36 3.56
CA SER D 136 -17.54 -19.86 4.91
C SER D 136 -17.88 -18.67 5.81
N PRO D 137 -19.12 -18.53 6.25
CA PRO D 137 -19.49 -17.34 7.04
C PRO D 137 -18.75 -17.30 8.37
N THR D 138 -18.45 -16.08 8.80
CA THR D 138 -17.79 -15.87 10.08
C THR D 138 -18.81 -15.82 11.19
N SER D 139 -18.40 -16.24 12.38
CA SER D 139 -19.28 -16.29 13.53
C SER D 139 -18.50 -15.98 14.80
N ILE D 140 -19.23 -15.58 15.84
CA ILE D 140 -18.59 -15.27 17.12
C ILE D 140 -17.91 -16.51 17.70
N LEU D 141 -18.42 -17.71 17.38
CA LEU D 141 -17.79 -18.93 17.85
C LEU D 141 -16.40 -19.12 17.28
N ASP D 142 -16.11 -18.52 16.13
CA ASP D 142 -14.82 -18.66 15.48
C ASP D 142 -13.79 -17.63 15.93
N ILE D 143 -14.19 -16.66 16.75
CA ILE D 143 -13.27 -15.63 17.22
C ILE D 143 -12.42 -16.25 18.33
N ARG D 144 -11.15 -16.48 18.05
CA ARG D 144 -10.21 -17.03 19.01
C ARG D 144 -8.94 -16.19 19.02
N GLN D 145 -8.42 -15.95 20.22
CA GLN D 145 -7.25 -15.10 20.38
C GLN D 145 -6.01 -15.82 19.85
N GLY D 146 -5.23 -15.12 19.04
CA GLY D 146 -4.00 -15.65 18.52
C GLY D 146 -2.96 -15.81 19.61
N PRO D 147 -1.98 -16.70 19.39
CA PRO D 147 -0.99 -16.96 20.45
C PRO D 147 -0.21 -15.74 20.87
N LYS D 148 0.07 -14.81 19.96
CA LYS D 148 0.80 -13.60 20.28
C LYS D 148 -0.06 -12.35 20.11
N GLU D 149 -1.36 -12.50 19.97
CA GLU D 149 -2.25 -11.35 19.84
C GLU D 149 -2.44 -10.70 21.20
N PRO D 150 -2.31 -9.38 21.30
CA PRO D 150 -2.61 -8.71 22.58
C PRO D 150 -4.09 -8.80 22.91
N PHE D 151 -4.37 -8.83 24.21
CA PHE D 151 -5.75 -9.05 24.65
C PHE D 151 -6.68 -7.94 24.20
N ARG D 152 -6.19 -6.70 24.10
CA ARG D 152 -7.06 -5.60 23.74
C ARG D 152 -7.58 -5.73 22.31
N ASP D 153 -6.69 -6.04 21.35
CA ASP D 153 -7.14 -6.21 19.98
C ASP D 153 -8.03 -7.44 19.82
N TYR D 154 -7.76 -8.49 20.59
CA TYR D 154 -8.64 -9.65 20.56
C TYR D 154 -10.04 -9.28 21.05
N VAL D 155 -10.12 -8.51 22.14
CA VAL D 155 -11.42 -8.08 22.65
C VAL D 155 -12.12 -7.20 21.64
N ASP D 156 -11.37 -6.32 20.97
CA ASP D 156 -11.96 -5.46 19.94
C ASP D 156 -12.54 -6.30 18.81
N ARG D 157 -11.80 -7.30 18.34
CA ARG D 157 -12.31 -8.18 17.28
C ARG D 157 -13.53 -8.94 17.75
N PHE D 158 -13.49 -9.45 18.98
CA PHE D 158 -14.62 -10.19 19.52
C PHE D 158 -15.87 -9.34 19.55
N TYR D 159 -15.75 -8.11 20.07
CA TYR D 159 -16.93 -7.25 20.17
C TYR D 159 -17.38 -6.76 18.80
N LYS D 160 -16.46 -6.58 17.85
CA LYS D 160 -16.88 -6.21 16.51
C LYS D 160 -17.70 -7.31 15.85
N THR D 161 -17.23 -8.56 15.95
CA THR D 161 -18.00 -9.67 15.39
C THR D 161 -19.31 -9.87 16.13
N LEU D 162 -19.31 -9.68 17.45
CA LEU D 162 -20.53 -9.75 18.22
C LEU D 162 -21.53 -8.70 17.77
N ARG D 163 -21.05 -7.48 17.51
CA ARG D 163 -21.92 -6.43 16.98
C ARG D 163 -22.47 -6.80 15.63
N ALA D 164 -21.64 -7.39 14.77
CA ALA D 164 -22.13 -7.85 13.47
C ALA D 164 -23.09 -9.03 13.60
N GLU D 165 -23.00 -9.78 14.69
CA GLU D 165 -23.86 -10.94 14.88
C GLU D 165 -25.32 -10.51 15.11
N GLN D 166 -26.24 -11.34 14.63
CA GLN D 166 -27.67 -11.15 14.85
C GLN D 166 -28.15 -12.12 15.92
N ALA D 167 -28.63 -11.57 17.03
CA ALA D 167 -29.06 -12.35 18.18
C ALA D 167 -29.83 -11.41 19.11
N SER D 168 -30.13 -11.89 20.31
CA SER D 168 -30.81 -11.11 21.33
C SER D 168 -29.80 -10.55 22.33
N GLN D 169 -30.18 -9.46 22.99
CA GLN D 169 -29.26 -8.75 23.86
C GLN D 169 -28.82 -9.61 25.03
N GLU D 170 -29.76 -10.32 25.67
CA GLU D 170 -29.38 -11.22 26.76
C GLU D 170 -28.51 -12.35 26.26
N VAL D 171 -28.84 -12.89 25.07
CA VAL D 171 -27.99 -13.93 24.47
C VAL D 171 -26.59 -13.38 24.23
N LYS D 172 -26.49 -12.16 23.70
CA LYS D 172 -25.19 -11.55 23.43
C LYS D 172 -24.40 -11.33 24.72
N ASN D 173 -25.07 -10.91 25.79
CA ASN D 173 -24.39 -10.77 27.07
C ASN D 173 -23.87 -12.11 27.56
N TRP D 174 -24.64 -13.17 27.35
CA TRP D 174 -24.18 -14.50 27.72
C TRP D 174 -22.97 -14.92 26.90
N MET D 175 -22.98 -14.60 25.60
CA MET D 175 -21.79 -14.86 24.77
C MET D 175 -20.58 -14.10 25.30
N THR D 176 -20.77 -12.84 25.68
CA THR D 176 -19.68 -12.07 26.25
C THR D 176 -19.17 -12.70 27.54
N GLU D 177 -20.08 -13.19 28.38
CA GLU D 177 -19.69 -13.80 29.64
C GLU D 177 -18.91 -15.09 29.43
N THR D 178 -19.27 -15.87 28.42
CA THR D 178 -18.67 -17.20 28.24
C THR D 178 -17.45 -17.19 27.33
N LEU D 179 -17.65 -16.75 26.08
CA LEU D 179 -16.63 -16.97 25.05
C LEU D 179 -15.38 -16.13 25.27
N LEU D 180 -15.49 -14.97 25.94
CA LEU D 180 -14.31 -14.15 26.17
C LEU D 180 -13.22 -14.91 26.89
N VAL D 181 -13.55 -15.55 28.01
CA VAL D 181 -12.57 -16.35 28.70
C VAL D 181 -12.49 -17.76 28.13
N GLN D 182 -13.49 -18.20 27.37
CA GLN D 182 -13.41 -19.53 26.77
C GLN D 182 -12.45 -19.56 25.59
N ASN D 183 -12.28 -18.43 24.90
CA ASN D 183 -11.38 -18.34 23.75
C ASN D 183 -10.26 -17.36 24.08
N ALA D 184 -9.16 -17.88 24.61
CA ALA D 184 -8.02 -17.05 24.95
C ALA D 184 -6.78 -17.93 24.98
N ASN D 185 -5.61 -17.28 24.87
CA ASN D 185 -4.35 -17.99 24.96
C ASN D 185 -4.19 -18.57 26.35
N PRO D 186 -3.43 -19.67 26.48
CA PRO D 186 -3.18 -20.22 27.81
C PRO D 186 -2.61 -19.22 28.80
N ASP D 187 -1.77 -18.29 28.34
CA ASP D 187 -1.29 -17.23 29.22
C ASP D 187 -2.44 -16.33 29.68
N CYS D 188 -3.21 -15.80 28.73
CA CYS D 188 -4.33 -14.95 29.09
C CYS D 188 -5.39 -15.75 29.85
N LYS D 189 -5.61 -17.01 29.44
CA LYS D 189 -6.59 -17.84 30.13
C LYS D 189 -6.20 -18.06 31.59
N THR D 190 -4.92 -18.37 31.85
CA THR D 190 -4.51 -18.60 33.23
C THR D 190 -4.49 -17.31 34.04
N ILE D 191 -4.20 -16.18 33.39
CA ILE D 191 -4.29 -14.91 34.10
C ILE D 191 -5.73 -14.62 34.50
N LEU D 192 -6.68 -14.88 33.59
CA LEU D 192 -8.08 -14.63 33.90
C LEU D 192 -8.60 -15.62 34.94
N LYS D 193 -8.16 -16.87 34.89
CA LYS D 193 -8.57 -17.84 35.90
C LYS D 193 -8.01 -17.48 37.27
N ALA D 194 -6.79 -16.95 37.33
CA ALA D 194 -6.26 -16.47 38.60
C ALA D 194 -7.13 -15.34 39.15
N LEU D 195 -7.64 -14.48 38.26
CA LEU D 195 -8.62 -13.49 38.68
C LEU D 195 -9.90 -14.19 39.14
N GLY D 196 -10.55 -13.60 40.14
CA GLY D 196 -11.80 -14.14 40.63
C GLY D 196 -12.90 -14.01 39.60
N PRO D 197 -13.88 -14.91 39.65
CA PRO D 197 -15.01 -14.81 38.74
C PRO D 197 -15.83 -13.56 39.01
N GLY D 198 -16.45 -13.04 37.95
CA GLY D 198 -17.23 -11.83 38.04
C GLY D 198 -16.43 -10.55 37.89
N ALA D 199 -15.14 -10.63 37.58
CA ALA D 199 -14.35 -9.43 37.36
C ALA D 199 -14.84 -8.70 36.12
N THR D 200 -14.79 -7.37 36.17
CA THR D 200 -15.27 -6.55 35.07
C THR D 200 -14.33 -6.67 33.88
N LEU D 201 -14.83 -6.22 32.72
CA LEU D 201 -14.03 -6.27 31.51
C LEU D 201 -12.78 -5.43 31.62
N GLU D 202 -12.89 -4.26 32.26
CA GLU D 202 -11.72 -3.40 32.45
C GLU D 202 -10.67 -4.08 33.30
N GLU D 203 -11.09 -4.78 34.36
CA GLU D 203 -10.15 -5.51 35.19
C GLU D 203 -9.48 -6.63 34.41
N MET D 204 -10.23 -7.33 33.57
CA MET D 204 -9.64 -8.39 32.76
C MET D 204 -8.62 -7.83 31.78
N MET D 205 -8.95 -6.70 31.14
CA MET D 205 -8.01 -6.08 30.20
C MET D 205 -6.76 -5.60 30.91
N THR D 206 -6.92 -5.05 32.13
CA THR D 206 -5.76 -4.62 32.90
C THR D 206 -4.88 -5.82 33.27
N ALA D 207 -5.50 -6.94 33.65
CA ALA D 207 -4.72 -8.11 34.04
C ALA D 207 -3.91 -8.67 32.87
N CYS D 208 -4.48 -8.64 31.67
CA CYS D 208 -3.82 -9.14 30.47
C CYS D 208 -3.19 -8.02 29.64
N GLN D 209 -2.88 -6.88 30.27
CA GLN D 209 -2.25 -5.80 29.52
C GLN D 209 -0.79 -6.08 29.25
N GLY D 210 -0.13 -6.87 30.09
CA GLY D 210 1.29 -7.09 29.93
C GLY D 210 1.68 -8.49 29.54
N VAL D 211 0.93 -9.10 28.62
CA VAL D 211 1.28 -10.42 28.10
C VAL D 211 2.10 -10.23 26.83
N GLY D 212 3.33 -10.72 26.83
CA GLY D 212 4.27 -10.47 25.77
C GLY D 212 5.33 -9.44 26.11
N GLY D 213 5.16 -8.71 27.21
CA GLY D 213 6.16 -7.78 27.66
C GLY D 213 7.33 -8.48 28.32
N PRO D 214 8.42 -7.74 28.48
CA PRO D 214 9.62 -8.34 29.08
C PRO D 214 9.39 -8.92 30.47
N GLY D 215 8.60 -8.25 31.30
CA GLY D 215 8.40 -8.73 32.65
C GLY D 215 7.66 -10.06 32.69
N HIS D 216 6.59 -10.17 31.92
CA HIS D 216 5.80 -11.41 31.91
C HIS D 216 6.59 -12.56 31.30
N LYS D 217 7.30 -12.29 30.21
CA LYS D 217 8.13 -13.34 29.60
C LYS D 217 9.19 -13.82 30.57
N ALA D 218 9.86 -12.88 31.25
CA ALA D 218 10.86 -13.27 32.23
C ALA D 218 10.25 -14.07 33.35
N ARG D 219 9.06 -13.67 33.82
CA ARG D 219 8.41 -14.37 34.92
C ARG D 219 8.06 -15.80 34.54
N VAL D 220 7.48 -15.99 33.36
CA VAL D 220 7.09 -17.35 32.96
C VAL D 220 8.32 -18.21 32.69
N ILE D 221 9.36 -17.63 32.10
CA ILE D 221 10.58 -18.41 31.86
C ILE D 221 11.22 -18.83 33.17
N ALA D 222 11.26 -17.91 34.14
CA ALA D 222 11.80 -18.26 35.45
C ALA D 222 10.96 -19.31 36.16
N GLU D 223 9.64 -19.21 36.05
CA GLU D 223 8.77 -20.22 36.65
C GLU D 223 9.02 -21.59 36.04
N ALA D 224 9.16 -21.65 34.71
CA ALA D 224 9.44 -22.92 34.06
C ALA D 224 10.80 -23.48 34.49
N MET D 225 11.81 -22.63 34.56
CA MET D 225 13.13 -23.08 34.99
C MET D 225 13.09 -23.60 36.42
N SER D 226 12.37 -22.92 37.30
CA SER D 226 12.24 -23.38 38.68
C SER D 226 11.51 -24.72 38.75
N GLN D 227 10.46 -24.88 37.95
CA GLN D 227 9.74 -26.15 37.94
C GLN D 227 10.64 -27.29 37.46
N VAL D 228 11.44 -27.05 36.43
CA VAL D 228 12.32 -28.09 35.92
C VAL D 228 13.38 -28.46 36.95
N THR D 229 13.99 -27.46 37.58
CA THR D 229 15.08 -27.72 38.53
C THR D 229 14.55 -27.83 39.95
N HIS E 2 -49.82 8.58 -2.53
CA HIS E 2 -48.98 8.19 -3.66
C HIS E 2 -47.61 7.75 -3.18
N GLN E 3 -47.42 7.72 -1.87
CA GLN E 3 -46.17 7.31 -1.24
C GLN E 3 -46.39 5.97 -0.55
N ALA E 4 -45.56 4.98 -0.88
CA ALA E 4 -45.66 3.65 -0.33
C ALA E 4 -44.38 3.30 0.43
N ILE E 5 -44.51 2.35 1.36
CA ILE E 5 -43.37 1.95 2.17
C ILE E 5 -42.41 1.13 1.33
N SER E 6 -41.12 1.48 1.39
CA SER E 6 -40.12 0.77 0.62
C SER E 6 -39.67 -0.50 1.35
N PRO E 7 -39.20 -1.50 0.60
CA PRO E 7 -38.75 -2.74 1.26
C PRO E 7 -37.61 -2.52 2.24
N ARG E 8 -36.72 -1.56 2.00
CA ARG E 8 -35.58 -1.35 2.89
C ARG E 8 -36.04 -0.91 4.27
N THR E 9 -36.97 0.04 4.34
CA THR E 9 -37.45 0.51 5.63
C THR E 9 -38.20 -0.58 6.37
N LEU E 10 -39.01 -1.37 5.66
CA LEU E 10 -39.75 -2.45 6.30
C LEU E 10 -38.79 -3.52 6.84
N ASN E 11 -37.75 -3.85 6.07
CA ASN E 11 -36.75 -4.80 6.55
C ASN E 11 -36.03 -4.25 7.77
N ALA E 12 -35.71 -2.95 7.76
CA ALA E 12 -35.09 -2.35 8.94
C ALA E 12 -36.02 -2.41 10.14
N TRP E 13 -37.32 -2.22 9.91
CA TRP E 13 -38.29 -2.28 11.00
C TRP E 13 -38.36 -3.68 11.62
N VAL E 14 -38.47 -4.70 10.77
CA VAL E 14 -38.52 -6.06 11.32
C VAL E 14 -37.19 -6.41 11.99
N LYS E 15 -36.07 -5.91 11.45
CA LYS E 15 -34.78 -6.20 12.05
C LYS E 15 -34.63 -5.53 13.42
N VAL E 16 -35.10 -4.29 13.57
CA VAL E 16 -34.99 -3.65 14.87
C VAL E 16 -35.94 -4.29 15.86
N VAL E 17 -37.12 -4.73 15.42
CA VAL E 17 -38.01 -5.44 16.32
C VAL E 17 -37.36 -6.74 16.79
N GLU E 18 -36.73 -7.47 15.87
CA GLU E 18 -36.09 -8.73 16.26
C GLU E 18 -34.89 -8.50 17.17
N GLU E 19 -34.09 -7.47 16.89
CA GLU E 19 -32.84 -7.28 17.60
C GLU E 19 -33.08 -6.95 19.07
N LYS E 20 -33.93 -5.96 19.34
CA LYS E 20 -34.30 -5.60 20.69
C LYS E 20 -35.71 -6.11 20.95
N ALA E 21 -35.86 -6.95 21.97
CA ALA E 21 -37.11 -7.67 22.22
C ALA E 21 -38.13 -6.72 22.81
N PHE E 22 -38.68 -5.87 21.93
CA PHE E 22 -39.67 -4.87 22.29
C PHE E 22 -39.20 -4.00 23.46
N SER E 23 -37.94 -3.59 23.39
CA SER E 23 -37.38 -2.63 24.33
C SER E 23 -37.97 -1.26 24.02
N PRO E 24 -37.80 -0.28 24.92
CA PRO E 24 -38.30 1.07 24.62
C PRO E 24 -37.76 1.64 23.31
N GLU E 25 -36.56 1.25 22.89
CA GLU E 25 -35.97 1.78 21.67
C GLU E 25 -36.81 1.49 20.43
N VAL E 26 -37.91 0.74 20.56
CA VAL E 26 -38.76 0.49 19.39
C VAL E 26 -39.84 1.55 19.22
N ILE E 27 -40.29 2.22 20.27
CA ILE E 27 -41.25 3.31 20.07
C ILE E 27 -40.68 4.47 19.26
N PRO E 28 -39.44 4.93 19.50
CA PRO E 28 -38.90 5.97 18.60
C PRO E 28 -38.75 5.48 17.17
N MET E 29 -38.05 4.36 17.01
CA MET E 29 -37.67 3.88 15.68
C MET E 29 -38.91 3.69 14.80
N PHE E 30 -39.95 3.06 15.34
CA PHE E 30 -41.21 2.92 14.61
C PHE E 30 -41.73 4.28 14.16
N SER E 31 -41.85 5.22 15.09
CA SER E 31 -42.34 6.55 14.73
C SER E 31 -41.41 7.24 13.73
N ALA E 32 -40.17 6.77 13.62
CA ALA E 32 -39.26 7.32 12.63
C ALA E 32 -39.55 6.79 11.23
N LEU E 33 -40.00 5.55 11.11
CA LEU E 33 -40.16 4.91 9.81
C LEU E 33 -41.55 5.07 9.21
N SER E 34 -42.51 5.63 9.95
CA SER E 34 -43.89 5.68 9.50
C SER E 34 -44.40 7.11 9.32
N GLU E 35 -43.50 8.06 9.07
CA GLU E 35 -43.93 9.44 8.90
C GLU E 35 -44.67 9.58 7.58
N GLY E 36 -45.88 10.13 7.64
CA GLY E 36 -46.69 10.27 6.45
C GLY E 36 -47.06 8.95 5.81
N ALA E 37 -47.41 7.95 6.62
CA ALA E 37 -47.71 6.61 6.14
C ALA E 37 -49.21 6.37 6.15
N THR E 38 -49.74 5.87 5.03
CA THR E 38 -51.14 5.53 4.95
C THR E 38 -51.45 4.34 5.86
N PRO E 39 -52.69 4.22 6.35
CA PRO E 39 -53.01 3.11 7.25
C PRO E 39 -52.73 1.74 6.67
N GLN E 40 -52.88 1.55 5.35
CA GLN E 40 -52.53 0.28 4.75
C GLN E 40 -51.03 -0.01 4.91
N ASP E 41 -50.19 0.99 4.70
CA ASP E 41 -48.76 0.82 4.92
C ASP E 41 -48.46 0.50 6.37
N LEU E 42 -49.18 1.13 7.30
CA LEU E 42 -48.98 0.83 8.71
C LEU E 42 -49.36 -0.61 9.02
N ASN E 43 -50.48 -1.08 8.47
CA ASN E 43 -50.90 -2.46 8.69
C ASN E 43 -49.89 -3.44 8.13
N THR E 44 -49.35 -3.15 6.93
CA THR E 44 -48.31 -4.00 6.36
C THR E 44 -47.06 -3.98 7.23
N MET E 45 -46.70 -2.81 7.74
CA MET E 45 -45.55 -2.68 8.62
C MET E 45 -45.74 -3.47 9.91
N LEU E 46 -46.98 -3.58 10.37
CA LEU E 46 -47.26 -4.23 11.65
C LEU E 46 -47.44 -5.73 11.53
N ASN E 47 -48.01 -6.20 10.42
CA ASN E 47 -48.29 -7.62 10.25
C ASN E 47 -47.07 -8.42 9.83
N THR E 48 -46.00 -7.77 9.39
CA THR E 48 -44.86 -8.50 8.87
C THR E 48 -44.02 -9.14 9.96
N VAL E 49 -43.92 -8.51 11.13
CA VAL E 49 -43.04 -9.01 12.18
C VAL E 49 -43.50 -10.39 12.63
N GLY E 50 -42.59 -11.35 12.58
CA GLY E 50 -42.88 -12.68 13.06
C GLY E 50 -42.48 -12.87 14.51
N GLY E 51 -43.08 -13.87 15.14
CA GLY E 51 -42.84 -14.13 16.54
C GLY E 51 -43.55 -13.11 17.42
N HIS E 52 -43.31 -13.26 18.74
CA HIS E 52 -43.93 -12.40 19.74
C HIS E 52 -45.45 -12.34 19.54
N GLN E 53 -46.06 -13.53 19.48
CA GLN E 53 -47.49 -13.60 19.21
C GLN E 53 -48.31 -12.96 20.32
N ALA E 54 -47.90 -13.15 21.57
CA ALA E 54 -48.63 -12.56 22.69
C ALA E 54 -48.59 -11.03 22.62
N ALA E 55 -47.40 -10.46 22.36
CA ALA E 55 -47.29 -9.01 22.27
C ALA E 55 -48.12 -8.45 21.13
N MET E 56 -48.09 -9.11 19.97
CA MET E 56 -48.91 -8.66 18.86
C MET E 56 -50.39 -8.78 19.17
N GLN E 57 -50.78 -9.82 19.93
CA GLN E 57 -52.16 -9.93 20.37
C GLN E 57 -52.57 -8.75 21.25
N MET E 58 -51.70 -8.40 22.21
CA MET E 58 -52.00 -7.24 23.06
C MET E 58 -52.12 -5.97 22.25
N LEU E 59 -51.21 -5.77 21.29
CA LEU E 59 -51.25 -4.59 20.44
C LEU E 59 -52.55 -4.55 19.63
N LYS E 60 -52.94 -5.69 19.08
CA LYS E 60 -54.19 -5.75 18.32
C LYS E 60 -55.38 -5.41 19.19
N GLU E 61 -55.43 -5.96 20.42
CA GLU E 61 -56.52 -5.65 21.33
C GLU E 61 -56.57 -4.16 21.66
N THR E 62 -55.41 -3.55 21.87
CA THR E 62 -55.36 -2.11 22.05
C THR E 62 -55.94 -1.38 20.84
N ILE E 63 -55.64 -1.89 19.64
CA ILE E 63 -56.19 -1.28 18.43
C ILE E 63 -57.71 -1.36 18.41
N ASN E 64 -58.28 -2.52 18.73
CA ASN E 64 -59.74 -2.61 18.74
C ASN E 64 -60.33 -1.71 19.81
N GLU E 65 -59.69 -1.61 20.97
CA GLU E 65 -60.20 -0.73 22.02
C GLU E 65 -60.23 0.71 21.55
N GLU E 66 -59.14 1.17 20.94
CA GLU E 66 -59.08 2.55 20.47
C GLU E 66 -60.07 2.78 19.33
N ALA E 67 -60.25 1.79 18.45
CA ALA E 67 -61.21 1.94 17.36
C ALA E 67 -62.63 2.02 17.90
N ALA E 68 -62.96 1.21 18.90
CA ALA E 68 -64.29 1.28 19.51
C ALA E 68 -64.51 2.63 20.17
N GLU E 69 -63.48 3.14 20.88
CA GLU E 69 -63.61 4.45 21.50
C GLU E 69 -63.80 5.55 20.45
N TRP E 70 -63.07 5.46 19.34
CA TRP E 70 -63.23 6.45 18.27
C TRP E 70 -64.63 6.38 17.68
N ASP E 71 -65.14 5.17 17.46
CA ASP E 71 -66.49 5.02 16.90
C ASP E 71 -67.54 5.57 17.86
N ARG E 72 -67.35 5.34 19.17
CA ARG E 72 -68.31 5.86 20.14
C ARG E 72 -68.27 7.39 20.21
N LEU E 73 -67.06 7.96 20.31
CA LEU E 73 -66.96 9.41 20.47
C LEU E 73 -67.34 10.15 19.18
N HIS E 74 -66.94 9.62 18.03
CA HIS E 74 -67.26 10.26 16.76
C HIS E 74 -68.43 9.54 16.12
N PRO E 75 -69.63 10.11 16.11
CA PRO E 75 -70.77 9.41 15.53
C PRO E 75 -70.68 9.32 14.02
N VAL E 76 -71.31 8.29 13.47
CA VAL E 76 -71.41 8.14 12.02
C VAL E 76 -72.56 9.01 11.52
N HIS E 77 -72.45 9.45 10.27
CA HIS E 77 -73.46 10.32 9.69
C HIS E 77 -74.70 9.50 9.31
N ALA E 78 -75.71 10.20 8.79
CA ALA E 78 -76.94 9.55 8.41
C ALA E 78 -76.77 8.79 7.09
N GLY E 79 -77.84 8.15 6.65
CA GLY E 79 -77.83 7.39 5.42
C GLY E 79 -77.53 8.21 4.17
N PRO E 80 -78.22 9.33 3.99
CA PRO E 80 -77.90 10.21 2.86
C PRO E 80 -76.47 10.73 2.93
N ILE E 81 -75.87 10.87 1.75
CA ILE E 81 -74.49 11.31 1.63
C ILE E 81 -74.47 12.64 0.87
N ALA E 82 -73.42 13.42 1.11
CA ALA E 82 -73.26 14.71 0.45
C ALA E 82 -73.01 14.51 -1.04
N PRO E 83 -73.29 15.54 -1.85
CA PRO E 83 -73.01 15.42 -3.30
C PRO E 83 -71.56 15.11 -3.62
N GLY E 84 -70.62 15.54 -2.76
CA GLY E 84 -69.23 15.15 -2.93
C GLY E 84 -68.98 13.67 -2.72
N GLN E 85 -69.94 12.96 -2.13
CA GLN E 85 -69.85 11.51 -1.92
C GLN E 85 -68.60 11.14 -1.11
N MET E 86 -68.34 11.89 -0.05
CA MET E 86 -67.21 11.64 0.84
C MET E 86 -67.72 11.01 2.12
N ARG E 87 -67.16 9.86 2.48
CA ARG E 87 -67.63 9.08 3.62
C ARG E 87 -66.77 9.37 4.84
N GLU E 88 -67.42 9.61 5.98
CA GLU E 88 -66.69 9.78 7.23
C GLU E 88 -66.07 8.46 7.64
N PRO E 89 -64.79 8.43 8.02
CA PRO E 89 -64.14 7.16 8.38
C PRO E 89 -64.68 6.63 9.70
N ARG E 90 -65.09 5.36 9.70
CA ARG E 90 -65.57 4.71 10.90
C ARG E 90 -64.40 4.27 11.76
N GLY E 91 -64.69 3.54 12.84
CA GLY E 91 -63.65 3.14 13.76
C GLY E 91 -62.62 2.22 13.13
N SER E 92 -63.08 1.24 12.34
CA SER E 92 -62.18 0.30 11.70
C SER E 92 -61.56 0.83 10.42
N ASP E 93 -62.09 1.94 9.88
CA ASP E 93 -61.48 2.52 8.68
C ASP E 93 -60.08 3.03 8.97
N ILE E 94 -59.89 3.63 10.14
CA ILE E 94 -58.56 4.13 10.50
C ILE E 94 -57.57 2.99 10.61
N ALA E 95 -57.98 1.88 11.22
CA ALA E 95 -57.11 0.71 11.31
C ALA E 95 -56.87 0.04 9.97
N GLY E 96 -57.62 0.41 8.93
CA GLY E 96 -57.44 -0.15 7.61
C GLY E 96 -58.12 -1.47 7.37
N THR E 97 -58.88 -1.98 8.35
CA THR E 97 -59.54 -3.27 8.18
C THR E 97 -60.60 -3.21 7.09
N THR E 98 -61.40 -2.15 7.06
CA THR E 98 -62.50 -2.03 6.12
C THR E 98 -62.36 -0.80 5.22
N SER E 99 -61.13 -0.35 4.99
CA SER E 99 -60.88 0.81 4.14
C SER E 99 -59.81 0.46 3.12
N THR E 100 -60.05 0.83 1.87
CA THR E 100 -59.08 0.60 0.81
C THR E 100 -58.00 1.67 0.81
N LEU E 101 -56.95 1.43 0.02
CA LEU E 101 -55.86 2.40 -0.08
C LEU E 101 -56.34 3.71 -0.70
N GLN E 102 -57.21 3.62 -1.70
CA GLN E 102 -57.72 4.84 -2.35
C GLN E 102 -58.50 5.70 -1.38
N GLU E 103 -59.34 5.09 -0.54
CA GLU E 103 -60.10 5.85 0.44
C GLU E 103 -59.19 6.50 1.47
N GLN E 104 -58.16 5.78 1.92
CA GLN E 104 -57.22 6.37 2.87
C GLN E 104 -56.47 7.55 2.25
N ILE E 105 -56.06 7.40 0.99
CA ILE E 105 -55.37 8.51 0.31
C ILE E 105 -56.30 9.71 0.15
N GLY E 106 -57.57 9.45 -0.20
CA GLY E 106 -58.52 10.54 -0.31
C GLY E 106 -58.73 11.26 1.01
N TRP E 107 -58.81 10.49 2.10
CA TRP E 107 -58.93 11.11 3.43
C TRP E 107 -57.70 11.93 3.77
N MET E 108 -56.51 11.40 3.48
CA MET E 108 -55.28 12.08 3.86
C MET E 108 -54.97 13.29 2.98
N THR E 109 -55.53 13.35 1.77
CA THR E 109 -55.27 14.45 0.85
C THR E 109 -56.46 15.39 0.72
N HIS E 110 -57.49 15.23 1.54
CA HIS E 110 -58.63 16.13 1.50
C HIS E 110 -58.26 17.49 2.09
N ASN E 111 -59.07 18.49 1.77
CA ASN E 111 -58.92 19.83 2.34
C ASN E 111 -60.18 20.21 3.10
N PRO E 112 -60.18 20.18 4.45
CA PRO E 112 -59.06 19.85 5.35
C PRO E 112 -58.77 18.35 5.40
N PRO E 113 -57.55 17.95 5.75
CA PRO E 113 -57.20 16.53 5.76
C PRO E 113 -57.55 15.85 7.07
N ILE E 114 -58.05 14.63 6.96
CA ILE E 114 -58.30 13.78 8.11
C ILE E 114 -57.12 12.81 8.24
N PRO E 115 -56.17 13.06 9.12
CA PRO E 115 -54.96 12.21 9.18
C PRO E 115 -55.24 10.84 9.80
N VAL E 116 -55.88 9.99 9.00
CA VAL E 116 -56.17 8.63 9.46
C VAL E 116 -54.86 7.89 9.72
N GLY E 117 -53.84 8.14 8.92
CA GLY E 117 -52.54 7.55 9.18
C GLY E 117 -51.98 7.97 10.52
N GLU E 118 -52.10 9.26 10.86
CA GLU E 118 -51.62 9.74 12.14
C GLU E 118 -52.39 9.11 13.30
N ILE E 119 -53.71 8.99 13.17
CA ILE E 119 -54.51 8.41 14.23
C ILE E 119 -54.14 6.95 14.45
N TYR E 120 -54.01 6.19 13.36
CA TYR E 120 -53.64 4.80 13.49
C TYR E 120 -52.22 4.65 14.05
N LYS E 121 -51.32 5.56 13.65
CA LYS E 121 -49.98 5.53 14.21
C LYS E 121 -50.00 5.80 15.71
N ARG E 122 -50.87 6.72 16.15
CA ARG E 122 -51.00 6.97 17.58
C ARG E 122 -51.54 5.75 18.32
N TRP E 123 -52.53 5.06 17.73
CA TRP E 123 -53.06 3.85 18.37
C TRP E 123 -51.99 2.77 18.47
N ILE E 124 -51.21 2.59 17.40
CA ILE E 124 -50.14 1.59 17.43
C ILE E 124 -49.07 1.99 18.43
N ILE E 125 -48.82 3.29 18.57
CA ILE E 125 -47.86 3.77 19.57
C ILE E 125 -48.35 3.44 20.97
N LEU E 126 -49.65 3.64 21.22
CA LEU E 126 -50.23 3.30 22.52
C LEU E 126 -50.08 1.80 22.80
N GLY E 127 -50.36 0.98 21.79
CA GLY E 127 -50.20 -0.46 21.95
C GLY E 127 -48.76 -0.85 22.23
N LEU E 128 -47.81 -0.24 21.53
CA LEU E 128 -46.41 -0.54 21.76
C LEU E 128 -45.98 -0.11 23.16
N ASN E 129 -46.48 1.03 23.62
CA ASN E 129 -46.18 1.46 24.98
C ASN E 129 -46.70 0.46 26.00
N LYS E 130 -47.92 -0.04 25.80
CA LYS E 130 -48.43 -1.09 26.67
C LYS E 130 -47.55 -2.33 26.62
N ILE E 131 -47.12 -2.70 25.41
CA ILE E 131 -46.30 -3.90 25.23
C ILE E 131 -45.01 -3.79 26.05
N VAL E 132 -44.30 -2.67 25.90
CA VAL E 132 -43.05 -2.52 26.64
C VAL E 132 -43.35 -2.37 28.13
N ARG E 133 -44.51 -1.83 28.48
CA ARG E 133 -44.85 -1.66 29.89
C ARG E 133 -44.98 -3.00 30.60
N MET E 134 -45.78 -3.92 30.04
CA MET E 134 -46.08 -5.16 30.75
C MET E 134 -45.53 -6.42 30.08
N TYR E 135 -45.60 -6.53 28.76
CA TYR E 135 -45.20 -7.78 28.12
C TYR E 135 -43.70 -8.00 28.25
N SER E 136 -43.34 -9.24 28.56
CA SER E 136 -41.94 -9.63 28.73
C SER E 136 -41.62 -10.79 27.78
N PRO E 137 -40.70 -10.62 26.85
CA PRO E 137 -40.38 -11.69 25.90
C PRO E 137 -39.65 -12.84 26.57
N THR E 138 -39.73 -14.00 25.93
CA THR E 138 -39.05 -15.21 26.39
C THR E 138 -37.78 -15.44 25.59
N SER E 139 -36.88 -16.23 26.18
CA SER E 139 -35.58 -16.50 25.57
C SER E 139 -35.11 -17.88 26.03
N ILE E 140 -34.11 -18.39 25.33
CA ILE E 140 -33.60 -19.72 25.63
C ILE E 140 -32.99 -19.77 27.03
N LEU E 141 -32.37 -18.68 27.47
CA LEU E 141 -31.77 -18.65 28.79
C LEU E 141 -32.80 -18.69 29.91
N ASP E 142 -34.04 -18.32 29.61
CA ASP E 142 -35.11 -18.36 30.61
C ASP E 142 -35.63 -19.76 30.87
N ILE E 143 -35.26 -20.73 30.04
CA ILE E 143 -35.77 -22.10 30.15
C ILE E 143 -34.93 -22.83 31.20
N ARG E 144 -35.57 -23.22 32.31
CA ARG E 144 -34.94 -24.01 33.34
C ARG E 144 -35.85 -25.18 33.71
N GLN E 145 -35.24 -26.30 34.06
CA GLN E 145 -36.01 -27.47 34.45
C GLN E 145 -36.69 -27.25 35.79
N GLY E 146 -37.95 -27.66 35.88
CA GLY E 146 -38.71 -27.53 37.09
C GLY E 146 -38.23 -28.46 38.18
N PRO E 147 -38.60 -28.18 39.42
CA PRO E 147 -38.18 -29.06 40.53
C PRO E 147 -38.67 -30.48 40.40
N LYS E 148 -39.89 -30.67 39.88
CA LYS E 148 -40.49 -31.98 39.70
C LYS E 148 -40.94 -32.16 38.26
N GLU E 149 -40.06 -31.79 37.32
CA GLU E 149 -40.40 -31.85 35.91
C GLU E 149 -39.66 -33.00 35.22
N PRO E 150 -40.34 -33.77 34.39
CA PRO E 150 -39.67 -34.82 33.63
C PRO E 150 -38.64 -34.22 32.66
N PHE E 151 -37.56 -34.97 32.45
CA PHE E 151 -36.50 -34.49 31.57
C PHE E 151 -36.96 -34.41 30.12
N ARG E 152 -37.85 -35.32 29.70
CA ARG E 152 -38.34 -35.29 28.33
C ARG E 152 -39.14 -34.03 28.04
N ASP E 153 -40.04 -33.66 28.95
CA ASP E 153 -40.83 -32.45 28.76
C ASP E 153 -39.94 -31.21 28.78
N TYR E 154 -38.94 -31.19 29.68
CA TYR E 154 -38.02 -30.06 29.71
C TYR E 154 -37.24 -29.95 28.41
N VAL E 155 -36.79 -31.08 27.87
CA VAL E 155 -36.07 -31.06 26.60
C VAL E 155 -36.98 -30.57 25.49
N ASP E 156 -38.23 -31.02 25.49
CA ASP E 156 -39.17 -30.57 24.46
C ASP E 156 -39.37 -29.07 24.53
N ARG E 157 -39.56 -28.52 25.73
CA ARG E 157 -39.71 -27.08 25.88
C ARG E 157 -38.46 -26.34 25.45
N PHE E 158 -37.28 -26.86 25.85
CA PHE E 158 -36.02 -26.24 25.48
C PHE E 158 -35.86 -26.16 23.97
N TYR E 159 -36.15 -27.27 23.28
CA TYR E 159 -35.97 -27.29 21.84
C TYR E 159 -37.03 -26.46 21.13
N LYS E 160 -38.25 -26.41 21.67
CA LYS E 160 -39.27 -25.55 21.06
C LYS E 160 -38.86 -24.08 21.15
N THR E 161 -38.45 -23.64 22.33
CA THR E 161 -38.00 -22.25 22.46
C THR E 161 -36.76 -21.99 21.62
N LEU E 162 -35.86 -22.98 21.53
CA LEU E 162 -34.65 -22.81 20.76
C LEU E 162 -34.96 -22.66 19.27
N ARG E 163 -35.90 -23.46 18.76
CA ARG E 163 -36.32 -23.32 17.37
C ARG E 163 -36.98 -21.97 17.13
N ALA E 164 -37.81 -21.53 18.08
CA ALA E 164 -38.45 -20.22 17.93
C ALA E 164 -37.45 -19.08 18.00
N GLU E 165 -36.24 -19.34 18.48
CA GLU E 165 -35.24 -18.28 18.65
C GLU E 165 -34.66 -17.86 17.31
N GLN E 166 -34.36 -16.57 17.20
CA GLN E 166 -33.71 -15.99 16.02
C GLN E 166 -32.21 -15.97 16.28
N ALA E 167 -31.49 -16.90 15.66
CA ALA E 167 -30.04 -17.01 15.83
C ALA E 167 -29.48 -17.80 14.66
N SER E 168 -28.21 -18.17 14.75
CA SER E 168 -27.53 -18.95 13.73
C SER E 168 -27.40 -20.41 14.18
N GLN E 169 -27.16 -21.28 13.20
CA GLN E 169 -27.14 -22.71 13.48
C GLN E 169 -25.98 -23.09 14.40
N GLU E 170 -24.81 -22.49 14.19
CA GLU E 170 -23.65 -22.82 15.02
C GLU E 170 -23.87 -22.40 16.47
N VAL E 171 -24.37 -21.18 16.68
CA VAL E 171 -24.63 -20.75 18.05
C VAL E 171 -25.76 -21.54 18.66
N LYS E 172 -26.74 -21.98 17.85
CA LYS E 172 -27.80 -22.83 18.36
C LYS E 172 -27.24 -24.17 18.83
N ASN E 173 -26.32 -24.76 18.06
CA ASN E 173 -25.69 -26.00 18.48
C ASN E 173 -24.89 -25.81 19.75
N TRP E 174 -24.17 -24.69 19.85
CA TRP E 174 -23.39 -24.46 21.08
C TRP E 174 -24.30 -24.26 22.28
N MET E 175 -25.43 -23.58 22.09
CA MET E 175 -26.44 -23.48 23.13
C MET E 175 -26.94 -24.85 23.56
N THR E 176 -27.27 -25.70 22.59
CA THR E 176 -27.67 -27.06 22.93
C THR E 176 -26.59 -27.76 23.73
N GLU E 177 -25.33 -27.53 23.37
CA GLU E 177 -24.22 -28.19 24.05
C GLU E 177 -24.13 -27.77 25.52
N THR E 178 -24.27 -26.47 25.81
CA THR E 178 -23.98 -25.99 27.16
C THR E 178 -25.24 -25.70 27.99
N LEU E 179 -26.19 -24.93 27.45
CA LEU E 179 -27.31 -24.46 28.25
C LEU E 179 -28.19 -25.61 28.74
N LEU E 180 -28.43 -26.60 27.89
CA LEU E 180 -29.38 -27.66 28.25
C LEU E 180 -28.93 -28.41 29.48
N VAL E 181 -27.64 -28.73 29.58
CA VAL E 181 -27.13 -29.37 30.79
C VAL E 181 -26.85 -28.36 31.89
N GLN E 182 -26.71 -27.08 31.55
CA GLN E 182 -26.47 -26.07 32.58
C GLN E 182 -27.72 -25.81 33.41
N ASN E 183 -28.88 -25.67 32.76
CA ASN E 183 -30.14 -25.44 33.44
C ASN E 183 -30.86 -26.77 33.58
N ALA E 184 -30.79 -27.36 34.77
CA ALA E 184 -31.44 -28.64 35.03
C ALA E 184 -31.69 -28.79 36.52
N ASN E 185 -32.55 -29.73 36.86
CA ASN E 185 -32.80 -30.05 38.25
C ASN E 185 -31.51 -30.51 38.91
N PRO E 186 -31.31 -30.21 40.19
CA PRO E 186 -30.10 -30.68 40.87
C PRO E 186 -29.91 -32.19 40.78
N ASP E 187 -30.99 -32.97 40.86
CA ASP E 187 -30.89 -34.41 40.65
C ASP E 187 -30.50 -34.72 39.22
N CYS E 188 -31.18 -34.12 38.25
CA CYS E 188 -30.83 -34.32 36.85
C CYS E 188 -29.42 -33.81 36.56
N LYS E 189 -29.06 -32.67 37.14
CA LYS E 189 -27.73 -32.11 36.90
C LYS E 189 -26.65 -33.03 37.46
N THR E 190 -26.84 -33.58 38.66
CA THR E 190 -25.82 -34.45 39.21
C THR E 190 -25.77 -35.79 38.49
N ILE E 191 -26.91 -36.27 37.98
CA ILE E 191 -26.89 -37.49 37.18
C ILE E 191 -26.12 -37.26 35.89
N LEU E 192 -26.35 -36.12 35.23
CA LEU E 192 -25.64 -35.84 33.98
C LEU E 192 -24.17 -35.54 34.22
N LYS E 193 -23.81 -34.96 35.36
CA LYS E 193 -22.41 -34.74 35.67
C LYS E 193 -21.71 -36.05 36.01
N ALA E 194 -22.40 -36.98 36.66
CA ALA E 194 -21.83 -38.30 36.88
C ALA E 194 -21.61 -39.04 35.57
N LEU E 195 -22.36 -38.68 34.53
CA LEU E 195 -22.15 -39.23 33.20
C LEU E 195 -20.89 -38.63 32.59
N GLY E 196 -20.57 -39.08 31.37
CA GLY E 196 -19.42 -38.58 30.66
C GLY E 196 -19.62 -37.15 30.20
N PRO E 197 -18.54 -36.39 30.05
CA PRO E 197 -18.67 -35.02 29.53
C PRO E 197 -19.30 -34.96 28.15
N GLY E 198 -19.02 -35.93 27.30
CA GLY E 198 -19.64 -36.00 26.00
C GLY E 198 -20.56 -37.20 25.86
N ALA E 199 -21.87 -36.95 25.84
CA ALA E 199 -22.85 -38.02 25.69
C ALA E 199 -23.98 -37.52 24.80
N THR E 200 -24.58 -38.46 24.06
CA THR E 200 -25.66 -38.12 23.16
C THR E 200 -26.93 -37.79 23.95
N LEU E 201 -27.87 -37.14 23.26
CA LEU E 201 -29.11 -36.74 23.91
C LEU E 201 -29.91 -37.94 24.38
N GLU E 202 -29.93 -39.01 23.58
CA GLU E 202 -30.67 -40.21 23.97
C GLU E 202 -30.10 -40.83 25.24
N GLU E 203 -28.76 -40.85 25.36
CA GLU E 203 -28.15 -41.36 26.58
C GLU E 203 -28.52 -40.49 27.78
N MET E 204 -28.53 -39.17 27.59
CA MET E 204 -28.91 -38.27 28.68
C MET E 204 -30.34 -38.52 29.12
N MET E 205 -31.25 -38.66 28.16
CA MET E 205 -32.65 -38.90 28.50
C MET E 205 -32.83 -40.25 29.18
N THR E 206 -32.13 -41.28 28.71
CA THR E 206 -32.22 -42.58 29.37
C THR E 206 -31.69 -42.51 30.79
N ALA E 207 -30.59 -41.79 31.02
CA ALA E 207 -30.06 -41.63 32.37
C ALA E 207 -31.04 -40.87 33.27
N CYS E 208 -31.68 -39.84 32.74
CA CYS E 208 -32.54 -38.99 33.54
C CYS E 208 -33.97 -39.50 33.66
N GLN E 209 -34.33 -40.57 32.94
CA GLN E 209 -35.65 -41.14 33.09
C GLN E 209 -35.91 -41.66 34.49
N GLY E 210 -34.87 -41.88 35.29
CA GLY E 210 -35.06 -42.43 36.61
C GLY E 210 -35.56 -41.45 37.65
N VAL E 211 -35.20 -40.16 37.50
CA VAL E 211 -35.51 -39.19 38.55
C VAL E 211 -37.01 -39.03 38.69
N GLY E 212 -37.46 -38.92 39.94
CA GLY E 212 -38.88 -38.81 40.24
C GLY E 212 -39.60 -40.13 40.36
N GLY E 213 -38.95 -41.25 40.01
CA GLY E 213 -39.56 -42.55 40.14
C GLY E 213 -39.34 -43.14 41.52
N PRO E 214 -40.09 -44.19 41.85
CA PRO E 214 -39.93 -44.80 43.18
C PRO E 214 -38.52 -45.27 43.46
N GLY E 215 -37.84 -45.85 42.46
CA GLY E 215 -36.49 -46.32 42.68
C GLY E 215 -35.52 -45.18 42.99
N HIS E 216 -35.59 -44.11 42.21
CA HIS E 216 -34.72 -42.97 42.45
C HIS E 216 -35.01 -42.32 43.80
N LYS E 217 -36.29 -42.20 44.15
CA LYS E 217 -36.66 -41.61 45.43
C LYS E 217 -36.12 -42.44 46.59
N ALA E 218 -36.28 -43.77 46.51
CA ALA E 218 -35.73 -44.63 47.55
C ALA E 218 -34.21 -44.51 47.61
N ARG E 219 -33.56 -44.43 46.45
CA ARG E 219 -32.10 -44.34 46.43
C ARG E 219 -31.62 -43.07 47.10
N VAL E 220 -32.24 -41.93 46.78
CA VAL E 220 -31.76 -40.66 47.35
C VAL E 220 -32.09 -40.60 48.84
N ILE E 221 -33.26 -41.11 49.24
CA ILE E 221 -33.61 -41.12 50.65
C ILE E 221 -32.60 -41.96 51.43
N ALA E 222 -32.28 -43.15 50.93
CA ALA E 222 -31.31 -44.01 51.60
C ALA E 222 -29.93 -43.38 51.63
N GLU E 223 -29.52 -42.76 50.52
CA GLU E 223 -28.19 -42.13 50.48
C GLU E 223 -28.09 -40.99 51.49
N ALA E 224 -29.13 -40.15 51.57
CA ALA E 224 -29.12 -39.06 52.53
C ALA E 224 -29.12 -39.58 53.96
N MET E 225 -29.94 -40.60 54.24
CA MET E 225 -29.99 -41.15 55.59
C MET E 225 -28.66 -41.77 55.98
N SER E 226 -27.97 -42.41 55.04
CA SER E 226 -26.65 -42.96 55.34
C SER E 226 -25.62 -41.86 55.53
N GLN E 227 -25.68 -40.81 54.72
CA GLN E 227 -24.70 -39.73 54.82
C GLN E 227 -24.83 -38.96 56.13
N VAL E 228 -26.06 -38.65 56.54
CA VAL E 228 -26.23 -37.90 57.78
C VAL E 228 -25.82 -38.74 58.99
N THR E 229 -26.05 -40.05 58.94
CA THR E 229 -25.69 -40.93 60.04
C THR E 229 -24.94 -42.16 59.55
N HIS F 2 -56.55 -28.43 -18.89
CA HIS F 2 -55.61 -29.03 -19.83
C HIS F 2 -54.71 -30.04 -19.12
N GLN F 3 -53.43 -29.70 -18.99
CA GLN F 3 -52.50 -30.59 -18.30
C GLN F 3 -52.89 -30.73 -16.83
N ALA F 4 -52.89 -31.96 -16.34
CA ALA F 4 -53.23 -32.26 -14.97
C ALA F 4 -52.08 -33.04 -14.33
N ILE F 5 -52.04 -32.98 -12.99
CA ILE F 5 -51.00 -33.67 -12.25
C ILE F 5 -51.15 -35.18 -12.42
N SER F 6 -50.03 -35.86 -12.63
CA SER F 6 -50.06 -37.28 -12.92
C SER F 6 -50.26 -38.09 -11.64
N PRO F 7 -50.96 -39.23 -11.71
CA PRO F 7 -51.04 -40.10 -10.52
C PRO F 7 -49.70 -40.57 -10.03
N ARG F 8 -48.77 -40.87 -10.93
CA ARG F 8 -47.42 -41.23 -10.52
C ARG F 8 -46.72 -40.04 -9.87
N THR F 9 -47.01 -38.83 -10.34
CA THR F 9 -46.46 -37.64 -9.71
C THR F 9 -46.95 -37.50 -8.27
N LEU F 10 -48.25 -37.74 -8.05
CA LEU F 10 -48.79 -37.73 -6.70
C LEU F 10 -48.14 -38.79 -5.83
N ASN F 11 -47.98 -40.00 -6.36
CA ASN F 11 -47.37 -41.06 -5.58
C ASN F 11 -45.94 -40.71 -5.20
N ALA F 12 -45.18 -40.16 -6.14
CA ALA F 12 -43.82 -39.74 -5.82
C ALA F 12 -43.82 -38.63 -4.78
N TRP F 13 -44.73 -37.66 -4.91
CA TRP F 13 -44.79 -36.56 -3.95
C TRP F 13 -45.05 -37.06 -2.54
N VAL F 14 -46.08 -37.89 -2.38
CA VAL F 14 -46.38 -38.41 -1.05
C VAL F 14 -45.23 -39.28 -0.55
N LYS F 15 -44.54 -39.98 -1.47
CA LYS F 15 -43.38 -40.77 -1.04
C LYS F 15 -42.29 -39.88 -0.46
N VAL F 16 -42.03 -38.73 -1.10
CA VAL F 16 -41.09 -37.78 -0.52
C VAL F 16 -41.56 -37.31 0.84
N VAL F 17 -42.86 -37.02 0.97
CA VAL F 17 -43.36 -36.51 2.26
C VAL F 17 -43.13 -37.54 3.37
N GLU F 18 -43.47 -38.80 3.12
CA GLU F 18 -43.26 -39.80 4.17
C GLU F 18 -41.78 -40.07 4.42
N GLU F 19 -40.98 -40.19 3.36
CA GLU F 19 -39.58 -40.59 3.54
C GLU F 19 -38.76 -39.49 4.19
N LYS F 20 -38.89 -38.26 3.71
CA LYS F 20 -38.08 -37.15 4.22
C LYS F 20 -38.60 -36.62 5.55
N ALA F 21 -39.85 -36.88 5.90
CA ALA F 21 -40.46 -36.40 7.14
C ALA F 21 -40.34 -34.88 7.25
N PHE F 22 -40.73 -34.20 6.17
CA PHE F 22 -40.68 -32.73 6.09
C PHE F 22 -39.28 -32.19 6.38
N SER F 23 -38.27 -32.88 5.85
CA SER F 23 -36.92 -32.36 5.83
C SER F 23 -36.84 -31.20 4.84
N PRO F 24 -35.82 -30.35 4.95
CA PRO F 24 -35.68 -29.25 3.97
C PRO F 24 -35.66 -29.72 2.53
N GLU F 25 -35.21 -30.96 2.28
CA GLU F 25 -35.19 -31.49 0.92
C GLU F 25 -36.58 -31.66 0.32
N VAL F 26 -37.64 -31.57 1.13
CA VAL F 26 -38.98 -31.60 0.57
C VAL F 26 -39.34 -30.28 -0.10
N ILE F 27 -38.65 -29.20 0.24
CA ILE F 27 -38.93 -27.91 -0.41
C ILE F 27 -38.60 -27.93 -1.90
N PRO F 28 -37.42 -28.40 -2.34
CA PRO F 28 -37.16 -28.42 -3.78
C PRO F 28 -38.11 -29.33 -4.55
N MET F 29 -38.33 -30.55 -4.04
CA MET F 29 -39.11 -31.55 -4.78
C MET F 29 -40.49 -31.01 -5.11
N PHE F 30 -41.16 -30.37 -4.15
CA PHE F 30 -42.44 -29.73 -4.42
C PHE F 30 -42.31 -28.74 -5.57
N SER F 31 -41.36 -27.82 -5.48
CA SER F 31 -41.13 -26.87 -6.56
C SER F 31 -40.67 -27.56 -7.84
N ALA F 32 -40.12 -28.77 -7.72
CA ALA F 32 -39.71 -29.54 -8.88
C ALA F 32 -40.82 -30.43 -9.42
N LEU F 33 -41.96 -30.53 -8.73
CA LEU F 33 -43.05 -31.39 -9.16
C LEU F 33 -44.33 -30.63 -9.50
N SER F 34 -44.42 -29.35 -9.19
CA SER F 34 -45.65 -28.59 -9.37
C SER F 34 -45.44 -27.37 -10.27
N GLU F 35 -44.48 -27.46 -11.20
CA GLU F 35 -44.26 -26.37 -12.13
C GLU F 35 -45.44 -26.26 -13.09
N GLY F 36 -45.98 -25.06 -13.25
CA GLY F 36 -47.14 -24.86 -14.09
C GLY F 36 -48.35 -25.64 -13.63
N ALA F 37 -48.59 -25.69 -12.32
CA ALA F 37 -49.66 -26.48 -11.74
C ALA F 37 -50.84 -25.59 -11.37
N THR F 38 -52.03 -26.03 -11.74
CA THR F 38 -53.24 -25.32 -11.38
C THR F 38 -53.40 -25.31 -9.86
N PRO F 39 -53.90 -24.23 -9.27
CA PRO F 39 -54.08 -24.22 -7.81
C PRO F 39 -54.95 -25.34 -7.29
N GLN F 40 -55.94 -25.80 -8.07
CA GLN F 40 -56.68 -26.99 -7.67
C GLN F 40 -55.78 -28.22 -7.64
N ASP F 41 -54.88 -28.33 -8.62
CA ASP F 41 -53.89 -29.40 -8.60
C ASP F 41 -52.97 -29.29 -7.39
N LEU F 42 -52.63 -28.05 -7.01
CA LEU F 42 -51.83 -27.86 -5.80
C LEU F 42 -52.58 -28.29 -4.56
N ASN F 43 -53.88 -28.00 -4.51
CA ASN F 43 -54.70 -28.45 -3.38
C ASN F 43 -54.76 -29.96 -3.30
N THR F 44 -54.93 -30.62 -4.46
CA THR F 44 -54.91 -32.08 -4.47
C THR F 44 -53.55 -32.62 -4.04
N MET F 45 -52.47 -31.99 -4.50
CA MET F 45 -51.12 -32.39 -4.11
C MET F 45 -50.92 -32.25 -2.61
N LEU F 46 -51.51 -31.23 -1.99
CA LEU F 46 -51.36 -31.02 -0.56
C LEU F 46 -52.25 -31.96 0.25
N ASN F 47 -53.45 -32.26 -0.24
CA ASN F 47 -54.44 -32.97 0.57
C ASN F 47 -54.02 -34.42 0.83
N THR F 48 -53.48 -35.09 -0.19
CA THR F 48 -53.19 -36.52 -0.09
C THR F 48 -51.97 -36.85 0.76
N VAL F 49 -51.42 -35.88 1.49
CA VAL F 49 -50.31 -36.16 2.39
C VAL F 49 -50.85 -36.92 3.59
N GLY F 50 -50.37 -38.14 3.79
CA GLY F 50 -50.82 -38.95 4.91
C GLY F 50 -50.14 -38.57 6.20
N GLY F 51 -50.92 -38.49 7.28
CA GLY F 51 -50.35 -38.15 8.56
C GLY F 51 -49.88 -36.71 8.62
N HIS F 52 -49.06 -36.43 9.63
CA HIS F 52 -48.48 -35.11 9.86
C HIS F 52 -49.58 -34.05 9.91
N GLN F 53 -50.53 -34.26 10.83
CA GLN F 53 -51.65 -33.35 10.96
C GLN F 53 -51.20 -31.97 11.45
N ALA F 54 -50.17 -31.93 12.31
CA ALA F 54 -49.64 -30.66 12.75
C ALA F 54 -49.03 -29.88 11.57
N ALA F 55 -48.32 -30.57 10.69
CA ALA F 55 -47.77 -29.91 9.51
C ALA F 55 -48.87 -29.33 8.66
N MET F 56 -49.93 -30.11 8.41
CA MET F 56 -51.04 -29.62 7.60
C MET F 56 -51.72 -28.43 8.25
N GLN F 57 -51.87 -28.47 9.58
CA GLN F 57 -52.49 -27.35 10.28
C GLN F 57 -51.66 -26.07 10.14
N MET F 58 -50.34 -26.18 10.36
CA MET F 58 -49.48 -25.00 10.22
C MET F 58 -49.48 -24.49 8.79
N LEU F 59 -49.42 -25.39 7.83
CA LEU F 59 -49.34 -24.98 6.43
C LEU F 59 -50.63 -24.30 6.00
N LYS F 60 -51.77 -24.86 6.42
CA LYS F 60 -53.07 -24.26 6.12
C LYS F 60 -53.21 -22.89 6.80
N GLU F 61 -52.69 -22.77 8.03
CA GLU F 61 -52.66 -21.45 8.66
C GLU F 61 -51.86 -20.47 7.82
N THR F 62 -50.76 -20.93 7.23
CA THR F 62 -49.97 -20.06 6.37
C THR F 62 -50.75 -19.64 5.13
N ILE F 63 -51.45 -20.58 4.49
CA ILE F 63 -52.29 -20.16 3.35
C ILE F 63 -53.32 -19.14 3.81
N ASN F 64 -53.93 -19.36 4.96
CA ASN F 64 -54.96 -18.44 5.44
C ASN F 64 -54.38 -17.05 5.66
N GLU F 65 -53.22 -16.96 6.29
CA GLU F 65 -52.59 -15.67 6.53
C GLU F 65 -52.24 -14.97 5.23
N GLU F 66 -51.62 -15.69 4.29
CA GLU F 66 -51.21 -15.07 3.04
C GLU F 66 -52.42 -14.67 2.20
N ALA F 67 -53.49 -15.47 2.23
CA ALA F 67 -54.69 -15.11 1.51
C ALA F 67 -55.36 -13.88 2.12
N ALA F 68 -55.38 -13.79 3.45
CA ALA F 68 -55.93 -12.60 4.08
C ALA F 68 -55.11 -11.37 3.72
N GLU F 69 -53.78 -11.48 3.69
CA GLU F 69 -52.95 -10.34 3.32
C GLU F 69 -53.14 -9.98 1.85
N TRP F 70 -53.32 -10.97 0.98
CA TRP F 70 -53.61 -10.68 -0.42
C TRP F 70 -54.94 -9.97 -0.57
N ASP F 71 -55.94 -10.38 0.21
CA ASP F 71 -57.23 -9.69 0.20
C ASP F 71 -57.08 -8.25 0.67
N ARG F 72 -56.25 -8.04 1.69
CA ARG F 72 -56.05 -6.69 2.21
C ARG F 72 -55.35 -5.80 1.18
N LEU F 73 -54.26 -6.28 0.60
CA LEU F 73 -53.46 -5.45 -0.29
C LEU F 73 -54.10 -5.24 -1.66
N HIS F 74 -55.11 -6.04 -2.02
CA HIS F 74 -55.73 -5.93 -3.33
C HIS F 74 -57.22 -5.66 -3.18
N PRO F 75 -57.73 -4.57 -3.74
CA PRO F 75 -59.13 -4.23 -3.57
C PRO F 75 -60.02 -5.07 -4.48
N VAL F 76 -61.33 -4.79 -4.41
CA VAL F 76 -62.33 -5.45 -5.24
C VAL F 76 -63.00 -4.38 -6.08
N HIS F 77 -63.01 -4.58 -7.40
CA HIS F 77 -63.66 -3.63 -8.30
C HIS F 77 -65.17 -3.79 -8.22
N ALA F 78 -65.87 -2.73 -7.83
CA ALA F 78 -67.33 -2.76 -7.69
C ALA F 78 -67.96 -2.31 -9.00
N GLY F 79 -68.51 -3.25 -9.75
CA GLY F 79 -69.16 -2.96 -11.00
C GLY F 79 -69.45 -4.20 -11.80
N PRO F 80 -70.30 -4.07 -12.82
CA PRO F 80 -70.58 -5.21 -13.70
C PRO F 80 -69.33 -5.67 -14.43
N ILE F 81 -69.24 -6.98 -14.66
CA ILE F 81 -68.08 -7.57 -15.32
C ILE F 81 -68.22 -7.34 -16.82
N ALA F 82 -67.27 -6.63 -17.41
CA ALA F 82 -67.30 -6.35 -18.84
C ALA F 82 -67.01 -7.63 -19.63
N PRO F 83 -67.54 -7.74 -20.85
CA PRO F 83 -67.22 -8.89 -21.69
C PRO F 83 -65.74 -8.93 -22.03
N GLY F 84 -65.23 -10.15 -22.19
CA GLY F 84 -63.81 -10.34 -22.41
C GLY F 84 -62.96 -10.33 -21.16
N GLN F 85 -63.58 -10.31 -19.99
CA GLN F 85 -62.87 -10.31 -18.72
C GLN F 85 -63.72 -11.02 -17.68
N MET F 86 -63.08 -11.40 -16.59
CA MET F 86 -63.76 -12.07 -15.48
C MET F 86 -63.40 -11.38 -14.17
N ARG F 87 -64.01 -11.88 -13.10
CA ARG F 87 -63.77 -11.30 -11.77
C ARG F 87 -62.32 -11.48 -11.35
N GLU F 88 -61.77 -10.45 -10.73
CA GLU F 88 -60.40 -10.53 -10.24
C GLU F 88 -60.31 -11.53 -9.09
N PRO F 89 -59.21 -12.29 -9.01
CA PRO F 89 -59.10 -13.32 -7.98
C PRO F 89 -58.98 -12.73 -6.58
N ARG F 90 -59.50 -13.47 -5.61
CA ARG F 90 -59.35 -13.17 -4.19
C ARG F 90 -58.37 -14.14 -3.57
N GLY F 91 -58.14 -14.00 -2.27
CA GLY F 91 -57.21 -14.89 -1.59
C GLY F 91 -57.66 -16.33 -1.65
N SER F 92 -58.96 -16.57 -1.41
CA SER F 92 -59.51 -17.91 -1.54
C SER F 92 -59.40 -18.41 -2.97
N ASP F 93 -59.64 -17.53 -3.94
CA ASP F 93 -59.53 -17.92 -5.35
C ASP F 93 -58.12 -18.36 -5.69
N ILE F 94 -57.11 -17.62 -5.21
CA ILE F 94 -55.73 -18.03 -5.41
C ILE F 94 -55.47 -19.37 -4.73
N ALA F 95 -55.98 -19.53 -3.51
CA ALA F 95 -55.85 -20.81 -2.82
C ALA F 95 -56.73 -21.89 -3.41
N GLY F 96 -57.63 -21.55 -4.32
CA GLY F 96 -58.48 -22.52 -4.98
C GLY F 96 -59.68 -22.98 -4.19
N THR F 97 -59.92 -22.41 -3.01
CA THR F 97 -61.07 -22.81 -2.22
C THR F 97 -62.38 -22.47 -2.92
N THR F 98 -62.47 -21.27 -3.49
CA THR F 98 -63.69 -20.83 -4.14
C THR F 98 -63.63 -20.88 -5.66
N SER F 99 -62.46 -20.66 -6.25
CA SER F 99 -62.33 -20.64 -7.70
C SER F 99 -62.45 -22.05 -8.27
N THR F 100 -63.12 -22.16 -9.41
CA THR F 100 -63.25 -23.43 -10.10
C THR F 100 -62.02 -23.70 -10.96
N LEU F 101 -61.94 -24.93 -11.49
CA LEU F 101 -60.84 -25.28 -12.38
C LEU F 101 -60.84 -24.41 -13.64
N GLN F 102 -62.02 -24.20 -14.22
CA GLN F 102 -62.11 -23.42 -15.46
C GLN F 102 -61.66 -21.98 -15.23
N GLU F 103 -62.07 -21.38 -14.11
CA GLU F 103 -61.67 -20.01 -13.82
C GLU F 103 -60.16 -19.90 -13.60
N GLN F 104 -59.58 -20.86 -12.87
CA GLN F 104 -58.14 -20.83 -12.65
C GLN F 104 -57.38 -20.99 -13.97
N ILE F 105 -57.84 -21.89 -14.83
CA ILE F 105 -57.20 -22.07 -16.12
C ILE F 105 -57.31 -20.80 -16.95
N GLY F 106 -58.50 -20.18 -16.96
CA GLY F 106 -58.67 -18.95 -17.69
C GLY F 106 -57.76 -17.83 -17.21
N TRP F 107 -57.63 -17.69 -15.88
CA TRP F 107 -56.71 -16.69 -15.34
C TRP F 107 -55.28 -16.98 -15.74
N MET F 108 -54.87 -18.25 -15.67
CA MET F 108 -53.49 -18.59 -16.00
C MET F 108 -53.21 -18.50 -17.49
N THR F 109 -54.26 -18.50 -18.32
CA THR F 109 -54.10 -18.41 -19.77
C THR F 109 -54.56 -17.08 -20.34
N HIS F 110 -55.17 -16.22 -19.54
CA HIS F 110 -55.56 -14.90 -20.02
C HIS F 110 -54.33 -14.03 -20.23
N ASN F 111 -54.48 -13.00 -21.06
CA ASN F 111 -53.39 -12.06 -21.25
C ASN F 111 -53.75 -10.69 -20.69
N PRO F 112 -52.89 -10.09 -19.86
CA PRO F 112 -51.63 -10.63 -19.32
C PRO F 112 -51.90 -11.74 -18.31
N PRO F 113 -50.98 -12.68 -18.13
CA PRO F 113 -51.28 -13.86 -17.31
C PRO F 113 -51.24 -13.52 -15.82
N ILE F 114 -52.36 -13.75 -15.14
CA ILE F 114 -52.40 -13.66 -13.69
C ILE F 114 -51.93 -15.01 -13.16
N PRO F 115 -50.78 -15.06 -12.50
CA PRO F 115 -50.17 -16.35 -12.13
C PRO F 115 -50.73 -16.89 -10.81
N VAL F 116 -52.00 -17.28 -10.82
CA VAL F 116 -52.63 -17.79 -9.61
C VAL F 116 -51.88 -19.01 -9.09
N GLY F 117 -51.43 -19.87 -10.01
CA GLY F 117 -50.66 -21.03 -9.59
C GLY F 117 -49.33 -20.67 -8.96
N GLU F 118 -48.64 -19.68 -9.54
CA GLU F 118 -47.35 -19.29 -8.99
C GLU F 118 -47.49 -18.65 -7.62
N ILE F 119 -48.50 -17.80 -7.43
CA ILE F 119 -48.71 -17.17 -6.13
C ILE F 119 -49.10 -18.22 -5.09
N TYR F 120 -49.99 -19.15 -5.45
CA TYR F 120 -50.35 -20.21 -4.52
C TYR F 120 -49.14 -21.05 -4.17
N LYS F 121 -48.29 -21.36 -5.16
CA LYS F 121 -47.08 -22.13 -4.89
C LYS F 121 -46.15 -21.36 -3.96
N ARG F 122 -46.07 -20.04 -4.12
CA ARG F 122 -45.23 -19.24 -3.23
C ARG F 122 -45.75 -19.29 -1.79
N TRP F 123 -47.07 -19.20 -1.62
CA TRP F 123 -47.63 -19.31 -0.27
C TRP F 123 -47.36 -20.68 0.32
N ILE F 124 -47.53 -21.74 -0.47
CA ILE F 124 -47.28 -23.09 0.02
C ILE F 124 -45.81 -23.28 0.36
N ILE F 125 -44.92 -22.64 -0.41
CA ILE F 125 -43.49 -22.73 -0.12
C ILE F 125 -43.16 -22.02 1.19
N LEU F 126 -43.79 -20.86 1.42
CA LEU F 126 -43.62 -20.18 2.70
C LEU F 126 -44.08 -21.07 3.85
N GLY F 127 -45.23 -21.71 3.69
CA GLY F 127 -45.72 -22.62 4.71
C GLY F 127 -44.78 -23.79 4.95
N LEU F 128 -44.25 -24.36 3.87
CA LEU F 128 -43.34 -25.49 4.01
C LEU F 128 -42.04 -25.08 4.70
N ASN F 129 -41.53 -23.88 4.38
CA ASN F 129 -40.34 -23.39 5.06
C ASN F 129 -40.60 -23.21 6.54
N LYS F 130 -41.76 -22.65 6.90
CA LYS F 130 -42.12 -22.54 8.30
C LYS F 130 -42.20 -23.91 8.96
N ILE F 131 -42.74 -24.90 8.24
CA ILE F 131 -42.86 -26.25 8.79
C ILE F 131 -41.48 -26.83 9.09
N VAL F 132 -40.59 -26.78 8.11
CA VAL F 132 -39.26 -27.35 8.31
C VAL F 132 -38.46 -26.56 9.34
N ARG F 133 -38.79 -25.29 9.55
CA ARG F 133 -38.12 -24.54 10.61
C ARG F 133 -38.66 -24.90 11.99
N MET F 134 -39.95 -25.17 12.10
CA MET F 134 -40.62 -25.29 13.39
C MET F 134 -41.00 -26.70 13.79
N TYR F 135 -41.47 -27.52 12.85
CA TYR F 135 -42.11 -28.78 13.19
C TYR F 135 -41.02 -29.84 13.30
N SER F 136 -41.10 -30.66 14.34
CA SER F 136 -40.25 -31.85 14.50
C SER F 136 -41.15 -33.07 14.57
N PRO F 137 -41.13 -33.95 13.57
CA PRO F 137 -42.05 -35.08 13.57
C PRO F 137 -41.76 -36.08 14.67
N THR F 138 -42.81 -36.75 15.13
CA THR F 138 -42.70 -37.78 16.15
C THR F 138 -42.41 -39.13 15.51
N SER F 139 -41.83 -40.03 16.29
CA SER F 139 -41.45 -41.34 15.81
C SER F 139 -41.49 -42.33 16.96
N ILE F 140 -41.54 -43.62 16.61
CA ILE F 140 -41.54 -44.67 17.61
C ILE F 140 -40.26 -44.67 18.43
N LEU F 141 -39.18 -44.11 17.88
CA LEU F 141 -37.93 -44.03 18.62
C LEU F 141 -37.97 -42.95 19.70
N ASP F 142 -38.89 -42.00 19.59
CA ASP F 142 -39.02 -40.90 20.54
C ASP F 142 -40.12 -41.13 21.56
N ILE F 143 -40.68 -42.33 21.61
CA ILE F 143 -41.74 -42.66 22.56
C ILE F 143 -41.09 -43.37 23.75
N ARG F 144 -41.01 -42.68 24.87
CA ARG F 144 -40.44 -43.21 26.10
C ARG F 144 -41.46 -43.10 27.22
N GLN F 145 -41.17 -43.76 28.33
CA GLN F 145 -42.08 -43.82 29.46
C GLN F 145 -41.67 -42.79 30.51
N GLY F 146 -42.63 -42.01 30.99
CA GLY F 146 -42.38 -41.02 32.00
C GLY F 146 -42.02 -41.65 33.32
N PRO F 147 -41.29 -40.91 34.16
CA PRO F 147 -40.86 -41.49 35.44
C PRO F 147 -41.99 -41.97 36.32
N LYS F 148 -43.11 -41.25 36.35
CA LYS F 148 -44.29 -41.66 37.10
C LYS F 148 -45.41 -42.16 36.19
N GLU F 149 -45.15 -42.28 34.90
CA GLU F 149 -46.17 -42.72 33.96
C GLU F 149 -46.54 -44.19 34.24
N PRO F 150 -47.82 -44.52 34.27
CA PRO F 150 -48.20 -45.93 34.38
C PRO F 150 -47.73 -46.73 33.19
N PHE F 151 -47.36 -47.99 33.44
CA PHE F 151 -46.84 -48.84 32.37
C PHE F 151 -47.91 -49.09 31.30
N ARG F 152 -49.17 -49.29 31.73
CA ARG F 152 -50.24 -49.54 30.78
C ARG F 152 -50.46 -48.35 29.86
N ASP F 153 -50.42 -47.13 30.42
CA ASP F 153 -50.61 -45.95 29.59
C ASP F 153 -49.46 -45.79 28.60
N TYR F 154 -48.23 -46.07 29.04
CA TYR F 154 -47.09 -46.01 28.12
C TYR F 154 -47.22 -47.04 27.01
N VAL F 155 -47.69 -48.25 27.35
CA VAL F 155 -47.88 -49.28 26.34
C VAL F 155 -48.93 -48.85 25.32
N ASP F 156 -50.03 -48.26 25.81
CA ASP F 156 -51.07 -47.80 24.90
C ASP F 156 -50.56 -46.69 23.99
N ARG F 157 -49.77 -45.76 24.53
CA ARG F 157 -49.20 -44.70 23.71
C ARG F 157 -48.24 -45.27 22.67
N PHE F 158 -47.42 -46.24 23.07
CA PHE F 158 -46.49 -46.87 22.13
C PHE F 158 -47.24 -47.57 21.01
N TYR F 159 -48.33 -48.27 21.34
CA TYR F 159 -49.09 -48.98 20.31
C TYR F 159 -49.80 -47.99 19.39
N LYS F 160 -50.29 -46.88 19.93
CA LYS F 160 -50.88 -45.85 19.08
C LYS F 160 -49.86 -45.28 18.11
N THR F 161 -48.65 -45.00 18.61
CA THR F 161 -47.60 -44.49 17.73
C THR F 161 -47.24 -45.52 16.67
N LEU F 162 -47.18 -46.81 17.04
CA LEU F 162 -46.89 -47.85 16.06
C LEU F 162 -47.98 -47.91 15.00
N ARG F 163 -49.24 -47.85 15.41
CA ARG F 163 -50.33 -47.82 14.43
C ARG F 163 -50.22 -46.61 13.52
N ALA F 164 -49.71 -45.49 14.04
CA ALA F 164 -49.49 -44.32 13.20
C ALA F 164 -48.22 -44.42 12.36
N GLU F 165 -47.33 -45.36 12.67
CA GLU F 165 -46.07 -45.47 11.94
C GLU F 165 -46.29 -46.03 10.54
N GLN F 166 -45.46 -45.57 9.60
CA GLN F 166 -45.47 -46.05 8.23
C GLN F 166 -44.29 -47.01 8.07
N ALA F 167 -44.56 -48.31 8.20
CA ALA F 167 -43.53 -49.33 8.09
C ALA F 167 -44.21 -50.64 7.72
N SER F 168 -43.45 -51.74 7.80
CA SER F 168 -43.96 -53.06 7.49
C SER F 168 -44.33 -53.80 8.77
N GLN F 169 -45.19 -54.81 8.62
CA GLN F 169 -45.68 -55.54 9.78
C GLN F 169 -44.55 -56.24 10.53
N GLU F 170 -43.62 -56.84 9.79
CA GLU F 170 -42.49 -57.50 10.44
C GLU F 170 -41.62 -56.50 11.19
N VAL F 171 -41.38 -55.33 10.59
CA VAL F 171 -40.61 -54.29 11.26
C VAL F 171 -41.35 -53.81 12.51
N LYS F 172 -42.67 -53.69 12.42
CA LYS F 172 -43.45 -53.26 13.58
C LYS F 172 -43.35 -54.28 14.71
N ASN F 173 -43.45 -55.56 14.38
CA ASN F 173 -43.32 -56.60 15.41
C ASN F 173 -41.91 -56.58 16.01
N TRP F 174 -40.89 -56.38 15.18
CA TRP F 174 -39.52 -56.32 15.69
C TRP F 174 -39.34 -55.14 16.64
N MET F 175 -39.88 -53.97 16.29
CA MET F 175 -39.76 -52.82 17.18
C MET F 175 -40.60 -53.02 18.45
N THR F 176 -41.73 -53.72 18.35
CA THR F 176 -42.47 -54.07 19.55
C THR F 176 -41.62 -54.94 20.48
N GLU F 177 -40.93 -55.93 19.91
CA GLU F 177 -40.14 -56.84 20.74
C GLU F 177 -38.93 -56.14 21.35
N THR F 178 -38.26 -55.27 20.59
CA THR F 178 -36.97 -54.73 21.00
C THR F 178 -37.03 -53.32 21.59
N LEU F 179 -38.19 -52.66 21.55
CA LEU F 179 -38.28 -51.28 21.99
C LEU F 179 -39.11 -51.08 23.25
N LEU F 180 -40.10 -51.94 23.49
CA LEU F 180 -40.96 -51.77 24.65
C LEU F 180 -40.17 -51.85 25.95
N VAL F 181 -39.25 -52.80 26.04
CA VAL F 181 -38.46 -52.95 27.26
C VAL F 181 -37.26 -52.02 27.28
N GLN F 182 -36.67 -51.74 26.11
CA GLN F 182 -35.51 -50.86 26.06
C GLN F 182 -35.87 -49.45 26.49
N ASN F 183 -37.01 -48.94 26.03
CA ASN F 183 -37.47 -47.60 26.37
C ASN F 183 -38.62 -47.75 27.37
N ALA F 184 -38.30 -47.57 28.65
CA ALA F 184 -39.30 -47.69 29.71
C ALA F 184 -38.74 -47.08 30.98
N ASN F 185 -39.59 -47.00 32.00
CA ASN F 185 -39.17 -46.53 33.31
C ASN F 185 -38.08 -47.45 33.85
N PRO F 186 -37.02 -46.90 34.44
CA PRO F 186 -36.00 -47.79 35.05
C PRO F 186 -36.57 -48.77 36.04
N ASP F 187 -37.58 -48.40 36.82
CA ASP F 187 -38.29 -49.37 37.64
C ASP F 187 -39.03 -50.38 36.78
N CYS F 188 -39.77 -49.88 35.78
CA CYS F 188 -40.47 -50.78 34.87
C CYS F 188 -39.48 -51.64 34.08
N LYS F 189 -38.37 -51.04 33.63
CA LYS F 189 -37.37 -51.80 32.89
C LYS F 189 -36.75 -52.89 33.76
N THR F 190 -36.47 -52.57 35.03
CA THR F 190 -35.92 -53.57 35.94
C THR F 190 -36.91 -54.70 36.18
N ILE F 191 -38.19 -54.35 36.37
CA ILE F 191 -39.21 -55.38 36.56
C ILE F 191 -39.30 -56.28 35.33
N LEU F 192 -39.28 -55.69 34.14
CA LEU F 192 -39.39 -56.47 32.92
C LEU F 192 -38.17 -57.36 32.71
N LYS F 193 -36.98 -56.84 32.95
CA LYS F 193 -35.76 -57.62 32.72
C LYS F 193 -35.60 -58.73 33.75
N ALA F 194 -36.03 -58.48 35.00
CA ALA F 194 -36.02 -59.55 36.00
C ALA F 194 -36.91 -60.70 35.57
N LEU F 195 -38.08 -60.39 35.01
CA LEU F 195 -38.91 -61.41 34.40
C LEU F 195 -38.22 -61.98 33.17
N GLY F 196 -38.44 -63.27 32.92
CA GLY F 196 -37.81 -63.95 31.82
C GLY F 196 -38.22 -63.40 30.47
N PRO F 197 -37.27 -63.36 29.54
CA PRO F 197 -37.59 -62.89 28.18
C PRO F 197 -38.57 -63.82 27.49
N GLY F 198 -39.32 -63.25 26.55
CA GLY F 198 -40.33 -63.99 25.84
C GLY F 198 -41.72 -63.96 26.45
N ALA F 199 -41.89 -63.29 27.58
CA ALA F 199 -43.21 -63.17 28.19
C ALA F 199 -44.12 -62.33 27.30
N THR F 200 -45.39 -62.72 27.26
CA THR F 200 -46.35 -62.03 26.41
C THR F 200 -46.65 -60.64 26.96
N LEU F 201 -47.39 -59.85 26.16
CA LEU F 201 -47.70 -58.48 26.56
C LEU F 201 -48.54 -58.45 27.83
N GLU F 202 -49.49 -59.39 27.96
CA GLU F 202 -50.33 -59.41 29.15
C GLU F 202 -49.50 -59.66 30.41
N GLU F 203 -48.56 -60.59 30.35
CA GLU F 203 -47.74 -60.89 31.53
C GLU F 203 -46.86 -59.71 31.91
N MET F 204 -46.23 -59.07 30.94
CA MET F 204 -45.36 -57.93 31.25
C MET F 204 -46.17 -56.71 31.69
N MET F 205 -47.43 -56.60 31.26
CA MET F 205 -48.28 -55.53 31.76
C MET F 205 -48.74 -55.82 33.19
N THR F 206 -49.10 -57.07 33.48
CA THR F 206 -49.51 -57.43 34.84
C THR F 206 -48.36 -57.27 35.82
N ALA F 207 -47.15 -57.68 35.43
CA ALA F 207 -46.00 -57.57 36.32
C ALA F 207 -45.68 -56.11 36.65
N CYS F 208 -45.96 -55.20 35.72
CA CYS F 208 -45.69 -53.78 35.91
C CYS F 208 -46.94 -53.01 36.33
N GLN F 209 -48.04 -53.70 36.62
CA GLN F 209 -49.24 -53.01 37.06
C GLN F 209 -49.08 -52.41 38.45
N GLY F 210 -48.24 -53.02 39.28
CA GLY F 210 -48.02 -52.55 40.63
C GLY F 210 -46.94 -51.50 40.78
N VAL F 211 -46.36 -51.02 39.69
CA VAL F 211 -45.31 -50.02 39.77
C VAL F 211 -45.93 -48.68 40.14
N GLY F 212 -45.35 -48.03 41.15
CA GLY F 212 -45.85 -46.75 41.61
C GLY F 212 -46.88 -46.82 42.72
N GLY F 213 -47.29 -48.01 43.12
CA GLY F 213 -48.26 -48.16 44.17
C GLY F 213 -47.63 -48.14 45.54
N PRO F 214 -48.43 -48.37 46.58
CA PRO F 214 -47.90 -48.35 47.95
C PRO F 214 -46.94 -49.50 48.23
N GLY F 215 -47.32 -50.71 47.81
CA GLY F 215 -46.49 -51.87 48.08
C GLY F 215 -45.13 -51.79 47.40
N HIS F 216 -45.11 -51.39 46.13
CA HIS F 216 -43.84 -51.26 45.41
C HIS F 216 -42.96 -50.19 46.04
N LYS F 217 -43.56 -49.05 46.41
CA LYS F 217 -42.78 -47.99 47.03
C LYS F 217 -42.18 -48.46 48.35
N ALA F 218 -42.98 -49.13 49.18
CA ALA F 218 -42.48 -49.63 50.46
C ALA F 218 -41.37 -50.64 50.24
N ARG F 219 -41.55 -51.56 49.28
CA ARG F 219 -40.53 -52.58 49.04
C ARG F 219 -39.22 -51.95 48.57
N VAL F 220 -39.29 -50.99 47.64
CA VAL F 220 -38.07 -50.39 47.13
C VAL F 220 -37.39 -49.55 48.19
N ILE F 221 -38.17 -48.85 49.02
CA ILE F 221 -37.59 -48.06 50.10
C ILE F 221 -36.88 -48.98 51.09
N ALA F 222 -37.53 -50.09 51.47
CA ALA F 222 -36.89 -51.03 52.39
C ALA F 222 -35.63 -51.63 51.79
N GLU F 223 -35.67 -51.98 50.51
CA GLU F 223 -34.50 -52.57 49.86
C GLU F 223 -33.34 -51.57 49.84
N ALA F 224 -33.62 -50.31 49.50
CA ALA F 224 -32.57 -49.30 49.48
C ALA F 224 -31.99 -49.08 50.88
N MET F 225 -32.86 -48.99 51.89
CA MET F 225 -32.39 -48.78 53.26
C MET F 225 -31.53 -49.94 53.74
N SER F 226 -31.93 -51.17 53.42
CA SER F 226 -31.13 -52.33 53.79
C SER F 226 -29.79 -52.33 53.05
N GLN F 227 -29.81 -51.95 51.76
CA GLN F 227 -28.59 -51.98 50.97
C GLN F 227 -27.57 -50.96 51.47
N VAL F 228 -28.01 -49.73 51.75
CA VAL F 228 -27.07 -48.71 52.19
C VAL F 228 -26.54 -49.01 53.59
N THR F 229 -27.39 -49.54 54.45
CA THR F 229 -26.99 -49.84 55.82
C THR F 229 -26.46 -51.27 55.96
N HIS G 2 -40.91 30.57 4.19
CA HIS G 2 -40.74 29.27 4.85
C HIS G 2 -39.89 29.41 6.10
N GLN G 3 -40.23 28.65 7.13
CA GLN G 3 -39.52 28.68 8.40
C GLN G 3 -38.35 27.70 8.34
N ALA G 4 -37.14 28.23 8.23
CA ALA G 4 -35.94 27.40 8.18
C ALA G 4 -35.53 27.00 9.60
N ILE G 5 -34.40 26.32 9.73
CA ILE G 5 -33.93 25.94 11.05
C ILE G 5 -33.41 27.15 11.81
N SER G 6 -33.40 27.03 13.13
CA SER G 6 -32.95 28.11 13.99
C SER G 6 -31.66 27.72 14.72
N PRO G 7 -30.81 28.69 15.08
CA PRO G 7 -29.54 28.35 15.74
C PRO G 7 -29.70 27.59 17.04
N ARG G 8 -30.77 27.85 17.80
CA ARG G 8 -30.94 27.19 19.09
C ARG G 8 -31.13 25.69 18.92
N THR G 9 -32.02 25.27 18.02
CA THR G 9 -32.26 23.84 17.81
C THR G 9 -31.03 23.16 17.25
N LEU G 10 -30.34 23.81 16.32
CA LEU G 10 -29.12 23.23 15.75
C LEU G 10 -28.05 23.05 16.82
N ASN G 11 -27.88 24.05 17.68
CA ASN G 11 -26.90 23.94 18.76
C ASN G 11 -27.30 22.84 19.74
N ALA G 12 -28.59 22.72 20.03
CA ALA G 12 -29.05 21.64 20.90
C ALA G 12 -28.78 20.28 20.28
N TRP G 13 -28.97 20.15 18.96
CA TRP G 13 -28.68 18.90 18.28
C TRP G 13 -27.20 18.55 18.37
N VAL G 14 -26.35 19.53 18.12
CA VAL G 14 -24.91 19.31 18.26
C VAL G 14 -24.57 18.89 19.68
N LYS G 15 -25.17 19.57 20.66
CA LYS G 15 -24.86 19.30 22.05
C LYS G 15 -25.28 17.89 22.45
N VAL G 16 -26.47 17.44 22.03
CA VAL G 16 -26.89 16.09 22.39
C VAL G 16 -26.01 15.06 21.71
N VAL G 17 -25.61 15.32 20.46
CA VAL G 17 -24.75 14.38 19.75
C VAL G 17 -23.42 14.22 20.49
N GLU G 18 -22.80 15.33 20.88
CA GLU G 18 -21.54 15.21 21.62
C GLU G 18 -21.75 14.74 23.06
N GLU G 19 -22.96 14.84 23.58
CA GLU G 19 -23.19 14.43 24.97
C GLU G 19 -23.35 12.92 25.08
N LYS G 20 -24.30 12.34 24.37
CA LYS G 20 -24.51 10.90 24.48
C LYS G 20 -23.77 10.09 23.40
N ALA G 21 -23.06 10.75 22.50
CA ALA G 21 -22.12 10.09 21.58
C ALA G 21 -22.79 8.97 20.79
N PHE G 22 -23.80 9.37 20.01
CA PHE G 22 -24.54 8.44 19.13
C PHE G 22 -25.12 7.26 19.91
N SER G 23 -25.65 7.55 21.09
CA SER G 23 -26.47 6.60 21.82
C SER G 23 -27.84 6.50 21.16
N PRO G 24 -28.63 5.48 21.48
CA PRO G 24 -29.97 5.40 20.88
C PRO G 24 -30.83 6.62 21.13
N GLU G 25 -30.58 7.35 22.22
CA GLU G 25 -31.39 8.51 22.56
C GLU G 25 -31.25 9.63 21.53
N VAL G 26 -30.24 9.55 20.65
CA VAL G 26 -30.13 10.56 19.60
C VAL G 26 -31.12 10.33 18.47
N ILE G 27 -31.64 9.11 18.32
CA ILE G 27 -32.58 8.81 17.25
C ILE G 27 -33.89 9.58 17.44
N PRO G 28 -34.52 9.60 18.63
CA PRO G 28 -35.74 10.40 18.76
C PRO G 28 -35.51 11.89 18.63
N MET G 29 -34.44 12.41 19.24
CA MET G 29 -34.19 13.85 19.20
C MET G 29 -34.05 14.33 17.76
N PHE G 30 -33.34 13.58 16.93
CA PHE G 30 -33.23 13.95 15.51
C PHE G 30 -34.60 14.00 14.85
N SER G 31 -35.47 13.04 15.17
CA SER G 31 -36.81 13.06 14.64
C SER G 31 -37.70 14.09 15.33
N ALA G 32 -37.25 14.65 16.45
CA ALA G 32 -38.00 15.66 17.18
C ALA G 32 -37.57 17.08 16.84
N LEU G 33 -36.27 17.33 16.75
CA LEU G 33 -35.80 18.67 16.42
C LEU G 33 -36.04 19.03 14.95
N SER G 34 -35.99 18.05 14.06
CA SER G 34 -36.14 18.26 12.63
C SER G 34 -37.51 17.74 12.20
N GLU G 35 -38.49 18.64 12.14
CA GLU G 35 -39.82 18.31 11.67
C GLU G 35 -40.19 19.28 10.56
N GLY G 36 -40.54 18.74 9.39
CA GLY G 36 -40.80 19.59 8.25
C GLY G 36 -39.56 20.20 7.65
N ALA G 37 -38.37 19.72 8.00
CA ALA G 37 -37.14 20.33 7.53
C ALA G 37 -36.89 19.99 6.07
N THR G 38 -36.53 21.00 5.28
CA THR G 38 -36.09 20.76 3.92
C THR G 38 -34.77 19.98 3.93
N PRO G 39 -34.47 19.23 2.87
CA PRO G 39 -33.23 18.45 2.85
C PRO G 39 -31.98 19.27 3.12
N GLN G 40 -31.97 20.54 2.72
CA GLN G 40 -30.86 21.41 3.07
C GLN G 40 -30.72 21.56 4.58
N ASP G 41 -31.87 21.62 5.29
CA ASP G 41 -31.83 21.77 6.73
C ASP G 41 -31.20 20.55 7.41
N LEU G 42 -31.56 19.34 6.98
CA LEU G 42 -30.93 18.16 7.57
C LEU G 42 -29.48 18.02 7.13
N ASN G 43 -29.14 18.48 5.93
CA ASN G 43 -27.74 18.50 5.53
C ASN G 43 -26.92 19.40 6.47
N THR G 44 -27.46 20.58 6.79
CA THR G 44 -26.81 21.44 7.78
C THR G 44 -26.77 20.77 9.14
N MET G 45 -27.86 20.09 9.51
CA MET G 45 -27.93 19.40 10.80
C MET G 45 -26.87 18.31 10.92
N LEU G 46 -26.52 17.69 9.80
CA LEU G 46 -25.54 16.61 9.78
C LEU G 46 -24.11 17.11 9.61
N ASN G 47 -23.93 18.25 8.94
CA ASN G 47 -22.57 18.73 8.69
C ASN G 47 -21.94 19.33 9.94
N THR G 48 -22.73 20.02 10.76
CA THR G 48 -22.19 20.69 11.94
C THR G 48 -21.71 19.72 13.01
N VAL G 49 -22.02 18.44 12.87
CA VAL G 49 -21.53 17.45 13.83
C VAL G 49 -20.01 17.42 13.80
N GLY G 50 -19.39 17.64 14.94
CA GLY G 50 -17.95 17.59 15.07
C GLY G 50 -17.50 16.26 15.66
N GLY G 51 -16.38 15.77 15.17
CA GLY G 51 -15.89 14.48 15.62
C GLY G 51 -16.73 13.35 15.05
N HIS G 52 -16.43 12.14 15.53
CA HIS G 52 -17.09 10.92 15.08
C HIS G 52 -17.06 10.80 13.56
N GLN G 53 -15.83 10.87 13.02
CA GLN G 53 -15.68 10.81 11.57
C GLN G 53 -16.12 9.47 11.00
N ALA G 54 -15.81 8.38 11.69
CA ALA G 54 -16.22 7.07 11.22
C ALA G 54 -17.74 6.94 11.19
N ALA G 55 -18.41 7.43 12.23
CA ALA G 55 -19.88 7.38 12.26
C ALA G 55 -20.48 8.19 11.13
N MET G 56 -19.94 9.39 10.87
CA MET G 56 -20.47 10.21 9.80
C MET G 56 -20.19 9.60 8.43
N GLN G 57 -19.04 8.93 8.28
CA GLN G 57 -18.78 8.23 7.03
C GLN G 57 -19.77 7.08 6.83
N MET G 58 -20.08 6.34 7.88
CA MET G 58 -21.08 5.28 7.78
C MET G 58 -22.45 5.86 7.42
N LEU G 59 -22.80 6.99 8.02
CA LEU G 59 -24.08 7.64 7.69
C LEU G 59 -24.10 8.08 6.23
N LYS G 60 -22.99 8.63 5.74
CA LYS G 60 -22.91 9.02 4.33
C LYS G 60 -23.05 7.81 3.42
N GLU G 61 -22.41 6.70 3.78
CA GLU G 61 -22.55 5.47 2.99
C GLU G 61 -24.00 5.00 2.96
N THR G 62 -24.67 5.05 4.11
CA THR G 62 -26.07 4.64 4.15
C THR G 62 -26.94 5.54 3.29
N ILE G 63 -26.70 6.85 3.35
CA ILE G 63 -27.47 7.78 2.52
C ILE G 63 -27.22 7.50 1.04
N ASN G 64 -25.98 7.22 0.68
CA ASN G 64 -25.68 6.90 -0.72
C ASN G 64 -26.38 5.62 -1.16
N GLU G 65 -26.39 4.60 -0.29
CA GLU G 65 -27.08 3.36 -0.61
C GLU G 65 -28.58 3.59 -0.82
N GLU G 66 -29.20 4.36 0.09
CA GLU G 66 -30.62 4.63 -0.04
C GLU G 66 -30.92 5.46 -1.29
N ALA G 67 -30.05 6.41 -1.61
CA ALA G 67 -30.23 7.20 -2.83
C ALA G 67 -30.13 6.34 -4.08
N ALA G 68 -29.16 5.41 -4.10
CA ALA G 68 -29.04 4.51 -5.24
C ALA G 68 -30.28 3.63 -5.36
N GLU G 69 -30.79 3.12 -4.24
CA GLU G 69 -31.99 2.30 -4.28
C GLU G 69 -33.20 3.10 -4.76
N TRP G 70 -33.32 4.35 -4.32
CA TRP G 70 -34.41 5.19 -4.80
C TRP G 70 -34.31 5.43 -6.29
N ASP G 71 -33.09 5.69 -6.78
CA ASP G 71 -32.91 5.88 -8.22
C ASP G 71 -33.23 4.61 -8.99
N ARG G 72 -32.89 3.45 -8.43
CA ARG G 72 -33.20 2.18 -9.10
C ARG G 72 -34.70 1.95 -9.17
N LEU G 73 -35.40 2.10 -8.06
CA LEU G 73 -36.83 1.81 -8.01
C LEU G 73 -37.68 2.87 -8.69
N HIS G 74 -37.15 4.07 -8.87
CA HIS G 74 -37.89 5.16 -9.49
C HIS G 74 -37.13 5.66 -10.71
N PRO G 75 -37.64 5.46 -11.92
CA PRO G 75 -36.91 5.88 -13.12
C PRO G 75 -37.11 7.36 -13.44
N VAL G 76 -36.21 7.88 -14.26
CA VAL G 76 -36.30 9.26 -14.73
C VAL G 76 -37.40 9.31 -15.79
N HIS G 77 -38.43 10.11 -15.54
CA HIS G 77 -39.56 10.17 -16.46
C HIS G 77 -39.15 10.76 -17.79
N ALA G 78 -39.75 10.26 -18.87
CA ALA G 78 -39.45 10.75 -20.21
C ALA G 78 -39.93 12.19 -20.38
N GLY G 79 -39.19 12.94 -21.17
CA GLY G 79 -39.51 14.32 -21.43
C GLY G 79 -38.51 15.27 -20.81
N PRO G 80 -37.59 15.79 -21.62
CA PRO G 80 -36.56 16.70 -21.09
C PRO G 80 -37.14 17.96 -20.48
N ILE G 81 -38.23 18.49 -21.03
CA ILE G 81 -38.86 19.72 -20.54
C ILE G 81 -40.34 19.44 -20.35
N ALA G 82 -40.85 19.78 -19.16
CA ALA G 82 -42.26 19.61 -18.83
C ALA G 82 -42.86 20.96 -18.45
N PRO G 83 -43.51 21.67 -19.38
CA PRO G 83 -44.12 22.96 -19.02
C PRO G 83 -45.21 22.84 -17.98
N GLY G 84 -45.86 21.68 -17.88
CA GLY G 84 -46.94 21.52 -16.91
C GLY G 84 -46.46 21.60 -15.47
N GLN G 85 -45.35 20.91 -15.16
CA GLN G 85 -44.84 20.88 -13.80
C GLN G 85 -43.33 20.66 -13.84
N MET G 86 -42.68 21.02 -12.74
CA MET G 86 -41.23 20.93 -12.65
C MET G 86 -40.78 19.48 -12.58
N ARG G 87 -39.46 19.29 -12.60
CA ARG G 87 -38.88 17.96 -12.70
C ARG G 87 -39.15 17.14 -11.44
N GLU G 88 -39.01 15.82 -11.58
CA GLU G 88 -39.16 14.84 -10.51
C GLU G 88 -37.84 14.67 -9.76
N PRO G 89 -37.90 14.32 -8.49
CA PRO G 89 -36.67 14.17 -7.70
C PRO G 89 -35.89 12.94 -8.14
N ARG G 90 -34.63 12.90 -7.70
CA ARG G 90 -33.74 11.78 -7.94
C ARG G 90 -33.07 11.39 -6.63
N GLY G 91 -32.33 10.28 -6.67
CA GLY G 91 -31.75 9.74 -5.45
C GLY G 91 -30.79 10.70 -4.78
N SER G 92 -29.85 11.25 -5.55
CA SER G 92 -28.91 12.21 -4.99
C SER G 92 -29.56 13.55 -4.71
N ASP G 93 -30.72 13.82 -5.31
CA ASP G 93 -31.40 15.08 -5.09
C ASP G 93 -32.10 15.10 -3.73
N ILE G 94 -32.63 13.96 -3.30
CA ILE G 94 -33.27 13.88 -1.99
C ILE G 94 -32.26 14.21 -0.89
N ALA G 95 -31.02 13.75 -1.06
CA ALA G 95 -29.96 14.08 -0.12
C ALA G 95 -29.55 15.55 -0.17
N GLY G 96 -30.04 16.29 -1.15
CA GLY G 96 -29.76 17.71 -1.25
C GLY G 96 -28.47 18.06 -1.96
N THR G 97 -27.70 17.07 -2.40
CA THR G 97 -26.44 17.35 -3.08
C THR G 97 -26.67 18.09 -4.40
N THR G 98 -27.68 17.68 -5.16
CA THR G 98 -27.95 18.25 -6.47
C THR G 98 -29.29 18.95 -6.53
N SER G 99 -29.70 19.58 -5.43
CA SER G 99 -30.97 20.30 -5.39
C SER G 99 -30.78 21.63 -4.68
N THR G 100 -31.61 22.60 -5.05
CA THR G 100 -31.63 23.91 -4.40
C THR G 100 -32.78 23.99 -3.41
N LEU G 101 -32.67 24.94 -2.48
CA LEU G 101 -33.70 25.09 -1.46
C LEU G 101 -35.04 25.47 -2.06
N GLN G 102 -35.03 26.27 -3.12
CA GLN G 102 -36.29 26.63 -3.78
C GLN G 102 -36.99 25.41 -4.35
N GLU G 103 -36.23 24.52 -4.99
CA GLU G 103 -36.83 23.30 -5.55
C GLU G 103 -37.37 22.40 -4.45
N GLN G 104 -36.62 22.26 -3.35
CA GLN G 104 -37.07 21.43 -2.25
C GLN G 104 -38.35 21.98 -1.62
N ILE G 105 -38.42 23.31 -1.46
CA ILE G 105 -39.62 23.92 -0.93
C ILE G 105 -40.80 23.72 -1.89
N GLY G 106 -40.56 23.89 -3.18
CA GLY G 106 -41.62 23.68 -4.14
C GLY G 106 -42.15 22.26 -4.15
N TRP G 107 -41.26 21.28 -3.98
CA TRP G 107 -41.69 19.89 -3.91
C TRP G 107 -42.45 19.61 -2.62
N MET G 108 -41.92 20.05 -1.49
CA MET G 108 -42.59 19.79 -0.21
C MET G 108 -43.89 20.57 -0.05
N THR G 109 -44.16 21.53 -0.94
CA THR G 109 -45.40 22.30 -0.92
C THR G 109 -45.98 22.24 -2.33
N HIS G 110 -46.75 21.19 -2.61
CA HIS G 110 -47.33 20.99 -3.94
C HIS G 110 -48.53 20.07 -3.80
N ASN G 111 -49.38 20.09 -4.82
CA ASN G 111 -50.54 19.20 -4.88
C ASN G 111 -50.44 18.27 -6.08
N PRO G 112 -50.12 16.98 -5.88
CA PRO G 112 -49.81 16.32 -4.60
C PRO G 112 -48.40 16.62 -4.11
N PRO G 113 -48.17 16.57 -2.80
CA PRO G 113 -46.83 16.84 -2.28
C PRO G 113 -45.88 15.67 -2.52
N ILE G 114 -44.62 16.00 -2.78
CA ILE G 114 -43.55 15.01 -2.84
C ILE G 114 -42.71 15.19 -1.58
N PRO G 115 -42.91 14.39 -0.56
CA PRO G 115 -42.26 14.64 0.73
C PRO G 115 -40.78 14.33 0.73
N VAL G 116 -39.97 15.15 0.05
CA VAL G 116 -38.53 14.91 0.00
C VAL G 116 -37.93 14.99 1.40
N GLY G 117 -38.45 15.88 2.25
CA GLY G 117 -37.90 16.04 3.58
C GLY G 117 -38.04 14.79 4.42
N GLU G 118 -39.23 14.19 4.42
CA GLU G 118 -39.45 12.99 5.23
C GLU G 118 -38.68 11.79 4.68
N ILE G 119 -38.54 11.70 3.36
CA ILE G 119 -37.76 10.60 2.78
C ILE G 119 -36.29 10.73 3.18
N TYR G 120 -35.74 11.95 3.08
CA TYR G 120 -34.36 12.14 3.51
C TYR G 120 -34.22 11.87 5.00
N LYS G 121 -35.20 12.32 5.81
CA LYS G 121 -35.15 12.05 7.24
C LYS G 121 -35.17 10.56 7.52
N ARG G 122 -35.96 9.79 6.76
CA ARG G 122 -35.98 8.35 6.91
C ARG G 122 -34.62 7.74 6.59
N TRP G 123 -33.96 8.21 5.53
CA TRP G 123 -32.63 7.70 5.20
C TRP G 123 -31.64 8.00 6.32
N ILE G 124 -31.64 9.22 6.83
CA ILE G 124 -30.74 9.56 7.94
C ILE G 124 -31.07 8.75 9.18
N ILE G 125 -32.35 8.46 9.41
CA ILE G 125 -32.72 7.65 10.56
C ILE G 125 -32.20 6.23 10.42
N LEU G 126 -32.29 5.67 9.22
CA LEU G 126 -31.70 4.35 8.99
C LEU G 126 -30.19 4.37 9.22
N GLY G 127 -29.52 5.40 8.72
CA GLY G 127 -28.09 5.53 8.96
C GLY G 127 -27.74 5.65 10.42
N LEU G 128 -28.53 6.45 11.16
CA LEU G 128 -28.31 6.61 12.59
C LEU G 128 -28.55 5.31 13.33
N ASN G 129 -29.56 4.54 12.92
CA ASN G 129 -29.81 3.25 13.54
C ASN G 129 -28.64 2.30 13.32
N LYS G 130 -28.09 2.28 12.11
CA LYS G 130 -26.91 1.45 11.87
C LYS G 130 -25.72 1.94 12.71
N ILE G 131 -25.57 3.26 12.84
CA ILE G 131 -24.48 3.82 13.63
C ILE G 131 -24.59 3.37 15.09
N VAL G 132 -25.77 3.54 15.68
CA VAL G 132 -25.95 3.16 17.08
C VAL G 132 -25.89 1.66 17.26
N ARG G 133 -26.19 0.88 16.20
CA ARG G 133 -26.06 -0.56 16.31
C ARG G 133 -24.60 -1.00 16.29
N MET G 134 -23.79 -0.41 15.42
CA MET G 134 -22.44 -0.88 15.14
C MET G 134 -21.35 0.01 15.73
N TYR G 135 -21.40 1.31 15.44
CA TYR G 135 -20.29 2.20 15.81
C TYR G 135 -20.17 2.34 17.33
N SER G 136 -18.94 2.29 17.81
CA SER G 136 -18.63 2.51 19.22
C SER G 136 -17.68 3.68 19.33
N PRO G 137 -18.05 4.78 19.99
CA PRO G 137 -17.16 5.94 20.06
C PRO G 137 -15.91 5.64 20.88
N THR G 138 -14.82 6.31 20.50
CA THR G 138 -13.56 6.19 21.21
C THR G 138 -13.46 7.24 22.29
N SER G 139 -12.95 6.84 23.45
CA SER G 139 -12.83 7.72 24.60
C SER G 139 -11.41 7.67 25.15
N ILE G 140 -11.08 8.65 25.98
CA ILE G 140 -9.76 8.71 26.57
C ILE G 140 -9.52 7.52 27.49
N LEU G 141 -10.55 7.07 28.20
CA LEU G 141 -10.40 5.91 29.09
C LEU G 141 -10.12 4.63 28.34
N ASP G 142 -10.40 4.59 27.03
CA ASP G 142 -10.12 3.41 26.23
C ASP G 142 -8.67 3.36 25.75
N ILE G 143 -7.89 4.41 25.95
CA ILE G 143 -6.50 4.44 25.52
C ILE G 143 -5.68 3.67 26.54
N ARG G 144 -5.23 2.48 26.17
CA ARG G 144 -4.38 1.65 27.02
C ARG G 144 -3.19 1.19 26.20
N GLN G 145 -2.00 1.27 26.79
CA GLN G 145 -0.79 0.97 26.05
C GLN G 145 -0.59 -0.54 25.95
N GLY G 146 -0.30 -1.02 24.73
CA GLY G 146 -0.15 -2.43 24.48
C GLY G 146 1.08 -3.01 25.13
N PRO G 147 1.12 -4.34 25.28
CA PRO G 147 2.24 -4.97 25.97
C PRO G 147 3.59 -4.71 25.32
N LYS G 148 3.63 -4.53 24.00
CA LYS G 148 4.86 -4.27 23.28
C LYS G 148 4.94 -2.85 22.74
N GLU G 149 4.00 -1.99 23.09
CA GLU G 149 3.99 -0.63 22.59
C GLU G 149 5.04 0.21 23.33
N PRO G 150 5.91 0.92 22.62
CA PRO G 150 6.83 1.84 23.30
C PRO G 150 6.08 2.98 23.95
N PHE G 151 6.66 3.49 25.06
CA PHE G 151 5.97 4.49 25.85
C PHE G 151 5.75 5.79 25.08
N ARG G 152 6.66 6.12 24.16
CA ARG G 152 6.52 7.38 23.43
C ARG G 152 5.29 7.36 22.52
N ASP G 153 5.09 6.27 21.77
CA ASP G 153 3.90 6.18 20.94
C ASP G 153 2.64 6.08 21.77
N TYR G 154 2.72 5.46 22.95
CA TYR G 154 1.59 5.47 23.86
C TYR G 154 1.22 6.90 24.24
N VAL G 155 2.20 7.70 24.64
CA VAL G 155 1.93 9.08 25.04
C VAL G 155 1.38 9.86 23.85
N ASP G 156 1.92 9.61 22.66
CA ASP G 156 1.42 10.29 21.47
C ASP G 156 -0.04 9.97 21.21
N ARG G 157 -0.41 8.68 21.29
CA ARG G 157 -1.81 8.31 21.10
C ARG G 157 -2.69 8.89 22.20
N PHE G 158 -2.22 8.84 23.45
CA PHE G 158 -3.00 9.35 24.56
C PHE G 158 -3.31 10.83 24.38
N TYR G 159 -2.30 11.62 24.04
CA TYR G 159 -2.53 13.05 23.85
C TYR G 159 -3.32 13.31 22.57
N LYS G 160 -3.15 12.50 21.53
CA LYS G 160 -3.92 12.70 20.31
C LYS G 160 -5.42 12.50 20.56
N THR G 161 -5.79 11.47 21.31
CA THR G 161 -7.20 11.29 21.64
C THR G 161 -7.68 12.29 22.69
N LEU G 162 -6.82 12.66 23.64
CA LEU G 162 -7.21 13.63 24.66
C LEU G 162 -7.50 14.99 24.04
N ARG G 163 -6.69 15.40 23.07
CA ARG G 163 -6.81 16.71 22.45
C ARG G 163 -8.11 16.86 21.66
N ALA G 164 -8.76 15.75 21.33
CA ALA G 164 -10.04 15.77 20.63
C ALA G 164 -11.23 15.56 21.56
N GLU G 165 -11.02 15.60 22.87
CA GLU G 165 -12.08 15.38 23.83
C GLU G 165 -12.97 16.62 23.95
N GLN G 166 -14.12 16.44 24.59
CA GLN G 166 -15.08 17.51 24.81
C GLN G 166 -14.95 18.15 26.19
N ALA G 167 -13.98 17.73 27.00
CA ALA G 167 -13.87 18.20 28.36
C ALA G 167 -13.27 19.61 28.42
N SER G 168 -13.03 20.09 29.62
CA SER G 168 -12.43 21.39 29.86
C SER G 168 -10.94 21.24 30.16
N GLN G 169 -10.25 22.38 30.25
CA GLN G 169 -8.80 22.36 30.39
C GLN G 169 -8.37 21.77 31.72
N GLU G 170 -9.03 22.14 32.81
CA GLU G 170 -8.62 21.65 34.13
C GLU G 170 -8.84 20.15 34.26
N VAL G 171 -10.00 19.66 33.82
CA VAL G 171 -10.26 18.23 33.87
C VAL G 171 -9.34 17.49 32.90
N LYS G 172 -8.99 18.11 31.77
CA LYS G 172 -8.03 17.50 30.85
C LYS G 172 -6.66 17.34 31.51
N ASN G 173 -6.21 18.38 32.23
CA ASN G 173 -4.94 18.28 32.93
C ASN G 173 -4.99 17.21 34.02
N TRP G 174 -6.11 17.15 34.75
CA TRP G 174 -6.26 16.12 35.76
C TRP G 174 -6.25 14.72 35.14
N MET G 175 -6.88 14.56 33.98
CA MET G 175 -6.89 13.28 33.29
C MET G 175 -5.49 12.90 32.82
N THR G 176 -4.72 13.88 32.34
CA THR G 176 -3.32 13.63 32.02
C THR G 176 -2.56 13.18 33.25
N GLU G 177 -2.80 13.83 34.39
CA GLU G 177 -2.07 13.50 35.61
C GLU G 177 -2.40 12.10 36.11
N THR G 178 -3.66 11.69 36.03
CA THR G 178 -4.10 10.47 36.71
C THR G 178 -4.31 9.28 35.79
N LEU G 179 -4.36 9.45 34.47
CA LEU G 179 -4.64 8.34 33.57
C LEU G 179 -3.41 7.80 32.86
N LEU G 180 -2.39 8.64 32.64
CA LEU G 180 -1.22 8.20 31.89
C LEU G 180 -0.51 7.05 32.60
N VAL G 181 -0.32 7.17 33.92
CA VAL G 181 0.37 6.12 34.66
C VAL G 181 -0.58 4.96 34.97
N GLN G 182 -1.88 5.24 35.08
CA GLN G 182 -2.83 4.18 35.41
C GLN G 182 -2.96 3.18 34.25
N ASN G 183 -2.97 3.67 33.02
CA ASN G 183 -3.06 2.81 31.84
C ASN G 183 -1.67 2.65 31.26
N ALA G 184 -0.97 1.60 31.69
CA ALA G 184 0.38 1.36 31.21
C ALA G 184 0.72 -0.12 31.41
N ASN G 185 1.77 -0.56 30.72
CA ASN G 185 2.25 -1.92 30.90
C ASN G 185 2.75 -2.10 32.33
N PRO G 186 2.72 -3.32 32.84
CA PRO G 186 3.31 -3.57 34.16
C PRO G 186 4.76 -3.15 34.24
N ASP G 187 5.53 -3.31 33.17
CA ASP G 187 6.92 -2.84 33.16
C ASP G 187 6.98 -1.32 33.23
N CYS G 188 6.25 -0.64 32.35
CA CYS G 188 6.24 0.81 32.37
C CYS G 188 5.61 1.33 33.66
N LYS G 189 4.55 0.67 34.14
CA LYS G 189 3.91 1.11 35.38
C LYS G 189 4.85 0.96 36.56
N THR G 190 5.60 -0.15 36.64
CA THR G 190 6.51 -0.30 37.77
C THR G 190 7.70 0.64 37.66
N ILE G 191 8.13 0.97 36.43
CA ILE G 191 9.16 1.98 36.27
C ILE G 191 8.67 3.33 36.77
N LEU G 192 7.42 3.68 36.43
CA LEU G 192 6.89 4.96 36.85
C LEU G 192 6.58 5.00 38.35
N LYS G 193 6.25 3.85 38.95
CA LYS G 193 6.02 3.82 40.38
C LYS G 193 7.33 3.91 41.16
N ALA G 194 8.37 3.23 40.68
CA ALA G 194 9.68 3.38 41.31
C ALA G 194 10.18 4.81 41.20
N LEU G 195 9.97 5.44 40.04
CA LEU G 195 10.26 6.86 39.88
C LEU G 195 9.32 7.66 40.77
N GLY G 196 9.86 8.72 41.37
CA GLY G 196 9.12 9.52 42.32
C GLY G 196 7.89 10.18 41.73
N PRO G 197 6.84 10.33 42.53
CA PRO G 197 5.65 11.02 42.06
C PRO G 197 5.92 12.50 41.81
N GLY G 198 5.14 13.07 40.91
CA GLY G 198 5.33 14.45 40.52
C GLY G 198 6.38 14.67 39.46
N ALA G 199 6.99 13.62 38.93
CA ALA G 199 7.96 13.75 37.87
C ALA G 199 7.30 14.28 36.60
N THR G 200 8.07 15.06 35.84
CA THR G 200 7.55 15.66 34.62
C THR G 200 7.35 14.58 33.54
N LEU G 201 6.63 14.96 32.49
CA LEU G 201 6.38 14.04 31.39
C LEU G 201 7.68 13.63 30.71
N GLU G 202 8.60 14.59 30.52
CA GLU G 202 9.87 14.27 29.89
C GLU G 202 10.68 13.28 30.71
N GLU G 203 10.67 13.44 32.03
CA GLU G 203 11.37 12.50 32.90
C GLU G 203 10.75 11.11 32.81
N MET G 204 9.42 11.05 32.73
CA MET G 204 8.75 9.76 32.59
C MET G 204 9.12 9.09 31.27
N MET G 205 9.12 9.85 30.18
CA MET G 205 9.49 9.29 28.88
C MET G 205 10.93 8.82 28.88
N THR G 206 11.82 9.58 29.53
CA THR G 206 13.21 9.13 29.65
C THR G 206 13.30 7.83 30.45
N ALA G 207 12.51 7.71 31.51
CA ALA G 207 12.55 6.51 32.34
C ALA G 207 12.06 5.29 31.57
N CYS G 208 11.00 5.43 30.77
CA CYS G 208 10.45 4.30 30.02
C CYS G 208 11.03 4.17 28.62
N GLN G 209 12.01 5.00 28.25
CA GLN G 209 12.66 4.83 26.95
C GLN G 209 13.31 3.46 26.82
N GLY G 210 13.80 2.90 27.91
CA GLY G 210 14.52 1.64 27.86
C GLY G 210 13.68 0.39 27.86
N VAL G 211 12.36 0.51 27.90
CA VAL G 211 11.49 -0.66 27.99
C VAL G 211 11.39 -1.30 26.60
N GLY G 212 11.75 -2.58 26.51
CA GLY G 212 11.80 -3.29 25.25
C GLY G 212 13.17 -3.42 24.63
N GLY G 213 14.21 -2.94 25.30
CA GLY G 213 15.55 -3.04 24.79
C GLY G 213 16.33 -4.17 25.42
N PRO G 214 17.49 -4.48 24.87
CA PRO G 214 18.27 -5.61 25.39
C PRO G 214 18.64 -5.46 26.86
N GLY G 215 18.99 -4.26 27.30
CA GLY G 215 19.39 -4.08 28.69
C GLY G 215 18.25 -4.34 29.66
N HIS G 216 17.07 -3.77 29.37
CA HIS G 216 15.92 -3.96 30.24
C HIS G 216 15.47 -5.42 30.26
N LYS G 217 15.44 -6.06 29.09
CA LYS G 217 15.05 -7.47 29.03
C LYS G 217 16.03 -8.34 29.81
N ALA G 218 17.33 -8.08 29.65
CA ALA G 218 18.33 -8.83 30.42
C ALA G 218 18.14 -8.61 31.92
N ARG G 219 17.88 -7.36 32.33
CA ARG G 219 17.72 -7.07 33.74
C ARG G 219 16.52 -7.80 34.33
N VAL G 220 15.38 -7.77 33.63
CA VAL G 220 14.18 -8.41 34.17
C VAL G 220 14.34 -9.91 34.18
N ILE G 221 14.96 -10.49 33.15
CA ILE G 221 15.17 -11.93 33.13
C ILE G 221 16.09 -12.36 34.27
N ALA G 222 17.16 -11.60 34.50
CA ALA G 222 18.07 -11.91 35.59
C ALA G 222 17.39 -11.76 36.94
N GLU G 223 16.55 -10.74 37.10
CA GLU G 223 15.83 -10.57 38.36
C GLU G 223 14.90 -11.75 38.62
N ALA G 224 14.18 -12.21 37.58
CA ALA G 224 13.31 -13.36 37.73
C ALA G 224 14.10 -14.61 38.07
N MET G 225 15.24 -14.81 37.42
CA MET G 225 16.08 -15.97 37.71
C MET G 225 16.56 -15.94 39.16
N SER G 226 16.96 -14.76 39.65
CA SER G 226 17.38 -14.65 41.04
C SER G 226 16.22 -14.93 41.98
N GLN G 227 15.03 -14.44 41.65
CA GLN G 227 13.88 -14.64 42.53
C GLN G 227 13.51 -16.11 42.65
N VAL G 228 13.49 -16.84 41.52
CA VAL G 228 13.04 -18.23 41.56
C VAL G 228 14.16 -19.21 41.87
N THR G 229 15.38 -18.73 42.10
CA THR G 229 16.47 -19.62 42.46
C THR G 229 17.17 -19.16 43.74
N HIS H 2 -27.94 41.64 3.75
CA HIS H 2 -27.46 40.64 2.80
C HIS H 2 -26.59 39.60 3.49
N GLN H 3 -25.81 40.04 4.46
CA GLN H 3 -24.88 39.17 5.18
C GLN H 3 -25.46 38.80 6.54
N ALA H 4 -25.49 37.49 6.81
CA ALA H 4 -25.98 36.97 8.08
C ALA H 4 -25.03 35.90 8.58
N ILE H 5 -25.06 35.67 9.89
CA ILE H 5 -24.17 34.69 10.49
C ILE H 5 -24.55 33.29 10.01
N SER H 6 -23.57 32.39 10.02
CA SER H 6 -23.77 31.04 9.53
C SER H 6 -23.71 30.02 10.67
N PRO H 7 -24.37 28.88 10.51
CA PRO H 7 -24.34 27.87 11.59
C PRO H 7 -22.95 27.39 11.95
N ARG H 8 -22.04 27.29 10.98
CA ARG H 8 -20.70 26.79 11.27
C ARG H 8 -19.96 27.74 12.20
N THR H 9 -20.00 29.04 11.91
CA THR H 9 -19.29 30.01 12.74
C THR H 9 -19.89 30.05 14.15
N LEU H 10 -21.22 30.00 14.25
CA LEU H 10 -21.86 30.05 15.57
C LEU H 10 -21.54 28.80 16.37
N ASN H 11 -21.51 27.63 15.72
CA ASN H 11 -21.12 26.40 16.40
C ASN H 11 -19.67 26.48 16.87
N ALA H 12 -18.80 27.05 16.03
CA ALA H 12 -17.40 27.24 16.45
C ALA H 12 -17.32 28.18 17.64
N TRP H 13 -18.15 29.22 17.67
CA TRP H 13 -18.14 30.17 18.78
C TRP H 13 -18.57 29.50 20.07
N VAL H 14 -19.67 28.75 20.04
CA VAL H 14 -20.12 28.08 21.26
C VAL H 14 -19.11 27.01 21.68
N LYS H 15 -18.48 26.33 20.71
CA LYS H 15 -17.50 25.30 21.06
C LYS H 15 -16.26 25.91 21.69
N VAL H 16 -15.80 27.06 21.19
CA VAL H 16 -14.62 27.68 21.78
C VAL H 16 -14.96 28.27 23.14
N VAL H 17 -16.18 28.76 23.33
CA VAL H 17 -16.59 29.20 24.67
C VAL H 17 -16.59 28.02 25.64
N GLU H 18 -17.13 26.88 25.22
CA GLU H 18 -17.16 25.71 26.09
C GLU H 18 -15.76 25.19 26.38
N GLU H 19 -14.88 25.20 25.36
CA GLU H 19 -13.56 24.61 25.51
C GLU H 19 -12.71 25.39 26.52
N LYS H 20 -12.43 26.65 26.21
CA LYS H 20 -11.73 27.53 27.14
C LYS H 20 -12.79 28.30 27.93
N ALA H 21 -12.86 28.05 29.23
CA ALA H 21 -13.94 28.58 30.06
C ALA H 21 -13.69 30.07 30.30
N PHE H 22 -14.04 30.86 29.28
CA PHE H 22 -13.88 32.31 29.31
C PHE H 22 -12.45 32.71 29.64
N SER H 23 -11.49 32.01 29.03
CA SER H 23 -10.10 32.37 29.10
C SER H 23 -9.87 33.61 28.25
N PRO H 24 -8.72 34.29 28.40
CA PRO H 24 -8.45 35.45 27.54
C PRO H 24 -8.53 35.13 26.05
N GLU H 25 -8.16 33.90 25.65
CA GLU H 25 -8.24 33.51 24.25
C GLU H 25 -9.65 33.60 23.68
N VAL H 26 -10.67 33.81 24.52
CA VAL H 26 -12.02 34.01 24.02
C VAL H 26 -12.14 35.36 23.31
N ILE H 27 -11.49 36.39 23.86
CA ILE H 27 -11.63 37.73 23.29
C ILE H 27 -11.18 37.81 21.83
N PRO H 28 -10.06 37.21 21.42
CA PRO H 28 -9.73 37.25 19.98
C PRO H 28 -10.76 36.55 19.11
N MET H 29 -11.08 35.30 19.43
CA MET H 29 -11.94 34.49 18.55
C MET H 29 -13.27 35.19 18.30
N PHE H 30 -13.89 35.72 19.35
CA PHE H 30 -15.13 36.48 19.16
C PHE H 30 -14.94 37.60 18.16
N SER H 31 -13.92 38.43 18.37
CA SER H 31 -13.65 39.53 17.45
C SER H 31 -13.29 39.03 16.06
N ALA H 32 -12.84 37.77 15.96
CA ALA H 32 -12.52 37.19 14.66
C ALA H 32 -13.70 36.50 14.00
N LEU H 33 -14.82 36.33 14.73
CA LEU H 33 -15.96 35.63 14.18
C LEU H 33 -17.12 36.54 13.82
N SER H 34 -17.23 37.70 14.47
CA SER H 34 -18.35 38.61 14.26
C SER H 34 -17.93 39.87 13.52
N GLU H 35 -16.96 39.75 12.61
CA GLU H 35 -16.47 40.91 11.88
C GLU H 35 -17.51 41.34 10.86
N GLY H 36 -17.91 42.61 10.92
CA GLY H 36 -18.97 43.11 10.05
C GLY H 36 -20.31 42.47 10.31
N ALA H 37 -20.69 42.31 11.57
CA ALA H 37 -21.92 41.62 11.93
C ALA H 37 -22.96 42.62 12.42
N THR H 38 -24.20 42.43 11.98
CA THR H 38 -25.31 43.26 12.45
C THR H 38 -25.59 42.97 13.93
N PRO H 39 -26.13 43.96 14.66
CA PRO H 39 -26.39 43.74 16.09
C PRO H 39 -27.29 42.55 16.39
N GLN H 40 -28.26 42.25 15.51
CA GLN H 40 -29.08 41.06 15.72
C GLN H 40 -28.24 39.79 15.66
N ASP H 41 -27.30 39.73 14.71
CA ASP H 41 -26.40 38.59 14.65
C ASP H 41 -25.55 38.49 15.91
N LEU H 42 -25.12 39.64 16.44
CA LEU H 42 -24.35 39.64 17.68
C LEU H 42 -25.18 39.11 18.84
N ASN H 43 -26.45 39.53 18.91
CA ASN H 43 -27.33 39.03 19.97
C ASN H 43 -27.54 37.53 19.85
N THR H 44 -27.72 37.03 18.62
CA THR H 44 -27.86 35.60 18.43
C THR H 44 -26.58 34.87 18.83
N MET H 45 -25.42 35.45 18.47
CA MET H 45 -24.14 34.86 18.84
C MET H 45 -23.94 34.83 20.35
N LEU H 46 -24.48 35.82 21.05
CA LEU H 46 -24.28 35.92 22.49
C LEU H 46 -25.30 35.14 23.31
N ASN H 47 -26.51 34.95 22.79
CA ASN H 47 -27.57 34.28 23.53
C ASN H 47 -27.52 32.76 23.41
N THR H 48 -26.71 32.22 22.51
CA THR H 48 -26.69 30.79 22.26
C THR H 48 -25.78 30.03 23.22
N VAL H 49 -24.81 30.70 23.85
CA VAL H 49 -23.91 29.99 24.75
C VAL H 49 -24.67 29.48 25.95
N GLY H 50 -24.55 28.18 26.21
CA GLY H 50 -25.20 27.57 27.36
C GLY H 50 -24.30 27.57 28.58
N GLY H 51 -24.92 27.57 29.75
CA GLY H 51 -24.17 27.61 30.99
C GLY H 51 -23.57 28.98 31.24
N HIS H 52 -22.72 29.03 32.27
CA HIS H 52 -22.05 30.25 32.69
C HIS H 52 -23.06 31.38 32.88
N GLN H 53 -24.05 31.11 33.74
CA GLN H 53 -25.11 32.09 33.96
C GLN H 53 -24.57 33.36 34.60
N ALA H 54 -23.64 33.24 35.55
CA ALA H 54 -23.08 34.42 36.19
C ALA H 54 -22.31 35.28 35.21
N ALA H 55 -21.49 34.65 34.35
CA ALA H 55 -20.73 35.41 33.38
C ALA H 55 -21.64 36.15 32.41
N MET H 56 -22.67 35.47 31.92
CA MET H 56 -23.61 36.12 31.02
C MET H 56 -24.37 37.24 31.73
N GLN H 57 -24.67 37.07 33.01
CA GLN H 57 -25.30 38.15 33.77
C GLN H 57 -24.40 39.37 33.85
N MET H 58 -23.11 39.16 34.15
CA MET H 58 -22.18 40.28 34.21
C MET H 58 -22.06 40.96 32.86
N LEU H 59 -21.97 40.18 31.78
CA LEU H 59 -21.88 40.75 30.45
C LEU H 59 -23.14 41.57 30.14
N LYS H 60 -24.30 41.07 30.56
CA LYS H 60 -25.53 41.83 30.43
C LYS H 60 -25.40 43.18 31.10
N GLU H 61 -25.17 43.18 32.43
CA GLU H 61 -25.10 44.45 33.16
C GLU H 61 -24.10 45.42 32.52
N THR H 62 -22.99 44.89 32.00
CA THR H 62 -22.07 45.75 31.26
C THR H 62 -22.75 46.35 30.04
N ILE H 63 -23.53 45.55 29.31
CA ILE H 63 -24.21 46.08 28.12
C ILE H 63 -25.21 47.16 28.51
N ASN H 64 -26.02 46.93 29.55
CA ASN H 64 -26.99 47.96 29.94
C ASN H 64 -26.29 49.23 30.41
N GLU H 65 -25.19 49.11 31.16
CA GLU H 65 -24.51 50.32 31.63
C GLU H 65 -23.90 51.09 30.47
N GLU H 66 -23.33 50.37 29.48
CA GLU H 66 -22.79 51.05 28.32
C GLU H 66 -23.88 51.71 27.49
N ALA H 67 -25.04 51.04 27.36
CA ALA H 67 -26.16 51.64 26.65
C ALA H 67 -26.67 52.89 27.36
N ALA H 68 -26.72 52.85 28.70
CA ALA H 68 -27.13 54.02 29.45
C ALA H 68 -26.15 55.17 29.25
N GLU H 69 -24.85 54.87 29.25
CA GLU H 69 -23.86 55.92 29.00
C GLU H 69 -24.01 56.49 27.59
N TRP H 70 -24.25 55.62 26.60
CA TRP H 70 -24.46 56.11 25.24
C TRP H 70 -25.70 56.99 25.16
N ASP H 71 -26.78 56.61 25.84
CA ASP H 71 -27.98 57.43 25.86
C ASP H 71 -27.72 58.78 26.51
N ARG H 72 -26.95 58.78 27.61
CA ARG H 72 -26.65 60.03 28.30
C ARG H 72 -25.82 60.96 27.44
N LEU H 73 -24.78 60.41 26.79
CA LEU H 73 -23.87 61.26 26.02
C LEU H 73 -24.51 61.77 24.74
N HIS H 74 -25.19 60.89 24.00
CA HIS H 74 -25.81 61.28 22.74
C HIS H 74 -27.23 61.77 23.00
N PRO H 75 -27.56 63.00 22.63
CA PRO H 75 -28.88 63.55 23.00
C PRO H 75 -30.02 62.97 22.19
N VAL H 76 -31.23 63.48 22.43
CA VAL H 76 -32.42 63.05 21.73
C VAL H 76 -32.88 64.18 20.81
N HIS H 77 -33.67 63.81 19.79
CA HIS H 77 -34.19 64.80 18.87
C HIS H 77 -35.34 65.57 19.51
N ALA H 78 -35.73 66.67 18.87
CA ALA H 78 -36.80 67.51 19.41
C ALA H 78 -38.14 66.78 19.43
N GLY H 79 -38.32 65.81 18.53
CA GLY H 79 -39.55 65.06 18.48
C GLY H 79 -40.17 64.96 17.09
N PRO H 80 -40.16 66.04 16.32
CA PRO H 80 -40.57 65.92 14.91
C PRO H 80 -39.66 64.98 14.14
N ILE H 81 -40.25 64.27 13.18
CA ILE H 81 -39.53 63.30 12.36
C ILE H 81 -38.96 64.03 11.15
N ALA H 82 -37.67 63.81 10.89
CA ALA H 82 -37.03 64.44 9.74
C ALA H 82 -37.57 63.84 8.44
N PRO H 83 -37.56 64.62 7.36
CA PRO H 83 -38.04 64.07 6.07
C PRO H 83 -37.21 62.91 5.56
N GLY H 84 -35.97 62.76 6.02
CA GLY H 84 -35.15 61.64 5.59
C GLY H 84 -35.67 60.28 6.04
N GLN H 85 -36.59 60.26 7.01
CA GLN H 85 -37.21 59.03 7.48
C GLN H 85 -36.17 58.04 8.01
N MET H 86 -35.29 58.54 8.88
CA MET H 86 -34.27 57.71 9.51
C MET H 86 -34.06 58.23 10.93
N ARG H 87 -34.60 57.52 11.91
CA ARG H 87 -34.52 57.97 13.29
C ARG H 87 -33.11 57.79 13.84
N GLU H 88 -32.78 58.61 14.84
CA GLU H 88 -31.48 58.51 15.47
C GLU H 88 -31.40 57.23 16.30
N PRO H 89 -30.32 56.47 16.20
CA PRO H 89 -30.22 55.21 16.95
C PRO H 89 -30.10 55.47 18.45
N ARG H 90 -31.06 54.97 19.21
CA ARG H 90 -31.08 55.15 20.65
C ARG H 90 -30.15 54.14 21.31
N GLY H 91 -29.97 54.28 22.63
CA GLY H 91 -29.06 53.40 23.34
C GLY H 91 -29.47 51.95 23.32
N SER H 92 -30.78 51.68 23.33
CA SER H 92 -31.26 50.30 23.39
C SER H 92 -31.08 49.60 22.05
N ASP H 93 -31.38 50.28 20.94
CA ASP H 93 -31.40 49.60 19.64
C ASP H 93 -30.01 49.22 19.15
N ILE H 94 -28.95 49.80 19.70
CA ILE H 94 -27.61 49.34 19.36
C ILE H 94 -27.42 47.90 19.84
N ALA H 95 -27.88 47.60 21.04
CA ALA H 95 -27.84 46.23 21.55
C ALA H 95 -28.83 45.31 20.86
N GLY H 96 -29.73 45.86 20.05
CA GLY H 96 -30.69 45.07 19.31
C GLY H 96 -31.97 44.76 20.06
N THR H 97 -32.14 45.29 21.28
CA THR H 97 -33.35 45.01 22.05
C THR H 97 -34.58 45.59 21.37
N THR H 98 -34.49 46.82 20.88
CA THR H 98 -35.62 47.51 20.27
C THR H 98 -35.30 47.93 18.83
N SER H 99 -34.67 47.04 18.07
CA SER H 99 -34.33 47.32 16.69
C SER H 99 -34.59 46.10 15.83
N THR H 100 -35.22 46.32 14.67
CA THR H 100 -35.38 45.26 13.69
C THR H 100 -34.10 45.08 12.89
N LEU H 101 -34.02 43.95 12.18
CA LEU H 101 -32.86 43.70 11.33
C LEU H 101 -32.79 44.71 10.19
N GLN H 102 -33.94 45.09 9.64
CA GLN H 102 -33.97 46.05 8.55
C GLN H 102 -33.43 47.40 8.99
N GLU H 103 -33.81 47.87 10.18
CA GLU H 103 -33.31 49.15 10.67
C GLU H 103 -31.82 49.12 10.91
N GLN H 104 -31.31 48.03 11.49
CA GLN H 104 -29.87 47.89 11.70
C GLN H 104 -29.11 47.88 10.38
N ILE H 105 -29.64 47.16 9.39
CA ILE H 105 -29.00 47.13 8.07
C ILE H 105 -29.00 48.51 7.44
N GLY H 106 -30.11 49.23 7.55
CA GLY H 106 -30.17 50.58 7.02
C GLY H 106 -29.19 51.51 7.68
N TRP H 107 -29.05 51.40 9.01
CA TRP H 107 -28.06 52.23 9.71
C TRP H 107 -26.64 51.87 9.28
N MET H 108 -26.34 50.58 9.15
CA MET H 108 -25.01 50.16 8.74
C MET H 108 -24.74 50.41 7.26
N THR H 109 -25.77 50.74 6.49
CA THR H 109 -25.62 51.02 5.07
C THR H 109 -25.83 52.49 4.72
N HIS H 110 -26.28 53.30 5.67
CA HIS H 110 -26.55 54.71 5.41
C HIS H 110 -25.27 55.43 5.02
N ASN H 111 -25.44 56.62 4.44
CA ASN H 111 -24.31 57.45 4.03
C ASN H 111 -24.35 58.77 4.80
N PRO H 112 -23.46 58.98 5.78
CA PRO H 112 -22.37 58.10 6.23
C PRO H 112 -22.88 56.98 7.13
N PRO H 113 -22.18 55.85 7.17
CA PRO H 113 -22.63 54.72 7.98
C PRO H 113 -22.53 55.00 9.47
N ILE H 114 -23.45 54.40 10.22
CA ILE H 114 -23.39 54.41 11.68
C ILE H 114 -23.12 52.98 12.12
N PRO H 115 -21.88 52.64 12.47
CA PRO H 115 -21.55 51.23 12.76
C PRO H 115 -22.13 50.76 14.08
N VAL H 116 -23.45 50.56 14.11
CA VAL H 116 -24.09 50.07 15.33
C VAL H 116 -23.54 48.69 15.68
N GLY H 117 -23.26 47.87 14.67
CA GLY H 117 -22.65 46.57 14.93
C GLY H 117 -21.29 46.70 15.60
N GLU H 118 -20.47 47.64 15.13
CA GLU H 118 -19.16 47.84 15.75
C GLU H 118 -19.28 48.33 17.18
N ILE H 119 -20.21 49.24 17.45
CA ILE H 119 -20.40 49.77 18.80
C ILE H 119 -20.85 48.65 19.74
N TYR H 120 -21.82 47.85 19.30
CA TYR H 120 -22.29 46.75 20.14
C TYR H 120 -21.18 45.72 20.33
N LYS H 121 -20.37 45.49 19.31
CA LYS H 121 -19.24 44.58 19.45
C LYS H 121 -18.25 45.10 20.47
N ARG H 122 -18.01 46.41 20.48
CA ARG H 122 -17.13 47.00 21.48
C ARG H 122 -17.69 46.82 22.89
N TRP H 123 -19.00 47.03 23.06
CA TRP H 123 -19.61 46.83 24.37
C TRP H 123 -19.48 45.37 24.82
N ILE H 124 -19.73 44.43 23.91
CA ILE H 124 -19.59 43.02 24.24
C ILE H 124 -18.14 42.69 24.57
N ILE H 125 -17.20 43.33 23.89
CA ILE H 125 -15.78 43.14 24.19
C ILE H 125 -15.47 43.62 25.59
N LEU H 126 -16.00 44.78 25.97
CA LEU H 126 -15.80 45.27 27.33
C LEU H 126 -16.37 44.29 28.36
N GLY H 127 -17.56 43.78 28.09
CA GLY H 127 -18.14 42.79 28.99
C GLY H 127 -17.30 41.54 29.11
N LEU H 128 -16.79 41.04 27.97
CA LEU H 128 -15.96 39.85 27.99
C LEU H 128 -14.65 40.09 28.74
N ASN H 129 -14.08 41.29 28.58
CA ASN H 129 -12.88 41.62 29.32
C ASN H 129 -13.15 41.63 30.81
N LYS H 130 -14.29 42.18 31.22
CA LYS H 130 -14.66 42.13 32.64
C LYS H 130 -14.81 40.69 33.11
N ILE H 131 -15.46 39.85 32.31
CA ILE H 131 -15.67 38.46 32.68
C ILE H 131 -14.34 37.76 32.89
N VAL H 132 -13.40 37.95 31.96
CA VAL H 132 -12.08 37.36 32.11
C VAL H 132 -11.36 37.93 33.32
N ARG H 133 -11.58 39.22 33.61
CA ARG H 133 -10.89 39.86 34.71
C ARG H 133 -11.30 39.28 36.06
N MET H 134 -12.60 39.19 36.32
CA MET H 134 -13.06 38.82 37.66
C MET H 134 -13.76 37.47 37.72
N TYR H 135 -14.62 37.14 36.76
CA TYR H 135 -15.38 35.90 36.85
C TYR H 135 -14.46 34.70 36.73
N SER H 136 -14.70 33.69 37.57
CA SER H 136 -13.95 32.45 37.53
C SER H 136 -14.95 31.30 37.40
N PRO H 137 -14.81 30.44 36.39
CA PRO H 137 -15.77 29.34 36.22
C PRO H 137 -15.63 28.30 37.31
N THR H 138 -16.72 27.58 37.56
CA THR H 138 -16.74 26.50 38.52
C THR H 138 -16.62 25.16 37.80
N SER H 139 -15.78 24.28 38.32
CA SER H 139 -15.53 22.98 37.72
C SER H 139 -15.85 21.88 38.72
N ILE H 140 -15.97 20.66 38.19
CA ILE H 140 -16.26 19.50 39.04
C ILE H 140 -15.14 19.29 40.05
N LEU H 141 -13.89 19.52 39.64
CA LEU H 141 -12.76 19.34 40.54
C LEU H 141 -12.77 20.35 41.68
N ASP H 142 -13.47 21.48 41.52
CA ASP H 142 -13.53 22.48 42.58
C ASP H 142 -14.43 22.03 43.72
N ILE H 143 -15.28 21.03 43.50
CA ILE H 143 -16.23 20.60 44.53
C ILE H 143 -15.45 19.81 45.59
N ARG H 144 -15.38 20.35 46.80
CA ARG H 144 -14.73 19.70 47.92
C ARG H 144 -15.64 19.78 49.13
N GLN H 145 -15.75 18.67 49.86
CA GLN H 145 -16.66 18.62 50.99
C GLN H 145 -16.17 19.53 52.10
N GLY H 146 -17.10 20.30 52.68
CA GLY H 146 -16.79 21.19 53.77
C GLY H 146 -16.42 20.44 55.03
N PRO H 147 -15.70 21.10 55.93
CA PRO H 147 -15.30 20.42 57.18
C PRO H 147 -16.47 19.98 58.04
N LYS H 148 -17.55 20.76 58.08
CA LYS H 148 -18.73 20.45 58.88
C LYS H 148 -19.95 20.22 58.00
N GLU H 149 -19.74 19.75 56.79
CA GLU H 149 -20.81 19.59 55.81
C GLU H 149 -21.37 18.17 55.85
N PRO H 150 -22.70 18.03 55.81
CA PRO H 150 -23.28 16.69 55.69
C PRO H 150 -22.93 16.05 54.36
N PHE H 151 -22.82 14.73 54.38
CA PHE H 151 -22.44 13.99 53.17
C PHE H 151 -23.52 14.06 52.10
N ARG H 152 -24.79 14.09 52.50
CA ARG H 152 -25.88 14.14 51.53
C ARG H 152 -25.84 15.43 50.72
N ASP H 153 -25.64 16.56 51.41
CA ASP H 153 -25.57 17.85 50.70
C ASP H 153 -24.36 17.91 49.79
N TYR H 154 -23.23 17.37 50.24
CA TYR H 154 -22.03 17.34 49.40
C TYR H 154 -22.28 16.50 48.15
N VAL H 155 -22.93 15.35 48.29
CA VAL H 155 -23.25 14.53 47.13
C VAL H 155 -24.19 15.26 46.19
N ASP H 156 -25.18 15.96 46.75
CA ASP H 156 -26.11 16.71 45.91
C ASP H 156 -25.38 17.78 45.11
N ARG H 157 -24.49 18.53 45.75
CA ARG H 157 -23.72 19.55 45.05
C ARG H 157 -22.82 18.93 44.00
N PHE H 158 -22.14 17.83 44.35
CA PHE H 158 -21.26 17.14 43.41
C PHE H 158 -22.02 16.72 42.16
N TYR H 159 -23.18 16.09 42.35
CA TYR H 159 -23.93 15.61 41.19
C TYR H 159 -24.56 16.74 40.41
N LYS H 160 -24.95 17.84 41.08
CA LYS H 160 -25.47 18.98 40.33
C LYS H 160 -24.40 19.58 39.44
N THR H 161 -23.20 19.78 39.97
CA THR H 161 -22.11 20.29 39.15
C THR H 161 -21.75 19.31 38.06
N LEU H 162 -21.80 18.01 38.35
CA LEU H 162 -21.49 17.00 37.35
C LEU H 162 -22.49 17.05 36.20
N ARG H 163 -23.77 17.19 36.52
CA ARG H 163 -24.78 17.33 35.47
C ARG H 163 -24.57 18.60 34.67
N ALA H 164 -24.20 19.70 35.33
CA ALA H 164 -23.91 20.93 34.61
C ALA H 164 -22.62 20.84 33.81
N GLU H 165 -21.77 19.87 34.09
CA GLU H 165 -20.49 19.74 33.40
C GLU H 165 -20.69 19.31 31.95
N GLN H 166 -19.82 19.81 31.08
CA GLN H 166 -19.82 19.44 29.66
C GLN H 166 -18.76 18.38 29.45
N ALA H 167 -19.18 17.13 29.39
CA ALA H 167 -18.27 16.00 29.20
C ALA H 167 -19.06 14.83 28.64
N SER H 168 -18.46 13.65 28.63
CA SER H 168 -19.06 12.44 28.12
C SER H 168 -19.52 11.55 29.27
N GLN H 169 -20.42 10.62 28.94
CA GLN H 169 -21.01 9.77 29.97
C GLN H 169 -19.98 8.87 30.64
N GLU H 170 -19.07 8.28 29.85
CA GLU H 170 -18.07 7.39 30.41
C GLU H 170 -17.14 8.14 31.36
N VAL H 171 -16.63 9.29 30.91
CA VAL H 171 -15.74 10.07 31.76
C VAL H 171 -16.49 10.59 32.98
N LYS H 172 -17.78 10.94 32.82
CA LYS H 172 -18.56 11.39 33.96
C LYS H 172 -18.70 10.29 35.00
N ASN H 173 -18.97 9.06 34.55
CA ASN H 173 -19.04 7.94 35.49
C ASN H 173 -17.71 7.72 36.17
N TRP H 174 -16.60 7.87 35.42
CA TRP H 174 -15.29 7.67 36.02
C TRP H 174 -14.99 8.72 37.10
N MET H 175 -15.33 9.98 36.82
CA MET H 175 -15.18 11.01 37.85
C MET H 175 -16.09 10.74 39.05
N THR H 176 -17.32 10.29 38.80
CA THR H 176 -18.16 9.85 39.91
C THR H 176 -17.45 8.79 40.76
N GLU H 177 -16.77 7.87 40.08
CA GLU H 177 -16.06 6.79 40.78
C GLU H 177 -14.92 7.32 41.64
N THR H 178 -14.12 8.25 41.11
CA THR H 178 -12.89 8.63 41.81
C THR H 178 -13.01 9.94 42.61
N LEU H 179 -13.47 11.02 41.99
CA LEU H 179 -13.41 12.34 42.61
C LEU H 179 -14.29 12.42 43.84
N LEU H 180 -15.48 11.80 43.81
CA LEU H 180 -16.43 11.95 44.90
C LEU H 180 -15.84 11.45 46.22
N VAL H 181 -15.16 10.29 46.18
CA VAL H 181 -14.46 9.83 47.38
C VAL H 181 -13.11 10.51 47.53
N GLN H 182 -12.59 11.13 46.47
CA GLN H 182 -11.29 11.79 46.58
C GLN H 182 -11.37 13.11 47.33
N ASN H 183 -12.49 13.82 47.21
CA ASN H 183 -12.63 15.17 47.75
C ASN H 183 -13.57 15.20 48.95
N ALA H 184 -13.49 14.20 49.81
CA ALA H 184 -14.36 14.10 50.97
C ALA H 184 -13.66 14.61 52.23
N ASN H 185 -14.46 14.91 53.24
CA ASN H 185 -13.93 15.31 54.53
C ASN H 185 -13.06 14.19 55.09
N PRO H 186 -11.95 14.51 55.77
CA PRO H 186 -11.15 13.43 56.36
C PRO H 186 -11.93 12.55 57.32
N ASP H 187 -12.87 13.13 58.08
CA ASP H 187 -13.76 12.33 58.92
C ASP H 187 -14.61 11.39 58.07
N CYS H 188 -15.12 11.87 56.93
CA CYS H 188 -15.82 11.01 56.00
C CYS H 188 -14.86 10.15 55.19
N LYS H 189 -13.66 10.65 54.90
CA LYS H 189 -12.71 9.91 54.09
C LYS H 189 -12.25 8.63 54.80
N THR H 190 -11.99 8.72 56.11
CA THR H 190 -11.57 7.51 56.83
C THR H 190 -12.67 6.47 56.86
N ILE H 191 -13.93 6.91 57.03
CA ILE H 191 -15.06 5.98 57.02
C ILE H 191 -15.19 5.31 55.67
N LEU H 192 -15.07 6.10 54.59
CA LEU H 192 -15.21 5.54 53.25
C LEU H 192 -14.05 4.62 52.90
N LYS H 193 -12.85 4.91 53.41
CA LYS H 193 -11.71 4.02 53.17
C LYS H 193 -11.81 2.75 54.00
N ALA H 194 -12.47 2.82 55.16
CA ALA H 194 -12.74 1.60 55.92
C ALA H 194 -13.63 0.66 55.12
N LEU H 195 -14.64 1.19 54.45
CA LEU H 195 -15.44 0.40 53.54
C LEU H 195 -14.59 -0.07 52.36
N GLY H 196 -14.79 -1.31 51.96
CA GLY H 196 -14.05 -1.87 50.84
C GLY H 196 -14.43 -1.21 49.54
N PRO H 197 -13.52 -1.22 48.57
CA PRO H 197 -13.84 -0.66 47.25
C PRO H 197 -14.96 -1.44 46.59
N GLY H 198 -15.75 -0.72 45.78
CA GLY H 198 -16.90 -1.30 45.12
C GLY H 198 -18.22 -1.10 45.84
N ALA H 199 -18.22 -0.44 46.99
CA ALA H 199 -19.46 -0.15 47.68
C ALA H 199 -20.28 0.86 46.89
N THR H 200 -21.59 0.64 46.82
CA THR H 200 -22.45 1.53 46.07
C THR H 200 -22.65 2.85 46.83
N LEU H 201 -23.25 3.82 46.12
CA LEU H 201 -23.40 5.16 46.69
C LEU H 201 -24.29 5.13 47.92
N GLU H 202 -25.34 4.30 47.92
CA GLU H 202 -26.22 4.22 49.08
C GLU H 202 -25.48 3.72 50.31
N GLU H 203 -24.57 2.76 50.14
CA GLU H 203 -23.76 2.29 51.26
C GLU H 203 -22.88 3.42 51.79
N MET H 204 -22.28 4.21 50.89
CA MET H 204 -21.47 5.33 51.33
C MET H 204 -22.30 6.33 52.13
N MET H 205 -23.49 6.66 51.63
CA MET H 205 -24.35 7.61 52.33
C MET H 205 -24.75 7.08 53.70
N THR H 206 -25.11 5.79 53.78
CA THR H 206 -25.49 5.20 55.05
C THR H 206 -24.32 5.22 56.04
N ALA H 207 -23.11 4.90 55.55
CA ALA H 207 -21.94 4.91 56.43
C ALA H 207 -21.63 6.30 56.92
N CYS H 208 -21.74 7.31 56.05
CA CYS H 208 -21.37 8.68 56.40
C CYS H 208 -22.50 9.46 57.06
N GLN H 209 -23.70 8.88 57.16
CA GLN H 209 -24.77 9.55 57.90
C GLN H 209 -24.37 9.79 59.36
N GLY H 210 -23.53 8.92 59.91
CA GLY H 210 -23.06 9.11 61.27
C GLY H 210 -21.74 9.84 61.33
N VAL H 211 -21.69 11.03 60.74
CA VAL H 211 -20.52 11.91 60.81
C VAL H 211 -21.00 13.27 61.31
N GLY H 212 -20.44 13.72 62.42
CA GLY H 212 -20.88 14.95 63.04
C GLY H 212 -21.99 14.79 64.04
N GLY H 213 -22.57 13.59 64.16
CA GLY H 213 -23.59 13.34 65.16
C GLY H 213 -22.98 13.11 66.52
N PRO H 214 -23.85 13.10 67.54
CA PRO H 214 -23.35 12.90 68.91
C PRO H 214 -22.58 11.60 69.09
N GLY H 215 -23.05 10.51 68.48
CA GLY H 215 -22.35 9.24 68.61
C GLY H 215 -20.98 9.28 67.98
N HIS H 216 -20.89 9.80 66.76
CA HIS H 216 -19.60 9.90 66.08
C HIS H 216 -18.65 10.81 66.85
N LYS H 217 -19.16 11.96 67.33
CA LYS H 217 -18.32 12.88 68.08
C LYS H 217 -17.76 12.22 69.34
N ALA H 218 -18.62 11.53 70.09
CA ALA H 218 -18.16 10.83 71.28
C ALA H 218 -17.13 9.76 70.91
N ARG H 219 -17.37 9.04 69.82
CA ARG H 219 -16.45 7.99 69.41
C ARG H 219 -15.07 8.54 69.08
N VAL H 220 -15.02 9.63 68.31
CA VAL H 220 -13.72 10.17 67.92
C VAL H 220 -13.02 10.79 69.13
N ILE H 221 -13.78 11.47 70.00
CA ILE H 221 -13.17 12.05 71.20
C ILE H 221 -12.55 10.96 72.05
N ALA H 222 -13.30 9.86 72.28
CA ALA H 222 -12.78 8.77 73.09
C ALA H 222 -11.58 8.11 72.43
N GLU H 223 -11.64 7.92 71.10
CA GLU H 223 -10.52 7.30 70.40
C GLU H 223 -9.25 8.15 70.51
N ALA H 224 -9.39 9.46 70.33
CA ALA H 224 -8.23 10.35 70.45
C ALA H 224 -7.68 10.35 71.87
N MET H 225 -8.57 10.39 72.87
CA MET H 225 -8.12 10.40 74.26
C MET H 225 -7.38 9.10 74.59
N SER H 226 -7.88 7.97 74.08
CA SER H 226 -7.19 6.70 74.30
C SER H 226 -5.85 6.67 73.58
N GLN H 227 -5.80 7.18 72.35
CA GLN H 227 -4.56 7.14 71.58
C GLN H 227 -3.47 8.00 72.21
N VAL H 228 -3.82 9.20 72.67
CA VAL H 228 -2.82 10.08 73.25
C VAL H 228 -2.38 9.61 74.63
N THR H 229 -3.15 8.73 75.27
CA THR H 229 -2.80 8.22 76.59
C THR H 229 -3.21 6.77 76.75
N HIS I 2 -62.12 19.78 13.20
CA HIS I 2 -60.80 19.39 13.64
C HIS I 2 -60.88 18.35 14.75
N GLN I 3 -59.74 17.73 15.07
CA GLN I 3 -59.67 16.72 16.11
C GLN I 3 -58.82 17.24 17.27
N ALA I 4 -59.27 16.96 18.49
CA ALA I 4 -58.58 17.37 19.70
C ALA I 4 -57.84 16.18 20.29
N ILE I 5 -57.26 16.38 21.47
CA ILE I 5 -56.56 15.31 22.16
C ILE I 5 -57.58 14.40 22.85
N SER I 6 -57.50 13.11 22.56
CA SER I 6 -58.42 12.16 23.17
C SER I 6 -58.11 12.03 24.66
N PRO I 7 -59.13 11.85 25.51
CA PRO I 7 -58.87 11.67 26.94
C PRO I 7 -57.97 10.49 27.24
N ARG I 8 -58.10 9.40 26.47
CA ARG I 8 -57.21 8.26 26.66
C ARG I 8 -55.77 8.63 26.34
N THR I 9 -55.57 9.43 25.30
CA THR I 9 -54.21 9.87 24.97
C THR I 9 -53.62 10.71 26.10
N LEU I 10 -54.41 11.62 26.67
CA LEU I 10 -53.93 12.42 27.79
C LEU I 10 -53.61 11.56 28.99
N ASN I 11 -54.47 10.58 29.28
CA ASN I 11 -54.22 9.68 30.40
C ASN I 11 -52.94 8.88 30.19
N ALA I 12 -52.72 8.39 28.97
CA ALA I 12 -51.49 7.66 28.68
C ALA I 12 -50.27 8.56 28.83
N TRP I 13 -50.38 9.81 28.37
CA TRP I 13 -49.25 10.74 28.48
C TRP I 13 -48.91 10.98 29.95
N VAL I 14 -49.90 11.30 30.77
CA VAL I 14 -49.63 11.58 32.18
C VAL I 14 -49.12 10.32 32.87
N LYS I 15 -49.63 9.14 32.49
CA LYS I 15 -49.12 7.90 33.07
C LYS I 15 -47.66 7.69 32.70
N VAL I 16 -47.28 8.04 31.48
CA VAL I 16 -45.88 7.98 31.08
C VAL I 16 -45.04 8.90 31.96
N VAL I 17 -45.53 10.13 32.18
CA VAL I 17 -44.77 11.07 33.00
C VAL I 17 -44.57 10.53 34.41
N GLU I 18 -45.62 9.98 35.02
CA GLU I 18 -45.45 9.43 36.36
C GLU I 18 -44.53 8.21 36.37
N GLU I 19 -44.69 7.30 35.40
CA GLU I 19 -43.95 6.04 35.46
C GLU I 19 -42.47 6.24 35.18
N LYS I 20 -42.14 6.96 34.10
CA LYS I 20 -40.74 7.12 33.73
C LYS I 20 -40.02 8.18 34.55
N ALA I 21 -40.76 9.05 35.24
CA ALA I 21 -40.17 10.11 36.07
C ALA I 21 -39.19 10.96 35.25
N PHE I 22 -39.65 11.40 34.08
CA PHE I 22 -38.87 12.23 33.16
C PHE I 22 -37.56 11.54 32.77
N SER I 23 -37.64 10.24 32.53
CA SER I 23 -36.56 9.51 31.90
C SER I 23 -36.47 9.92 30.44
N PRO I 24 -35.33 9.69 29.78
CA PRO I 24 -35.23 10.03 28.36
C PRO I 24 -36.33 9.41 27.50
N GLU I 25 -36.84 8.23 27.90
CA GLU I 25 -37.92 7.60 27.16
C GLU I 25 -39.18 8.45 27.11
N VAL I 26 -39.22 9.58 27.81
CA VAL I 26 -40.39 10.46 27.73
C VAL I 26 -40.32 11.38 26.52
N ILE I 27 -39.12 11.65 26.00
CA ILE I 27 -39.02 12.47 24.78
C ILE I 27 -39.67 11.81 23.58
N PRO I 28 -39.43 10.52 23.29
CA PRO I 28 -40.14 9.91 22.15
C PRO I 28 -41.64 9.86 22.32
N MET I 29 -42.11 9.34 23.46
CA MET I 29 -43.54 9.14 23.67
C MET I 29 -44.31 10.43 23.47
N PHE I 30 -43.81 11.53 24.04
CA PHE I 30 -44.44 12.82 23.81
C PHE I 30 -44.54 13.13 22.33
N SER I 31 -43.42 13.05 21.62
CA SER I 31 -43.45 13.31 20.18
C SER I 31 -44.27 12.27 19.45
N ALA I 32 -44.48 11.09 20.06
CA ALA I 32 -45.34 10.09 19.46
C ALA I 32 -46.82 10.44 19.63
N LEU I 33 -47.18 11.06 20.76
CA LEU I 33 -48.58 11.33 21.06
C LEU I 33 -49.03 12.74 20.68
N SER I 34 -48.12 13.56 20.14
CA SER I 34 -48.44 14.95 19.86
C SER I 34 -48.27 15.30 18.39
N GLU I 35 -48.34 14.32 17.50
CA GLU I 35 -48.20 14.60 16.07
C GLU I 35 -49.43 15.32 15.56
N GLY I 36 -49.23 16.41 14.83
CA GLY I 36 -50.34 17.20 14.32
C GLY I 36 -51.21 17.78 15.40
N ALA I 37 -50.60 18.26 16.48
CA ALA I 37 -51.33 18.75 17.65
C ALA I 37 -51.35 20.27 17.65
N THR I 38 -52.53 20.82 17.85
CA THR I 38 -52.67 22.26 18.02
C THR I 38 -51.91 22.69 19.27
N PRO I 39 -51.20 23.82 19.24
CA PRO I 39 -50.42 24.21 20.43
C PRO I 39 -51.27 24.46 21.66
N GLN I 40 -52.57 24.76 21.51
CA GLN I 40 -53.45 24.75 22.68
C GLN I 40 -53.58 23.34 23.25
N ASP I 41 -53.67 22.34 22.38
CA ASP I 41 -53.68 20.96 22.84
C ASP I 41 -52.37 20.59 23.51
N LEU I 42 -51.25 21.12 22.99
CA LEU I 42 -49.97 20.90 23.65
C LEU I 42 -49.95 21.54 25.04
N ASN I 43 -50.53 22.73 25.17
CA ASN I 43 -50.60 23.39 26.47
C ASN I 43 -51.42 22.56 27.45
N THR I 44 -52.59 22.10 27.02
CA THR I 44 -53.43 21.29 27.91
C THR I 44 -52.84 19.91 28.16
N MET I 45 -51.96 19.44 27.29
CA MET I 45 -51.25 18.19 27.51
C MET I 45 -50.12 18.37 28.52
N LEU I 46 -49.50 19.55 28.52
CA LEU I 46 -48.44 19.84 29.49
C LEU I 46 -49.01 20.15 30.87
N ASN I 47 -50.15 20.84 30.93
CA ASN I 47 -50.68 21.31 32.20
C ASN I 47 -51.07 20.16 33.13
N THR I 48 -51.67 19.10 32.58
CA THR I 48 -52.21 18.04 33.40
C THR I 48 -51.14 17.19 34.09
N VAL I 49 -49.86 17.38 33.76
CA VAL I 49 -48.80 16.64 34.42
C VAL I 49 -48.79 16.99 35.90
N GLY I 50 -49.11 16.01 36.74
CA GLY I 50 -49.13 16.25 38.17
C GLY I 50 -47.75 16.09 38.79
N GLY I 51 -47.49 16.93 39.79
CA GLY I 51 -46.20 16.89 40.45
C GLY I 51 -45.08 17.43 39.57
N HIS I 52 -43.85 17.21 40.02
CA HIS I 52 -42.65 17.65 39.33
C HIS I 52 -42.72 19.14 39.02
N GLN I 53 -42.90 19.93 40.08
CA GLN I 53 -43.02 21.38 39.91
C GLN I 53 -41.73 21.98 39.38
N ALA I 54 -40.58 21.47 39.80
CA ALA I 54 -39.31 21.96 39.27
C ALA I 54 -39.20 21.69 37.79
N ALA I 55 -39.63 20.50 37.34
CA ALA I 55 -39.60 20.19 35.92
C ALA I 55 -40.50 21.11 35.13
N MET I 56 -41.71 21.38 35.64
CA MET I 56 -42.61 22.31 34.97
C MET I 56 -42.00 23.71 34.91
N GLN I 57 -41.34 24.14 35.99
CA GLN I 57 -40.71 25.45 35.99
C GLN I 57 -39.60 25.52 34.95
N MET I 58 -38.76 24.49 34.87
CA MET I 58 -37.71 24.48 33.86
C MET I 58 -38.29 24.48 32.45
N LEU I 59 -39.33 23.70 32.22
CA LEU I 59 -39.94 23.65 30.90
C LEU I 59 -40.53 25.01 30.52
N LYS I 60 -41.23 25.64 31.46
CA LYS I 60 -41.83 26.95 31.18
C LYS I 60 -40.75 28.00 30.94
N GLU I 61 -39.64 27.92 31.67
CA GLU I 61 -38.52 28.81 31.41
C GLU I 61 -37.99 28.62 30.00
N THR I 62 -37.87 27.37 29.56
CA THR I 62 -37.39 27.11 28.21
C THR I 62 -38.37 27.64 27.15
N ILE I 63 -39.67 27.44 27.36
CA ILE I 63 -40.63 27.98 26.41
C ILE I 63 -40.55 29.50 26.37
N ASN I 64 -40.40 30.13 27.53
CA ASN I 64 -40.27 31.59 27.55
C ASN I 64 -39.03 32.05 26.81
N GLU I 65 -37.90 31.34 26.99
CA GLU I 65 -36.68 31.69 26.30
C GLU I 65 -36.84 31.57 24.79
N GLU I 66 -37.40 30.45 24.33
CA GLU I 66 -37.56 30.25 22.89
C GLU I 66 -38.59 31.23 22.32
N ALA I 67 -39.62 31.58 23.08
CA ALA I 67 -40.59 32.57 22.60
C ALA I 67 -39.94 33.94 22.48
N ALA I 68 -39.08 34.30 23.43
CA ALA I 68 -38.35 35.57 23.33
C ALA I 68 -37.44 35.57 22.11
N GLU I 69 -36.76 34.45 21.87
CA GLU I 69 -35.90 34.36 20.70
C GLU I 69 -36.70 34.48 19.40
N TRP I 70 -37.87 33.84 19.36
CA TRP I 70 -38.74 33.95 18.19
C TRP I 70 -39.22 35.38 18.00
N ASP I 71 -39.55 36.07 19.11
CA ASP I 71 -39.98 37.45 19.02
C ASP I 71 -38.86 38.34 18.47
N ARG I 72 -37.64 38.11 18.93
CA ARG I 72 -36.52 38.94 18.47
C ARG I 72 -36.20 38.67 17.00
N LEU I 73 -36.08 37.40 16.62
CA LEU I 73 -35.71 37.05 15.25
C LEU I 73 -36.80 37.45 14.26
N HIS I 74 -38.06 37.23 14.62
CA HIS I 74 -39.16 37.51 13.70
C HIS I 74 -39.82 38.83 14.09
N PRO I 75 -39.75 39.85 13.24
CA PRO I 75 -40.37 41.14 13.56
C PRO I 75 -41.88 41.07 13.31
N VAL I 76 -42.53 42.22 13.50
CA VAL I 76 -43.96 42.35 13.28
C VAL I 76 -44.19 43.35 12.15
N HIS I 77 -45.41 43.34 11.62
CA HIS I 77 -45.82 44.24 10.56
C HIS I 77 -46.77 45.29 11.15
N ALA I 78 -46.50 46.55 10.85
CA ALA I 78 -47.30 47.66 11.36
C ALA I 78 -48.19 48.21 10.25
N GLY I 79 -49.47 48.36 10.56
CA GLY I 79 -50.42 48.88 9.61
C GLY I 79 -51.69 48.05 9.54
N PRO I 80 -52.62 48.45 8.67
CA PRO I 80 -53.86 47.68 8.52
C PRO I 80 -53.59 46.30 7.93
N ILE I 81 -54.43 45.35 8.30
CA ILE I 81 -54.30 43.97 7.84
C ILE I 81 -55.14 43.81 6.58
N ALA I 82 -54.49 43.38 5.49
CA ALA I 82 -55.17 43.21 4.23
C ALA I 82 -56.15 42.03 4.31
N PRO I 83 -57.24 42.07 3.53
CA PRO I 83 -58.17 40.94 3.51
C PRO I 83 -57.50 39.68 2.96
N GLY I 84 -57.98 38.53 3.43
CA GLY I 84 -57.38 37.27 3.07
C GLY I 84 -56.18 36.88 3.92
N GLN I 85 -55.89 37.62 4.97
CA GLN I 85 -54.77 37.33 5.85
C GLN I 85 -55.06 37.91 7.23
N MET I 86 -54.30 37.45 8.21
CA MET I 86 -54.42 37.94 9.58
C MET I 86 -53.03 38.06 10.19
N ARG I 87 -52.99 38.40 11.48
CA ARG I 87 -51.74 38.76 12.13
C ARG I 87 -50.77 37.58 12.16
N GLU I 88 -49.49 37.89 12.00
CA GLU I 88 -48.46 36.87 12.13
C GLU I 88 -48.32 36.44 13.59
N PRO I 89 -47.94 35.19 13.82
CA PRO I 89 -47.85 34.70 15.21
C PRO I 89 -46.64 35.29 15.93
N ARG I 90 -46.87 35.74 17.16
CA ARG I 90 -45.80 36.17 18.04
C ARG I 90 -45.27 34.97 18.81
N GLY I 91 -44.34 35.22 19.74
CA GLY I 91 -43.81 34.12 20.53
C GLY I 91 -44.86 33.48 21.40
N SER I 92 -45.66 34.29 22.09
CA SER I 92 -46.73 33.75 22.92
C SER I 92 -47.82 33.10 22.08
N ASP I 93 -48.07 33.63 20.88
CA ASP I 93 -49.06 33.01 20.00
C ASP I 93 -48.64 31.61 19.59
N ILE I 94 -47.35 31.42 19.27
CA ILE I 94 -46.84 30.08 19.00
C ILE I 94 -46.94 29.22 20.27
N ALA I 95 -46.58 29.80 21.42
CA ALA I 95 -46.70 29.07 22.67
C ALA I 95 -48.15 28.87 23.11
N GLY I 96 -49.10 29.53 22.45
CA GLY I 96 -50.50 29.34 22.78
C GLY I 96 -50.99 30.13 23.96
N THR I 97 -50.18 31.04 24.52
CA THR I 97 -50.61 31.79 25.68
C THR I 97 -51.75 32.74 25.35
N THR I 98 -51.65 33.47 24.24
CA THR I 98 -52.65 34.47 23.87
C THR I 98 -53.12 34.27 22.44
N SER I 99 -53.30 33.02 22.03
CA SER I 99 -53.82 32.70 20.70
C SER I 99 -55.03 31.79 20.85
N THR I 100 -56.14 32.18 20.24
CA THR I 100 -57.35 31.38 20.31
C THR I 100 -57.22 30.12 19.48
N LEU I 101 -58.11 29.16 19.73
CA LEU I 101 -58.10 27.91 18.98
C LEU I 101 -58.35 28.16 17.49
N GLN I 102 -59.30 29.05 17.18
CA GLN I 102 -59.62 29.33 15.79
C GLN I 102 -58.43 29.92 15.04
N GLU I 103 -57.73 30.87 15.66
CA GLU I 103 -56.55 31.46 15.04
C GLU I 103 -55.45 30.42 14.86
N GLN I 104 -55.27 29.56 15.86
CA GLN I 104 -54.27 28.50 15.77
C GLN I 104 -54.56 27.57 14.59
N ILE I 105 -55.82 27.14 14.47
CA ILE I 105 -56.20 26.24 13.38
C ILE I 105 -56.06 26.94 12.04
N GLY I 106 -56.41 28.22 11.98
CA GLY I 106 -56.22 28.97 10.75
C GLY I 106 -54.76 29.05 10.34
N TRP I 107 -53.87 29.23 11.31
CA TRP I 107 -52.44 29.24 11.01
C TRP I 107 -51.98 27.88 10.49
N MET I 108 -52.42 26.79 11.12
CA MET I 108 -52.01 25.47 10.65
C MET I 108 -52.55 25.17 9.26
N THR I 109 -53.80 25.55 8.99
CA THR I 109 -54.47 25.18 7.75
C THR I 109 -54.33 26.21 6.64
N HIS I 110 -53.61 27.31 6.87
CA HIS I 110 -53.45 28.32 5.84
C HIS I 110 -52.50 27.81 4.76
N ASN I 111 -52.62 28.41 3.57
CA ASN I 111 -51.70 28.11 2.47
C ASN I 111 -50.86 29.35 2.17
N PRO I 112 -49.55 29.34 2.44
CA PRO I 112 -48.74 28.25 2.99
C PRO I 112 -48.98 28.03 4.48
N PRO I 113 -48.70 26.83 4.99
CA PRO I 113 -48.98 26.54 6.40
C PRO I 113 -47.88 27.04 7.31
N ILE I 114 -48.27 27.76 8.35
CA ILE I 114 -47.36 28.16 9.42
C ILE I 114 -47.47 27.10 10.52
N PRO I 115 -46.46 26.27 10.72
CA PRO I 115 -46.58 25.15 11.68
C PRO I 115 -46.38 25.59 13.12
N VAL I 116 -47.35 26.33 13.65
CA VAL I 116 -47.26 26.81 15.03
C VAL I 116 -47.16 25.63 15.98
N GLY I 117 -47.89 24.55 15.72
CA GLY I 117 -47.80 23.37 16.56
C GLY I 117 -46.42 22.73 16.49
N GLU I 118 -45.83 22.66 15.29
CA GLU I 118 -44.51 22.07 15.16
C GLU I 118 -43.46 22.89 15.89
N ILE I 119 -43.53 24.22 15.79
CA ILE I 119 -42.57 25.07 16.48
C ILE I 119 -42.72 24.95 17.99
N TYR I 120 -43.96 24.98 18.48
CA TYR I 120 -44.17 24.82 19.91
C TYR I 120 -43.69 23.45 20.38
N LYS I 121 -43.92 22.41 19.57
CA LYS I 121 -43.43 21.09 19.91
C LYS I 121 -41.91 21.07 19.98
N ARG I 122 -41.25 21.78 19.05
CA ARG I 122 -39.80 21.85 19.08
C ARG I 122 -39.30 22.51 20.36
N TRP I 123 -39.95 23.61 20.76
CA TRP I 123 -39.58 24.26 22.01
C TRP I 123 -39.79 23.32 23.20
N ILE I 124 -40.89 22.58 23.20
CA ILE I 124 -41.17 21.67 24.30
C ILE I 124 -40.16 20.53 24.34
N ILE I 125 -39.73 20.04 23.18
CA ILE I 125 -38.69 19.02 23.16
C ILE I 125 -37.36 19.57 23.66
N LEU I 126 -37.04 20.81 23.32
CA LEU I 126 -35.83 21.43 23.87
C LEU I 126 -35.92 21.49 25.38
N GLY I 127 -37.05 21.94 25.91
CA GLY I 127 -37.23 21.98 27.35
C GLY I 127 -37.15 20.60 27.99
N LEU I 128 -37.74 19.60 27.35
CA LEU I 128 -37.72 18.24 27.89
C LEU I 128 -36.32 17.67 27.91
N ASN I 129 -35.54 17.93 26.86
CA ASN I 129 -34.15 17.49 26.86
C ASN I 129 -33.36 18.17 27.97
N LYS I 130 -33.59 19.48 28.16
CA LYS I 130 -32.94 20.17 29.27
C LYS I 130 -33.34 19.54 30.60
N ILE I 131 -34.61 19.15 30.73
CA ILE I 131 -35.08 18.54 31.98
C ILE I 131 -34.39 17.20 32.20
N VAL I 132 -34.40 16.33 31.19
CA VAL I 132 -33.80 15.01 31.36
C VAL I 132 -32.29 15.10 31.54
N ARG I 133 -31.66 16.21 31.16
CA ARG I 133 -30.24 16.37 31.41
C ARG I 133 -29.94 17.01 32.76
N MET I 134 -30.83 17.85 33.28
CA MET I 134 -30.53 18.69 34.44
C MET I 134 -31.49 18.50 35.60
N TYR I 135 -32.26 17.41 35.64
CA TYR I 135 -33.27 17.21 36.66
C TYR I 135 -33.20 15.78 37.17
N SER I 136 -33.22 15.64 38.49
CA SER I 136 -33.27 14.34 39.15
C SER I 136 -34.46 14.31 40.10
N PRO I 137 -35.51 13.56 39.80
CA PRO I 137 -36.69 13.57 40.66
C PRO I 137 -36.40 13.02 42.05
N THR I 138 -37.08 13.59 43.04
CA THR I 138 -36.97 13.11 44.40
C THR I 138 -37.84 11.88 44.59
N SER I 139 -37.44 11.03 45.54
CA SER I 139 -38.18 9.82 45.84
C SER I 139 -38.05 9.54 47.33
N ILE I 140 -38.99 8.76 47.85
CA ILE I 140 -38.99 8.45 49.27
C ILE I 140 -37.75 7.62 49.62
N LEU I 141 -37.24 6.85 48.67
CA LEU I 141 -36.01 6.11 48.90
C LEU I 141 -34.82 7.04 49.13
N ASP I 142 -34.89 8.26 48.63
CA ASP I 142 -33.81 9.23 48.77
C ASP I 142 -33.99 10.15 49.98
N ILE I 143 -35.03 9.93 50.78
CA ILE I 143 -35.28 10.76 51.96
C ILE I 143 -34.57 10.10 53.14
N ARG I 144 -33.46 10.69 53.58
CA ARG I 144 -32.70 10.21 54.71
C ARG I 144 -32.67 11.29 55.78
N GLN I 145 -31.98 11.00 56.89
CA GLN I 145 -31.92 11.89 58.04
C GLN I 145 -30.54 12.49 58.15
N GLY I 146 -30.49 13.80 58.35
CA GLY I 146 -29.23 14.50 58.55
C GLY I 146 -28.57 14.09 59.85
N PRO I 147 -27.24 14.19 59.90
CA PRO I 147 -26.53 13.76 61.12
C PRO I 147 -26.99 14.49 62.38
N LYS I 148 -27.27 15.78 62.29
CA LYS I 148 -27.77 16.55 63.42
C LYS I 148 -29.21 16.96 63.26
N GLU I 149 -29.90 16.45 62.25
CA GLU I 149 -31.28 16.82 62.01
C GLU I 149 -32.18 16.24 63.11
N PRO I 150 -33.11 17.03 63.66
CA PRO I 150 -34.02 16.48 64.66
C PRO I 150 -34.90 15.39 64.08
N PHE I 151 -35.23 14.40 64.91
CA PHE I 151 -36.02 13.27 64.44
C PHE I 151 -37.42 13.69 64.00
N ARG I 152 -38.03 14.61 64.74
CA ARG I 152 -39.38 15.05 64.40
C ARG I 152 -39.43 15.71 63.03
N ASP I 153 -38.45 16.56 62.72
CA ASP I 153 -38.41 17.20 61.41
C ASP I 153 -38.19 16.19 60.30
N TYR I 154 -37.34 15.18 60.55
CA TYR I 154 -37.13 14.12 59.57
C TYR I 154 -38.42 13.34 59.32
N VAL I 155 -39.17 13.05 60.39
CA VAL I 155 -40.43 12.34 60.25
C VAL I 155 -41.41 13.18 59.44
N ASP I 156 -41.47 14.48 59.72
CA ASP I 156 -42.37 15.36 58.96
C ASP I 156 -42.01 15.39 57.48
N ARG I 157 -40.71 15.49 57.18
CA ARG I 157 -40.27 15.48 55.78
C ARG I 157 -40.60 14.15 55.11
N PHE I 158 -40.40 13.04 55.83
CA PHE I 158 -40.73 11.73 55.31
C PHE I 158 -42.22 11.62 54.98
N TYR I 159 -43.07 12.13 55.87
CA TYR I 159 -44.50 12.06 55.63
C TYR I 159 -44.92 12.97 54.49
N LYS I 160 -44.27 14.12 54.35
CA LYS I 160 -44.54 14.98 53.20
C LYS I 160 -44.18 14.27 51.90
N THR I 161 -43.03 13.61 51.87
CA THR I 161 -42.63 12.87 50.69
C THR I 161 -43.61 11.73 50.39
N LEU I 162 -44.07 11.04 51.42
CA LEU I 162 -45.08 10.00 51.23
C LEU I 162 -46.36 10.58 50.63
N ARG I 163 -46.81 11.71 51.16
CA ARG I 163 -48.02 12.33 50.62
C ARG I 163 -47.81 12.77 49.17
N ALA I 164 -46.58 13.11 48.80
CA ALA I 164 -46.29 13.46 47.42
C ALA I 164 -46.07 12.25 46.53
N GLU I 165 -45.93 11.06 47.10
CA GLU I 165 -45.65 9.86 46.33
C GLU I 165 -46.90 9.37 45.60
N GLN I 166 -46.68 8.68 44.48
CA GLN I 166 -47.74 8.07 43.68
C GLN I 166 -47.64 6.56 43.86
N ALA I 167 -48.35 6.03 44.84
CA ALA I 167 -48.32 4.60 45.12
C ALA I 167 -49.57 4.22 45.89
N SER I 168 -49.79 2.92 46.03
CA SER I 168 -50.95 2.41 46.74
C SER I 168 -50.82 2.66 48.24
N GLN I 169 -51.96 2.72 48.92
CA GLN I 169 -51.97 3.01 50.35
C GLN I 169 -51.26 1.92 51.14
N GLU I 170 -51.48 0.65 50.77
CA GLU I 170 -50.78 -0.44 51.45
C GLU I 170 -49.27 -0.34 51.24
N VAL I 171 -48.86 0.04 50.02
CA VAL I 171 -47.44 0.23 49.74
C VAL I 171 -46.87 1.34 50.62
N LYS I 172 -47.60 2.44 50.75
CA LYS I 172 -47.13 3.56 51.57
C LYS I 172 -47.04 3.16 53.05
N ASN I 173 -48.01 2.37 53.53
CA ASN I 173 -47.93 1.89 54.90
C ASN I 173 -46.73 0.97 55.10
N TRP I 174 -46.43 0.14 54.11
CA TRP I 174 -45.24 -0.71 54.19
C TRP I 174 -43.97 0.13 54.23
N MET I 175 -43.90 1.19 53.41
CA MET I 175 -42.76 2.09 53.46
C MET I 175 -42.64 2.75 54.83
N THR I 176 -43.76 3.19 55.40
CA THR I 176 -43.73 3.75 56.74
C THR I 176 -43.18 2.74 57.74
N GLU I 177 -43.57 1.47 57.59
CA GLU I 177 -43.10 0.45 58.52
C GLU I 177 -41.60 0.23 58.41
N THR I 178 -41.05 0.19 57.19
CA THR I 178 -39.66 -0.21 57.03
C THR I 178 -38.67 0.95 56.91
N LEU I 179 -38.92 1.90 55.98
CA LEU I 179 -37.91 2.90 55.66
C LEU I 179 -37.63 3.83 56.83
N LEU I 180 -38.66 4.21 57.58
CA LEU I 180 -38.49 5.18 58.66
C LEU I 180 -37.41 4.73 59.63
N VAL I 181 -37.50 3.48 60.11
CA VAL I 181 -36.46 2.95 60.97
C VAL I 181 -35.18 2.69 60.15
N GLN I 182 -35.32 2.18 58.93
CA GLN I 182 -34.15 1.83 58.14
C GLN I 182 -33.34 3.06 57.78
N ASN I 183 -34.01 4.15 57.38
CA ASN I 183 -33.34 5.38 56.94
C ASN I 183 -33.36 6.39 58.08
N ALA I 184 -32.29 6.42 58.86
CA ALA I 184 -32.14 7.37 59.96
C ALA I 184 -30.67 7.42 60.35
N ASN I 185 -30.31 8.45 61.11
CA ASN I 185 -28.94 8.56 61.55
C ASN I 185 -28.64 7.46 62.57
N PRO I 186 -27.36 7.10 62.73
CA PRO I 186 -27.03 5.99 63.65
C PRO I 186 -27.53 6.18 65.07
N ASP I 187 -27.58 7.41 65.58
CA ASP I 187 -28.11 7.61 66.92
C ASP I 187 -29.61 7.31 66.98
N CYS I 188 -30.38 7.90 66.07
CA CYS I 188 -31.81 7.63 66.03
C CYS I 188 -32.09 6.18 65.68
N LYS I 189 -31.31 5.62 64.76
CA LYS I 189 -31.49 4.21 64.40
C LYS I 189 -31.23 3.30 65.60
N THR I 190 -30.18 3.58 66.37
CA THR I 190 -29.89 2.79 67.55
C THR I 190 -31.01 2.94 68.58
N ILE I 191 -31.51 4.15 68.78
CA ILE I 191 -32.60 4.36 69.74
C ILE I 191 -33.83 3.57 69.32
N LEU I 192 -34.18 3.61 68.02
CA LEU I 192 -35.36 2.91 67.55
C LEU I 192 -35.17 1.39 67.63
N LYS I 193 -33.98 0.89 67.28
CA LYS I 193 -33.76 -0.55 67.28
C LYS I 193 -33.72 -1.11 68.70
N ALA I 194 -33.17 -0.35 69.64
CA ALA I 194 -33.21 -0.78 71.04
C ALA I 194 -34.64 -0.85 71.54
N LEU I 195 -35.47 0.11 71.14
CA LEU I 195 -36.90 0.03 71.43
C LEU I 195 -37.51 -1.15 70.68
N GLY I 196 -38.51 -1.79 71.30
CA GLY I 196 -39.14 -2.95 70.72
C GLY I 196 -39.86 -2.65 69.42
N PRO I 197 -39.83 -3.59 68.49
CA PRO I 197 -40.56 -3.41 67.23
C PRO I 197 -42.05 -3.35 67.46
N GLY I 198 -42.74 -2.65 66.57
CA GLY I 198 -44.17 -2.45 66.68
C GLY I 198 -44.59 -1.24 67.48
N ALA I 199 -43.64 -0.46 67.99
CA ALA I 199 -43.97 0.75 68.73
C ALA I 199 -44.62 1.77 67.80
N THR I 200 -45.59 2.50 68.33
CA THR I 200 -46.32 3.47 67.53
C THR I 200 -45.42 4.65 67.17
N LEU I 201 -45.88 5.46 66.22
CA LEU I 201 -45.09 6.60 65.75
C LEU I 201 -44.87 7.60 66.88
N GLU I 202 -45.88 7.83 67.72
CA GLU I 202 -45.72 8.75 68.83
C GLU I 202 -44.69 8.24 69.83
N GLU I 203 -44.69 6.93 70.08
CA GLU I 203 -43.72 6.35 71.02
C GLU I 203 -42.29 6.55 70.53
N MET I 204 -42.04 6.25 69.26
CA MET I 204 -40.68 6.41 68.73
C MET I 204 -40.29 7.88 68.62
N MET I 205 -41.25 8.75 68.30
CA MET I 205 -40.96 10.18 68.30
C MET I 205 -40.58 10.66 69.70
N THR I 206 -41.30 10.21 70.73
CA THR I 206 -40.95 10.58 72.10
C THR I 206 -39.57 10.03 72.47
N ALA I 207 -39.28 8.79 72.05
CA ALA I 207 -37.98 8.20 72.37
C ALA I 207 -36.84 8.98 71.73
N CYS I 208 -37.02 9.41 70.49
CA CYS I 208 -35.98 10.12 69.76
C CYS I 208 -36.00 11.63 69.99
N GLN I 209 -36.98 12.14 70.75
CA GLN I 209 -37.02 13.57 71.04
C GLN I 209 -35.77 14.04 71.80
N GLY I 210 -35.18 13.15 72.61
CA GLY I 210 -34.02 13.52 73.38
C GLY I 210 -32.70 13.46 72.65
N VAL I 211 -32.70 13.10 71.37
CA VAL I 211 -31.46 13.00 70.61
C VAL I 211 -30.95 14.40 70.30
N GLY I 212 -29.67 14.64 70.57
CA GLY I 212 -29.05 15.93 70.33
C GLY I 212 -29.07 16.87 71.50
N GLY I 213 -29.76 16.54 72.59
CA GLY I 213 -29.78 17.38 73.76
C GLY I 213 -28.56 17.17 74.62
N PRO I 214 -28.45 18.00 75.67
CA PRO I 214 -27.31 17.87 76.59
C PRO I 214 -27.24 16.51 77.26
N GLY I 215 -28.38 15.96 77.66
CA GLY I 215 -28.37 14.67 78.34
C GLY I 215 -27.87 13.55 77.46
N HIS I 216 -28.37 13.49 76.23
CA HIS I 216 -27.93 12.46 75.30
C HIS I 216 -26.45 12.59 74.97
N LYS I 217 -25.99 13.83 74.74
CA LYS I 217 -24.58 14.06 74.45
C LYS I 217 -23.70 13.61 75.60
N ALA I 218 -24.07 13.99 76.83
CA ALA I 218 -23.28 13.59 77.99
C ALA I 218 -23.28 12.07 78.16
N ARG I 219 -24.45 11.44 77.97
CA ARG I 219 -24.55 10.00 78.13
C ARG I 219 -23.67 9.27 77.11
N VAL I 220 -23.73 9.69 75.85
CA VAL I 220 -22.96 9.00 74.83
C VAL I 220 -21.47 9.25 75.01
N ILE I 221 -21.09 10.47 75.43
CA ILE I 221 -19.67 10.75 75.68
C ILE I 221 -19.16 9.88 76.82
N ALA I 222 -19.93 9.79 77.90
CA ALA I 222 -19.52 8.96 79.03
C ALA I 222 -19.43 7.49 78.63
N GLU I 223 -20.39 7.01 77.85
CA GLU I 223 -20.38 5.61 77.43
C GLU I 223 -19.16 5.32 76.57
N ALA I 224 -18.84 6.20 75.62
CA ALA I 224 -17.67 5.99 74.78
C ALA I 224 -16.39 6.03 75.61
N MET I 225 -16.30 6.99 76.54
CA MET I 225 -15.10 7.09 77.36
C MET I 225 -14.90 5.85 78.21
N SER I 226 -15.99 5.33 78.79
CA SER I 226 -15.89 4.12 79.59
C SER I 226 -15.54 2.91 78.72
N GLN I 227 -16.11 2.85 77.51
CA GLN I 227 -15.86 1.71 76.63
C GLN I 227 -14.41 1.66 76.18
N VAL I 228 -13.83 2.81 75.81
CA VAL I 228 -12.46 2.79 75.31
C VAL I 228 -11.44 2.61 76.43
N THR I 229 -11.82 2.88 77.68
CA THR I 229 -10.90 2.74 78.79
C THR I 229 -11.47 1.79 79.85
N HIS J 2 -6.29 50.79 -5.00
CA HIS J 2 -6.40 49.94 -3.82
C HIS J 2 -5.01 49.64 -3.25
N GLN J 3 -4.94 49.53 -1.92
CA GLN J 3 -3.68 49.24 -1.23
C GLN J 3 -3.62 47.75 -0.90
N ALA J 4 -2.60 47.09 -1.42
CA ALA J 4 -2.42 45.66 -1.19
C ALA J 4 -1.55 45.43 0.04
N ILE J 5 -1.12 44.19 0.25
CA ILE J 5 -0.26 43.89 1.38
C ILE J 5 1.12 44.50 1.15
N SER J 6 1.89 44.61 2.24
CA SER J 6 3.21 45.19 2.18
C SER J 6 4.24 44.19 2.70
N PRO J 7 5.50 44.28 2.24
CA PRO J 7 6.50 43.30 2.68
C PRO J 7 6.74 43.28 4.17
N ARG J 8 6.63 44.41 4.86
CA ARG J 8 6.89 44.44 6.29
C ARG J 8 5.86 43.63 7.06
N THR J 9 4.57 43.83 6.76
CA THR J 9 3.53 43.10 7.47
C THR J 9 3.59 41.61 7.16
N LEU J 10 3.85 41.25 5.90
CA LEU J 10 3.96 39.84 5.53
C LEU J 10 5.14 39.18 6.23
N ASN J 11 6.28 39.86 6.28
CA ASN J 11 7.44 39.32 6.96
C ASN J 11 7.17 39.17 8.45
N ALA J 12 6.47 40.15 9.05
CA ALA J 12 6.11 40.04 10.45
C ALA J 12 5.19 38.86 10.70
N TRP J 13 4.26 38.61 9.77
CA TRP J 13 3.37 37.47 9.88
C TRP J 13 4.16 36.16 9.84
N VAL J 14 5.09 36.05 8.89
CA VAL J 14 5.91 34.85 8.82
C VAL J 14 6.72 34.69 10.10
N LYS J 15 7.27 35.79 10.61
CA LYS J 15 8.09 35.73 11.82
C LYS J 15 7.28 35.30 13.03
N VAL J 16 6.07 35.82 13.19
CA VAL J 16 5.26 35.45 14.35
C VAL J 16 4.81 33.99 14.24
N VAL J 17 4.53 33.53 13.01
CA VAL J 17 4.22 32.12 12.84
C VAL J 17 5.40 31.26 13.24
N GLU J 18 6.62 31.65 12.84
CA GLU J 18 7.80 30.86 13.17
C GLU J 18 8.08 30.86 14.66
N GLU J 19 7.99 32.03 15.30
CA GLU J 19 8.38 32.13 16.71
C GLU J 19 7.47 31.30 17.60
N LYS J 20 6.16 31.50 17.49
CA LYS J 20 5.18 30.70 18.22
C LYS J 20 4.55 29.72 17.24
N ALA J 21 4.83 28.44 17.42
CA ALA J 21 4.47 27.41 16.45
C ALA J 21 2.96 27.19 16.51
N PHE J 22 2.22 28.08 15.85
CA PHE J 22 0.76 28.03 15.80
C PHE J 22 0.16 28.00 17.20
N SER J 23 0.70 28.83 18.08
CA SER J 23 0.08 29.08 19.37
C SER J 23 -1.17 29.93 19.18
N PRO J 24 -2.06 29.99 20.17
CA PRO J 24 -3.26 30.81 20.02
C PRO J 24 -2.98 32.27 19.72
N GLU J 25 -1.80 32.78 20.10
CA GLU J 25 -1.48 34.18 19.86
C GLU J 25 -1.41 34.51 18.38
N VAL J 26 -1.34 33.50 17.50
CA VAL J 26 -1.35 33.79 16.07
C VAL J 26 -2.74 34.13 15.55
N ILE J 27 -3.79 33.75 16.27
CA ILE J 27 -5.16 34.05 15.83
C ILE J 27 -5.42 35.55 15.83
N PRO J 28 -5.11 36.31 16.89
CA PRO J 28 -5.35 37.75 16.82
C PRO J 28 -4.43 38.47 15.85
N MET J 29 -3.15 38.08 15.81
CA MET J 29 -2.21 38.74 14.91
C MET J 29 -2.66 38.61 13.47
N PHE J 30 -3.12 37.42 13.07
CA PHE J 30 -3.68 37.25 11.74
C PHE J 30 -4.89 38.16 11.54
N SER J 31 -5.72 38.30 12.58
CA SER J 31 -6.85 39.21 12.50
C SER J 31 -6.41 40.66 12.55
N ALA J 32 -5.18 40.94 13.00
CA ALA J 32 -4.69 42.30 13.11
C ALA J 32 -3.90 42.73 11.89
N LEU J 33 -3.03 41.86 11.38
CA LEU J 33 -2.23 42.20 10.20
C LEU J 33 -3.09 42.28 8.94
N SER J 34 -4.14 41.48 8.86
CA SER J 34 -5.03 41.46 7.71
C SER J 34 -6.29 42.25 8.05
N GLU J 35 -6.59 43.27 7.26
CA GLU J 35 -7.81 44.05 7.44
C GLU J 35 -8.14 44.71 6.11
N GLY J 36 -9.31 44.39 5.56
CA GLY J 36 -9.62 44.83 4.21
C GLY J 36 -8.86 44.09 3.14
N ALA J 37 -8.19 43.00 3.48
CA ALA J 37 -7.37 42.28 2.52
C ALA J 37 -8.25 41.51 1.54
N THR J 38 -7.91 41.62 0.25
CA THR J 38 -8.58 40.83 -0.76
C THR J 38 -8.20 39.36 -0.60
N PRO J 39 -9.03 38.44 -1.07
CA PRO J 39 -8.74 37.02 -0.89
C PRO J 39 -7.37 36.60 -1.41
N GLN J 40 -6.90 37.21 -2.50
CA GLN J 40 -5.53 36.95 -2.95
C GLN J 40 -4.51 37.39 -1.91
N ASP J 41 -4.80 38.47 -1.18
CA ASP J 41 -3.88 38.93 -0.16
C ASP J 41 -3.71 37.91 0.95
N LEU J 42 -4.81 37.32 1.43
CA LEU J 42 -4.66 36.28 2.45
C LEU J 42 -4.13 34.98 1.85
N ASN J 43 -4.36 34.74 0.57
CA ASN J 43 -3.73 33.59 -0.07
C ASN J 43 -2.21 33.72 -0.04
N THR J 44 -1.70 34.91 -0.36
CA THR J 44 -0.26 35.17 -0.21
C THR J 44 0.15 35.09 1.26
N MET J 45 -0.69 35.61 2.15
CA MET J 45 -0.41 35.60 3.58
C MET J 45 -0.25 34.17 4.10
N LEU J 46 -0.93 33.21 3.49
CA LEU J 46 -0.88 31.82 3.90
C LEU J 46 0.20 31.02 3.18
N ASN J 47 0.42 31.29 1.90
CA ASN J 47 1.38 30.49 1.13
C ASN J 47 2.80 30.70 1.62
N THR J 48 3.16 31.94 1.97
CA THR J 48 4.52 32.23 2.38
C THR J 48 4.91 31.56 3.69
N VAL J 49 3.95 31.02 4.43
CA VAL J 49 4.27 30.30 5.67
C VAL J 49 5.11 29.07 5.32
N GLY J 50 6.35 29.05 5.80
CA GLY J 50 7.22 27.92 5.59
C GLY J 50 7.17 26.95 6.75
N GLY J 51 7.30 25.66 6.41
CA GLY J 51 7.19 24.62 7.41
C GLY J 51 5.75 24.38 7.82
N HIS J 52 5.59 23.51 8.80
CA HIS J 52 4.28 23.13 9.33
C HIS J 52 3.35 22.69 8.19
N GLN J 53 3.81 21.69 7.44
CA GLN J 53 3.04 21.21 6.30
C GLN J 53 1.73 20.58 6.75
N ALA J 54 1.74 19.83 7.86
CA ALA J 54 0.52 19.23 8.36
C ALA J 54 -0.51 20.28 8.76
N ALA J 55 -0.06 21.35 9.43
CA ALA J 55 -0.97 22.41 9.82
C ALA J 55 -1.57 23.09 8.60
N MET J 56 -0.74 23.35 7.58
CA MET J 56 -1.26 23.97 6.37
C MET J 56 -2.24 23.05 5.64
N GLN J 57 -2.01 21.73 5.69
CA GLN J 57 -2.96 20.79 5.11
C GLN J 57 -4.30 20.83 5.84
N MET J 58 -4.27 20.86 7.17
CA MET J 58 -5.50 20.98 7.93
C MET J 58 -6.22 22.28 7.60
N LEU J 59 -5.48 23.37 7.49
CA LEU J 59 -6.08 24.66 7.14
C LEU J 59 -6.73 24.60 5.77
N LYS J 60 -6.04 24.02 4.79
CA LYS J 60 -6.61 23.90 3.45
C LYS J 60 -7.88 23.05 3.47
N GLU J 61 -7.86 21.96 4.23
CA GLU J 61 -9.06 21.13 4.34
C GLU J 61 -10.21 21.91 4.93
N THR J 62 -9.94 22.73 5.94
CA THR J 62 -11.00 23.55 6.53
C THR J 62 -11.54 24.55 5.52
N ILE J 63 -10.67 25.18 4.73
CA ILE J 63 -11.15 26.12 3.72
C ILE J 63 -12.00 25.41 2.68
N ASN J 64 -11.61 24.20 2.26
CA ASN J 64 -12.45 23.45 1.32
C ASN J 64 -13.80 23.13 1.94
N GLU J 65 -13.83 22.77 3.23
CA GLU J 65 -15.08 22.46 3.89
C GLU J 65 -16.01 23.68 3.89
N GLU J 66 -15.49 24.83 4.31
CA GLU J 66 -16.34 26.02 4.34
C GLU J 66 -16.74 26.47 2.94
N ALA J 67 -15.86 26.32 1.95
CA ALA J 67 -16.24 26.66 0.58
C ALA J 67 -17.35 25.76 0.07
N ALA J 68 -17.28 24.46 0.37
CA ALA J 68 -18.34 23.55 -0.02
C ALA J 68 -19.65 23.92 0.66
N GLU J 69 -19.58 24.29 1.95
CA GLU J 69 -20.80 24.70 2.65
C GLU J 69 -21.39 25.97 2.03
N TRP J 70 -20.53 26.93 1.69
CA TRP J 70 -21.01 28.15 1.04
C TRP J 70 -21.67 27.85 -0.29
N ASP J 71 -21.06 26.96 -1.08
CA ASP J 71 -21.67 26.57 -2.35
C ASP J 71 -23.00 25.87 -2.13
N ARG J 72 -23.09 25.04 -1.10
CA ARG J 72 -24.34 24.35 -0.80
C ARG J 72 -25.45 25.33 -0.43
N LEU J 73 -25.14 26.29 0.44
CA LEU J 73 -26.17 27.20 0.92
C LEU J 73 -26.55 28.26 -0.11
N HIS J 74 -25.61 28.68 -0.96
CA HIS J 74 -25.88 29.71 -1.95
C HIS J 74 -25.88 29.11 -3.34
N PRO J 75 -27.01 29.12 -4.05
CA PRO J 75 -27.06 28.50 -5.38
C PRO J 75 -26.70 29.47 -6.50
N VAL J 76 -26.68 28.96 -7.73
CA VAL J 76 -26.41 29.79 -8.90
C VAL J 76 -27.63 30.63 -9.21
N HIS J 77 -27.44 31.94 -9.34
CA HIS J 77 -28.53 32.82 -9.72
C HIS J 77 -28.92 32.56 -11.18
N ALA J 78 -30.23 32.58 -11.42
CA ALA J 78 -30.74 32.33 -12.77
C ALA J 78 -30.31 33.45 -13.72
N GLY J 79 -29.86 33.06 -14.90
CA GLY J 79 -29.41 34.01 -15.90
C GLY J 79 -27.90 34.09 -15.96
N PRO J 80 -27.30 33.43 -16.97
CA PRO J 80 -25.84 33.45 -17.09
C PRO J 80 -25.28 34.82 -17.45
N ILE J 81 -26.10 35.73 -17.97
CA ILE J 81 -25.65 37.05 -18.40
C ILE J 81 -26.43 38.09 -17.59
N ALA J 82 -25.70 39.01 -16.95
CA ALA J 82 -26.30 40.08 -16.17
C ALA J 82 -25.57 41.38 -16.49
N PRO J 83 -26.12 42.22 -17.36
CA PRO J 83 -25.44 43.50 -17.67
C PRO J 83 -25.33 44.42 -16.48
N GLY J 84 -26.28 44.38 -15.53
CA GLY J 84 -26.25 45.30 -14.41
C GLY J 84 -25.05 45.09 -13.50
N GLN J 85 -24.78 43.84 -13.15
CA GLN J 85 -23.69 43.52 -12.23
C GLN J 85 -23.07 42.20 -12.65
N MET J 86 -21.82 41.99 -12.22
CA MET J 86 -21.06 40.80 -12.59
C MET J 86 -21.56 39.60 -11.79
N ARG J 87 -20.88 38.46 -11.94
CA ARG J 87 -21.32 37.21 -11.36
C ARG J 87 -21.25 37.25 -9.83
N GLU J 88 -22.09 36.42 -9.22
CA GLU J 88 -22.08 36.26 -7.77
C GLU J 88 -20.93 35.36 -7.33
N PRO J 89 -20.40 35.58 -6.12
CA PRO J 89 -19.28 34.77 -5.66
C PRO J 89 -19.64 33.31 -5.48
N ARG J 90 -18.65 32.46 -5.68
CA ARG J 90 -18.76 31.03 -5.44
C ARG J 90 -17.99 30.66 -4.17
N GLY J 91 -18.01 29.37 -3.84
CA GLY J 91 -17.23 28.90 -2.72
C GLY J 91 -15.73 28.96 -2.99
N SER J 92 -15.33 28.59 -4.21
CA SER J 92 -13.91 28.54 -4.54
C SER J 92 -13.33 29.93 -4.75
N ASP J 93 -14.04 30.81 -5.47
CA ASP J 93 -13.47 32.10 -5.80
C ASP J 93 -13.41 33.05 -4.62
N ILE J 94 -14.23 32.81 -3.59
CA ILE J 94 -14.06 33.55 -2.33
C ILE J 94 -12.74 33.17 -1.68
N ALA J 95 -12.36 31.89 -1.77
CA ALA J 95 -11.04 31.45 -1.33
C ALA J 95 -9.94 31.93 -2.25
N GLY J 96 -10.27 32.51 -3.41
CA GLY J 96 -9.30 33.08 -4.30
C GLY J 96 -8.72 32.14 -5.33
N THR J 97 -9.07 30.85 -5.27
CA THR J 97 -8.51 29.89 -6.22
C THR J 97 -8.96 30.21 -7.65
N THR J 98 -10.24 30.56 -7.82
CA THR J 98 -10.81 30.80 -9.14
C THR J 98 -11.33 32.23 -9.26
N SER J 99 -10.57 33.21 -8.77
CA SER J 99 -10.95 34.60 -8.86
C SER J 99 -9.73 35.45 -9.16
N THR J 100 -9.97 36.59 -9.81
CA THR J 100 -8.94 37.57 -10.08
C THR J 100 -9.03 38.72 -9.07
N LEU J 101 -7.93 39.45 -8.93
CA LEU J 101 -7.90 40.56 -7.98
C LEU J 101 -8.89 41.65 -8.35
N GLN J 102 -9.09 41.89 -9.66
CA GLN J 102 -10.06 42.89 -10.08
C GLN J 102 -11.47 42.51 -9.65
N GLU J 103 -11.84 41.23 -9.82
CA GLU J 103 -13.16 40.78 -9.41
C GLU J 103 -13.35 40.89 -7.91
N GLN J 104 -12.33 40.50 -7.13
CA GLN J 104 -12.43 40.60 -5.69
C GLN J 104 -12.56 42.04 -5.24
N ILE J 105 -11.79 42.94 -5.85
CA ILE J 105 -11.90 44.35 -5.51
C ILE J 105 -13.28 44.88 -5.86
N GLY J 106 -13.80 44.50 -7.02
CA GLY J 106 -15.15 44.92 -7.39
C GLY J 106 -16.19 44.43 -6.41
N TRP J 107 -16.06 43.19 -5.95
CA TRP J 107 -17.01 42.66 -4.96
C TRP J 107 -16.91 43.43 -3.64
N MET J 108 -15.69 43.62 -3.13
CA MET J 108 -15.51 44.32 -1.86
C MET J 108 -15.78 45.82 -1.95
N THR J 109 -15.94 46.36 -3.16
CA THR J 109 -16.21 47.77 -3.33
C THR J 109 -17.60 48.03 -3.89
N HIS J 110 -18.31 47.01 -4.34
CA HIS J 110 -19.64 47.18 -4.93
C HIS J 110 -20.62 47.73 -3.90
N ASN J 111 -21.68 48.35 -4.41
CA ASN J 111 -22.77 48.84 -3.57
C ASN J 111 -24.03 48.04 -3.88
N PRO J 112 -24.51 47.18 -2.98
CA PRO J 112 -23.99 46.88 -1.63
C PRO J 112 -22.76 45.98 -1.67
N PRO J 113 -21.90 46.08 -0.65
CA PRO J 113 -20.67 45.28 -0.65
C PRO J 113 -20.94 43.80 -0.42
N ILE J 114 -20.20 42.97 -1.13
CA ILE J 114 -20.16 41.53 -0.88
C ILE J 114 -18.79 41.23 -0.32
N PRO J 115 -18.60 41.27 1.00
CA PRO J 115 -17.25 41.18 1.56
C PRO J 115 -16.65 39.79 1.47
N VAL J 116 -16.14 39.44 0.28
CA VAL J 116 -15.47 38.16 0.11
C VAL J 116 -14.22 38.08 1.00
N GLY J 117 -13.55 39.21 1.20
CA GLY J 117 -12.37 39.21 2.05
C GLY J 117 -12.69 38.83 3.49
N GLU J 118 -13.77 39.40 4.04
CA GLU J 118 -14.13 39.09 5.42
C GLU J 118 -14.57 37.64 5.56
N ILE J 119 -15.32 37.12 4.60
CA ILE J 119 -15.77 35.73 4.66
C ILE J 119 -14.57 34.79 4.59
N TYR J 120 -13.65 35.05 3.67
CA TYR J 120 -12.44 34.25 3.58
C TYR J 120 -11.64 34.33 4.88
N LYS J 121 -11.54 35.53 5.45
CA LYS J 121 -10.82 35.69 6.72
C LYS J 121 -11.48 34.87 7.82
N ARG J 122 -12.81 34.82 7.83
CA ARG J 122 -13.51 33.99 8.81
C ARG J 122 -13.18 32.52 8.61
N TRP J 123 -13.14 32.06 7.36
CA TRP J 123 -12.80 30.67 7.10
C TRP J 123 -11.39 30.35 7.58
N ILE J 124 -10.43 31.22 7.28
CA ILE J 124 -9.06 31.00 7.77
C ILE J 124 -9.01 31.06 9.29
N ILE J 125 -9.84 31.91 9.91
CA ILE J 125 -9.84 32.00 11.37
C ILE J 125 -10.31 30.68 11.96
N LEU J 126 -11.36 30.09 11.38
CA LEU J 126 -11.80 28.77 11.81
C LEU J 126 -10.70 27.74 11.60
N GLY J 127 -9.99 27.82 10.46
CA GLY J 127 -8.91 26.89 10.21
C GLY J 127 -7.80 26.99 11.24
N LEU J 128 -7.38 28.21 11.56
CA LEU J 128 -6.34 28.39 12.57
C LEU J 128 -6.82 27.98 13.96
N ASN J 129 -8.10 28.20 14.27
CA ASN J 129 -8.61 27.72 15.55
C ASN J 129 -8.52 26.21 15.63
N LYS J 130 -8.90 25.51 14.56
CA LYS J 130 -8.75 24.07 14.53
C LYS J 130 -7.29 23.66 14.63
N ILE J 131 -6.40 24.42 13.99
CA ILE J 131 -4.97 24.11 14.01
C ILE J 131 -4.43 24.20 15.44
N VAL J 132 -4.71 25.30 16.12
CA VAL J 132 -4.23 25.48 17.48
C VAL J 132 -4.94 24.54 18.44
N ARG J 133 -6.13 24.06 18.09
CA ARG J 133 -6.83 23.10 18.92
C ARG J 133 -6.24 21.70 18.79
N MET J 134 -5.82 21.31 17.59
CA MET J 134 -5.46 19.93 17.30
C MET J 134 -4.00 19.71 16.95
N TYR J 135 -3.40 20.58 16.14
CA TYR J 135 -2.06 20.33 15.63
C TYR J 135 -1.02 20.57 16.72
N SER J 136 -0.09 19.62 16.86
CA SER J 136 1.03 19.77 17.79
C SER J 136 2.33 19.86 16.99
N PRO J 137 3.04 20.98 17.07
CA PRO J 137 4.27 21.11 16.29
C PRO J 137 5.36 20.16 16.75
N THR J 138 6.22 19.79 15.81
CA THR J 138 7.39 18.97 16.12
C THR J 138 8.58 19.85 16.45
N SER J 139 9.54 19.29 17.16
CA SER J 139 10.72 20.03 17.58
C SER J 139 11.89 19.06 17.76
N ILE J 140 13.09 19.62 17.81
CA ILE J 140 14.28 18.80 17.95
C ILE J 140 14.30 18.08 19.29
N LEU J 141 13.79 18.73 20.35
CA LEU J 141 13.77 18.08 21.65
C LEU J 141 12.78 16.93 21.71
N ASP J 142 11.81 16.89 20.80
CA ASP J 142 10.86 15.78 20.75
C ASP J 142 11.44 14.54 20.08
N ILE J 143 12.61 14.64 19.47
CA ILE J 143 13.23 13.51 18.80
C ILE J 143 13.93 12.66 19.87
N ARG J 144 13.42 11.46 20.08
CA ARG J 144 14.00 10.54 21.06
C ARG J 144 14.10 9.16 20.43
N GLN J 145 15.18 8.45 20.75
CA GLN J 145 15.43 7.14 20.17
C GLN J 145 14.50 6.10 20.79
N GLY J 146 13.83 5.33 19.94
CA GLY J 146 12.98 4.26 20.41
C GLY J 146 13.79 3.14 21.01
N PRO J 147 13.18 2.36 21.90
CA PRO J 147 13.93 1.30 22.59
C PRO J 147 14.53 0.27 21.65
N LYS J 148 13.85 -0.04 20.54
CA LYS J 148 14.34 -1.00 19.57
C LYS J 148 14.82 -0.33 18.28
N GLU J 149 14.88 0.99 18.26
CA GLU J 149 15.30 1.69 17.05
C GLU J 149 16.82 1.62 16.89
N PRO J 150 17.32 1.27 15.71
CA PRO J 150 18.77 1.30 15.50
C PRO J 150 19.30 2.73 15.53
N PHE J 151 20.55 2.86 15.94
CA PHE J 151 21.13 4.19 16.13
C PHE J 151 21.24 4.97 14.81
N ARG J 152 21.41 4.26 13.69
CA ARG J 152 21.58 4.95 12.41
C ARG J 152 20.30 5.67 11.99
N ASP J 153 19.16 4.98 12.06
CA ASP J 153 17.90 5.64 11.73
C ASP J 153 17.55 6.72 12.73
N TYR J 154 17.91 6.52 14.00
CA TYR J 154 17.76 7.59 14.98
C TYR J 154 18.52 8.84 14.55
N VAL J 155 19.80 8.67 14.19
CA VAL J 155 20.62 9.81 13.80
C VAL J 155 20.06 10.46 12.55
N ASP J 156 19.59 9.66 11.60
CA ASP J 156 19.02 10.20 10.38
C ASP J 156 17.79 11.05 10.69
N ARG J 157 16.90 10.55 11.54
CA ARG J 157 15.72 11.32 11.92
C ARG J 157 16.09 12.58 12.67
N PHE J 158 17.04 12.47 13.60
CA PHE J 158 17.47 13.62 14.38
C PHE J 158 18.01 14.72 13.48
N TYR J 159 18.88 14.35 12.54
CA TYR J 159 19.44 15.34 11.64
C TYR J 159 18.38 15.89 10.68
N LYS J 160 17.42 15.07 10.27
CA LYS J 160 16.36 15.56 9.40
C LYS J 160 15.54 16.65 10.09
N THR J 161 15.11 16.39 11.32
CA THR J 161 14.33 17.41 12.03
C THR J 161 15.19 18.61 12.41
N LEU J 162 16.45 18.38 12.78
CA LEU J 162 17.33 19.50 13.15
C LEU J 162 17.57 20.41 11.95
N ARG J 163 17.77 19.83 10.78
CA ARG J 163 17.92 20.61 9.56
C ARG J 163 16.61 21.28 9.17
N ALA J 164 15.48 20.66 9.49
CA ALA J 164 14.19 21.33 9.30
C ALA J 164 13.95 22.42 10.34
N GLU J 165 14.69 22.40 11.45
CA GLU J 165 14.52 23.39 12.49
C GLU J 165 14.98 24.77 12.02
N GLN J 166 14.36 25.80 12.56
CA GLN J 166 14.72 27.18 12.27
C GLN J 166 15.56 27.72 13.42
N ALA J 167 16.85 27.90 13.17
CA ALA J 167 17.81 28.35 14.18
C ALA J 167 19.08 28.77 13.45
N SER J 168 20.14 29.03 14.23
CA SER J 168 21.43 29.41 13.69
C SER J 168 22.37 28.21 13.67
N GLN J 169 23.44 28.34 12.88
CA GLN J 169 24.36 27.22 12.70
C GLN J 169 25.08 26.85 13.98
N GLU J 170 25.51 27.84 14.76
CA GLU J 170 26.26 27.55 15.98
C GLU J 170 25.39 26.84 17.01
N VAL J 171 24.16 27.32 17.20
CA VAL J 171 23.27 26.69 18.17
C VAL J 171 22.82 25.33 17.66
N LYS J 172 22.71 25.15 16.34
CA LYS J 172 22.43 23.83 15.78
C LYS J 172 23.57 22.86 16.07
N ASN J 173 24.81 23.32 15.92
CA ASN J 173 25.95 22.46 16.26
C ASN J 173 25.93 22.12 17.74
N TRP J 174 25.55 23.08 18.58
CA TRP J 174 25.45 22.80 20.01
C TRP J 174 24.37 21.76 20.30
N MET J 175 23.23 21.85 19.61
CA MET J 175 22.21 20.81 19.72
C MET J 175 22.76 19.46 19.33
N THR J 176 23.46 19.40 18.20
CA THR J 176 24.06 18.14 17.77
C THR J 176 25.01 17.61 18.83
N GLU J 177 25.75 18.50 19.49
CA GLU J 177 26.70 18.08 20.51
C GLU J 177 25.99 17.48 21.73
N THR J 178 24.89 18.10 22.18
CA THR J 178 24.30 17.67 23.45
C THR J 178 23.11 16.72 23.31
N LEU J 179 22.14 17.04 22.45
CA LEU J 179 20.90 16.29 22.42
C LEU J 179 21.09 14.88 21.87
N LEU J 180 22.06 14.68 20.98
CA LEU J 180 22.25 13.36 20.37
C LEU J 180 22.50 12.29 21.43
N VAL J 181 23.36 12.59 22.40
CA VAL J 181 23.59 11.65 23.49
C VAL J 181 22.62 11.88 24.65
N GLN J 182 22.00 13.05 24.73
CA GLN J 182 21.00 13.26 25.78
C GLN J 182 19.74 12.45 25.54
N ASN J 183 19.37 12.24 24.28
CA ASN J 183 18.19 11.45 23.92
C ASN J 183 18.68 10.18 23.24
N ALA J 184 18.74 9.09 23.99
CA ALA J 184 19.19 7.81 23.46
C ALA J 184 18.71 6.69 24.37
N ASN J 185 18.70 5.48 23.83
CA ASN J 185 18.34 4.32 24.63
C ASN J 185 19.39 4.11 25.72
N PRO J 186 19.00 3.49 26.84
CA PRO J 186 20.00 3.18 27.87
C PRO J 186 21.15 2.34 27.36
N ASP J 187 20.91 1.43 26.41
CA ASP J 187 22.01 0.67 25.82
C ASP J 187 22.92 1.57 25.00
N CYS J 188 22.34 2.36 24.09
CA CYS J 188 23.15 3.28 23.29
C CYS J 188 23.78 4.35 24.17
N LYS J 189 23.05 4.83 25.18
CA LYS J 189 23.63 5.80 26.10
C LYS J 189 24.82 5.22 26.85
N THR J 190 24.70 3.97 27.31
CA THR J 190 25.82 3.33 28.00
C THR J 190 27.02 3.18 27.07
N ILE J 191 26.77 2.78 25.83
CA ILE J 191 27.86 2.63 24.86
C ILE J 191 28.55 3.97 24.62
N LEU J 192 27.76 5.02 24.44
CA LEU J 192 28.32 6.34 24.15
C LEU J 192 29.07 6.91 25.36
N LYS J 193 28.58 6.65 26.56
CA LYS J 193 29.28 7.11 27.75
C LYS J 193 30.57 6.33 27.97
N ALA J 194 30.59 5.05 27.59
CA ALA J 194 31.85 4.31 27.61
C ALA J 194 32.87 4.94 26.69
N LEU J 195 32.42 5.41 25.52
CA LEU J 195 33.28 6.20 24.65
C LEU J 195 33.67 7.50 25.35
N GLY J 196 34.91 7.91 25.15
CA GLY J 196 35.37 9.17 25.70
C GLY J 196 34.68 10.35 25.06
N PRO J 197 34.57 11.45 25.79
CA PRO J 197 33.97 12.67 25.21
C PRO J 197 34.79 13.17 24.04
N GLY J 198 34.10 13.76 23.07
CA GLY J 198 34.74 14.25 21.87
C GLY J 198 34.81 13.26 20.72
N ALA J 199 34.20 12.10 20.86
CA ALA J 199 34.17 11.13 19.77
C ALA J 199 33.33 11.66 18.61
N THR J 200 33.76 11.33 17.40
CA THR J 200 33.10 11.81 16.21
C THR J 200 31.77 11.07 16.00
N LEU J 201 30.97 11.59 15.07
CA LEU J 201 29.70 10.94 14.75
C LEU J 201 29.92 9.55 14.19
N GLU J 202 30.93 9.39 13.33
CA GLU J 202 31.21 8.07 12.76
C GLU J 202 31.62 7.09 13.84
N GLU J 203 32.43 7.52 14.80
CA GLU J 203 32.83 6.64 15.90
C GLU J 203 31.63 6.21 16.73
N MET J 204 30.73 7.16 17.01
CA MET J 204 29.54 6.82 17.79
C MET J 204 28.64 5.86 17.03
N MET J 205 28.45 6.08 15.73
CA MET J 205 27.62 5.19 14.93
C MET J 205 28.22 3.79 14.85
N THR J 206 29.55 3.71 14.73
CA THR J 206 30.21 2.41 14.72
C THR J 206 30.05 1.70 16.07
N ALA J 207 30.18 2.46 17.17
CA ALA J 207 30.10 1.84 18.49
C ALA J 207 28.70 1.32 18.79
N CYS J 208 27.67 1.91 18.17
CA CYS J 208 26.28 1.49 18.38
C CYS J 208 25.73 0.69 17.22
N GLN J 209 26.60 0.07 16.42
CA GLN J 209 26.13 -0.75 15.32
C GLN J 209 25.60 -2.09 15.81
N GLY J 210 26.13 -2.60 16.93
CA GLY J 210 25.74 -3.90 17.43
C GLY J 210 24.58 -3.93 18.37
N VAL J 211 23.91 -2.79 18.60
CA VAL J 211 22.79 -2.76 19.54
C VAL J 211 21.58 -3.42 18.88
N GLY J 212 21.11 -4.51 19.49
CA GLY J 212 20.02 -5.29 18.93
C GLY J 212 20.45 -6.55 18.22
N GLY J 213 21.75 -6.81 18.11
CA GLY J 213 22.24 -8.00 17.47
C GLY J 213 22.47 -9.11 18.46
N PRO J 214 22.76 -10.32 17.95
CA PRO J 214 22.98 -11.46 18.85
C PRO J 214 24.12 -11.25 19.83
N GLY J 215 25.21 -10.63 19.40
CA GLY J 215 26.35 -10.45 20.30
C GLY J 215 26.02 -9.57 21.48
N HIS J 216 25.36 -8.43 21.21
CA HIS J 216 24.93 -7.56 22.29
C HIS J 216 23.93 -8.27 23.19
N LYS J 217 22.79 -8.66 22.63
CA LYS J 217 21.75 -9.33 23.40
C LYS J 217 22.26 -10.53 24.18
N ALA J 218 23.41 -11.10 23.80
CA ALA J 218 24.03 -12.13 24.61
C ALA J 218 24.91 -11.56 25.71
N ARG J 219 25.71 -10.54 25.40
CA ARG J 219 26.63 -9.98 26.39
C ARG J 219 25.86 -9.32 27.54
N VAL J 220 24.82 -8.56 27.23
CA VAL J 220 24.05 -7.89 28.27
C VAL J 220 23.37 -8.91 29.18
N ILE J 221 22.82 -9.97 28.59
CA ILE J 221 22.17 -11.01 29.39
C ILE J 221 23.19 -11.70 30.28
N ALA J 222 24.36 -12.01 29.74
CA ALA J 222 25.40 -12.63 30.56
C ALA J 222 25.84 -11.72 31.70
N GLU J 223 25.97 -10.42 31.43
CA GLU J 223 26.34 -9.48 32.47
C GLU J 223 25.28 -9.43 33.56
N ALA J 224 24.00 -9.44 33.17
CA ALA J 224 22.93 -9.43 34.16
C ALA J 224 22.94 -10.69 35.01
N MET J 225 23.16 -11.86 34.38
CA MET J 225 23.24 -13.10 35.14
C MET J 225 24.40 -13.08 36.11
N SER J 226 25.55 -12.54 35.67
CA SER J 226 26.69 -12.40 36.58
C SER J 226 26.35 -11.49 37.75
N GLN J 227 25.65 -10.39 37.48
CA GLN J 227 25.32 -9.44 38.53
C GLN J 227 24.40 -10.04 39.57
N VAL J 228 23.38 -10.79 39.14
CA VAL J 228 22.39 -11.31 40.08
C VAL J 228 22.75 -12.70 40.62
N THR J 229 23.85 -13.29 40.18
CA THR J 229 24.27 -14.58 40.71
C THR J 229 25.71 -14.53 41.20
N HIS K 2 5.51 47.16 -14.26
CA HIS K 2 6.62 46.42 -14.84
C HIS K 2 7.13 45.35 -13.89
N GLN K 3 8.43 45.09 -13.94
CA GLN K 3 9.04 44.10 -13.07
C GLN K 3 9.11 44.62 -11.64
N ALA K 4 8.77 43.75 -10.69
CA ALA K 4 8.82 44.09 -9.28
C ALA K 4 9.14 42.85 -8.48
N ILE K 5 9.64 43.05 -7.26
CA ILE K 5 9.98 41.93 -6.40
C ILE K 5 8.70 41.24 -5.91
N SER K 6 8.83 39.97 -5.57
CA SER K 6 7.67 39.19 -5.14
C SER K 6 7.84 38.76 -3.68
N PRO K 7 6.73 38.53 -2.97
CA PRO K 7 6.85 38.13 -1.55
C PRO K 7 7.65 36.86 -1.33
N ARG K 8 7.59 35.90 -2.25
CA ARG K 8 8.30 34.65 -2.06
C ARG K 8 9.81 34.87 -2.03
N THR K 9 10.34 35.64 -3.01
CA THR K 9 11.77 35.88 -3.07
C THR K 9 12.24 36.69 -1.87
N LEU K 10 11.46 37.70 -1.45
CA LEU K 10 11.84 38.52 -0.31
C LEU K 10 11.84 37.69 0.97
N ASN K 11 10.84 36.83 1.14
CA ASN K 11 10.80 35.96 2.31
C ASN K 11 11.98 35.00 2.30
N ALA K 12 12.33 34.46 1.14
CA ALA K 12 13.50 33.60 1.06
C ALA K 12 14.78 34.36 1.39
N TRP K 13 14.86 35.63 0.97
CA TRP K 13 16.03 36.44 1.25
C TRP K 13 16.19 36.68 2.75
N VAL K 14 15.10 37.08 3.42
CA VAL K 14 15.21 37.30 4.86
C VAL K 14 15.47 35.98 5.58
N LYS K 15 14.91 34.88 5.08
CA LYS K 15 15.14 33.59 5.71
C LYS K 15 16.60 33.14 5.59
N VAL K 16 17.21 33.36 4.42
CA VAL K 16 18.61 32.96 4.28
C VAL K 16 19.50 33.89 5.10
N VAL K 17 19.16 35.18 5.18
CA VAL K 17 19.94 36.07 6.03
C VAL K 17 19.88 35.62 7.48
N GLU K 18 18.68 35.26 7.96
CA GLU K 18 18.55 34.78 9.33
C GLU K 18 19.28 33.46 9.54
N GLU K 19 19.19 32.55 8.55
CA GLU K 19 19.76 31.21 8.71
C GLU K 19 21.27 31.27 8.89
N LYS K 20 21.98 31.72 7.86
CA LYS K 20 23.42 31.89 7.95
C LYS K 20 23.72 33.31 8.43
N ALA K 21 24.44 33.41 9.54
CA ALA K 21 24.64 34.69 10.21
C ALA K 21 25.61 35.57 9.42
N PHE K 22 25.14 36.09 8.29
CA PHE K 22 25.95 36.92 7.39
C PHE K 22 27.24 36.21 7.02
N SER K 23 27.13 34.91 6.73
CA SER K 23 28.22 34.12 6.20
C SER K 23 28.48 34.55 4.76
N PRO K 24 29.61 34.14 4.17
CA PRO K 24 29.84 34.47 2.76
C PRO K 24 28.74 33.98 1.83
N GLU K 25 28.04 32.91 2.20
CA GLU K 25 27.01 32.31 1.36
C GLU K 25 25.83 33.25 1.12
N VAL K 26 25.83 34.41 1.78
CA VAL K 26 24.77 35.39 1.53
C VAL K 26 25.10 36.32 0.37
N ILE K 27 26.37 36.46 0.01
CA ILE K 27 26.73 37.27 -1.16
C ILE K 27 26.18 36.69 -2.46
N PRO K 28 26.33 35.38 -2.75
CA PRO K 28 25.77 34.86 -4.00
C PRO K 28 24.25 34.93 -4.02
N MET K 29 23.62 34.44 -2.94
CA MET K 29 22.17 34.33 -2.90
C MET K 29 21.51 35.68 -3.15
N PHE K 30 22.01 36.73 -2.51
CA PHE K 30 21.52 38.08 -2.78
C PHE K 30 21.63 38.41 -4.26
N SER K 31 22.83 38.23 -4.84
CA SER K 31 23.01 38.50 -6.25
C SER K 31 22.19 37.55 -7.11
N ALA K 32 21.73 36.43 -6.55
CA ALA K 32 20.88 35.50 -7.27
C ALA K 32 19.40 35.83 -7.14
N LEU K 33 19.03 36.80 -6.30
CA LEU K 33 17.63 37.13 -6.08
C LEU K 33 17.21 38.49 -6.63
N SER K 34 18.16 39.40 -6.84
CA SER K 34 17.86 40.76 -7.25
C SER K 34 18.32 41.06 -8.67
N GLU K 35 18.29 40.05 -9.54
CA GLU K 35 18.70 40.26 -10.92
C GLU K 35 17.70 41.15 -11.64
N GLY K 36 18.21 42.20 -12.27
CA GLY K 36 17.34 43.15 -12.96
C GLY K 36 16.35 43.84 -12.04
N ALA K 37 16.80 44.23 -10.86
CA ALA K 37 15.92 44.81 -9.84
C ALA K 37 16.11 46.32 -9.80
N THR K 38 15.00 47.05 -9.77
CA THR K 38 15.04 48.49 -9.63
C THR K 38 15.58 48.85 -8.24
N PRO K 39 16.20 50.04 -8.10
CA PRO K 39 16.76 50.41 -6.79
C PRO K 39 15.74 50.41 -5.67
N GLN K 40 14.48 50.74 -5.94
CA GLN K 40 13.46 50.68 -4.90
C GLN K 40 13.26 49.25 -4.41
N ASP K 41 13.27 48.29 -5.34
CA ASP K 41 13.17 46.88 -4.95
C ASP K 41 14.37 46.47 -4.11
N LEU K 42 15.56 46.96 -4.46
CA LEU K 42 16.75 46.67 -3.66
C LEU K 42 16.63 47.24 -2.26
N ASN K 43 16.13 48.47 -2.14
CA ASN K 43 15.94 49.08 -0.83
C ASN K 43 14.95 48.30 0.00
N THR K 44 13.84 47.88 -0.61
CA THR K 44 12.84 47.10 0.11
C THR K 44 13.42 45.75 0.53
N MET K 45 14.22 45.14 -0.33
CA MET K 45 14.90 43.88 0.00
C MET K 45 15.87 44.06 1.16
N LEU K 46 16.53 45.22 1.22
CA LEU K 46 17.57 45.47 2.21
C LEU K 46 17.02 45.94 3.56
N ASN K 47 15.87 46.60 3.57
CA ASN K 47 15.31 47.15 4.80
C ASN K 47 14.46 46.15 5.57
N THR K 48 14.13 45.00 4.98
CA THR K 48 13.22 44.06 5.60
C THR K 48 13.92 43.07 6.52
N VAL K 49 15.25 43.03 6.52
CA VAL K 49 15.96 42.10 7.40
C VAL K 49 15.91 42.62 8.83
N GLY K 50 15.43 41.78 9.74
CA GLY K 50 15.37 42.14 11.13
C GLY K 50 16.64 41.80 11.88
N GLY K 51 16.92 42.57 12.92
CA GLY K 51 18.12 42.36 13.69
C GLY K 51 19.36 42.79 12.94
N HIS K 52 20.51 42.41 13.50
CA HIS K 52 21.82 42.74 12.93
C HIS K 52 21.94 44.23 12.66
N GLN K 53 21.65 45.03 13.69
CA GLN K 53 21.66 46.48 13.53
C GLN K 53 23.06 47.00 13.21
N ALA K 54 24.09 46.43 13.84
CA ALA K 54 25.45 46.89 13.59
C ALA K 54 25.88 46.63 12.16
N ALA K 55 25.62 45.41 11.67
CA ALA K 55 25.99 45.08 10.29
C ALA K 55 25.23 45.95 9.29
N MET K 56 23.94 46.18 9.54
CA MET K 56 23.17 47.05 8.66
C MET K 56 23.69 48.47 8.69
N GLN K 57 24.13 48.94 9.87
CA GLN K 57 24.73 50.26 9.96
C GLN K 57 26.01 50.35 9.13
N MET K 58 26.85 49.33 9.21
CA MET K 58 28.08 49.30 8.39
C MET K 58 27.74 49.31 6.90
N LEU K 59 26.77 48.49 6.51
CA LEU K 59 26.38 48.44 5.10
C LEU K 59 25.85 49.79 4.65
N LYS K 60 25.03 50.44 5.47
CA LYS K 60 24.52 51.77 5.13
C LYS K 60 25.68 52.74 4.93
N GLU K 61 26.57 52.83 5.93
CA GLU K 61 27.72 53.73 5.82
C GLU K 61 28.49 53.49 4.54
N THR K 62 28.63 52.23 4.14
CA THR K 62 29.24 51.92 2.84
C THR K 62 28.43 52.54 1.71
N ILE K 63 27.10 52.45 1.78
CA ILE K 63 26.27 53.02 0.71
C ILE K 63 26.48 54.52 0.60
N ASN K 64 26.47 55.23 1.75
CA ASN K 64 26.71 56.68 1.69
C ASN K 64 28.10 57.01 1.16
N GLU K 65 29.12 56.26 1.57
CA GLU K 65 30.46 56.57 1.09
C GLU K 65 30.56 56.35 -0.42
N GLU K 66 29.94 55.28 -0.93
CA GLU K 66 29.97 55.02 -2.36
C GLU K 66 29.16 56.07 -3.12
N ALA K 67 28.03 56.52 -2.55
CA ALA K 67 27.26 57.56 -3.19
C ALA K 67 28.04 58.88 -3.24
N ALA K 68 28.77 59.19 -2.17
CA ALA K 68 29.61 60.37 -2.18
C ALA K 68 30.70 60.27 -3.24
N GLU K 69 31.32 59.09 -3.36
CA GLU K 69 32.33 58.90 -4.39
C GLU K 69 31.73 59.05 -5.79
N TRP K 70 30.53 58.51 -6.01
CA TRP K 70 29.87 58.67 -7.30
C TRP K 70 29.57 60.13 -7.60
N ASP K 71 29.10 60.86 -6.59
CA ASP K 71 28.83 62.28 -6.78
C ASP K 71 30.10 63.05 -7.12
N ARG K 72 31.20 62.71 -6.45
CA ARG K 72 32.47 63.39 -6.73
C ARG K 72 32.95 63.09 -8.14
N LEU K 73 32.93 61.81 -8.53
CA LEU K 73 33.48 61.44 -9.84
C LEU K 73 32.57 61.89 -10.98
N HIS K 74 31.26 61.69 -10.84
CA HIS K 74 30.32 62.05 -11.89
C HIS K 74 29.71 63.41 -11.57
N PRO K 75 30.00 64.45 -12.35
CA PRO K 75 29.44 65.77 -12.06
C PRO K 75 27.98 65.86 -12.49
N VAL K 76 27.32 66.89 -11.99
CA VAL K 76 25.94 67.17 -12.32
C VAL K 76 25.92 68.28 -13.38
N HIS K 77 24.74 68.47 -13.99
CA HIS K 77 24.61 69.49 -15.02
C HIS K 77 24.69 70.89 -14.42
N ALA K 78 24.84 71.89 -15.29
CA ALA K 78 24.98 73.27 -14.84
C ALA K 78 23.70 73.81 -14.21
N GLY K 79 22.56 73.15 -14.42
CA GLY K 79 21.31 73.60 -13.86
C GLY K 79 20.15 73.68 -14.84
N PRO K 80 20.40 74.16 -16.07
CA PRO K 80 19.35 74.09 -17.09
C PRO K 80 18.98 72.65 -17.41
N ILE K 81 17.71 72.44 -17.73
CA ILE K 81 17.19 71.12 -18.06
C ILE K 81 17.22 70.91 -19.56
N ALA K 82 17.54 69.69 -19.98
CA ALA K 82 17.59 69.38 -21.38
C ALA K 82 16.19 69.39 -21.99
N PRO K 83 16.06 69.69 -23.29
CA PRO K 83 14.74 69.65 -23.92
C PRO K 83 14.10 68.27 -23.91
N GLY K 84 14.88 67.21 -23.75
CA GLY K 84 14.35 65.87 -23.69
C GLY K 84 13.76 65.47 -22.37
N GLN K 85 13.78 66.37 -21.37
CA GLN K 85 13.21 66.13 -20.05
C GLN K 85 13.86 64.91 -19.38
N MET K 86 15.18 64.87 -19.41
CA MET K 86 15.95 63.82 -18.78
C MET K 86 16.92 64.44 -17.78
N ARG K 87 17.03 63.82 -16.61
CA ARG K 87 17.88 64.32 -15.53
C ARG K 87 18.98 63.32 -15.24
N GLU K 88 20.21 63.82 -15.12
CA GLU K 88 21.33 62.96 -14.78
C GLU K 88 21.16 62.43 -13.36
N PRO K 89 21.37 61.13 -13.13
CA PRO K 89 21.13 60.55 -11.79
C PRO K 89 22.29 60.87 -10.84
N ARG K 90 21.99 61.62 -9.79
CA ARG K 90 23.00 61.94 -8.79
C ARG K 90 23.26 60.72 -7.90
N GLY K 91 24.27 60.86 -7.03
CA GLY K 91 24.67 59.74 -6.20
C GLY K 91 23.57 59.28 -5.24
N SER K 92 22.83 60.23 -4.68
CA SER K 92 21.81 59.89 -3.70
C SER K 92 20.69 59.07 -4.31
N ASP K 93 20.26 59.43 -5.53
CA ASP K 93 19.08 58.78 -6.12
C ASP K 93 19.36 57.38 -6.65
N ILE K 94 20.63 56.98 -6.79
CA ILE K 94 20.92 55.60 -7.16
C ILE K 94 20.48 54.66 -6.05
N ALA K 95 20.72 55.05 -4.78
CA ALA K 95 20.29 54.25 -3.65
C ALA K 95 18.77 54.32 -3.43
N GLY K 96 18.06 55.16 -4.17
CA GLY K 96 16.63 55.28 -4.05
C GLY K 96 16.14 56.27 -3.02
N THR K 97 17.04 56.93 -2.30
CA THR K 97 16.63 57.90 -1.30
C THR K 97 15.91 59.09 -1.94
N THR K 98 16.41 59.56 -3.07
CA THR K 98 15.86 60.75 -3.73
C THR K 98 14.86 60.42 -4.83
N SER K 99 15.25 59.58 -5.79
CA SER K 99 14.39 59.30 -6.93
C SER K 99 13.25 58.37 -6.56
N THR K 100 12.25 58.34 -7.42
CA THR K 100 11.07 57.50 -7.25
C THR K 100 11.19 56.27 -8.15
N LEU K 101 10.18 55.40 -8.09
CA LEU K 101 10.19 54.19 -8.91
C LEU K 101 10.11 54.53 -10.40
N GLN K 102 9.28 55.52 -10.76
CA GLN K 102 9.11 55.85 -12.16
C GLN K 102 10.41 56.37 -12.77
N GLU K 103 11.14 57.22 -12.04
CA GLU K 103 12.40 57.74 -12.56
C GLU K 103 13.44 56.63 -12.71
N GLN K 104 13.51 55.72 -11.74
CA GLN K 104 14.45 54.59 -11.86
C GLN K 104 14.10 53.71 -13.05
N ILE K 105 12.81 53.44 -13.25
CA ILE K 105 12.40 52.62 -14.39
C ILE K 105 12.74 53.32 -15.70
N GLY K 106 12.50 54.63 -15.77
CA GLY K 106 12.85 55.38 -16.98
C GLY K 106 14.33 55.37 -17.26
N TRP K 107 15.15 55.51 -16.22
CA TRP K 107 16.60 55.44 -16.40
C TRP K 107 17.03 54.06 -16.87
N MET K 108 16.46 53.01 -16.28
CA MET K 108 16.86 51.65 -16.64
C MET K 108 16.38 51.27 -18.03
N THR K 109 15.31 51.88 -18.51
CA THR K 109 14.73 51.58 -19.82
C THR K 109 15.21 52.54 -20.89
N HIS K 110 15.85 53.65 -20.52
CA HIS K 110 16.30 54.64 -21.49
C HIS K 110 17.35 54.06 -22.42
N ASN K 111 17.47 54.66 -23.60
CA ASN K 111 18.50 54.30 -24.56
C ASN K 111 19.51 55.43 -24.69
N PRO K 112 20.76 55.25 -24.25
CA PRO K 112 21.35 54.06 -23.63
C PRO K 112 20.91 53.86 -22.18
N PRO K 113 20.93 52.63 -21.68
CA PRO K 113 20.46 52.38 -20.31
C PRO K 113 21.51 52.76 -19.27
N ILE K 114 21.07 53.50 -18.26
CA ILE K 114 21.91 53.78 -17.08
C ILE K 114 21.47 52.80 -15.99
N PRO K 115 22.17 51.68 -15.84
CA PRO K 115 21.69 50.62 -14.92
C PRO K 115 21.89 50.99 -13.46
N VAL K 116 21.04 51.91 -12.97
CA VAL K 116 21.13 52.35 -11.59
C VAL K 116 20.94 51.19 -10.63
N GLY K 117 20.06 50.25 -10.99
CA GLY K 117 19.90 49.06 -10.18
C GLY K 117 21.18 48.26 -10.06
N GLU K 118 21.92 48.14 -11.16
CA GLU K 118 23.19 47.40 -11.13
C GLU K 118 24.23 48.11 -10.26
N ILE K 119 24.30 49.43 -10.35
CA ILE K 119 25.26 50.18 -9.54
C ILE K 119 24.92 50.05 -8.06
N TYR K 120 23.64 50.19 -7.71
CA TYR K 120 23.25 50.04 -6.32
C TYR K 120 23.49 48.61 -5.82
N LYS K 121 23.26 47.62 -6.69
CA LYS K 121 23.54 46.24 -6.33
C LYS K 121 25.03 46.04 -6.06
N ARG K 122 25.88 46.68 -6.88
CA ARG K 122 27.32 46.59 -6.65
C ARG K 122 27.71 47.22 -5.32
N TRP K 123 27.13 48.37 -4.99
CA TRP K 123 27.42 49.01 -3.71
C TRP K 123 26.98 48.14 -2.55
N ILE K 124 25.79 47.55 -2.64
CA ILE K 124 25.30 46.67 -1.59
C ILE K 124 26.19 45.43 -1.48
N ILE K 125 26.70 44.94 -2.61
CA ILE K 125 27.61 43.80 -2.59
C ILE K 125 28.90 44.15 -1.87
N LEU K 126 29.43 45.34 -2.14
CA LEU K 126 30.62 45.79 -1.43
C LEU K 126 30.36 45.89 0.07
N GLY K 127 29.21 46.44 0.45
CA GLY K 127 28.86 46.52 1.86
C GLY K 127 28.75 45.14 2.50
N LEU K 128 28.13 44.19 1.81
CA LEU K 128 28.01 42.84 2.34
C LEU K 128 29.37 42.18 2.48
N ASN K 129 30.26 42.42 1.51
CA ASN K 129 31.62 41.90 1.60
C ASN K 129 32.34 42.44 2.83
N LYS K 130 32.20 43.75 3.08
CA LYS K 130 32.79 44.32 4.28
C LYS K 130 32.18 43.69 5.54
N ILE K 131 30.87 43.48 5.53
CA ILE K 131 30.18 42.90 6.69
C ILE K 131 30.74 41.53 7.01
N VAL K 132 30.83 40.66 6.01
CA VAL K 132 31.36 39.32 6.27
C VAL K 132 32.84 39.39 6.60
N ARG K 133 33.55 40.38 6.05
CA ARG K 133 34.97 40.53 6.33
C ARG K 133 35.24 40.78 7.80
N MET K 134 34.56 41.78 8.38
CA MET K 134 34.88 42.18 9.74
C MET K 134 33.77 41.93 10.75
N TYR K 135 32.52 42.21 10.41
CA TYR K 135 31.45 42.08 11.39
C TYR K 135 31.19 40.62 11.75
N SER K 136 31.00 40.35 13.04
CA SER K 136 30.69 39.01 13.52
C SER K 136 29.43 39.07 14.37
N PRO K 137 28.39 38.33 14.01
CA PRO K 137 27.14 38.38 14.78
C PRO K 137 27.31 37.78 16.17
N THR K 138 26.50 38.28 17.10
CA THR K 138 26.48 37.75 18.45
C THR K 138 25.52 36.57 18.54
N SER K 139 25.71 35.74 19.56
CA SER K 139 24.90 34.56 19.74
C SER K 139 24.74 34.29 21.23
N ILE K 140 23.74 33.46 21.56
CA ILE K 140 23.47 33.14 22.96
C ILE K 140 24.65 32.41 23.58
N LEU K 141 25.30 31.54 22.81
CA LEU K 141 26.45 30.79 23.34
C LEU K 141 27.63 31.69 23.62
N ASP K 142 27.69 32.86 23.00
CA ASP K 142 28.77 33.81 23.28
C ASP K 142 28.60 34.52 24.62
N ILE K 143 27.43 34.41 25.23
CA ILE K 143 27.16 35.10 26.49
C ILE K 143 27.75 34.28 27.62
N ARG K 144 28.78 34.82 28.26
CA ARG K 144 29.40 34.20 29.42
C ARG K 144 29.54 35.23 30.53
N GLN K 145 29.32 34.80 31.76
CA GLN K 145 29.43 35.71 32.89
C GLN K 145 30.89 36.15 33.08
N GLY K 146 31.07 37.43 33.34
CA GLY K 146 32.39 37.97 33.55
C GLY K 146 32.98 37.50 34.86
N PRO K 147 34.24 37.83 35.11
CA PRO K 147 34.89 37.38 36.35
C PRO K 147 34.41 38.17 37.55
N LYS K 148 34.21 39.47 37.40
CA LYS K 148 33.72 40.34 38.46
C LYS K 148 32.29 40.80 38.22
N GLU K 149 31.57 40.17 37.29
CA GLU K 149 30.25 40.63 36.89
C GLU K 149 29.19 40.19 37.92
N PRO K 150 28.27 41.06 38.28
CA PRO K 150 27.14 40.64 39.10
C PRO K 150 26.24 39.67 38.37
N PHE K 151 25.59 38.78 39.14
CA PHE K 151 24.76 37.75 38.54
C PHE K 151 23.51 38.34 37.91
N ARG K 152 22.93 39.38 38.53
CA ARG K 152 21.73 40.01 37.97
C ARG K 152 22.01 40.62 36.60
N ASP K 153 23.14 41.32 36.46
CA ASP K 153 23.48 41.91 35.18
C ASP K 153 23.74 40.84 34.13
N TYR K 154 24.38 39.74 34.52
CA TYR K 154 24.61 38.64 33.59
C TYR K 154 23.30 38.04 33.13
N VAL K 155 22.35 37.85 34.05
CA VAL K 155 21.04 37.31 33.67
C VAL K 155 20.32 38.27 32.75
N ASP K 156 20.41 39.57 33.02
CA ASP K 156 19.78 40.56 32.15
C ASP K 156 20.37 40.50 30.75
N ARG K 157 21.70 40.41 30.64
CA ARG K 157 22.32 40.28 29.32
C ARG K 157 21.91 38.99 28.63
N PHE K 158 21.88 37.89 29.38
CA PHE K 158 21.49 36.61 28.82
C PHE K 158 20.09 36.66 28.22
N TYR K 159 19.14 37.21 28.98
CA TYR K 159 17.77 37.26 28.49
C TYR K 159 17.61 38.29 27.37
N LYS K 160 18.37 39.39 27.42
CA LYS K 160 18.30 40.37 26.35
C LYS K 160 18.78 39.78 25.03
N THR K 161 19.86 38.99 25.07
CA THR K 161 20.31 38.32 23.86
C THR K 161 19.35 37.21 23.45
N LEU K 162 18.76 36.52 24.43
CA LEU K 162 17.85 35.42 24.13
C LEU K 162 16.59 35.90 23.42
N ARG K 163 16.05 37.05 23.85
CA ARG K 163 14.80 37.53 23.26
C ARG K 163 14.95 37.85 21.79
N ALA K 164 16.08 38.45 21.41
CA ALA K 164 16.31 38.80 20.01
C ALA K 164 16.75 37.60 19.17
N GLU K 165 17.03 36.46 19.80
CA GLU K 165 17.48 35.29 19.07
C GLU K 165 16.32 34.63 18.33
N GLN K 166 16.60 34.16 17.11
CA GLN K 166 15.60 33.51 16.29
C GLN K 166 15.57 32.03 16.64
N ALA K 167 14.53 31.62 17.37
CA ALA K 167 14.37 30.23 17.79
C ALA K 167 12.94 30.03 18.27
N SER K 168 12.62 28.78 18.60
CA SER K 168 11.29 28.46 19.10
C SER K 168 11.27 28.52 20.62
N GLN K 169 10.06 28.55 21.18
CA GLN K 169 9.90 28.72 22.61
C GLN K 169 10.45 27.53 23.39
N GLU K 170 10.24 26.31 22.89
CA GLU K 170 10.70 25.13 23.60
C GLU K 170 12.21 25.09 23.68
N VAL K 171 12.89 25.30 22.55
CA VAL K 171 14.35 25.31 22.57
C VAL K 171 14.85 26.50 23.39
N LYS K 172 14.15 27.63 23.37
CA LYS K 172 14.57 28.77 24.18
C LYS K 172 14.50 28.44 25.67
N ASN K 173 13.43 27.77 26.10
CA ASN K 173 13.33 27.35 27.49
C ASN K 173 14.43 26.36 27.84
N TRP K 174 14.73 25.43 26.93
CA TRP K 174 15.79 24.47 27.21
C TRP K 174 17.15 25.15 27.35
N MET K 175 17.44 26.12 26.48
CA MET K 175 18.67 26.89 26.61
C MET K 175 18.70 27.69 27.92
N THR K 176 17.57 28.29 28.29
CA THR K 176 17.51 28.94 29.60
C THR K 176 17.84 27.97 30.71
N GLU K 177 17.35 26.73 30.59
CA GLU K 177 17.60 25.73 31.63
C GLU K 177 19.08 25.36 31.73
N THR K 178 19.75 25.18 30.59
CA THR K 178 21.11 24.63 30.64
C THR K 178 22.21 25.68 30.51
N LEU K 179 22.15 26.55 29.49
CA LEU K 179 23.26 27.45 29.20
C LEU K 179 23.48 28.46 30.32
N LEU K 180 22.41 28.98 30.91
CA LEU K 180 22.56 30.05 31.90
C LEU K 180 23.38 29.59 33.10
N VAL K 181 23.11 28.38 33.59
CA VAL K 181 23.94 27.84 34.67
C VAL K 181 25.26 27.27 34.14
N GLN K 182 25.32 26.89 32.87
CA GLN K 182 26.56 26.36 32.31
C GLN K 182 27.62 27.46 32.20
N ASN K 183 27.25 28.60 31.62
CA ASN K 183 28.17 29.72 31.45
C ASN K 183 28.03 30.65 32.65
N ALA K 184 28.91 30.48 33.63
CA ALA K 184 28.86 31.31 34.83
C ALA K 184 30.25 31.39 35.44
N ASN K 185 30.45 32.40 36.27
CA ASN K 185 31.69 32.53 37.00
C ASN K 185 31.91 31.30 37.87
N PRO K 186 33.15 30.82 38.01
CA PRO K 186 33.40 29.69 38.92
C PRO K 186 32.86 29.93 40.32
N ASP K 187 32.99 31.16 40.84
CA ASP K 187 32.39 31.49 42.13
C ASP K 187 30.88 31.37 42.08
N CYS K 188 30.26 31.83 40.99
CA CYS K 188 28.81 31.67 40.85
C CYS K 188 28.44 30.23 40.54
N LYS K 189 29.24 29.55 39.72
CA LYS K 189 28.90 28.19 39.31
C LYS K 189 28.96 27.22 40.48
N THR K 190 29.94 27.38 41.36
CA THR K 190 30.01 26.47 42.52
C THR K 190 28.81 26.68 43.44
N ILE K 191 28.38 27.93 43.62
CA ILE K 191 27.20 28.19 44.44
C ILE K 191 25.95 27.59 43.80
N LEU K 192 25.81 27.74 42.47
CA LEU K 192 24.66 27.18 41.79
C LEU K 192 24.65 25.66 41.85
N LYS K 193 25.82 25.04 41.72
CA LYS K 193 25.90 23.59 41.81
C LYS K 193 25.66 23.11 43.24
N ALA K 194 25.96 23.94 44.24
CA ALA K 194 25.60 23.60 45.61
C ALA K 194 24.10 23.46 45.76
N LEU K 195 23.33 24.36 45.15
CA LEU K 195 21.88 24.21 45.11
C LEU K 195 21.51 23.00 44.26
N GLY K 196 20.47 22.29 44.67
CA GLY K 196 20.00 21.15 43.94
C GLY K 196 19.38 21.55 42.62
N PRO K 197 19.30 20.61 41.68
CA PRO K 197 18.66 20.92 40.40
C PRO K 197 17.18 21.22 40.58
N GLY K 198 16.65 22.05 39.70
CA GLY K 198 15.28 22.48 39.78
C GLY K 198 15.04 23.74 40.57
N ALA K 199 16.10 24.41 41.02
CA ALA K 199 15.93 25.67 41.73
C ALA K 199 15.44 26.75 40.76
N THR K 200 14.54 27.60 41.26
CA THR K 200 13.97 28.64 40.42
C THR K 200 14.98 29.76 40.19
N LEU K 201 14.66 30.63 39.23
CA LEU K 201 15.56 31.74 38.90
C LEU K 201 15.75 32.68 40.08
N GLU K 202 14.67 32.97 40.81
CA GLU K 202 14.78 33.84 41.97
C GLU K 202 15.68 33.23 43.04
N GLU K 203 15.56 31.93 43.27
CA GLU K 203 16.46 31.26 44.20
C GLU K 203 17.90 31.34 43.74
N MET K 204 18.13 31.16 42.44
CA MET K 204 19.49 31.26 41.89
C MET K 204 20.07 32.64 42.14
N MET K 205 19.30 33.68 41.86
CA MET K 205 19.80 35.04 42.01
C MET K 205 20.01 35.38 43.48
N THR K 206 19.12 34.91 44.36
CA THR K 206 19.31 35.15 45.78
C THR K 206 20.57 34.47 46.29
N ALA K 207 20.83 33.25 45.83
CA ALA K 207 22.06 32.56 46.23
C ALA K 207 23.30 33.28 45.70
N CYS K 208 23.25 33.76 44.46
CA CYS K 208 24.41 34.37 43.84
C CYS K 208 24.60 35.83 44.19
N GLN K 209 23.64 36.46 44.90
CA GLN K 209 23.81 37.84 45.29
C GLN K 209 24.99 38.06 46.23
N GLY K 210 25.49 36.99 46.85
CA GLY K 210 26.57 37.16 47.82
C GLY K 210 27.94 37.29 47.21
N VAL K 211 28.17 36.71 46.03
CA VAL K 211 29.51 36.64 45.46
C VAL K 211 29.99 38.05 45.11
N GLY K 212 31.26 38.31 45.38
CA GLY K 212 31.84 39.62 45.17
C GLY K 212 31.66 40.59 46.31
N GLY K 213 30.90 40.22 47.34
CA GLY K 213 30.71 41.07 48.49
C GLY K 213 31.74 40.79 49.56
N PRO K 214 31.82 41.66 50.56
CA PRO K 214 32.82 41.46 51.62
C PRO K 214 32.70 40.12 52.33
N GLY K 215 31.47 39.67 52.61
CA GLY K 215 31.29 38.40 53.29
C GLY K 215 31.78 37.23 52.47
N HIS K 216 31.40 37.19 51.18
CA HIS K 216 31.85 36.10 50.32
C HIS K 216 33.36 36.11 50.15
N LYS K 217 33.95 37.30 49.97
CA LYS K 217 35.40 37.38 49.81
C LYS K 217 36.12 36.89 51.05
N ALA K 218 35.66 37.31 52.23
CA ALA K 218 36.26 36.83 53.46
C ALA K 218 36.11 35.32 53.59
N ARG K 219 34.93 34.80 53.23
CA ARG K 219 34.71 33.36 53.36
C ARG K 219 35.62 32.57 52.44
N VAL K 220 35.78 32.99 51.18
CA VAL K 220 36.63 32.22 50.27
C VAL K 220 38.09 32.35 50.67
N ILE K 221 38.51 33.54 51.11
CA ILE K 221 39.89 33.72 51.56
C ILE K 221 40.18 32.79 52.73
N ALA K 222 39.27 32.76 53.71
CA ALA K 222 39.47 31.89 54.87
C ALA K 222 39.45 30.42 54.49
N GLU K 223 38.55 30.04 53.58
CA GLU K 223 38.49 28.64 53.16
C GLU K 223 39.76 28.22 52.43
N ALA K 224 40.28 29.09 51.56
CA ALA K 224 41.52 28.77 50.86
C ALA K 224 42.70 28.69 51.82
N MET K 225 42.76 29.60 52.78
CA MET K 225 43.84 29.55 53.77
C MET K 225 43.77 28.29 54.60
N SER K 226 42.56 27.87 54.98
CA SER K 226 42.42 26.63 55.76
C SER K 226 42.80 25.41 54.91
N GLN K 227 42.36 25.38 53.65
CA GLN K 227 42.67 24.23 52.80
C GLN K 227 44.17 24.12 52.53
N VAL K 228 44.83 25.26 52.29
CA VAL K 228 46.27 25.24 52.03
C VAL K 228 47.03 24.74 53.25
N THR K 229 46.68 25.24 54.43
CA THR K 229 47.36 24.85 55.66
C THR K 229 46.36 24.42 56.73
N HIS L 2 -18.97 62.10 13.09
CA HIS L 2 -18.23 60.89 13.35
C HIS L 2 -18.21 60.56 14.84
N GLN L 3 -18.05 59.28 15.16
CA GLN L 3 -18.03 58.83 16.54
C GLN L 3 -16.60 58.83 17.06
N ALA L 4 -16.35 59.62 18.11
CA ALA L 4 -15.03 59.68 18.73
C ALA L 4 -14.85 58.51 19.68
N ILE L 5 -13.77 58.56 20.45
CA ILE L 5 -13.49 57.51 21.44
C ILE L 5 -14.15 57.88 22.76
N SER L 6 -14.95 56.96 23.29
CA SER L 6 -15.63 57.21 24.55
C SER L 6 -14.63 57.19 25.71
N PRO L 7 -14.86 58.00 26.74
CA PRO L 7 -13.96 57.97 27.90
C PRO L 7 -13.87 56.61 28.57
N ARG L 8 -14.98 55.85 28.58
CA ARG L 8 -14.92 54.49 29.13
C ARG L 8 -13.99 53.61 28.30
N THR L 9 -13.99 53.79 26.98
CA THR L 9 -13.08 53.04 26.13
C THR L 9 -11.63 53.35 26.48
N LEU L 10 -11.31 54.63 26.66
CA LEU L 10 -9.95 55.02 27.04
C LEU L 10 -9.58 54.44 28.39
N ASN L 11 -10.50 54.48 29.36
CA ASN L 11 -10.22 53.93 30.68
C ASN L 11 -9.97 52.44 30.60
N ALA L 12 -10.78 51.71 29.81
CA ALA L 12 -10.57 50.29 29.66
C ALA L 12 -9.22 49.99 29.02
N TRP L 13 -8.85 50.77 28.00
CA TRP L 13 -7.57 50.56 27.32
C TRP L 13 -6.40 50.78 28.27
N VAL L 14 -6.42 51.88 29.02
CA VAL L 14 -5.32 52.13 29.94
C VAL L 14 -5.31 51.09 31.04
N LYS L 15 -6.48 50.65 31.50
CA LYS L 15 -6.53 49.65 32.57
C LYS L 15 -5.95 48.32 32.12
N VAL L 16 -6.29 47.88 30.90
CA VAL L 16 -5.71 46.63 30.42
C VAL L 16 -4.21 46.80 30.19
N VAL L 17 -3.78 47.99 29.77
CA VAL L 17 -2.35 48.23 29.59
C VAL L 17 -1.60 48.04 30.91
N GLU L 18 -2.09 48.66 32.00
CA GLU L 18 -1.41 48.49 33.28
C GLU L 18 -1.54 47.07 33.81
N GLU L 19 -2.71 46.45 33.64
CA GLU L 19 -2.94 45.14 34.25
C GLU L 19 -2.09 44.06 33.58
N LYS L 20 -2.10 44.01 32.25
CA LYS L 20 -1.37 42.96 31.55
C LYS L 20 0.13 43.26 31.46
N ALA L 21 0.54 44.51 31.67
CA ALA L 21 1.94 44.92 31.57
C ALA L 21 2.52 44.56 30.22
N PHE L 22 1.80 44.94 29.16
CA PHE L 22 2.19 44.67 27.78
C PHE L 22 2.40 43.17 27.54
N SER L 23 1.53 42.36 28.13
CA SER L 23 1.47 40.95 27.80
C SER L 23 0.91 40.78 26.39
N PRO L 24 1.15 39.62 25.75
CA PRO L 24 0.57 39.41 24.42
C PRO L 24 -0.94 39.61 24.37
N GLU L 25 -1.64 39.44 25.49
CA GLU L 25 -3.08 39.63 25.51
C GLU L 25 -3.48 41.07 25.23
N VAL L 26 -2.54 42.01 25.27
CA VAL L 26 -2.86 43.38 24.91
C VAL L 26 -3.00 43.54 23.39
N ILE L 27 -2.39 42.65 22.61
CA ILE L 27 -2.49 42.73 21.15
C ILE L 27 -3.93 42.53 20.68
N PRO L 28 -4.66 41.50 21.15
CA PRO L 28 -6.07 41.39 20.74
C PRO L 28 -6.92 42.55 21.23
N MET L 29 -6.81 42.87 22.52
CA MET L 29 -7.64 43.91 23.11
C MET L 29 -7.50 45.21 22.34
N PHE L 30 -6.26 45.60 22.01
CA PHE L 30 -6.05 46.85 21.29
C PHE L 30 -6.88 46.91 20.01
N SER L 31 -6.98 45.78 19.30
CA SER L 31 -7.79 45.77 18.10
C SER L 31 -9.27 46.00 18.41
N ALA L 32 -9.77 45.33 19.46
CA ALA L 32 -11.21 45.26 19.68
C ALA L 32 -11.82 46.63 19.93
N LEU L 33 -11.17 47.47 20.72
CA LEU L 33 -11.68 48.81 20.98
C LEU L 33 -11.21 49.85 19.97
N SER L 34 -10.45 49.46 18.95
CA SER L 34 -9.94 50.42 17.99
C SER L 34 -10.55 50.27 16.60
N GLU L 35 -11.59 49.45 16.46
CA GLU L 35 -12.21 49.26 15.15
C GLU L 35 -12.88 50.54 14.70
N GLY L 36 -12.61 50.94 13.45
CA GLY L 36 -13.21 52.15 12.91
C GLY L 36 -12.74 53.42 13.56
N ALA L 37 -11.53 53.44 14.11
CA ALA L 37 -11.00 54.60 14.83
C ALA L 37 -10.11 55.42 13.90
N THR L 38 -10.33 56.73 13.91
CA THR L 38 -9.50 57.64 13.13
C THR L 38 -8.08 57.67 13.71
N PRO L 39 -7.08 57.98 12.88
CA PRO L 39 -5.70 58.02 13.39
C PRO L 39 -5.49 59.04 14.50
N GLN L 40 -6.26 60.14 14.51
CA GLN L 40 -6.18 61.05 15.64
C GLN L 40 -6.68 60.38 16.92
N ASP L 41 -7.77 59.62 16.82
CA ASP L 41 -8.26 58.86 17.97
C ASP L 41 -7.23 57.81 18.40
N LEU L 42 -6.56 57.19 17.42
CA LEU L 42 -5.52 56.23 17.76
C LEU L 42 -4.36 56.89 18.49
N ASN L 43 -3.96 58.08 18.04
CA ASN L 43 -2.90 58.81 18.73
C ASN L 43 -3.30 59.18 20.15
N THR L 44 -4.53 59.65 20.33
CA THR L 44 -5.01 59.98 21.66
C THR L 44 -5.03 58.74 22.56
N MET L 45 -5.51 57.62 22.02
CA MET L 45 -5.57 56.38 22.78
C MET L 45 -4.18 55.84 23.09
N LEU L 46 -3.19 56.17 22.26
CA LEU L 46 -1.81 55.75 22.53
C LEU L 46 -1.14 56.65 23.57
N ASN L 47 -1.45 57.94 23.56
CA ASN L 47 -0.75 58.89 24.41
C ASN L 47 -1.08 58.68 25.89
N THR L 48 -2.32 58.33 26.19
CA THR L 48 -2.76 58.28 27.58
C THR L 48 -2.16 57.11 28.36
N VAL L 49 -1.45 56.19 27.70
CA VAL L 49 -0.81 55.09 28.43
C VAL L 49 0.23 55.68 29.37
N GLY L 50 0.00 55.50 30.67
CA GLY L 50 0.93 55.99 31.67
C GLY L 50 2.06 55.01 31.92
N GLY L 51 3.25 55.55 32.14
CA GLY L 51 4.40 54.71 32.39
C GLY L 51 4.84 53.98 31.13
N HIS L 52 5.73 53.01 31.35
CA HIS L 52 6.29 52.18 30.29
C HIS L 52 6.88 53.06 29.17
N GLN L 53 7.83 53.90 29.57
CA GLN L 53 8.45 54.81 28.60
C GLN L 53 9.24 54.05 27.54
N ALA L 54 9.87 52.94 27.92
CA ALA L 54 10.59 52.14 26.92
C ALA L 54 9.65 51.59 25.87
N ALA L 55 8.47 51.12 26.30
CA ALA L 55 7.49 50.61 25.34
C ALA L 55 7.02 51.71 24.40
N MET L 56 6.76 52.90 24.94
CA MET L 56 6.35 54.01 24.08
C MET L 56 7.45 54.39 23.10
N GLN L 57 8.70 54.36 23.55
CA GLN L 57 9.82 54.67 22.66
C GLN L 57 9.92 53.66 21.54
N MET L 58 9.81 52.37 21.88
CA MET L 58 9.87 51.33 20.84
C MET L 58 8.72 51.46 19.85
N LEU L 59 7.52 51.72 20.37
CA LEU L 59 6.35 51.83 19.50
C LEU L 59 6.47 53.04 18.58
N LYS L 60 6.96 54.17 19.11
CA LYS L 60 7.18 55.35 18.27
C LYS L 60 8.26 55.09 17.22
N GLU L 61 9.31 54.36 17.60
CA GLU L 61 10.33 54.01 16.61
C GLU L 61 9.75 53.17 15.49
N THR L 62 8.91 52.18 15.83
CA THR L 62 8.28 51.36 14.80
C THR L 62 7.35 52.20 13.93
N ILE L 63 6.59 53.11 14.55
CA ILE L 63 5.72 53.98 13.77
C ILE L 63 6.52 54.81 12.79
N ASN L 64 7.64 55.37 13.25
CA ASN L 64 8.49 56.17 12.37
C ASN L 64 9.06 55.33 11.24
N GLU L 65 9.49 54.10 11.55
CA GLU L 65 10.03 53.22 10.51
C GLU L 65 8.98 52.92 9.46
N GLU L 66 7.78 52.56 9.88
CA GLU L 66 6.73 52.23 8.91
C GLU L 66 6.28 53.47 8.14
N ALA L 67 6.27 54.64 8.77
CA ALA L 67 5.95 55.86 8.06
C ALA L 67 7.00 56.18 7.00
N ALA L 68 8.28 55.98 7.33
CA ALA L 68 9.32 56.18 6.33
C ALA L 68 9.19 55.20 5.18
N GLU L 69 8.87 53.94 5.49
CA GLU L 69 8.68 52.95 4.43
C GLU L 69 7.50 53.32 3.54
N TRP L 70 6.41 53.80 4.14
CA TRP L 70 5.26 54.25 3.36
C TRP L 70 5.63 55.44 2.49
N ASP L 71 6.43 56.36 3.02
CA ASP L 71 6.87 57.52 2.24
C ASP L 71 7.71 57.08 1.05
N ARG L 72 8.60 56.10 1.25
CA ARG L 72 9.46 55.64 0.18
C ARG L 72 8.65 54.90 -0.89
N LEU L 73 7.81 53.95 -0.47
CA LEU L 73 7.06 53.15 -1.43
C LEU L 73 6.02 54.00 -2.16
N HIS L 74 5.33 54.88 -1.45
CA HIS L 74 4.27 55.69 -2.05
C HIS L 74 4.78 57.08 -2.32
N PRO L 75 4.93 57.50 -3.57
CA PRO L 75 5.41 58.84 -3.88
C PRO L 75 4.29 59.86 -3.72
N VAL L 76 4.62 61.11 -4.04
CA VAL L 76 3.66 62.21 -3.99
C VAL L 76 3.39 62.67 -5.42
N HIS L 77 2.28 63.38 -5.61
CA HIS L 77 1.90 63.91 -6.90
C HIS L 77 2.25 65.40 -6.96
N ALA L 78 2.87 65.80 -8.06
CA ALA L 78 3.27 67.19 -8.26
C ALA L 78 2.27 67.89 -9.17
N GLY L 79 1.84 69.07 -8.76
CA GLY L 79 0.88 69.84 -9.52
C GLY L 79 -0.26 70.33 -8.67
N PRO L 80 -1.08 71.23 -9.23
CA PRO L 80 -2.24 71.73 -8.48
C PRO L 80 -3.25 70.62 -8.23
N ILE L 81 -3.95 70.75 -7.10
CA ILE L 81 -4.93 69.75 -6.70
C ILE L 81 -6.23 69.98 -7.48
N ALA L 82 -6.69 68.94 -8.17
CA ALA L 82 -7.91 69.06 -8.95
C ALA L 82 -9.14 69.10 -8.03
N PRO L 83 -10.22 69.72 -8.48
CA PRO L 83 -11.45 69.72 -7.67
C PRO L 83 -12.02 68.32 -7.55
N GLY L 84 -12.72 68.09 -6.44
CA GLY L 84 -13.24 66.77 -6.14
C GLY L 84 -12.27 65.83 -5.47
N GLN L 85 -11.05 66.30 -5.16
CA GLN L 85 -10.04 65.49 -4.50
C GLN L 85 -9.13 66.42 -3.73
N MET L 86 -8.32 65.83 -2.85
CA MET L 86 -7.35 66.59 -2.07
C MET L 86 -6.06 65.78 -1.97
N ARG L 87 -5.13 66.26 -1.15
CA ARG L 87 -3.77 65.73 -1.13
C ARG L 87 -3.74 64.27 -0.71
N GLU L 88 -2.85 63.50 -1.32
CA GLU L 88 -2.66 62.12 -0.93
C GLU L 88 -2.06 62.04 0.46
N PRO L 89 -2.36 60.98 1.21
CA PRO L 89 -1.87 60.89 2.60
C PRO L 89 -0.39 60.56 2.64
N ARG L 90 0.39 61.46 3.24
CA ARG L 90 1.79 61.18 3.51
C ARG L 90 1.91 60.23 4.70
N GLY L 91 3.14 59.76 4.94
CA GLY L 91 3.36 58.85 6.05
C GLY L 91 2.99 59.45 7.39
N SER L 92 3.37 60.71 7.61
CA SER L 92 2.98 61.39 8.83
C SER L 92 1.47 61.60 8.90
N ASP L 93 0.83 61.83 7.75
CA ASP L 93 -0.62 61.96 7.74
C ASP L 93 -1.30 60.67 8.19
N ILE L 94 -0.81 59.53 7.71
CA ILE L 94 -1.33 58.24 8.18
C ILE L 94 -1.05 58.08 9.67
N ALA L 95 0.14 58.45 10.11
CA ALA L 95 0.48 58.39 11.53
C ALA L 95 -0.26 59.43 12.35
N GLY L 96 -0.95 60.37 11.71
CA GLY L 96 -1.69 61.39 12.42
C GLY L 96 -0.82 62.38 13.18
N THR L 97 0.27 62.84 12.57
CA THR L 97 1.12 63.85 13.18
C THR L 97 0.91 65.24 12.59
N THR L 98 0.60 65.33 11.30
CA THR L 98 0.35 66.61 10.65
C THR L 98 -0.92 66.55 9.81
N SER L 99 -1.87 65.71 10.19
CA SER L 99 -3.14 65.58 9.49
C SER L 99 -4.27 65.94 10.44
N THR L 100 -5.11 66.89 10.04
CA THR L 100 -6.25 67.28 10.85
C THR L 100 -7.30 66.16 10.85
N LEU L 101 -8.14 66.17 11.89
CA LEU L 101 -9.18 65.16 12.00
C LEU L 101 -10.14 65.23 10.83
N GLN L 102 -10.45 66.44 10.35
CA GLN L 102 -11.35 66.59 9.21
C GLN L 102 -10.77 65.91 7.97
N GLU L 103 -9.47 66.09 7.71
CA GLU L 103 -8.85 65.46 6.57
C GLU L 103 -8.85 63.93 6.70
N GLN L 104 -8.58 63.44 7.91
CA GLN L 104 -8.60 62.00 8.13
C GLN L 104 -9.99 61.42 7.87
N ILE L 105 -11.02 62.10 8.37
CA ILE L 105 -12.39 61.64 8.17
C ILE L 105 -12.74 61.70 6.69
N GLY L 106 -12.28 62.74 5.98
CA GLY L 106 -12.50 62.80 4.55
C GLY L 106 -11.85 61.65 3.81
N TRP L 107 -10.63 61.28 4.21
CA TRP L 107 -9.97 60.13 3.60
C TRP L 107 -10.76 58.84 3.87
N MET L 108 -11.22 58.64 5.11
CA MET L 108 -11.96 57.42 5.42
C MET L 108 -13.27 57.35 4.67
N THR L 109 -13.99 58.47 4.56
CA THR L 109 -15.33 58.48 3.98
C THR L 109 -15.34 58.72 2.48
N HIS L 110 -14.21 59.00 1.86
CA HIS L 110 -14.17 59.23 0.43
C HIS L 110 -14.35 57.90 -0.31
N ASN L 111 -14.88 57.99 -1.54
CA ASN L 111 -15.03 56.83 -2.39
C ASN L 111 -14.08 56.94 -3.57
N PRO L 112 -13.09 56.05 -3.72
CA PRO L 112 -12.78 54.89 -2.87
C PRO L 112 -12.12 55.31 -1.54
N PRO L 113 -12.23 54.49 -0.51
CA PRO L 113 -11.72 54.89 0.80
C PRO L 113 -10.25 54.56 1.01
N ILE L 114 -9.47 55.55 1.43
CA ILE L 114 -8.08 55.34 1.84
C ILE L 114 -8.10 54.96 3.32
N PRO L 115 -7.75 53.74 3.67
CA PRO L 115 -7.92 53.27 5.06
C PRO L 115 -6.79 53.72 5.97
N VAL L 116 -6.74 55.03 6.21
CA VAL L 116 -5.68 55.58 7.07
C VAL L 116 -5.75 54.96 8.46
N GLY L 117 -6.97 54.76 8.96
CA GLY L 117 -7.11 54.19 10.29
C GLY L 117 -6.58 52.77 10.39
N GLU L 118 -6.91 51.92 9.41
CA GLU L 118 -6.47 50.54 9.49
C GLU L 118 -4.98 50.40 9.21
N ILE L 119 -4.42 51.24 8.32
CA ILE L 119 -2.98 51.21 8.10
C ILE L 119 -2.25 51.65 9.38
N TYR L 120 -2.72 52.71 10.02
CA TYR L 120 -2.11 53.13 11.28
C TYR L 120 -2.24 52.05 12.34
N LYS L 121 -3.41 51.40 12.41
CA LYS L 121 -3.60 50.31 13.36
C LYS L 121 -2.64 49.17 13.08
N ARG L 122 -2.38 48.88 11.80
CA ARG L 122 -1.42 47.84 11.45
C ARG L 122 -0.02 48.20 11.91
N TRP L 123 0.39 49.46 11.71
CA TRP L 123 1.70 49.89 12.20
C TRP L 123 1.79 49.76 13.71
N ILE L 124 0.75 50.19 14.42
CA ILE L 124 0.75 50.10 15.88
C ILE L 124 0.75 48.64 16.32
N ILE L 125 0.08 47.76 15.57
CA ILE L 125 0.07 46.34 15.90
C ILE L 125 1.47 45.74 15.73
N LEU L 126 2.17 46.14 14.66
CA LEU L 126 3.55 45.69 14.49
C LEU L 126 4.41 46.16 15.64
N GLY L 127 4.27 47.43 16.03
CA GLY L 127 5.02 47.93 17.16
C GLY L 127 4.70 47.19 18.45
N LEU L 128 3.44 46.88 18.68
CA LEU L 128 3.04 46.17 19.89
C LEU L 128 3.58 44.75 19.89
N ASN L 129 3.59 44.09 18.74
CA ASN L 129 4.17 42.76 18.66
C ASN L 129 5.66 42.81 18.97
N LYS L 130 6.37 43.80 18.43
CA LYS L 130 7.78 43.95 18.76
C LYS L 130 7.96 44.20 20.25
N ILE L 131 7.07 44.99 20.85
CA ILE L 131 7.17 45.27 22.28
C ILE L 131 7.01 43.98 23.09
N VAL L 132 5.94 43.23 22.83
CA VAL L 132 5.71 42.00 23.58
C VAL L 132 6.79 40.97 23.30
N ARG L 133 7.52 41.10 22.19
CA ARG L 133 8.63 40.18 21.95
C ARG L 133 9.90 40.60 22.69
N MET L 134 10.14 41.91 22.81
CA MET L 134 11.44 42.41 23.25
C MET L 134 11.41 43.19 24.56
N TYR L 135 10.25 43.42 25.17
CA TYR L 135 10.14 44.27 26.35
C TYR L 135 9.84 43.41 27.56
N SER L 136 10.66 43.54 28.60
CA SER L 136 10.45 42.84 29.87
C SER L 136 10.17 43.88 30.95
N PRO L 137 8.94 43.98 31.45
CA PRO L 137 8.61 45.04 32.41
C PRO L 137 9.40 44.90 33.70
N THR L 138 9.72 46.05 34.29
CA THR L 138 10.35 46.09 35.60
C THR L 138 9.27 46.16 36.68
N SER L 139 9.61 45.62 37.86
CA SER L 139 8.65 45.57 38.95
C SER L 139 9.41 45.63 40.26
N ILE L 140 8.67 45.95 41.32
CA ILE L 140 9.26 46.03 42.65
C ILE L 140 9.78 44.67 43.10
N LEU L 141 9.29 43.58 42.52
CA LEU L 141 9.79 42.26 42.83
C LEU L 141 11.12 41.96 42.14
N ASP L 142 11.46 42.69 41.07
CA ASP L 142 12.64 42.40 40.27
C ASP L 142 13.76 43.41 40.53
N ILE L 143 13.73 44.14 41.63
CA ILE L 143 14.77 45.09 41.99
C ILE L 143 15.42 44.61 43.28
N ARG L 144 16.68 44.23 43.19
CA ARG L 144 17.47 43.75 44.33
C ARG L 144 18.74 44.59 44.44
N GLN L 145 19.59 44.22 45.39
CA GLN L 145 20.79 45.00 45.70
C GLN L 145 22.03 44.25 45.25
N GLY L 146 22.91 44.94 44.53
CA GLY L 146 24.12 44.36 44.03
C GLY L 146 25.08 44.01 45.15
N PRO L 147 26.02 43.09 44.87
CA PRO L 147 26.94 42.65 45.93
C PRO L 147 27.74 43.78 46.56
N LYS L 148 28.18 44.75 45.77
CA LYS L 148 28.94 45.88 46.28
C LYS L 148 28.17 47.19 46.21
N GLU L 149 26.90 47.14 45.82
CA GLU L 149 26.12 48.36 45.71
C GLU L 149 25.80 48.91 47.10
N PRO L 150 25.95 50.22 47.31
CA PRO L 150 25.68 50.78 48.64
C PRO L 150 24.23 50.58 49.04
N PHE L 151 24.02 50.37 50.35
CA PHE L 151 22.67 50.14 50.86
C PHE L 151 21.78 51.37 50.64
N ARG L 152 22.33 52.56 50.85
CA ARG L 152 21.54 53.78 50.68
C ARG L 152 21.10 53.94 49.23
N ASP L 153 21.99 53.64 48.28
CA ASP L 153 21.63 53.75 46.87
C ASP L 153 20.51 52.78 46.51
N TYR L 154 20.57 51.55 47.03
CA TYR L 154 19.50 50.60 46.74
C TYR L 154 18.20 51.01 47.43
N VAL L 155 18.28 51.60 48.62
CA VAL L 155 17.08 52.11 49.26
C VAL L 155 16.42 53.18 48.39
N ASP L 156 17.23 54.10 47.87
CA ASP L 156 16.71 55.14 47.00
C ASP L 156 16.10 54.56 45.73
N ARG L 157 16.78 53.57 45.13
CA ARG L 157 16.25 52.95 43.92
C ARG L 157 14.94 52.20 44.19
N PHE L 158 14.87 51.50 45.32
CA PHE L 158 13.65 50.81 45.70
C PHE L 158 12.51 51.79 45.91
N TYR L 159 12.78 52.91 46.56
CA TYR L 159 11.73 53.90 46.76
C TYR L 159 11.28 54.50 45.44
N LYS L 160 12.21 54.75 44.52
CA LYS L 160 11.82 55.25 43.21
C LYS L 160 10.96 54.24 42.46
N THR L 161 11.35 52.97 42.47
CA THR L 161 10.57 51.95 41.80
C THR L 161 9.17 51.82 42.41
N LEU L 162 9.08 51.83 43.74
CA LEU L 162 7.78 51.75 44.40
C LEU L 162 6.92 52.96 44.07
N ARG L 163 7.51 54.16 44.04
CA ARG L 163 6.77 55.34 43.65
C ARG L 163 6.30 55.24 42.22
N ALA L 164 7.01 54.50 41.38
CA ALA L 164 6.59 54.26 40.01
C ALA L 164 5.57 53.13 39.89
N GLU L 165 5.28 52.42 40.97
CA GLU L 165 4.35 51.30 40.92
C GLU L 165 2.90 51.78 40.91
N GLN L 166 2.01 50.91 40.45
CA GLN L 166 0.57 51.16 40.44
C GLN L 166 -0.07 50.21 41.46
N ALA L 167 -0.20 50.68 42.69
CA ALA L 167 -0.77 49.88 43.76
C ALA L 167 -1.28 50.80 44.86
N SER L 168 -2.09 50.23 45.75
CA SER L 168 -2.64 51.01 46.85
C SER L 168 -1.56 51.34 47.87
N GLN L 169 -1.82 52.40 48.64
CA GLN L 169 -0.81 52.88 49.60
C GLN L 169 -0.50 51.83 50.65
N GLU L 170 -1.53 51.12 51.13
CA GLU L 170 -1.29 50.07 52.12
C GLU L 170 -0.45 48.95 51.54
N VAL L 171 -0.69 48.58 50.29
CA VAL L 171 0.11 47.55 49.64
C VAL L 171 1.56 48.00 49.53
N LYS L 172 1.78 49.25 49.15
CA LYS L 172 3.14 49.76 49.03
C LYS L 172 3.84 49.80 50.38
N ASN L 173 3.13 50.18 51.43
CA ASN L 173 3.72 50.17 52.77
C ASN L 173 4.09 48.76 53.20
N TRP L 174 3.22 47.78 52.90
CA TRP L 174 3.54 46.39 53.23
C TRP L 174 4.77 45.92 52.45
N MET L 175 4.87 46.28 51.17
CA MET L 175 6.04 45.92 50.38
C MET L 175 7.30 46.57 50.94
N THR L 176 7.20 47.83 51.35
CA THR L 176 8.34 48.47 52.01
C THR L 176 8.75 47.71 53.26
N GLU L 177 7.75 47.23 54.03
CA GLU L 177 8.07 46.50 55.25
C GLU L 177 8.78 45.19 54.97
N THR L 178 8.35 44.46 53.94
CA THR L 178 8.88 43.11 53.75
C THR L 178 10.02 43.02 52.74
N LEU L 179 9.84 43.54 51.52
CA LEU L 179 10.80 43.29 50.45
C LEU L 179 12.14 43.94 50.72
N LEU L 180 12.15 45.12 51.35
CA LEU L 180 13.39 45.84 51.57
C LEU L 180 14.40 44.99 52.32
N VAL L 181 13.99 44.42 53.46
CA VAL L 181 14.88 43.51 54.17
C VAL L 181 15.02 42.19 53.43
N GLN L 182 13.92 41.70 52.85
CA GLN L 182 13.97 40.40 52.19
C GLN L 182 14.92 40.40 51.00
N ASN L 183 14.88 41.46 50.19
CA ASN L 183 15.70 41.56 48.98
C ASN L 183 16.83 42.54 49.25
N ALA L 184 18.01 42.01 49.59
CA ALA L 184 19.17 42.84 49.89
C ALA L 184 20.42 41.98 49.81
N ASN L 185 21.56 42.65 49.86
CA ASN L 185 22.85 41.96 49.85
C ASN L 185 22.94 41.10 51.11
N PRO L 186 23.42 39.85 50.99
CA PRO L 186 23.54 39.00 52.18
C PRO L 186 24.25 39.66 53.36
N ASP L 187 25.25 40.50 53.11
CA ASP L 187 25.83 41.28 54.20
C ASP L 187 24.83 42.28 54.76
N CYS L 188 24.18 43.04 53.88
CA CYS L 188 23.17 43.98 54.32
C CYS L 188 21.98 43.27 54.97
N LYS L 189 21.57 42.14 54.39
CA LYS L 189 20.47 41.37 54.97
C LYS L 189 20.84 40.85 56.35
N THR L 190 22.07 40.35 56.52
CA THR L 190 22.50 39.89 57.83
C THR L 190 22.53 41.03 58.83
N ILE L 191 23.03 42.20 58.43
CA ILE L 191 23.07 43.34 59.33
C ILE L 191 21.65 43.74 59.75
N LEU L 192 20.73 43.77 58.80
CA LEU L 192 19.35 44.15 59.11
C LEU L 192 18.67 43.13 60.01
N LYS L 193 18.87 41.83 59.74
CA LYS L 193 18.20 40.80 60.51
C LYS L 193 18.77 40.69 61.92
N ALA L 194 20.08 40.91 62.08
CA ALA L 194 20.66 40.95 63.41
C ALA L 194 20.07 42.09 64.22
N LEU L 195 19.86 43.24 63.59
CA LEU L 195 19.13 44.32 64.22
C LEU L 195 17.68 43.91 64.46
N GLY L 196 17.11 44.40 65.56
CA GLY L 196 15.76 44.06 65.94
C GLY L 196 14.74 44.45 64.91
N PRO L 197 13.75 43.57 64.68
CA PRO L 197 12.68 43.90 63.72
C PRO L 197 11.87 45.10 64.19
N GLY L 198 11.33 45.84 63.23
CA GLY L 198 10.59 47.04 63.52
C GLY L 198 11.43 48.30 63.61
N ALA L 199 12.73 48.21 63.35
CA ALA L 199 13.57 49.40 63.37
C ALA L 199 13.19 50.34 62.23
N THR L 200 13.36 51.64 62.49
CA THR L 200 12.99 52.64 61.51
C THR L 200 13.94 52.61 60.32
N LEU L 201 13.51 53.24 59.22
CA LEU L 201 14.32 53.24 58.00
C LEU L 201 15.65 53.95 58.22
N GLU L 202 15.64 55.04 58.99
CA GLU L 202 16.89 55.76 59.26
C GLU L 202 17.87 54.88 60.03
N GLU L 203 17.38 54.14 61.03
CA GLU L 203 18.26 53.26 61.79
C GLU L 203 18.81 52.14 60.93
N MET L 204 17.98 51.54 60.07
CA MET L 204 18.46 50.45 59.22
C MET L 204 19.39 50.95 58.13
N MET L 205 19.27 52.22 57.73
CA MET L 205 20.25 52.79 56.80
C MET L 205 21.56 53.09 57.50
N THR L 206 21.49 53.62 58.73
CA THR L 206 22.71 53.92 59.48
C THR L 206 23.48 52.65 59.81
N ALA L 207 22.77 51.57 60.19
CA ALA L 207 23.44 50.32 60.49
C ALA L 207 24.15 49.75 59.28
N CYS L 208 23.61 49.96 58.08
CA CYS L 208 24.20 49.49 56.85
C CYS L 208 25.04 50.54 56.14
N GLN L 209 25.22 51.71 56.75
CA GLN L 209 26.04 52.75 56.13
C GLN L 209 27.51 52.36 56.08
N GLY L 210 27.96 51.51 57.01
CA GLY L 210 29.33 51.07 57.06
C GLY L 210 29.63 49.82 56.27
N VAL L 211 28.67 49.30 55.51
CA VAL L 211 28.91 48.09 54.72
C VAL L 211 29.79 48.43 53.52
N GLY L 212 30.84 47.64 53.33
CA GLY L 212 31.78 47.86 52.25
C GLY L 212 32.96 48.73 52.60
N GLY L 213 32.99 49.31 53.80
CA GLY L 213 34.12 50.13 54.21
C GLY L 213 35.27 49.29 54.72
N PRO L 214 36.37 49.98 55.04
CA PRO L 214 37.54 49.25 55.56
C PRO L 214 37.26 48.51 56.86
N GLY L 215 36.56 49.15 57.80
CA GLY L 215 36.29 48.51 59.07
C GLY L 215 35.46 47.26 58.94
N HIS L 216 34.38 47.33 58.15
CA HIS L 216 33.53 46.17 57.95
C HIS L 216 34.29 45.02 57.28
N LYS L 217 35.08 45.33 56.26
CA LYS L 217 35.84 44.30 55.57
C LYS L 217 36.84 43.64 56.51
N ALA L 218 37.57 44.45 57.29
CA ALA L 218 38.53 43.89 58.23
C ALA L 218 37.83 43.03 59.28
N ARG L 219 36.69 43.50 59.80
CA ARG L 219 35.97 42.74 60.81
C ARG L 219 35.49 41.41 60.27
N VAL L 220 34.89 41.41 59.08
CA VAL L 220 34.35 40.17 58.52
C VAL L 220 35.48 39.20 58.17
N ILE L 221 36.61 39.73 57.68
CA ILE L 221 37.77 38.87 57.45
C ILE L 221 38.23 38.24 58.75
N ALA L 222 38.22 39.02 59.84
CA ALA L 222 38.61 38.49 61.15
C ALA L 222 37.67 37.37 61.58
N GLU L 223 36.35 37.56 61.42
CA GLU L 223 35.43 36.50 61.80
C GLU L 223 35.64 35.25 60.96
N ALA L 224 35.82 35.41 59.65
CA ALA L 224 36.03 34.25 58.79
C ALA L 224 37.29 33.49 59.18
N MET L 225 38.39 34.21 59.40
CA MET L 225 39.64 33.57 59.76
C MET L 225 39.54 32.87 61.11
N SER L 226 38.88 33.50 62.08
CA SER L 226 38.72 32.87 63.39
C SER L 226 37.84 31.63 63.28
N GLN L 227 36.79 31.68 62.46
CA GLN L 227 35.87 30.57 62.35
C GLN L 227 36.52 29.37 61.68
N VAL L 228 37.25 29.59 60.58
CA VAL L 228 37.86 28.45 59.89
C VAL L 228 38.98 27.83 60.73
N THR L 229 39.73 28.67 61.44
CA THR L 229 40.84 28.18 62.25
C THR L 229 40.40 27.88 63.67
N HIS M 2 20.67 34.25 -32.06
CA HIS M 2 20.81 34.23 -30.61
C HIS M 2 21.86 33.21 -30.17
N GLN M 3 22.59 33.54 -29.11
CA GLN M 3 23.64 32.66 -28.59
C GLN M 3 23.04 31.75 -27.54
N ALA M 4 22.91 30.46 -27.87
CA ALA M 4 22.37 29.47 -26.95
C ALA M 4 23.47 28.95 -26.05
N ILE M 5 23.16 27.89 -25.29
CA ILE M 5 24.17 27.30 -24.41
C ILE M 5 25.25 26.61 -25.25
N SER M 6 26.38 26.33 -24.60
CA SER M 6 27.50 25.70 -25.26
C SER M 6 27.91 24.44 -24.52
N PRO M 7 28.50 23.45 -25.20
CA PRO M 7 28.85 22.19 -24.53
C PRO M 7 29.81 22.36 -23.36
N ARG M 8 30.74 23.30 -23.42
CA ARG M 8 31.70 23.48 -22.34
C ARG M 8 31.01 23.92 -21.05
N THR M 9 30.16 24.94 -21.12
CA THR M 9 29.49 25.43 -19.92
C THR M 9 28.58 24.36 -19.33
N LEU M 10 27.82 23.67 -20.19
CA LEU M 10 26.94 22.62 -19.70
C LEU M 10 27.72 21.48 -19.05
N ASN M 11 28.82 21.08 -19.68
CA ASN M 11 29.65 20.01 -19.11
C ASN M 11 30.26 20.44 -17.79
N ALA M 12 30.69 21.70 -17.69
CA ALA M 12 31.23 22.20 -16.43
C ALA M 12 30.14 22.24 -15.35
N TRP M 13 28.91 22.55 -15.74
CA TRP M 13 27.80 22.54 -14.79
C TRP M 13 27.57 21.12 -14.25
N VAL M 14 27.51 20.14 -15.15
CA VAL M 14 27.37 18.75 -14.70
C VAL M 14 28.54 18.36 -13.82
N LYS M 15 29.76 18.77 -14.19
CA LYS M 15 30.94 18.40 -13.43
C LYS M 15 30.91 19.00 -12.02
N VAL M 16 30.53 20.26 -11.89
CA VAL M 16 30.51 20.89 -10.57
C VAL M 16 29.42 20.28 -9.71
N VAL M 17 28.26 19.98 -10.31
CA VAL M 17 27.19 19.34 -9.55
C VAL M 17 27.63 17.96 -9.06
N GLU M 18 28.27 17.18 -9.92
CA GLU M 18 28.74 15.86 -9.50
C GLU M 18 29.86 15.96 -8.49
N GLU M 19 30.66 17.03 -8.54
CA GLU M 19 31.80 17.15 -7.65
C GLU M 19 31.39 17.56 -6.25
N LYS M 20 30.76 18.72 -6.10
CA LYS M 20 30.41 19.20 -4.77
C LYS M 20 29.04 18.73 -4.29
N ALA M 21 28.28 18.03 -5.13
CA ALA M 21 27.06 17.34 -4.71
C ALA M 21 26.07 18.31 -4.05
N PHE M 22 25.67 19.32 -4.82
CA PHE M 22 24.70 20.32 -4.36
C PHE M 22 25.14 20.99 -3.06
N SER M 23 26.43 21.30 -2.99
CA SER M 23 26.94 22.15 -1.93
C SER M 23 26.54 23.59 -2.22
N PRO M 24 26.67 24.50 -1.25
CA PRO M 24 26.33 25.91 -1.52
C PRO M 24 27.09 26.49 -2.71
N GLU M 25 28.29 25.99 -2.99
CA GLU M 25 29.10 26.51 -4.09
C GLU M 25 28.45 26.26 -5.46
N VAL M 26 27.44 25.40 -5.55
CA VAL M 26 26.74 25.24 -6.82
C VAL M 26 25.77 26.39 -7.09
N ILE M 27 25.36 27.13 -6.06
CA ILE M 27 24.44 28.26 -6.25
C ILE M 27 25.10 29.37 -7.08
N PRO M 28 26.33 29.80 -6.78
CA PRO M 28 26.93 30.86 -7.62
C PRO M 28 27.20 30.40 -9.04
N MET M 29 27.76 29.20 -9.21
CA MET M 29 28.11 28.72 -10.53
C MET M 29 26.90 28.68 -11.46
N PHE M 30 25.75 28.23 -10.92
CA PHE M 30 24.53 28.24 -11.73
C PHE M 30 24.18 29.65 -12.17
N SER M 31 24.33 30.63 -11.28
CA SER M 31 24.09 32.01 -11.66
C SER M 31 25.24 32.59 -12.48
N ALA M 32 26.36 31.89 -12.57
CA ALA M 32 27.52 32.33 -13.35
C ALA M 32 27.55 31.74 -14.74
N LEU M 33 27.33 30.42 -14.85
CA LEU M 33 27.38 29.74 -16.14
C LEU M 33 26.15 30.01 -17.00
N SER M 34 25.09 30.56 -16.41
CA SER M 34 23.83 30.79 -17.13
C SER M 34 23.37 32.21 -16.85
N GLU M 35 23.76 33.15 -17.71
CA GLU M 35 23.29 34.52 -17.63
C GLU M 35 22.86 34.96 -19.01
N GLY M 36 21.64 35.46 -19.11
CA GLY M 36 21.02 35.70 -20.41
C GLY M 36 20.45 34.46 -21.05
N ALA M 37 20.31 33.37 -20.31
CA ALA M 37 19.87 32.11 -20.87
C ALA M 37 18.35 32.05 -20.97
N THR M 38 17.85 31.61 -22.12
CA THR M 38 16.43 31.38 -22.29
C THR M 38 15.98 30.21 -21.43
N PRO M 39 14.70 30.15 -21.06
CA PRO M 39 14.24 29.08 -20.15
C PRO M 39 14.53 27.68 -20.67
N GLN M 40 14.54 27.49 -22.00
CA GLN M 40 14.93 26.19 -22.54
C GLN M 40 16.37 25.86 -22.18
N ASP M 41 17.24 26.86 -22.17
CA ASP M 41 18.64 26.61 -21.81
C ASP M 41 18.77 26.13 -20.37
N LEU M 42 18.05 26.75 -19.44
CA LEU M 42 18.11 26.27 -18.06
C LEU M 42 17.40 24.94 -17.90
N ASN M 43 16.37 24.67 -18.71
CA ASN M 43 15.75 23.35 -18.68
C ASN M 43 16.76 22.28 -19.08
N THR M 44 17.53 22.54 -20.14
CA THR M 44 18.60 21.62 -20.52
C THR M 44 19.66 21.53 -19.43
N MET M 45 19.97 22.67 -18.80
CA MET M 45 20.96 22.71 -17.73
C MET M 45 20.55 21.82 -16.57
N LEU M 46 19.25 21.75 -16.29
CA LEU M 46 18.76 20.96 -15.17
C LEU M 46 18.54 19.50 -15.56
N ASN M 47 18.19 19.24 -16.82
CA ASN M 47 17.86 17.87 -17.22
C ASN M 47 19.11 17.00 -17.28
N THR M 48 20.23 17.54 -17.75
CA THR M 48 21.44 16.75 -17.93
C THR M 48 22.07 16.31 -16.62
N VAL M 49 21.61 16.84 -15.49
CA VAL M 49 22.15 16.41 -14.20
C VAL M 49 21.82 14.94 -13.99
N GLY M 50 22.86 14.14 -13.77
CA GLY M 50 22.70 12.72 -13.51
C GLY M 50 22.72 12.43 -12.02
N GLY M 51 21.92 11.45 -11.60
CA GLY M 51 21.83 11.13 -10.20
C GLY M 51 21.08 12.20 -9.44
N HIS M 52 21.12 12.08 -8.11
CA HIS M 52 20.45 13.00 -7.21
C HIS M 52 18.97 13.15 -7.58
N GLN M 53 18.29 12.00 -7.62
CA GLN M 53 16.88 11.99 -8.02
C GLN M 53 16.01 12.76 -7.04
N ALA M 54 16.27 12.59 -5.74
CA ALA M 54 15.50 13.33 -4.73
C ALA M 54 15.73 14.82 -4.86
N ALA M 55 16.96 15.23 -5.15
CA ALA M 55 17.26 16.65 -5.30
C ALA M 55 16.48 17.25 -6.47
N MET M 56 16.48 16.57 -7.62
CA MET M 56 15.73 17.09 -8.76
C MET M 56 14.22 17.04 -8.51
N GLN M 57 13.76 16.03 -7.77
CA GLN M 57 12.36 16.00 -7.33
C GLN M 57 12.01 17.28 -6.59
N MET M 58 12.82 17.61 -5.57
CA MET M 58 12.56 18.82 -4.78
C MET M 58 12.66 20.08 -5.63
N LEU M 59 13.66 20.13 -6.51
CA LEU M 59 13.85 21.32 -7.33
C LEU M 59 12.65 21.57 -8.22
N LYS M 60 12.21 20.56 -8.97
CA LYS M 60 11.07 20.81 -9.85
C LYS M 60 9.77 20.94 -9.09
N GLU M 61 9.66 20.35 -7.89
CA GLU M 61 8.50 20.63 -7.05
C GLU M 61 8.44 22.11 -6.68
N THR M 62 9.58 22.68 -6.28
CA THR M 62 9.63 24.11 -6.01
C THR M 62 9.32 24.91 -7.27
N ILE M 63 9.75 24.40 -8.43
CA ILE M 63 9.47 25.09 -9.68
C ILE M 63 7.97 25.16 -9.94
N ASN M 64 7.26 24.04 -9.74
CA ASN M 64 5.81 24.08 -9.92
C ASN M 64 5.15 24.99 -8.88
N GLU M 65 5.68 24.99 -7.66
CA GLU M 65 5.13 25.89 -6.63
C GLU M 65 5.23 27.34 -7.08
N GLU M 66 6.42 27.75 -7.55
CA GLU M 66 6.59 29.13 -7.99
C GLU M 66 5.77 29.43 -9.23
N ALA M 67 5.62 28.46 -10.14
CA ALA M 67 4.80 28.68 -11.32
C ALA M 67 3.34 28.88 -10.94
N ALA M 68 2.84 28.09 -9.99
CA ALA M 68 1.47 28.27 -9.51
C ALA M 68 1.31 29.64 -8.85
N GLU M 69 2.31 30.06 -8.07
CA GLU M 69 2.24 31.39 -7.45
C GLU M 69 2.22 32.49 -8.50
N TRP M 70 3.03 32.36 -9.54
CA TRP M 70 3.01 33.34 -10.63
C TRP M 70 1.66 33.36 -11.33
N ASP M 71 1.08 32.18 -11.56
CA ASP M 71 -0.24 32.12 -12.18
C ASP M 71 -1.30 32.78 -11.30
N ARG M 72 -1.20 32.59 -9.98
CA ARG M 72 -2.16 33.20 -9.08
C ARG M 72 -2.03 34.72 -9.08
N LEU M 73 -0.80 35.22 -8.94
CA LEU M 73 -0.61 36.66 -8.87
C LEU M 73 -0.88 37.33 -10.22
N HIS M 74 -0.44 36.72 -11.31
CA HIS M 74 -0.61 37.29 -12.63
C HIS M 74 -1.72 36.54 -13.37
N PRO M 75 -2.87 37.17 -13.62
CA PRO M 75 -3.97 36.47 -14.28
C PRO M 75 -3.86 36.53 -15.79
N VAL M 76 -4.63 35.65 -16.44
CA VAL M 76 -4.71 35.64 -17.89
C VAL M 76 -5.42 36.90 -18.36
N HIS M 77 -4.80 37.61 -19.30
CA HIS M 77 -5.39 38.85 -19.80
C HIS M 77 -6.68 38.57 -20.54
N ALA M 78 -7.69 39.39 -20.28
CA ALA M 78 -8.98 39.23 -20.92
C ALA M 78 -8.89 39.56 -22.40
N GLY M 79 -9.43 38.68 -23.24
CA GLY M 79 -9.42 38.89 -24.67
C GLY M 79 -8.31 38.11 -25.35
N PRO M 80 -8.67 37.00 -26.00
CA PRO M 80 -7.66 36.21 -26.72
C PRO M 80 -7.02 36.95 -27.88
N ILE M 81 -7.67 37.99 -28.40
CA ILE M 81 -7.13 38.72 -29.54
C ILE M 81 -5.92 39.53 -29.09
N ALA M 82 -4.84 39.44 -29.86
CA ALA M 82 -3.60 40.18 -29.57
C ALA M 82 -2.88 40.46 -30.87
N PRO M 83 -3.34 41.44 -31.64
CA PRO M 83 -2.67 41.75 -32.92
C PRO M 83 -1.40 42.54 -32.75
N GLY M 84 -1.36 43.42 -31.74
CA GLY M 84 -0.20 44.27 -31.55
C GLY M 84 1.04 43.50 -31.15
N GLN M 85 0.90 42.56 -30.21
CA GLN M 85 2.03 41.80 -29.70
C GLN M 85 1.59 40.37 -29.42
N MET M 86 2.52 39.57 -28.90
CA MET M 86 2.26 38.16 -28.64
C MET M 86 1.60 37.99 -27.27
N ARG M 87 1.27 36.74 -26.94
CA ARG M 87 0.56 36.45 -25.70
C ARG M 87 1.45 36.67 -24.49
N GLU M 88 0.81 36.98 -23.36
CA GLU M 88 1.52 37.15 -22.11
C GLU M 88 1.92 35.79 -21.53
N PRO M 89 3.03 35.74 -20.78
CA PRO M 89 3.50 34.46 -20.26
C PRO M 89 2.62 33.92 -19.15
N ARG M 90 2.81 32.64 -18.85
CA ARG M 90 2.16 31.96 -17.75
C ARG M 90 3.24 31.27 -16.92
N GLY M 91 2.82 30.62 -15.84
CA GLY M 91 3.79 29.95 -14.98
C GLY M 91 4.49 28.79 -15.67
N SER M 92 3.71 27.90 -16.27
CA SER M 92 4.30 26.74 -16.95
C SER M 92 5.12 27.18 -18.15
N ASP M 93 4.62 28.14 -18.92
CA ASP M 93 5.34 28.58 -20.11
C ASP M 93 6.49 29.53 -19.81
N ILE M 94 6.61 29.99 -18.56
CA ILE M 94 7.84 30.63 -18.12
C ILE M 94 8.83 29.58 -17.66
N ALA M 95 8.34 28.51 -17.02
CA ALA M 95 9.20 27.40 -16.64
C ALA M 95 9.72 26.62 -17.83
N GLY M 96 9.24 26.90 -19.04
CA GLY M 96 9.76 26.29 -20.24
C GLY M 96 9.06 25.02 -20.67
N THR M 97 8.11 24.52 -19.90
CA THR M 97 7.41 23.29 -20.26
C THR M 97 6.26 23.52 -21.24
N THR M 98 5.97 24.76 -21.58
CA THR M 98 4.88 25.03 -22.52
C THR M 98 5.31 25.92 -23.67
N SER M 99 6.17 26.91 -23.43
CA SER M 99 6.57 27.84 -24.46
C SER M 99 7.65 27.23 -25.36
N THR M 100 7.79 27.79 -26.55
CA THR M 100 8.84 27.43 -27.48
C THR M 100 10.00 28.40 -27.35
N LEU M 101 11.13 28.03 -27.97
CA LEU M 101 12.31 28.88 -27.92
C LEU M 101 12.07 30.21 -28.61
N GLN M 102 11.33 30.19 -29.72
CA GLN M 102 11.04 31.44 -30.43
C GLN M 102 10.22 32.38 -29.57
N GLU M 103 9.21 31.86 -28.86
CA GLU M 103 8.40 32.69 -27.99
C GLU M 103 9.23 33.27 -26.84
N GLN M 104 10.10 32.44 -26.24
CA GLN M 104 10.94 32.93 -25.16
C GLN M 104 11.89 34.01 -25.63
N ILE M 105 12.47 33.84 -26.83
CA ILE M 105 13.35 34.86 -27.37
C ILE M 105 12.58 36.15 -27.65
N GLY M 106 11.37 36.01 -28.22
CA GLY M 106 10.56 37.19 -28.49
C GLY M 106 10.20 37.95 -27.22
N TRP M 107 9.90 37.23 -26.15
CA TRP M 107 9.62 37.88 -24.87
C TRP M 107 10.87 38.57 -24.31
N MET M 108 11.99 37.84 -24.26
CA MET M 108 13.19 38.36 -23.63
C MET M 108 13.84 39.49 -24.41
N THR M 109 13.41 39.74 -25.65
CA THR M 109 13.94 40.84 -26.45
C THR M 109 12.86 41.83 -26.85
N HIS M 110 11.69 41.79 -26.23
CA HIS M 110 10.60 42.69 -26.56
C HIS M 110 10.86 44.09 -25.97
N ASN M 111 10.08 45.06 -26.43
CA ASN M 111 10.10 46.41 -25.89
C ASN M 111 8.75 46.74 -25.29
N PRO M 112 8.59 46.74 -23.97
CA PRO M 112 9.60 46.44 -22.94
C PRO M 112 9.85 44.95 -22.77
N PRO M 113 11.05 44.57 -22.36
CA PRO M 113 11.37 43.15 -22.21
C PRO M 113 10.61 42.51 -21.05
N ILE M 114 10.31 41.23 -21.20
CA ILE M 114 9.77 40.40 -20.14
C ILE M 114 10.87 39.42 -19.72
N PRO M 115 11.50 39.62 -18.57
CA PRO M 115 12.66 38.80 -18.21
C PRO M 115 12.31 37.36 -17.88
N VAL M 116 11.83 36.61 -18.86
CA VAL M 116 11.42 35.23 -18.62
C VAL M 116 12.60 34.41 -18.10
N GLY M 117 13.76 34.57 -18.73
CA GLY M 117 14.92 33.81 -18.31
C GLY M 117 15.33 34.11 -16.87
N GLU M 118 15.30 35.40 -16.49
CA GLU M 118 15.69 35.77 -15.14
C GLU M 118 14.69 35.29 -14.11
N ILE M 119 13.39 35.33 -14.41
CA ILE M 119 12.39 34.82 -13.49
C ILE M 119 12.55 33.31 -13.30
N TYR M 120 12.74 32.58 -14.39
CA TYR M 120 12.95 31.14 -14.27
C TYR M 120 14.23 30.85 -13.49
N LYS M 121 15.29 31.61 -13.74
CA LYS M 121 16.53 31.43 -13.00
C LYS M 121 16.33 31.71 -11.51
N ARG M 122 15.51 32.70 -11.18
CA ARG M 122 15.19 32.97 -9.78
C ARG M 122 14.47 31.80 -9.14
N TRP M 123 13.52 31.20 -9.86
CA TRP M 123 12.81 30.04 -9.32
C TRP M 123 13.78 28.88 -9.09
N ILE M 124 14.67 28.62 -10.05
CA ILE M 124 15.65 27.55 -9.88
C ILE M 124 16.61 27.88 -8.74
N ILE M 125 16.92 29.16 -8.53
CA ILE M 125 17.80 29.55 -7.44
C ILE M 125 17.14 29.26 -6.09
N LEU M 126 15.84 29.59 -5.97
CA LEU M 126 15.11 29.25 -4.77
C LEU M 126 15.09 27.74 -4.54
N GLY M 127 14.83 26.98 -5.61
CA GLY M 127 14.85 25.53 -5.49
C GLY M 127 16.20 25.00 -5.07
N LEU M 128 17.28 25.57 -5.63
CA LEU M 128 18.63 25.13 -5.28
C LEU M 128 18.96 25.46 -3.84
N ASN M 129 18.52 26.62 -3.35
CA ASN M 129 18.70 26.94 -1.94
C ASN M 129 17.96 25.95 -1.06
N LYS M 130 16.74 25.59 -1.45
CA LYS M 130 16.02 24.55 -0.72
C LYS M 130 16.79 23.23 -0.73
N ILE M 131 17.40 22.90 -1.86
CA ILE M 131 18.18 21.66 -1.96
C ILE M 131 19.36 21.70 -0.99
N VAL M 132 20.14 22.78 -1.03
CA VAL M 132 21.34 22.85 -0.20
C VAL M 132 20.98 22.98 1.27
N ARG M 133 19.76 23.41 1.59
CA ARG M 133 19.33 23.45 2.98
C ARG M 133 18.80 22.10 3.45
N MET M 134 18.13 21.36 2.56
CA MET M 134 17.38 20.17 2.93
C MET M 134 17.99 18.86 2.47
N TYR M 135 18.49 18.80 1.24
CA TYR M 135 18.92 17.53 0.67
C TYR M 135 20.34 17.20 1.12
N SER M 136 20.52 15.96 1.58
CA SER M 136 21.83 15.44 1.96
C SER M 136 22.21 14.32 0.99
N PRO M 137 23.29 14.44 0.24
CA PRO M 137 23.64 13.39 -0.72
C PRO M 137 23.99 12.09 -0.03
N THR M 138 23.70 10.98 -0.70
CA THR M 138 24.05 9.66 -0.22
C THR M 138 25.40 9.25 -0.80
N SER M 139 26.22 8.61 0.04
CA SER M 139 27.56 8.22 -0.35
C SER M 139 27.82 6.78 0.07
N ILE M 140 28.83 6.18 -0.55
CA ILE M 140 29.17 4.80 -0.25
C ILE M 140 29.64 4.66 1.19
N LEU M 141 30.35 5.66 1.71
CA LEU M 141 30.79 5.60 3.10
C LEU M 141 29.63 5.67 4.09
N ASP M 142 28.46 6.12 3.65
CA ASP M 142 27.30 6.17 4.52
C ASP M 142 26.57 4.83 4.61
N ILE M 143 26.97 3.84 3.81
CA ILE M 143 26.31 2.54 3.84
C ILE M 143 26.91 1.72 4.97
N ARG M 144 26.10 1.44 5.99
CA ARG M 144 26.51 0.63 7.12
C ARG M 144 25.46 -0.43 7.38
N GLN M 145 25.92 -1.63 7.76
CA GLN M 145 25.00 -2.72 8.00
C GLN M 145 24.24 -2.52 9.30
N GLY M 146 22.92 -2.68 9.23
CA GLY M 146 22.08 -2.55 10.41
C GLY M 146 22.35 -3.68 11.39
N PRO M 147 22.04 -3.46 12.66
CA PRO M 147 22.33 -4.50 13.66
C PRO M 147 21.65 -5.82 13.40
N LYS M 148 20.42 -5.80 12.88
CA LYS M 148 19.68 -7.01 12.55
C LYS M 148 19.52 -7.20 11.05
N GLU M 149 20.22 -6.41 10.24
CA GLU M 149 20.13 -6.55 8.80
C GLU M 149 20.94 -7.75 8.33
N PRO M 150 20.36 -8.63 7.52
CA PRO M 150 21.12 -9.77 7.01
C PRO M 150 22.23 -9.30 6.06
N PHE M 151 23.30 -10.09 6.02
CA PHE M 151 24.48 -9.70 5.26
C PHE M 151 24.19 -9.57 3.77
N ARG M 152 23.31 -10.42 3.23
CA ARG M 152 23.05 -10.40 1.80
C ARG M 152 22.40 -9.09 1.37
N ASP M 153 21.39 -8.62 2.11
CA ASP M 153 20.75 -7.37 1.75
C ASP M 153 21.68 -6.18 1.96
N TYR M 154 22.54 -6.23 2.98
CA TYR M 154 23.53 -5.18 3.15
C TYR M 154 24.48 -5.13 1.97
N VAL M 155 24.96 -6.29 1.51
CA VAL M 155 25.84 -6.33 0.36
C VAL M 155 25.12 -5.80 -0.88
N ASP M 156 23.85 -6.15 -1.04
CA ASP M 156 23.09 -5.66 -2.19
C ASP M 156 22.98 -4.14 -2.15
N ARG M 157 22.68 -3.57 -0.98
CA ARG M 157 22.62 -2.11 -0.86
C ARG M 157 23.97 -1.48 -1.15
N PHE M 158 25.04 -2.06 -0.60
CA PHE M 158 26.38 -1.55 -0.82
C PHE M 158 26.71 -1.50 -2.30
N TYR M 159 26.46 -2.59 -3.01
CA TYR M 159 26.80 -2.63 -4.42
C TYR M 159 25.87 -1.75 -5.25
N LYS M 160 24.62 -1.59 -4.85
CA LYS M 160 23.73 -0.69 -5.57
C LYS M 160 24.24 0.75 -5.49
N THR M 161 24.56 1.22 -4.29
CA THR M 161 25.08 2.58 -4.18
C THR M 161 26.47 2.72 -4.78
N LEU M 162 27.27 1.65 -4.74
CA LEU M 162 28.58 1.68 -5.40
C LEU M 162 28.43 1.85 -6.90
N ARG M 163 27.47 1.14 -7.50
CA ARG M 163 27.18 1.32 -8.91
C ARG M 163 26.67 2.73 -9.18
N ALA M 164 25.84 3.26 -8.28
CA ALA M 164 25.38 4.63 -8.41
C ALA M 164 26.51 5.64 -8.23
N GLU M 165 27.58 5.26 -7.54
CA GLU M 165 28.71 6.16 -7.32
C GLU M 165 29.44 6.45 -8.61
N GLN M 166 30.01 7.65 -8.71
CA GLN M 166 30.82 8.06 -9.84
C GLN M 166 32.28 8.06 -9.41
N ALA M 167 33.04 7.10 -9.93
CA ALA M 167 34.45 6.94 -9.56
C ALA M 167 35.11 6.07 -10.63
N SER M 168 36.32 5.62 -10.34
CA SER M 168 37.09 4.76 -11.23
C SER M 168 36.96 3.30 -10.81
N GLN M 169 37.17 2.41 -11.78
CA GLN M 169 36.95 0.98 -11.54
C GLN M 169 37.91 0.44 -10.49
N GLU M 170 39.19 0.83 -10.57
CA GLU M 170 40.13 0.42 -9.53
C GLU M 170 39.78 1.04 -8.18
N VAL M 171 39.34 2.29 -8.19
CA VAL M 171 38.89 2.93 -6.96
C VAL M 171 37.72 2.16 -6.37
N LYS M 172 36.76 1.78 -7.22
CA LYS M 172 35.59 1.05 -6.74
C LYS M 172 35.98 -0.32 -6.20
N ASN M 173 36.93 -1.00 -6.84
CA ASN M 173 37.41 -2.28 -6.33
C ASN M 173 38.06 -2.09 -4.97
N TRP M 174 38.80 -1.00 -4.78
CA TRP M 174 39.39 -0.72 -3.49
C TRP M 174 38.33 -0.46 -2.43
N MET M 175 37.27 0.28 -2.78
CA MET M 175 36.17 0.48 -1.85
C MET M 175 35.52 -0.85 -1.49
N THR M 176 35.33 -1.72 -2.48
CA THR M 176 34.77 -3.05 -2.19
C THR M 176 35.67 -3.82 -1.24
N GLU M 177 36.98 -3.74 -1.43
CA GLU M 177 37.91 -4.47 -0.59
C GLU M 177 37.90 -3.94 0.84
N THR M 178 37.74 -2.63 1.02
CA THR M 178 37.87 -2.02 2.35
C THR M 178 36.54 -1.90 3.08
N LEU M 179 35.59 -1.18 2.50
CA LEU M 179 34.39 -0.78 3.24
C LEU M 179 33.49 -1.96 3.57
N LEU M 180 33.47 -3.01 2.75
CA LEU M 180 32.59 -4.14 3.02
C LEU M 180 32.83 -4.72 4.40
N VAL M 181 34.08 -5.00 4.74
CA VAL M 181 34.39 -5.47 6.08
C VAL M 181 34.55 -4.33 7.07
N GLN M 182 34.81 -3.11 6.59
CA GLN M 182 34.94 -1.98 7.51
C GLN M 182 33.58 -1.53 8.04
N ASN M 183 32.51 -1.79 7.31
CA ASN M 183 31.15 -1.41 7.72
C ASN M 183 30.31 -2.68 7.86
N ALA M 184 30.29 -3.24 9.06
CA ALA M 184 29.52 -4.44 9.31
C ALA M 184 29.22 -4.53 10.80
N ASN M 185 28.22 -5.35 11.14
CA ASN M 185 27.87 -5.54 12.53
C ASN M 185 29.03 -6.24 13.25
N PRO M 186 29.14 -6.06 14.57
CA PRO M 186 30.17 -6.77 15.31
C PRO M 186 30.12 -8.28 15.14
N ASP M 187 28.92 -8.85 14.99
CA ASP M 187 28.83 -10.29 14.71
C ASP M 187 29.39 -10.62 13.34
N CYS M 188 28.92 -9.90 12.31
CA CYS M 188 29.43 -10.13 10.96
C CYS M 188 30.90 -9.76 10.85
N LYS M 189 31.31 -8.67 11.52
CA LYS M 189 32.72 -8.29 11.52
C LYS M 189 33.58 -9.36 12.17
N THR M 190 33.13 -9.92 13.29
CA THR M 190 33.88 -10.98 13.96
C THR M 190 33.98 -12.21 13.07
N ILE M 191 32.89 -12.59 12.42
CA ILE M 191 32.92 -13.75 11.53
C ILE M 191 33.88 -13.52 10.38
N LEU M 192 33.85 -12.32 9.80
CA LEU M 192 34.72 -12.02 8.66
C LEU M 192 36.20 -11.97 9.08
N LYS M 193 36.48 -11.42 10.26
CA LYS M 193 37.86 -11.39 10.74
C LYS M 193 38.35 -12.79 11.08
N ALA M 194 37.47 -13.67 11.53
CA ALA M 194 37.85 -15.07 11.71
C ALA M 194 38.25 -15.70 10.39
N LEU M 195 37.53 -15.38 9.33
CA LEU M 195 37.95 -15.77 7.99
C LEU M 195 39.28 -15.12 7.64
N GLY M 196 40.13 -15.85 6.94
CA GLY M 196 41.40 -15.33 6.52
C GLY M 196 41.22 -14.23 5.49
N PRO M 197 42.18 -13.29 5.45
CA PRO M 197 42.11 -12.23 4.44
C PRO M 197 42.22 -12.80 3.04
N GLY M 198 41.58 -12.11 2.09
CA GLY M 198 41.55 -12.57 0.72
C GLY M 198 40.44 -13.52 0.38
N ALA M 199 39.53 -13.78 1.31
CA ALA M 199 38.39 -14.65 1.03
C ALA M 199 37.47 -13.98 0.00
N THR M 200 36.91 -14.81 -0.88
CA THR M 200 36.05 -14.29 -1.93
C THR M 200 34.72 -13.79 -1.36
N LEU M 201 34.00 -13.03 -2.18
CA LEU M 201 32.72 -12.48 -1.73
C LEU M 201 31.71 -13.59 -1.45
N GLU M 202 31.70 -14.64 -2.28
CA GLU M 202 30.78 -15.74 -2.05
C GLU M 202 31.06 -16.45 -0.74
N GLU M 203 32.33 -16.68 -0.44
CA GLU M 203 32.69 -17.28 0.85
C GLU M 203 32.33 -16.35 2.01
N MET M 204 32.51 -15.04 1.81
CA MET M 204 32.14 -14.08 2.84
C MET M 204 30.64 -14.12 3.13
N MET M 205 29.82 -14.17 2.07
CA MET M 205 28.38 -14.25 2.25
C MET M 205 27.97 -15.58 2.88
N THR M 206 28.66 -16.67 2.52
CA THR M 206 28.36 -17.96 3.12
C THR M 206 28.66 -17.95 4.61
N ALA M 207 29.77 -17.32 5.01
CA ALA M 207 30.13 -17.28 6.43
C ALA M 207 29.10 -16.52 7.25
N CYS M 208 28.54 -15.45 6.69
CA CYS M 208 27.53 -14.63 7.37
C CYS M 208 26.11 -14.96 6.92
N GLN M 209 25.88 -16.16 6.43
CA GLN M 209 24.53 -16.54 6.01
C GLN M 209 23.64 -16.83 7.21
N GLY M 210 24.21 -17.24 8.33
CA GLY M 210 23.41 -17.64 9.46
C GLY M 210 23.54 -16.75 10.67
N VAL M 211 23.57 -15.44 10.48
CA VAL M 211 23.58 -14.48 11.58
C VAL M 211 22.15 -14.05 11.84
N GLY M 212 21.67 -14.31 13.06
CA GLY M 212 20.28 -14.10 13.40
C GLY M 212 19.46 -15.38 13.46
N GLY M 213 20.03 -16.49 13.01
CA GLY M 213 19.36 -17.77 13.11
C GLY M 213 19.48 -18.36 14.49
N PRO M 214 18.67 -19.38 14.77
CA PRO M 214 18.69 -19.98 16.11
C PRO M 214 20.05 -20.53 16.52
N GLY M 215 20.77 -21.15 15.59
CA GLY M 215 22.06 -21.73 15.95
C GLY M 215 23.08 -20.69 16.37
N HIS M 216 23.19 -19.61 15.60
CA HIS M 216 24.16 -18.56 15.91
C HIS M 216 23.79 -17.86 17.21
N LYS M 217 22.51 -17.55 17.41
CA LYS M 217 22.09 -16.90 18.64
C LYS M 217 22.38 -17.78 19.84
N ALA M 218 22.07 -19.08 19.74
CA ALA M 218 22.36 -19.99 20.83
C ALA M 218 23.86 -20.07 21.10
N ARG M 219 24.67 -20.09 20.03
CA ARG M 219 26.11 -20.19 20.20
C ARG M 219 26.68 -18.97 20.90
N VAL M 220 26.26 -17.78 20.50
CA VAL M 220 26.80 -16.57 21.12
C VAL M 220 26.31 -16.44 22.55
N ILE M 221 25.05 -16.81 22.82
CA ILE M 221 24.55 -16.75 24.19
C ILE M 221 25.32 -17.72 25.08
N ALA M 222 25.58 -18.93 24.59
CA ALA M 222 26.35 -19.90 25.36
C ALA M 222 27.78 -19.43 25.58
N GLU M 223 28.39 -18.81 24.57
CA GLU M 223 29.73 -18.27 24.74
C GLU M 223 29.77 -17.18 25.81
N ALA M 224 28.77 -16.30 25.80
CA ALA M 224 28.69 -15.26 26.82
C ALA M 224 28.52 -15.86 28.21
N MET M 225 27.66 -16.88 28.34
CA MET M 225 27.50 -17.53 29.63
C MET M 225 28.79 -18.17 30.10
N SER M 226 29.52 -18.83 29.19
CA SER M 226 30.79 -19.46 29.56
C SER M 226 31.81 -18.42 30.00
N GLN M 227 31.87 -17.29 29.29
CA GLN M 227 32.81 -16.25 29.68
C GLN M 227 32.46 -15.68 31.06
N VAL M 228 31.17 -15.46 31.32
CA VAL M 228 30.76 -14.88 32.60
C VAL M 228 31.03 -15.86 33.74
N THR M 229 30.70 -17.12 33.57
CA THR M 229 30.87 -18.11 34.63
C THR M 229 32.16 -18.92 34.44
N HIS N 2 19.99 20.67 -40.34
CA HIS N 2 20.64 19.36 -40.30
C HIS N 2 20.75 18.85 -38.86
N GLN N 3 20.84 17.54 -38.72
CA GLN N 3 20.97 16.93 -37.40
C GLN N 3 22.33 17.24 -36.81
N ALA N 4 22.36 17.67 -35.55
CA ALA N 4 23.58 17.98 -34.83
C ALA N 4 23.63 17.19 -33.53
N ILE N 5 24.78 17.25 -32.87
CA ILE N 5 24.96 16.52 -31.62
C ILE N 5 24.14 17.18 -30.52
N SER N 6 23.49 16.36 -29.69
CA SER N 6 22.66 16.85 -28.61
C SER N 6 23.42 16.81 -27.29
N PRO N 7 23.05 17.68 -26.34
CA PRO N 7 23.77 17.69 -25.06
C PRO N 7 23.72 16.37 -24.31
N ARG N 8 22.63 15.61 -24.42
CA ARG N 8 22.53 14.34 -23.69
C ARG N 8 23.58 13.35 -24.18
N THR N 9 23.73 13.20 -25.49
CA THR N 9 24.70 12.26 -26.03
C THR N 9 26.12 12.67 -25.68
N LEU N 10 26.42 13.97 -25.77
CA LEU N 10 27.76 14.44 -25.43
C LEU N 10 28.07 14.25 -23.95
N ASN N 11 27.09 14.49 -23.09
CA ASN N 11 27.27 14.24 -21.67
C ASN N 11 27.49 12.75 -21.40
N ALA N 12 26.74 11.89 -22.10
CA ALA N 12 26.96 10.46 -21.96
C ALA N 12 28.36 10.07 -22.41
N TRP N 13 28.84 10.69 -23.49
CA TRP N 13 30.18 10.40 -23.99
C TRP N 13 31.25 10.79 -22.99
N VAL N 14 31.17 12.01 -22.45
CA VAL N 14 32.16 12.42 -21.47
C VAL N 14 32.04 11.58 -20.21
N LYS N 15 30.84 11.17 -19.83
CA LYS N 15 30.67 10.35 -18.64
C LYS N 15 31.26 8.95 -18.84
N VAL N 16 31.11 8.37 -20.03
CA VAL N 16 31.67 7.04 -20.24
C VAL N 16 33.18 7.10 -20.32
N VAL N 17 33.73 8.16 -20.92
CA VAL N 17 35.20 8.32 -20.90
C VAL N 17 35.68 8.50 -19.46
N GLU N 18 34.95 9.28 -18.67
CA GLU N 18 35.31 9.53 -17.28
C GLU N 18 35.24 8.26 -16.44
N GLU N 19 34.22 7.42 -16.68
CA GLU N 19 34.00 6.26 -15.83
C GLU N 19 35.05 5.19 -16.05
N LYS N 20 35.14 4.66 -17.26
CA LYS N 20 36.15 3.67 -17.61
C LYS N 20 37.38 4.39 -18.15
N ALA N 21 38.53 4.13 -17.55
CA ALA N 21 39.76 4.86 -17.84
C ALA N 21 40.32 4.42 -19.20
N PHE N 22 39.64 4.86 -20.25
CA PHE N 22 40.00 4.54 -21.63
C PHE N 22 40.16 3.03 -21.83
N SER N 23 39.22 2.28 -21.28
CA SER N 23 39.15 0.85 -21.50
C SER N 23 38.68 0.60 -22.93
N PRO N 24 38.82 -0.63 -23.44
CA PRO N 24 38.35 -0.91 -24.80
C PRO N 24 36.87 -0.60 -24.99
N GLU N 25 36.08 -0.62 -23.91
CA GLU N 25 34.64 -0.39 -23.99
C GLU N 25 34.30 1.01 -24.48
N VAL N 26 35.30 1.88 -24.64
CA VAL N 26 35.05 3.20 -25.21
C VAL N 26 35.05 3.21 -26.73
N ILE N 27 35.69 2.22 -27.36
CA ILE N 27 35.65 2.15 -28.82
C ILE N 27 34.24 1.91 -29.35
N PRO N 28 33.45 0.96 -28.82
CA PRO N 28 32.08 0.82 -29.32
C PRO N 28 31.22 2.04 -29.03
N MET N 29 31.25 2.53 -27.79
CA MET N 29 30.35 3.60 -27.38
C MET N 29 30.57 4.85 -28.24
N PHE N 30 31.83 5.19 -28.50
CA PHE N 30 32.12 6.32 -29.38
C PHE N 30 31.55 6.10 -30.77
N SER N 31 31.69 4.88 -31.31
CA SER N 31 31.11 4.60 -32.61
C SER N 31 29.60 4.52 -32.56
N ALA N 32 29.01 4.52 -31.38
CA ALA N 32 27.56 4.44 -31.24
C ALA N 32 26.90 5.82 -31.21
N LEU N 33 27.52 6.78 -30.54
CA LEU N 33 26.95 8.11 -30.38
C LEU N 33 27.28 9.05 -31.53
N SER N 34 28.12 8.64 -32.47
CA SER N 34 28.59 9.52 -33.54
C SER N 34 28.14 9.05 -34.91
N GLU N 35 27.00 8.35 -34.97
CA GLU N 35 26.49 7.87 -36.25
C GLU N 35 26.06 9.06 -37.11
N GLY N 36 26.66 9.16 -38.30
CA GLY N 36 26.34 10.27 -39.20
C GLY N 36 26.67 11.62 -38.61
N ALA N 37 27.81 11.74 -37.94
CA ALA N 37 28.21 12.96 -37.27
C ALA N 37 29.15 13.76 -38.16
N THR N 38 28.84 15.05 -38.34
CA THR N 38 29.69 15.93 -39.11
C THR N 38 31.03 16.12 -38.39
N PRO N 39 32.11 16.40 -39.13
CA PRO N 39 33.42 16.54 -38.47
C PRO N 39 33.47 17.58 -37.37
N GLN N 40 32.69 18.66 -37.49
CA GLN N 40 32.62 19.63 -36.41
C GLN N 40 32.04 19.01 -35.15
N ASP N 41 30.98 18.20 -35.30
CA ASP N 41 30.41 17.50 -34.16
C ASP N 41 31.41 16.53 -33.55
N LEU N 42 32.19 15.86 -34.40
CA LEU N 42 33.21 14.95 -33.89
C LEU N 42 34.28 15.71 -33.11
N ASN N 43 34.69 16.88 -33.62
CA ASN N 43 35.68 17.69 -32.91
C ASN N 43 35.14 18.15 -31.56
N THR N 44 33.87 18.57 -31.52
CA THR N 44 33.26 18.95 -30.25
C THR N 44 33.19 17.75 -29.31
N MET N 45 32.89 16.57 -29.85
CA MET N 45 32.86 15.34 -29.06
C MET N 45 34.22 15.04 -28.46
N LEU N 46 35.29 15.29 -29.21
CA LEU N 46 36.63 14.94 -28.79
C LEU N 46 37.27 15.98 -27.87
N ASN N 47 37.01 17.26 -28.09
CA ASN N 47 37.65 18.32 -27.31
C ASN N 47 37.01 18.52 -25.95
N THR N 48 35.79 18.01 -25.74
CA THR N 48 35.07 18.30 -24.51
C THR N 48 35.61 17.51 -23.32
N VAL N 49 36.08 16.28 -23.55
CA VAL N 49 36.52 15.43 -22.44
C VAL N 49 37.71 16.08 -21.74
N GLY N 50 37.60 16.23 -20.42
CA GLY N 50 38.69 16.78 -19.64
C GLY N 50 39.59 15.70 -19.07
N GLY N 51 40.81 16.11 -18.72
CA GLY N 51 41.77 15.17 -18.19
C GLY N 51 42.35 14.30 -19.29
N HIS N 52 43.18 13.35 -18.87
CA HIS N 52 43.86 12.43 -19.78
C HIS N 52 44.56 13.19 -20.90
N GLN N 53 45.39 14.15 -20.50
CA GLN N 53 46.04 15.03 -21.47
C GLN N 53 46.99 14.24 -22.37
N ALA N 54 47.73 13.28 -21.81
CA ALA N 54 48.67 12.50 -22.59
C ALA N 54 47.94 11.68 -23.65
N ALA N 55 46.85 11.01 -23.25
CA ALA N 55 46.08 10.21 -24.20
C ALA N 55 45.49 11.07 -25.31
N MET N 56 44.96 12.23 -24.96
CA MET N 56 44.44 13.14 -25.98
C MET N 56 45.54 13.64 -26.88
N GLN N 57 46.75 13.82 -26.35
CA GLN N 57 47.89 14.20 -27.18
C GLN N 57 48.21 13.11 -28.20
N MET N 58 48.23 11.85 -27.76
CA MET N 58 48.47 10.75 -28.69
C MET N 58 47.38 10.69 -29.74
N LEU N 59 46.12 10.87 -29.34
CA LEU N 59 45.02 10.87 -30.29
C LEU N 59 45.21 11.97 -31.32
N LYS N 60 45.53 13.18 -30.86
CA LYS N 60 45.73 14.29 -31.79
C LYS N 60 46.85 14.01 -32.76
N GLU N 61 47.97 13.47 -32.26
CA GLU N 61 49.10 13.16 -33.13
C GLU N 61 48.71 12.14 -34.19
N THR N 62 47.92 11.13 -33.81
CA THR N 62 47.38 10.20 -34.79
C THR N 62 46.55 10.93 -35.82
N ILE N 63 45.75 11.92 -35.39
CA ILE N 63 44.95 12.67 -36.35
C ILE N 63 45.84 13.39 -37.35
N ASN N 64 46.90 14.07 -36.87
CA ASN N 64 47.74 14.79 -37.83
C ASN N 64 48.45 13.83 -38.78
N GLU N 65 48.93 12.69 -38.27
CA GLU N 65 49.64 11.77 -39.16
C GLU N 65 48.70 11.19 -40.22
N GLU N 66 47.47 10.84 -39.83
CA GLU N 66 46.52 10.31 -40.81
C GLU N 66 46.10 11.40 -41.80
N ALA N 67 45.94 12.64 -41.34
CA ALA N 67 45.61 13.72 -42.25
C ALA N 67 46.74 13.97 -43.25
N ALA N 68 47.99 13.92 -42.79
CA ALA N 68 49.12 14.09 -43.69
C ALA N 68 49.16 12.96 -44.72
N GLU N 69 48.91 11.73 -44.28
CA GLU N 69 48.90 10.61 -45.22
C GLU N 69 47.76 10.75 -46.23
N TRP N 70 46.59 11.21 -45.78
CA TRP N 70 45.49 11.44 -46.71
C TRP N 70 45.84 12.50 -47.73
N ASP N 71 46.47 13.60 -47.28
CA ASP N 71 46.86 14.65 -48.20
C ASP N 71 47.89 14.16 -49.20
N ARG N 72 48.82 13.30 -48.75
CA ARG N 72 49.82 12.74 -49.65
C ARG N 72 49.17 11.83 -50.70
N LEU N 73 48.31 10.92 -50.26
CA LEU N 73 47.72 9.95 -51.18
C LEU N 73 46.72 10.62 -52.13
N HIS N 74 45.92 11.55 -51.61
CA HIS N 74 44.91 12.21 -52.44
C HIS N 74 45.43 13.58 -52.84
N PRO N 75 45.77 13.81 -54.10
CA PRO N 75 46.29 15.11 -54.52
C PRO N 75 45.18 16.15 -54.61
N VAL N 76 45.60 17.40 -54.63
CA VAL N 76 44.69 18.53 -54.78
C VAL N 76 44.73 18.99 -56.23
N HIS N 77 43.77 19.84 -56.61
CA HIS N 77 43.71 20.32 -57.98
C HIS N 77 44.84 21.29 -58.26
N ALA N 78 45.03 21.58 -59.55
CA ALA N 78 46.12 22.44 -59.98
C ALA N 78 45.94 23.90 -59.55
N GLY N 79 44.75 24.29 -59.10
CA GLY N 79 44.50 25.65 -58.68
C GLY N 79 43.26 26.29 -59.28
N PRO N 80 42.99 26.05 -60.57
CA PRO N 80 41.71 26.51 -61.13
C PRO N 80 40.54 25.82 -60.47
N ILE N 81 39.42 26.55 -60.39
CA ILE N 81 38.20 26.06 -59.75
C ILE N 81 37.21 25.69 -60.84
N ALA N 82 36.59 24.51 -60.69
CA ALA N 82 35.62 24.05 -61.67
C ALA N 82 34.37 24.92 -61.61
N PRO N 83 33.61 25.00 -62.72
CA PRO N 83 32.37 25.79 -62.70
C PRO N 83 31.35 25.30 -61.69
N GLY N 84 31.43 24.04 -61.26
CA GLY N 84 30.54 23.54 -60.24
C GLY N 84 30.72 24.18 -58.88
N GLN N 85 31.80 24.93 -58.68
CA GLN N 85 32.07 25.63 -57.42
C GLN N 85 32.12 24.67 -56.24
N MET N 86 32.91 23.61 -56.38
CA MET N 86 33.10 22.62 -55.33
C MET N 86 34.58 22.43 -55.11
N ARG N 87 34.99 22.37 -53.84
CA ARG N 87 36.40 22.27 -53.48
C ARG N 87 36.71 20.85 -53.03
N GLU N 88 37.81 20.31 -53.55
CA GLU N 88 38.26 18.98 -53.12
C GLU N 88 38.73 19.05 -51.68
N PRO N 89 38.24 18.17 -50.81
CA PRO N 89 38.59 18.25 -49.38
C PRO N 89 40.03 17.82 -49.14
N ARG N 90 40.84 18.73 -48.61
CA ARG N 90 42.22 18.41 -48.28
C ARG N 90 42.27 17.61 -46.97
N GLY N 91 43.49 17.20 -46.61
CA GLY N 91 43.64 16.35 -45.44
C GLY N 91 43.26 17.05 -44.15
N SER N 92 43.60 18.32 -44.03
CA SER N 92 43.35 19.04 -42.78
C SER N 92 41.86 19.25 -42.53
N ASP N 93 41.09 19.58 -43.58
CA ASP N 93 39.70 19.93 -43.40
C ASP N 93 38.81 18.73 -43.10
N ILE N 94 39.31 17.50 -43.26
CA ILE N 94 38.53 16.34 -42.82
C ILE N 94 38.38 16.36 -41.30
N ALA N 95 39.44 16.70 -40.59
CA ALA N 95 39.40 16.80 -39.13
C ALA N 95 38.64 18.02 -38.66
N GLY N 96 38.25 18.92 -39.57
CA GLY N 96 37.51 20.10 -39.19
C GLY N 96 38.36 21.29 -38.76
N THR N 97 39.69 21.18 -38.86
CA THR N 97 40.55 22.28 -38.46
C THR N 97 40.33 23.51 -39.34
N THR N 98 40.21 23.30 -40.65
CA THR N 98 40.05 24.40 -41.60
C THR N 98 38.83 24.18 -42.49
N SER N 99 37.73 23.71 -41.89
CA SER N 99 36.50 23.49 -42.63
C SER N 99 35.33 24.00 -41.82
N THR N 100 34.45 24.75 -42.47
CA THR N 100 33.24 25.22 -41.82
C THR N 100 32.19 24.12 -41.79
N LEU N 101 31.15 24.31 -40.97
CA LEU N 101 30.08 23.32 -40.89
C LEU N 101 29.32 23.22 -42.20
N GLN N 102 29.13 24.36 -42.89
CA GLN N 102 28.43 24.34 -44.17
C GLN N 102 29.18 23.53 -45.20
N GLU N 103 30.51 23.69 -45.27
CA GLU N 103 31.30 22.91 -46.22
C GLU N 103 31.27 21.43 -45.89
N GLN N 104 31.32 21.07 -44.59
CA GLN N 104 31.25 19.67 -44.21
C GLN N 104 29.90 19.07 -44.58
N ILE N 105 28.81 19.84 -44.38
CA ILE N 105 27.49 19.35 -44.77
C ILE N 105 27.41 19.18 -46.28
N GLY N 106 27.96 20.14 -47.04
CA GLY N 106 27.96 20.01 -48.48
C GLY N 106 28.73 18.79 -48.97
N TRP N 107 29.86 18.51 -48.33
CA TRP N 107 30.61 17.29 -48.67
C TRP N 107 29.81 16.05 -48.32
N MET N 108 29.19 16.03 -47.14
CA MET N 108 28.44 14.86 -46.69
C MET N 108 27.14 14.69 -47.46
N THR N 109 26.60 15.74 -48.06
CA THR N 109 25.35 15.69 -48.82
C THR N 109 25.68 16.10 -50.26
N HIS N 110 26.02 15.11 -51.08
CA HIS N 110 26.40 15.36 -52.46
C HIS N 110 26.16 14.09 -53.26
N ASN N 111 26.12 14.25 -54.58
CA ASN N 111 25.95 13.12 -55.51
C ASN N 111 27.16 13.05 -56.43
N PRO N 112 28.14 12.18 -56.14
CA PRO N 112 28.24 11.25 -55.01
C PRO N 112 28.68 11.95 -53.72
N PRO N 113 28.38 11.37 -52.56
CA PRO N 113 28.76 12.00 -51.29
C PRO N 113 30.15 11.57 -50.83
N ILE N 114 30.87 12.53 -50.26
CA ILE N 114 32.18 12.28 -49.67
C ILE N 114 32.01 12.22 -48.16
N PRO N 115 32.09 11.05 -47.54
CA PRO N 115 31.83 10.93 -46.09
C PRO N 115 33.03 11.39 -45.25
N VAL N 116 33.21 12.71 -45.20
CA VAL N 116 34.30 13.26 -44.39
C VAL N 116 34.11 12.90 -42.93
N GLY N 117 32.87 12.88 -42.45
CA GLY N 117 32.61 12.46 -41.09
C GLY N 117 33.02 11.03 -40.84
N GLU N 118 32.76 10.13 -41.80
CA GLU N 118 33.17 8.74 -41.65
C GLU N 118 34.69 8.60 -41.62
N ILE N 119 35.39 9.36 -42.47
CA ILE N 119 36.84 9.28 -42.50
C ILE N 119 37.43 9.78 -41.19
N TYR N 120 36.93 10.91 -40.68
CA TYR N 120 37.42 11.44 -39.42
C TYR N 120 37.09 10.49 -38.27
N LYS N 121 35.92 9.86 -38.32
CA LYS N 121 35.56 8.86 -37.32
C LYS N 121 36.53 7.69 -37.36
N ARG N 122 36.92 7.26 -38.55
CA ARG N 122 37.90 6.18 -38.68
C ARG N 122 39.24 6.58 -38.08
N TRP N 123 39.69 7.81 -38.35
CA TRP N 123 40.95 8.27 -37.78
C TRP N 123 40.89 8.34 -36.26
N ILE N 124 39.79 8.84 -35.72
CA ILE N 124 39.64 8.91 -34.27
C ILE N 124 39.57 7.50 -33.67
N ILE N 125 38.96 6.57 -34.39
CA ILE N 125 38.91 5.19 -33.92
C ILE N 125 40.32 4.60 -33.87
N LEU N 126 41.12 4.88 -34.90
CA LEU N 126 42.52 4.43 -34.88
C LEU N 126 43.27 5.02 -33.69
N GLY N 127 43.08 6.32 -33.44
CA GLY N 127 43.72 6.94 -32.31
C GLY N 127 43.30 6.33 -30.98
N LEU N 128 42.00 6.07 -30.83
CA LEU N 128 41.50 5.44 -29.61
C LEU N 128 42.06 4.04 -29.42
N ASN N 129 42.18 3.29 -30.53
CA ASN N 129 42.77 1.96 -30.46
C ASN N 129 44.23 2.04 -30.00
N LYS N 130 44.98 3.01 -30.52
CA LYS N 130 46.34 3.21 -30.05
C LYS N 130 46.36 3.56 -28.57
N ILE N 131 45.43 4.43 -28.15
CA ILE N 131 45.37 4.87 -26.75
C ILE N 131 45.18 3.68 -25.83
N VAL N 132 44.18 2.83 -26.13
CA VAL N 132 43.93 1.68 -25.27
C VAL N 132 45.07 0.68 -25.40
N ARG N 133 45.75 0.65 -26.55
CA ARG N 133 46.85 -0.29 -26.74
C ARG N 133 48.01 0.02 -25.81
N MET N 134 48.46 1.28 -25.78
CA MET N 134 49.67 1.61 -25.02
C MET N 134 49.43 2.51 -23.83
N TYR N 135 48.60 3.55 -23.96
CA TYR N 135 48.46 4.51 -22.87
C TYR N 135 47.81 3.88 -21.66
N SER N 136 48.34 4.18 -20.48
CA SER N 136 47.82 3.67 -19.22
C SER N 136 47.50 4.84 -18.30
N PRO N 137 46.24 5.01 -17.89
CA PRO N 137 45.90 6.14 -17.04
C PRO N 137 46.47 6.00 -15.64
N THR N 138 46.67 7.14 -14.99
CA THR N 138 47.15 7.19 -13.61
C THR N 138 45.97 7.34 -12.66
N SER N 139 46.19 6.92 -11.41
CA SER N 139 45.14 6.95 -10.40
C SER N 139 45.77 7.22 -9.05
N ILE N 140 44.93 7.63 -8.09
CA ILE N 140 45.41 7.94 -6.76
C ILE N 140 46.02 6.71 -6.09
N LEU N 141 45.49 5.52 -6.40
CA LEU N 141 46.03 4.31 -5.82
C LEU N 141 47.43 3.99 -6.34
N ASP N 142 47.80 4.51 -7.50
CA ASP N 142 49.12 4.26 -8.07
C ASP N 142 50.21 5.07 -7.41
N ILE N 143 49.87 6.10 -6.63
CA ILE N 143 50.86 6.97 -6.01
C ILE N 143 51.46 6.24 -4.82
N ARG N 144 52.77 6.01 -4.87
CA ARG N 144 53.50 5.35 -3.79
C ARG N 144 54.79 6.10 -3.54
N GLN N 145 55.16 6.22 -2.26
CA GLN N 145 56.37 6.95 -1.91
C GLN N 145 57.61 6.22 -2.40
N GLY N 146 58.55 6.96 -2.96
CA GLY N 146 59.79 6.39 -3.43
C GLY N 146 60.69 5.98 -2.29
N PRO N 147 61.65 5.09 -2.58
CA PRO N 147 62.56 4.65 -1.51
C PRO N 147 63.39 5.78 -0.91
N LYS N 148 63.81 6.75 -1.73
CA LYS N 148 64.61 7.87 -1.27
C LYS N 148 63.88 9.20 -1.43
N GLU N 149 62.56 9.16 -1.61
CA GLU N 149 61.79 10.36 -1.90
C GLU N 149 61.43 11.10 -0.61
N PRO N 150 61.59 12.42 -0.57
CA PRO N 150 61.17 13.18 0.60
C PRO N 150 59.66 13.13 0.78
N PHE N 151 59.23 13.22 2.04
CA PHE N 151 57.81 13.12 2.36
C PHE N 151 57.03 14.31 1.82
N ARG N 152 57.64 15.50 1.80
CA ARG N 152 56.93 16.67 1.30
C ARG N 152 56.61 16.54 -0.19
N ASP N 153 57.60 16.09 -0.98
CA ASP N 153 57.36 15.91 -2.41
C ASP N 153 56.34 14.81 -2.66
N TYR N 154 56.39 13.73 -1.87
CA TYR N 154 55.41 12.67 -2.01
C TYR N 154 54.01 13.18 -1.70
N VAL N 155 53.86 13.99 -0.65
CA VAL N 155 52.56 14.55 -0.31
C VAL N 155 52.08 15.47 -1.41
N ASP N 156 52.99 16.27 -1.98
CA ASP N 156 52.61 17.16 -3.08
C ASP N 156 52.11 16.37 -4.28
N ARG N 157 52.82 15.29 -4.64
CA ARG N 157 52.37 14.45 -5.75
C ARG N 157 51.04 13.79 -5.44
N PHE N 158 50.89 13.28 -4.21
CA PHE N 158 49.64 12.63 -3.81
C PHE N 158 48.48 13.59 -3.93
N TYR N 159 48.63 14.81 -3.42
CA TYR N 159 47.53 15.76 -3.46
C TYR N 159 47.27 16.28 -4.86
N LYS N 160 48.30 16.41 -5.69
CA LYS N 160 48.09 16.82 -7.07
C LYS N 160 47.28 15.78 -7.83
N THR N 161 47.69 14.51 -7.75
CA THR N 161 46.94 13.46 -8.42
C THR N 161 45.55 13.32 -7.82
N LEU N 162 45.43 13.54 -6.52
CA LEU N 162 44.14 13.40 -5.85
C LEU N 162 43.18 14.49 -6.30
N ARG N 163 43.66 15.73 -6.42
CA ARG N 163 42.83 16.80 -6.96
C ARG N 163 42.45 16.52 -8.41
N ALA N 164 43.40 16.03 -9.20
CA ALA N 164 43.07 15.64 -10.57
C ALA N 164 42.14 14.43 -10.62
N GLU N 165 42.09 13.64 -9.54
CA GLU N 165 41.24 12.46 -9.51
C GLU N 165 39.76 12.85 -9.50
N GLN N 166 38.97 12.11 -10.26
CA GLN N 166 37.52 12.32 -10.31
C GLN N 166 36.86 11.49 -9.22
N ALA N 167 36.28 12.16 -8.24
CA ALA N 167 35.62 11.50 -7.11
C ALA N 167 34.78 12.56 -6.38
N SER N 168 34.25 12.18 -5.23
CA SER N 168 33.46 13.06 -4.38
C SER N 168 34.29 13.50 -3.18
N GLN N 169 33.84 14.58 -2.53
CA GLN N 169 34.62 15.19 -1.45
C GLN N 169 34.77 14.24 -0.26
N GLU N 170 33.70 13.53 0.09
CA GLU N 170 33.77 12.63 1.25
C GLU N 170 34.72 11.47 0.99
N VAL N 171 34.60 10.82 -0.17
CA VAL N 171 35.52 9.74 -0.50
C VAL N 171 36.92 10.29 -0.68
N LYS N 172 37.04 11.54 -1.11
CA LYS N 172 38.34 12.18 -1.25
C LYS N 172 39.02 12.33 0.11
N ASN N 173 38.26 12.79 1.10
CA ASN N 173 38.80 12.91 2.46
C ASN N 173 39.16 11.55 3.02
N TRP N 174 38.33 10.53 2.76
CA TRP N 174 38.64 9.19 3.25
C TRP N 174 39.91 8.65 2.59
N MET N 175 40.09 8.92 1.30
CA MET N 175 41.34 8.56 0.63
C MET N 175 42.52 9.25 1.29
N THR N 176 42.40 10.54 1.55
CA THR N 176 43.46 11.26 2.25
C THR N 176 43.75 10.60 3.60
N GLU N 177 42.69 10.18 4.30
CA GLU N 177 42.86 9.58 5.63
C GLU N 177 43.64 8.27 5.57
N THR N 178 43.33 7.40 4.61
CA THR N 178 43.91 6.06 4.66
C THR N 178 45.06 5.85 3.66
N LEU N 179 44.88 6.24 2.40
CA LEU N 179 45.87 5.90 1.37
C LEU N 179 47.21 6.57 1.62
N LEU N 180 47.19 7.82 2.06
CA LEU N 180 48.45 8.57 2.19
C LEU N 180 49.40 7.91 3.17
N VAL N 181 48.89 7.45 4.31
CA VAL N 181 49.73 6.71 5.24
C VAL N 181 49.87 5.25 4.82
N GLN N 182 48.98 4.74 3.98
CA GLN N 182 49.09 3.34 3.54
C GLN N 182 50.28 3.16 2.62
N ASN N 183 50.46 4.06 1.65
CA ASN N 183 51.57 4.00 0.70
C ASN N 183 52.65 4.96 1.16
N ALA N 184 53.70 4.42 1.79
CA ALA N 184 54.80 5.25 2.27
C ALA N 184 56.05 4.40 2.38
N ASN N 185 57.19 5.07 2.48
CA ASN N 185 58.45 4.39 2.69
C ASN N 185 58.40 3.62 4.01
N PRO N 186 59.06 2.47 4.08
CA PRO N 186 59.05 1.73 5.36
C PRO N 186 59.57 2.55 6.53
N ASP N 187 60.58 3.39 6.31
CA ASP N 187 61.02 4.31 7.37
C ASP N 187 59.92 5.31 7.69
N CYS N 188 59.35 5.96 6.66
CA CYS N 188 58.25 6.89 6.90
C CYS N 188 57.05 6.18 7.48
N LYS N 189 56.75 4.96 7.00
CA LYS N 189 55.62 4.21 7.52
C LYS N 189 55.79 3.89 9.00
N THR N 190 56.99 3.46 9.40
CA THR N 190 57.20 3.14 10.80
C THR N 190 57.23 4.39 11.68
N ILE N 191 57.70 5.51 11.14
CA ILE N 191 57.64 6.76 11.89
C ILE N 191 56.19 7.19 12.10
N LEU N 192 55.37 7.08 11.07
CA LEU N 192 53.97 7.48 11.20
C LEU N 192 53.18 6.50 12.06
N LYS N 193 53.57 5.22 12.07
CA LYS N 193 52.93 4.27 12.96
C LYS N 193 53.35 4.48 14.41
N ALA N 194 54.57 4.98 14.64
CA ALA N 194 54.96 5.39 15.97
C ALA N 194 54.08 6.53 16.46
N LEU N 195 53.78 7.49 15.59
CA LEU N 195 52.83 8.53 15.92
C LEU N 195 51.44 7.94 16.11
N GLY N 196 50.71 8.46 17.09
CA GLY N 196 49.37 8.00 17.35
C GLY N 196 48.42 8.36 16.22
N PRO N 197 47.36 7.57 16.06
CA PRO N 197 46.35 7.90 15.04
C PRO N 197 45.67 9.22 15.34
N GLY N 198 45.30 9.92 14.27
CA GLY N 198 44.67 11.23 14.40
C GLY N 198 45.62 12.40 14.33
N ALA N 199 46.91 12.17 14.07
CA ALA N 199 47.85 13.26 13.92
C ALA N 199 47.56 14.05 12.66
N THR N 200 47.71 15.37 12.74
CA THR N 200 47.44 16.23 11.60
C THR N 200 48.55 16.08 10.55
N LEU N 201 48.26 16.59 9.35
CA LEU N 201 49.21 16.44 8.25
C LEU N 201 50.51 17.18 8.54
N GLU N 202 50.42 18.37 9.15
CA GLU N 202 51.63 19.11 9.47
C GLU N 202 52.49 18.36 10.48
N GLU N 203 51.85 17.72 11.47
CA GLU N 203 52.60 16.89 12.42
C GLU N 203 53.27 15.73 11.71
N MET N 204 52.56 15.11 10.76
CA MET N 204 53.14 13.99 10.01
C MET N 204 54.36 14.44 9.23
N MET N 205 54.26 15.58 8.56
CA MET N 205 55.37 16.10 7.78
C MET N 205 56.55 16.46 8.67
N THR N 206 56.28 17.06 9.83
CA THR N 206 57.35 17.39 10.77
C THR N 206 58.05 16.13 11.27
N ALA N 207 57.27 15.08 11.55
CA ALA N 207 57.86 13.82 12.00
C ALA N 207 58.70 13.18 10.90
N CYS N 208 58.23 13.22 9.66
CA CYS N 208 58.91 12.56 8.54
C CYS N 208 60.01 13.42 7.92
N GLN N 209 60.17 14.66 8.35
CA GLN N 209 61.26 15.48 7.83
C GLN N 209 62.63 14.91 8.17
N GLY N 210 62.71 14.00 9.15
CA GLY N 210 64.00 13.48 9.58
C GLY N 210 64.56 12.41 8.66
N VAL N 211 63.70 11.64 7.98
CA VAL N 211 64.17 10.51 7.21
C VAL N 211 65.07 10.97 6.06
N GLY N 212 66.12 10.20 5.82
CA GLY N 212 67.10 10.55 4.79
C GLY N 212 68.17 11.51 5.24
N GLY N 213 68.03 12.13 6.40
CA GLY N 213 69.03 13.03 6.92
C GLY N 213 70.13 12.30 7.64
N PRO N 214 71.25 12.98 7.88
CA PRO N 214 72.37 12.31 8.57
C PRO N 214 72.00 11.76 9.94
N GLY N 215 71.19 12.49 10.70
CA GLY N 215 70.81 12.01 12.02
C GLY N 215 69.99 10.73 11.96
N HIS N 216 68.99 10.71 11.07
CA HIS N 216 68.16 9.51 10.94
C HIS N 216 68.98 8.33 10.43
N LYS N 217 69.87 8.57 9.46
CA LYS N 217 70.71 7.50 8.93
C LYS N 217 71.59 6.91 10.02
N ALA N 218 72.23 7.78 10.81
CA ALA N 218 73.04 7.29 11.91
C ALA N 218 72.20 6.53 12.92
N ARG N 219 70.99 7.01 13.21
CA ARG N 219 70.13 6.35 14.17
C ARG N 219 69.75 4.94 13.70
N VAL N 220 69.35 4.80 12.44
CA VAL N 220 68.93 3.48 11.97
C VAL N 220 70.12 2.54 11.86
N ILE N 221 71.27 3.06 11.42
CA ILE N 221 72.47 2.22 11.34
C ILE N 221 72.84 1.70 12.73
N ALA N 222 72.84 2.59 13.72
CA ALA N 222 73.18 2.18 15.07
C ALA N 222 72.15 1.19 15.63
N GLU N 223 70.87 1.44 15.37
CA GLU N 223 69.83 0.54 15.87
C GLU N 223 69.97 -0.85 15.27
N ALA N 224 70.22 -0.92 13.96
CA ALA N 224 70.40 -2.21 13.30
C ALA N 224 71.64 -2.93 13.83
N MET N 225 72.73 -2.19 14.00
CA MET N 225 73.96 -2.80 14.51
C MET N 225 73.74 -3.34 15.92
N SER N 226 73.02 -2.59 16.76
CA SER N 226 72.73 -3.07 18.10
C SER N 226 71.82 -4.29 18.08
N GLN N 227 70.84 -4.30 17.18
CA GLN N 227 69.88 -5.41 17.14
C GLN N 227 70.57 -6.69 16.69
N VAL N 228 71.32 -6.62 15.59
CA VAL N 228 71.97 -7.83 15.06
C VAL N 228 73.02 -8.36 16.04
N THR N 229 73.58 -7.50 16.88
CA THR N 229 74.58 -7.92 17.84
C THR N 229 74.45 -7.15 19.15
N HIS O 2 28.33 55.22 -21.85
CA HIS O 2 28.67 54.07 -21.03
C HIS O 2 29.55 54.48 -19.85
N GLN O 3 29.63 53.60 -18.85
CA GLN O 3 30.41 53.86 -17.65
C GLN O 3 31.50 52.80 -17.51
N ALA O 4 32.64 53.21 -16.96
CA ALA O 4 33.77 52.33 -16.76
C ALA O 4 33.69 51.71 -15.37
N ILE O 5 34.76 51.05 -14.93
CA ILE O 5 34.83 50.43 -13.61
C ILE O 5 35.52 51.40 -12.66
N SER O 6 34.89 51.64 -11.52
CA SER O 6 35.43 52.58 -10.54
C SER O 6 36.72 52.02 -9.92
N PRO O 7 37.66 52.90 -9.58
CA PRO O 7 38.88 52.42 -8.92
C PRO O 7 38.63 51.68 -7.62
N ARG O 8 37.58 52.07 -6.88
CA ARG O 8 37.23 51.35 -5.66
C ARG O 8 36.82 49.91 -5.96
N THR O 9 36.12 49.69 -7.08
CA THR O 9 35.76 48.33 -7.48
C THR O 9 37.00 47.49 -7.73
N LEU O 10 37.98 48.05 -8.46
CA LEU O 10 39.23 47.34 -8.68
C LEU O 10 39.94 47.05 -7.37
N ASN O 11 39.98 48.04 -6.47
CA ASN O 11 40.65 47.83 -5.19
C ASN O 11 39.97 46.72 -4.39
N ALA O 12 38.64 46.68 -4.40
CA ALA O 12 37.92 45.62 -3.70
C ALA O 12 38.21 44.26 -4.34
N TRP O 13 38.29 44.21 -5.67
CA TRP O 13 38.57 42.95 -6.35
C TRP O 13 39.97 42.44 -5.98
N VAL O 14 40.97 43.32 -6.00
CA VAL O 14 42.31 42.91 -5.59
C VAL O 14 42.31 42.47 -4.13
N LYS O 15 41.64 43.23 -3.27
CA LYS O 15 41.63 42.88 -1.85
C LYS O 15 41.03 41.49 -1.64
N VAL O 16 39.91 41.20 -2.32
CA VAL O 16 39.28 39.90 -2.12
C VAL O 16 40.13 38.77 -2.70
N VAL O 17 40.80 39.00 -3.83
CA VAL O 17 41.56 37.90 -4.41
C VAL O 17 42.78 37.58 -3.55
N GLU O 18 43.45 38.60 -2.99
CA GLU O 18 44.56 38.28 -2.09
C GLU O 18 44.08 37.73 -0.76
N GLU O 19 42.92 38.19 -0.27
CA GLU O 19 42.45 37.73 1.03
C GLU O 19 41.99 36.28 0.98
N LYS O 20 41.19 35.92 -0.01
CA LYS O 20 40.67 34.56 -0.09
C LYS O 20 41.66 33.58 -0.72
N ALA O 21 42.71 34.06 -1.37
CA ALA O 21 43.71 33.21 -2.00
C ALA O 21 43.07 32.22 -2.97
N PHE O 22 42.22 32.76 -3.85
CA PHE O 22 41.51 31.98 -4.86
C PHE O 22 40.69 30.85 -4.21
N SER O 23 40.06 31.16 -3.09
CA SER O 23 39.08 30.26 -2.50
C SER O 23 37.82 30.26 -3.37
N PRO O 24 36.97 29.25 -3.24
CA PRO O 24 35.73 29.24 -4.04
C PRO O 24 34.89 30.49 -3.86
N GLU O 25 34.95 31.12 -2.69
CA GLU O 25 34.19 32.34 -2.43
C GLU O 25 34.63 33.51 -3.30
N VAL O 26 35.67 33.35 -4.13
CA VAL O 26 36.05 34.39 -5.07
C VAL O 26 35.22 34.29 -6.35
N ILE O 27 34.62 33.14 -6.65
CA ILE O 27 33.76 33.03 -7.82
C ILE O 27 32.53 33.93 -7.71
N PRO O 28 31.79 33.97 -6.59
CA PRO O 28 30.64 34.89 -6.54
C PRO O 28 31.03 36.35 -6.65
N MET O 29 32.05 36.76 -5.88
CA MET O 29 32.41 38.18 -5.83
C MET O 29 32.71 38.72 -7.22
N PHE O 30 33.48 37.98 -8.01
CA PHE O 30 33.73 38.38 -9.39
C PHE O 30 32.42 38.57 -10.14
N SER O 31 31.55 37.56 -10.12
CA SER O 31 30.26 37.69 -10.77
C SER O 31 29.39 38.75 -10.11
N ALA O 32 29.68 39.10 -8.85
CA ALA O 32 28.96 40.16 -8.18
C ALA O 32 29.61 41.52 -8.36
N LEU O 33 30.79 41.59 -8.98
CA LEU O 33 31.50 42.84 -9.13
C LEU O 33 31.70 43.25 -10.58
N SER O 34 31.24 42.45 -11.54
CA SER O 34 31.50 42.74 -12.94
C SER O 34 30.24 42.57 -13.79
N GLU O 35 29.08 42.87 -13.24
CA GLU O 35 27.85 42.78 -14.01
C GLU O 35 27.80 43.90 -15.03
N GLY O 36 27.49 43.55 -16.28
CA GLY O 36 27.46 44.53 -17.35
C GLY O 36 28.81 45.17 -17.59
N ALA O 37 29.88 44.38 -17.55
CA ALA O 37 31.23 44.89 -17.68
C ALA O 37 31.76 44.66 -19.09
N THR O 38 32.34 45.70 -19.67
CA THR O 38 32.95 45.58 -20.98
C THR O 38 34.13 44.60 -20.90
N PRO O 39 34.34 43.79 -21.95
CA PRO O 39 35.48 42.85 -21.91
C PRO O 39 36.82 43.52 -21.69
N GLN O 40 37.01 44.76 -22.16
CA GLN O 40 38.21 45.50 -21.80
C GLN O 40 38.27 45.75 -20.31
N ASP O 41 37.14 46.11 -19.70
CA ASP O 41 37.08 46.26 -18.25
C ASP O 41 37.37 44.93 -17.55
N LEU O 42 36.90 43.83 -18.13
CA LEU O 42 37.21 42.52 -17.55
C LEU O 42 38.69 42.22 -17.63
N ASN O 43 39.34 42.58 -18.74
CA ASN O 43 40.78 42.39 -18.87
C ASN O 43 41.53 43.23 -17.84
N THR O 44 41.11 44.48 -17.65
CA THR O 44 41.74 45.32 -16.63
C THR O 44 41.54 44.74 -15.24
N MET O 45 40.33 44.24 -14.97
CA MET O 45 40.03 43.63 -13.68
C MET O 45 40.90 42.40 -13.43
N LEU O 46 41.18 41.64 -14.50
CA LEU O 46 41.99 40.43 -14.36
C LEU O 46 43.47 40.74 -14.22
N ASN O 47 43.95 41.79 -14.91
CA ASN O 47 45.38 42.04 -14.98
C ASN O 47 45.96 42.48 -13.64
N THR O 48 45.24 43.34 -12.91
CA THR O 48 45.80 43.92 -11.70
C THR O 48 45.87 42.96 -10.52
N VAL O 49 45.61 41.67 -10.72
CA VAL O 49 45.77 40.72 -9.63
C VAL O 49 47.25 40.51 -9.37
N GLY O 50 47.70 40.83 -8.16
CA GLY O 50 49.10 40.69 -7.82
C GLY O 50 49.43 39.26 -7.41
N GLY O 51 50.59 38.80 -7.86
CA GLY O 51 51.01 37.45 -7.50
C GLY O 51 50.16 36.40 -8.18
N HIS O 52 50.29 35.17 -7.67
CA HIS O 52 49.55 34.02 -8.18
C HIS O 52 49.77 33.85 -9.69
N GLN O 53 51.05 33.78 -10.08
CA GLN O 53 51.38 33.69 -11.50
C GLN O 53 50.88 32.39 -12.10
N ALA O 54 50.99 31.28 -11.36
CA ALA O 54 50.53 30.00 -11.89
C ALA O 54 49.02 29.99 -12.11
N ALA O 55 48.26 30.54 -11.15
CA ALA O 55 46.81 30.60 -11.30
C ALA O 55 46.42 31.47 -12.48
N MET O 56 47.08 32.62 -12.64
CA MET O 56 46.80 33.48 -13.78
C MET O 56 47.17 32.79 -15.09
N GLN O 57 48.24 31.98 -15.09
CA GLN O 57 48.60 31.24 -16.29
C GLN O 57 47.52 30.23 -16.66
N MET O 58 47.01 29.49 -15.67
CA MET O 58 45.92 28.56 -15.93
C MET O 58 44.70 29.29 -16.45
N LEU O 59 44.37 30.44 -15.85
CA LEU O 59 43.20 31.19 -16.28
C LEU O 59 43.36 31.65 -17.73
N LYS O 60 44.53 32.22 -18.06
CA LYS O 60 44.76 32.69 -19.42
C LYS O 60 44.72 31.54 -20.42
N GLU O 61 45.24 30.36 -20.02
CA GLU O 61 45.10 29.19 -20.86
C GLU O 61 43.63 28.86 -21.11
N THR O 62 42.80 28.99 -20.07
CA THR O 62 41.39 28.69 -20.22
C THR O 62 40.72 29.66 -21.20
N ILE O 63 41.01 30.96 -21.06
CA ILE O 63 40.46 31.91 -22.03
C ILE O 63 40.94 31.60 -23.43
N ASN O 64 42.22 31.26 -23.58
CA ASN O 64 42.74 30.96 -24.91
C ASN O 64 42.02 29.77 -25.53
N GLU O 65 41.83 28.71 -24.75
CA GLU O 65 41.17 27.51 -25.26
C GLU O 65 39.70 27.79 -25.61
N GLU O 66 38.99 28.52 -24.74
CA GLU O 66 37.60 28.81 -25.00
C GLU O 66 37.44 29.73 -26.21
N ALA O 67 38.35 30.69 -26.37
CA ALA O 67 38.32 31.56 -27.54
C ALA O 67 38.61 30.77 -28.81
N ALA O 68 39.54 29.82 -28.74
CA ALA O 68 39.82 28.99 -29.91
C ALA O 68 38.59 28.17 -30.30
N GLU O 69 37.90 27.59 -29.32
CA GLU O 69 36.72 26.80 -29.67
C GLU O 69 35.56 27.68 -30.11
N TRP O 70 35.47 28.90 -29.60
CA TRP O 70 34.50 29.86 -30.13
C TRP O 70 34.79 30.17 -31.58
N ASP O 71 36.08 30.31 -31.92
CA ASP O 71 36.46 30.51 -33.31
C ASP O 71 36.07 29.31 -34.15
N ARG O 72 36.27 28.10 -33.62
CA ARG O 72 35.95 26.90 -34.38
C ARG O 72 34.45 26.79 -34.65
N LEU O 73 33.63 26.96 -33.62
CA LEU O 73 32.19 26.76 -33.75
C LEU O 73 31.50 27.88 -34.51
N HIS O 74 32.12 29.05 -34.64
CA HIS O 74 31.49 30.17 -35.29
C HIS O 74 32.31 30.58 -36.51
N PRO O 75 31.73 30.53 -37.70
CA PRO O 75 32.50 30.85 -38.91
C PRO O 75 32.68 32.36 -39.07
N VAL O 76 33.41 32.71 -40.13
CA VAL O 76 33.68 34.10 -40.48
C VAL O 76 32.96 34.39 -41.79
N HIS O 77 32.09 35.40 -41.78
CA HIS O 77 31.39 35.78 -42.99
C HIS O 77 32.36 36.43 -43.98
N ALA O 78 32.26 36.05 -45.24
CA ALA O 78 33.13 36.54 -46.29
C ALA O 78 32.40 37.61 -47.10
N GLY O 79 33.07 38.73 -47.33
CA GLY O 79 32.49 39.81 -48.09
C GLY O 79 32.63 41.15 -47.38
N PRO O 80 32.37 42.24 -48.11
CA PRO O 80 32.44 43.57 -47.48
C PRO O 80 31.37 43.73 -46.41
N ILE O 81 31.68 44.52 -45.39
CA ILE O 81 30.74 44.74 -44.30
C ILE O 81 29.68 45.73 -44.75
N ALA O 82 28.42 45.34 -44.64
CA ALA O 82 27.32 46.19 -45.05
C ALA O 82 27.16 47.37 -44.08
N PRO O 83 26.70 48.51 -44.57
CA PRO O 83 26.44 49.65 -43.68
C PRO O 83 25.37 49.31 -42.65
N GLY O 84 25.49 49.90 -41.47
CA GLY O 84 24.60 49.60 -40.38
C GLY O 84 24.97 48.37 -39.58
N GLN O 85 26.15 47.80 -39.83
CA GLN O 85 26.61 46.61 -39.12
C GLN O 85 28.12 46.62 -39.10
N MET O 86 28.70 45.79 -38.23
CA MET O 86 30.14 45.67 -38.07
C MET O 86 30.54 44.21 -38.14
N ARG O 87 31.85 43.98 -38.11
CA ARG O 87 32.38 42.63 -38.19
C ARG O 87 31.94 41.79 -37.00
N GLU O 88 31.66 40.52 -37.25
CA GLU O 88 31.31 39.60 -36.17
C GLU O 88 32.52 39.37 -35.27
N PRO O 89 32.28 39.21 -33.97
CA PRO O 89 33.41 39.06 -33.04
C PRO O 89 34.05 37.68 -33.13
N ARG O 90 35.38 37.67 -33.07
CA ARG O 90 36.14 36.44 -32.98
C ARG O 90 36.41 36.11 -31.51
N GLY O 91 37.12 35.01 -31.26
CA GLY O 91 37.45 34.64 -29.90
C GLY O 91 38.29 35.69 -29.21
N SER O 92 39.30 36.22 -29.91
CA SER O 92 40.11 37.30 -29.35
C SER O 92 39.28 38.55 -29.10
N ASP O 93 38.34 38.85 -30.00
CA ASP O 93 37.48 40.01 -29.82
C ASP O 93 36.62 39.87 -28.57
N ILE O 94 36.08 38.67 -28.33
CA ILE O 94 35.35 38.42 -27.09
C ILE O 94 36.27 38.58 -25.90
N ALA O 95 37.48 38.03 -25.99
CA ALA O 95 38.45 38.21 -24.91
C ALA O 95 39.00 39.62 -24.85
N GLY O 96 38.72 40.46 -25.83
CA GLY O 96 39.16 41.85 -25.83
C GLY O 96 40.59 42.07 -26.26
N THR O 97 41.31 41.02 -26.69
CA THR O 97 42.70 41.19 -27.10
C THR O 97 42.79 42.07 -28.35
N THR O 98 41.91 41.85 -29.32
CA THR O 98 41.94 42.59 -30.58
C THR O 98 40.87 43.67 -30.67
N SER O 99 39.67 43.41 -30.14
CA SER O 99 38.59 44.37 -30.24
C SER O 99 38.86 45.59 -29.37
N THR O 100 38.54 46.77 -29.90
CA THR O 100 38.66 48.00 -29.15
C THR O 100 37.47 48.18 -28.23
N LEU O 101 37.58 49.16 -27.32
CA LEU O 101 36.49 49.43 -26.40
C LEU O 101 35.24 49.89 -27.13
N GLN O 102 35.42 50.74 -28.15
CA GLN O 102 34.26 51.23 -28.91
C GLN O 102 33.52 50.10 -29.60
N GLU O 103 34.26 49.17 -30.20
CA GLU O 103 33.62 48.03 -30.86
C GLU O 103 32.90 47.14 -29.86
N GLN O 104 33.51 46.90 -28.70
CA GLN O 104 32.86 46.10 -27.67
C GLN O 104 31.57 46.76 -27.20
N ILE O 105 31.60 48.07 -26.98
CA ILE O 105 30.41 48.79 -26.55
C ILE O 105 29.33 48.72 -27.64
N GLY O 106 29.72 48.89 -28.90
CA GLY O 106 28.76 48.80 -29.98
C GLY O 106 28.11 47.43 -30.07
N TRP O 107 28.90 46.37 -29.92
CA TRP O 107 28.35 45.03 -29.92
C TRP O 107 27.40 44.82 -28.74
N MET O 108 27.79 45.29 -27.56
CA MET O 108 26.97 45.07 -26.37
C MET O 108 25.68 45.88 -26.40
N THR O 109 25.67 47.02 -27.08
CA THR O 109 24.50 47.88 -27.14
C THR O 109 23.74 47.78 -28.45
N HIS O 110 24.13 46.86 -29.34
CA HIS O 110 23.43 46.71 -30.61
C HIS O 110 22.09 46.01 -30.41
N ASN O 111 21.24 46.10 -31.42
CA ASN O 111 19.97 45.39 -31.43
C ASN O 111 19.95 44.42 -32.61
N PRO O 112 20.03 43.10 -32.37
CA PRO O 112 20.10 42.42 -31.07
C PRO O 112 21.49 42.54 -30.43
N PRO O 113 21.57 42.43 -29.11
CA PRO O 113 22.86 42.61 -28.43
C PRO O 113 23.68 41.33 -28.45
N ILE O 114 24.90 41.42 -28.95
CA ILE O 114 25.86 40.33 -28.88
C ILE O 114 26.56 40.45 -27.53
N PRO O 115 26.28 39.59 -26.57
CA PRO O 115 26.76 39.78 -25.19
C PRO O 115 28.22 39.40 -25.04
N VAL O 116 29.11 40.18 -25.66
CA VAL O 116 30.54 39.87 -25.60
C VAL O 116 31.02 39.87 -24.16
N GLY O 117 30.52 40.79 -23.34
CA GLY O 117 30.88 40.81 -21.94
C GLY O 117 30.43 39.57 -21.20
N GLU O 118 29.21 39.12 -21.46
CA GLU O 118 28.71 37.94 -20.76
C GLU O 118 29.46 36.68 -21.15
N ILE O 119 29.78 36.52 -22.44
CA ILE O 119 30.54 35.35 -22.88
C ILE O 119 31.94 35.38 -22.28
N TYR O 120 32.59 36.55 -22.30
CA TYR O 120 33.91 36.64 -21.70
C TYR O 120 33.86 36.34 -20.21
N LYS O 121 32.84 36.83 -19.53
CA LYS O 121 32.69 36.54 -18.10
C LYS O 121 32.47 35.06 -17.87
N ARG O 122 31.74 34.39 -18.77
CA ARG O 122 31.53 32.95 -18.63
C ARG O 122 32.85 32.20 -18.79
N TRP O 123 33.67 32.59 -19.77
CA TRP O 123 34.98 31.95 -19.92
C TRP O 123 35.85 32.18 -18.69
N ILE O 124 35.85 33.41 -18.17
CA ILE O 124 36.64 33.71 -16.99
C ILE O 124 36.14 32.93 -15.78
N ILE O 125 34.83 32.72 -15.69
CA ILE O 125 34.27 31.95 -14.60
C ILE O 125 34.68 30.48 -14.71
N LEU O 126 34.68 29.94 -15.93
CA LEU O 126 35.18 28.57 -16.12
C LEU O 126 36.63 28.47 -15.68
N GLY O 127 37.45 29.45 -16.09
CA GLY O 127 38.84 29.44 -15.67
C GLY O 127 39.00 29.53 -14.18
N LEU O 128 38.19 30.38 -13.53
CA LEU O 128 38.28 30.53 -12.08
C LEU O 128 37.86 29.26 -11.36
N ASN O 129 36.83 28.57 -11.87
CA ASN O 129 36.44 27.29 -11.29
C ASN O 129 37.57 26.27 -11.42
N LYS O 130 38.22 26.24 -12.59
CA LYS O 130 39.37 25.36 -12.74
C LYS O 130 40.48 25.72 -11.76
N ILE O 131 40.69 27.01 -11.52
CA ILE O 131 41.71 27.44 -10.57
C ILE O 131 41.38 26.95 -9.17
N VAL O 132 40.16 27.22 -8.71
CA VAL O 132 39.78 26.81 -7.36
C VAL O 132 39.69 25.30 -7.23
N ARG O 133 39.64 24.58 -8.34
CA ARG O 133 39.62 23.12 -8.29
C ARG O 133 41.02 22.52 -8.35
N MET O 134 41.92 23.09 -9.15
CA MET O 134 43.20 22.48 -9.50
C MET O 134 44.36 23.40 -9.17
N TYR O 135 44.33 24.02 -8.00
CA TYR O 135 45.41 24.92 -7.62
C TYR O 135 45.42 25.10 -6.10
N SER O 136 46.62 25.27 -5.56
CA SER O 136 46.80 25.55 -4.14
C SER O 136 47.92 26.57 -3.97
N PRO O 137 47.62 27.76 -3.46
CA PRO O 137 48.66 28.79 -3.36
C PRO O 137 49.69 28.45 -2.30
N THR O 138 50.92 28.91 -2.54
CA THR O 138 52.00 28.70 -1.59
C THR O 138 51.94 29.75 -0.48
N SER O 139 52.54 29.41 0.65
CA SER O 139 52.54 30.30 1.81
C SER O 139 53.80 30.05 2.63
N ILE O 140 54.13 31.03 3.47
CA ILE O 140 55.30 30.91 4.33
C ILE O 140 55.13 29.77 5.33
N LEU O 141 53.89 29.37 5.63
CA LEU O 141 53.67 28.23 6.51
C LEU O 141 54.02 26.91 5.84
N ASP O 142 53.96 26.85 4.50
CA ASP O 142 54.26 25.64 3.75
C ASP O 142 55.67 25.65 3.17
N ILE O 143 56.62 26.27 3.86
CA ILE O 143 58.02 26.30 3.46
C ILE O 143 58.81 25.58 4.53
N ARG O 144 59.26 24.36 4.22
CA ARG O 144 60.00 23.54 5.16
C ARG O 144 61.30 23.08 4.51
N GLN O 145 62.29 22.79 5.34
CA GLN O 145 63.59 22.38 4.86
C GLN O 145 63.58 20.90 4.48
N GLY O 146 64.16 20.58 3.32
CA GLY O 146 64.26 19.21 2.89
C GLY O 146 65.24 18.43 3.75
N PRO O 147 65.07 17.11 3.80
CA PRO O 147 65.95 16.30 4.66
C PRO O 147 67.43 16.45 4.35
N LYS O 148 67.78 16.55 3.06
CA LYS O 148 69.16 16.76 2.65
C LYS O 148 69.38 18.16 2.08
N GLU O 149 68.39 19.03 2.18
CA GLU O 149 68.52 20.37 1.64
C GLU O 149 69.56 21.16 2.44
N PRO O 150 70.45 21.89 1.77
CA PRO O 150 71.38 22.77 2.49
C PRO O 150 70.62 23.84 3.26
N PHE O 151 71.14 24.19 4.44
CA PHE O 151 70.45 25.17 5.27
C PHE O 151 70.39 26.53 4.60
N ARG O 152 71.46 26.94 3.93
CA ARG O 152 71.48 28.25 3.28
C ARG O 152 70.45 28.32 2.16
N ASP O 153 70.31 27.23 1.39
CA ASP O 153 69.30 27.22 0.33
C ASP O 153 67.90 27.32 0.90
N TYR O 154 67.64 26.62 2.00
CA TYR O 154 66.33 26.72 2.64
C TYR O 154 66.08 28.13 3.16
N VAL O 155 67.11 28.76 3.73
CA VAL O 155 66.97 30.13 4.22
C VAL O 155 66.64 31.07 3.06
N ASP O 156 67.33 30.91 1.93
CA ASP O 156 67.06 31.76 0.77
C ASP O 156 65.65 31.55 0.26
N ARG O 157 65.19 30.30 0.20
CA ARG O 157 63.83 30.01 -0.25
C ARG O 157 62.80 30.63 0.71
N PHE O 158 63.04 30.51 2.02
CA PHE O 158 62.14 31.10 3.00
C PHE O 158 62.08 32.61 2.87
N TYR O 159 63.24 33.24 2.67
CA TYR O 159 63.26 34.70 2.53
C TYR O 159 62.55 35.13 1.25
N LYS O 160 62.73 34.39 0.16
CA LYS O 160 62.00 34.72 -1.07
C LYS O 160 60.49 34.58 -0.86
N THR O 161 60.07 33.51 -0.18
CA THR O 161 58.64 33.31 0.06
C THR O 161 58.07 34.42 0.92
N LEU O 162 58.78 34.84 1.97
CA LEU O 162 58.27 35.91 2.82
C LEU O 162 58.30 37.25 2.09
N ARG O 163 59.25 37.45 1.17
CA ARG O 163 59.23 38.64 0.33
C ARG O 163 58.00 38.64 -0.55
N ALA O 164 57.60 37.48 -1.06
CA ALA O 164 56.39 37.38 -1.84
C ALA O 164 55.12 37.43 -1.00
N GLU O 165 55.24 37.32 0.32
CA GLU O 165 54.07 37.32 1.19
C GLU O 165 53.43 38.70 1.27
N GLN O 166 52.12 38.73 1.44
CA GLN O 166 51.36 39.97 1.60
C GLN O 166 51.07 40.14 3.09
N ALA O 167 51.95 40.85 3.77
CA ALA O 167 51.82 41.09 5.20
C ALA O 167 52.63 42.31 5.57
N SER O 168 52.37 42.82 6.78
CA SER O 168 53.11 43.99 7.25
C SER O 168 54.51 43.59 7.69
N GLN O 169 55.38 44.60 7.79
CA GLN O 169 56.79 44.34 8.07
C GLN O 169 56.98 43.67 9.42
N GLU O 170 56.21 44.09 10.43
CA GLU O 170 56.35 43.50 11.75
C GLU O 170 55.98 42.02 11.73
N VAL O 171 54.91 41.66 11.03
CA VAL O 171 54.52 40.26 10.93
C VAL O 171 55.60 39.45 10.22
N LYS O 172 56.19 40.03 9.17
CA LYS O 172 57.25 39.34 8.45
C LYS O 172 58.46 39.12 9.35
N ASN O 173 58.84 40.12 10.13
CA ASN O 173 59.95 39.96 11.05
C ASN O 173 59.64 38.90 12.11
N TRP O 174 58.41 38.89 12.60
CA TRP O 174 58.02 37.89 13.61
C TRP O 174 58.09 36.48 13.03
N MET O 175 57.58 36.28 11.81
CA MET O 175 57.65 34.97 11.20
C MET O 175 59.10 34.58 10.90
N THR O 176 59.93 35.53 10.49
CA THR O 176 61.34 35.25 10.32
C THR O 176 61.95 34.77 11.64
N GLU O 177 61.56 35.39 12.75
CA GLU O 177 62.08 34.99 14.04
C GLU O 177 61.65 33.57 14.43
N THR O 178 60.38 33.23 14.20
CA THR O 178 59.86 31.97 14.73
C THR O 178 59.91 30.81 13.74
N LEU O 179 59.35 30.97 12.54
CA LEU O 179 59.19 29.85 11.63
C LEU O 179 60.53 29.33 11.12
N LEU O 180 61.52 30.20 10.99
CA LEU O 180 62.81 29.79 10.42
C LEU O 180 63.43 28.66 11.25
N VAL O 181 63.37 28.78 12.57
CA VAL O 181 63.88 27.70 13.41
C VAL O 181 62.80 26.64 13.64
N GLN O 182 61.53 27.04 13.72
CA GLN O 182 60.47 26.06 13.95
C GLN O 182 60.36 25.07 12.79
N ASN O 183 60.45 25.56 11.56
CA ASN O 183 60.36 24.73 10.36
C ASN O 183 61.75 24.58 9.78
N ALA O 184 62.39 23.44 10.06
CA ALA O 184 63.74 23.20 9.58
C ALA O 184 64.03 21.71 9.66
N ASN O 185 65.14 21.31 9.04
CA ASN O 185 65.58 19.93 9.10
C ASN O 185 65.90 19.58 10.55
N PRO O 186 65.49 18.39 11.02
CA PRO O 186 65.75 18.03 12.43
C PRO O 186 67.21 18.15 12.84
N ASP O 187 68.15 17.83 11.96
CA ASP O 187 69.56 18.09 12.26
C ASP O 187 69.82 19.59 12.35
N CYS O 188 69.31 20.35 11.37
CA CYS O 188 69.45 21.80 11.42
C CYS O 188 68.71 22.37 12.63
N LYS O 189 67.53 21.84 12.94
CA LYS O 189 66.79 22.31 14.10
C LYS O 189 67.56 22.05 15.38
N THR O 190 68.17 20.87 15.52
CA THR O 190 68.95 20.57 16.71
C THR O 190 70.16 21.49 16.81
N ILE O 191 70.84 21.74 15.67
CA ILE O 191 71.98 22.65 15.68
C ILE O 191 71.56 24.04 16.13
N LEU O 192 70.44 24.53 15.60
CA LEU O 192 69.96 25.87 15.95
C LEU O 192 69.56 25.96 17.41
N LYS O 193 68.84 24.95 17.91
CA LYS O 193 68.36 24.99 19.29
C LYS O 193 69.51 24.84 20.29
N ALA O 194 70.52 24.04 19.95
CA ALA O 194 71.70 23.94 20.81
C ALA O 194 72.38 25.29 20.94
N LEU O 195 72.48 26.03 19.84
CA LEU O 195 72.96 27.40 19.90
C LEU O 195 71.95 28.27 20.64
N GLY O 196 72.47 29.28 21.35
CA GLY O 196 71.64 30.15 22.15
C GLY O 196 70.64 30.93 21.33
N PRO O 197 69.45 31.15 21.88
CA PRO O 197 68.45 31.96 21.18
C PRO O 197 68.91 33.40 21.02
N GLY O 198 68.40 34.05 19.97
CA GLY O 198 68.78 35.41 19.67
C GLY O 198 70.00 35.55 18.79
N ALA O 199 70.60 34.44 18.35
CA ALA O 199 71.74 34.52 17.46
C ALA O 199 71.34 35.10 16.12
N THR O 200 72.24 35.87 15.51
CA THR O 200 71.95 36.52 14.25
C THR O 200 71.86 35.49 13.12
N LEU O 201 71.35 35.94 11.98
CA LEU O 201 71.20 35.04 10.84
C LEU O 201 72.55 34.53 10.35
N GLU O 202 73.57 35.39 10.36
CA GLU O 202 74.89 34.95 9.94
C GLU O 202 75.43 33.86 10.87
N GLU O 203 75.21 34.01 12.18
CA GLU O 203 75.71 33.02 13.13
C GLU O 203 75.06 31.66 12.90
N MET O 204 73.73 31.64 12.75
CA MET O 204 73.05 30.36 12.55
C MET O 204 73.38 29.76 11.19
N MET O 205 73.53 30.60 10.17
CA MET O 205 73.95 30.09 8.87
C MET O 205 75.34 29.47 8.93
N THR O 206 76.27 30.11 9.63
CA THR O 206 77.60 29.53 9.80
C THR O 206 77.54 28.23 10.58
N ALA O 207 76.71 28.19 11.63
CA ALA O 207 76.60 26.98 12.43
C ALA O 207 76.06 25.82 11.61
N CYS O 208 75.06 26.07 10.76
CA CYS O 208 74.43 25.02 9.98
C CYS O 208 75.10 24.79 8.63
N GLN O 209 76.14 25.57 8.30
CA GLN O 209 76.86 25.33 7.05
C GLN O 209 77.49 23.96 7.01
N GLY O 210 77.89 23.41 8.16
CA GLY O 210 78.52 22.12 8.21
C GLY O 210 77.59 20.92 8.19
N VAL O 211 76.27 21.16 8.13
CA VAL O 211 75.32 20.05 8.12
C VAL O 211 75.37 19.35 6.76
N GLY O 212 75.48 18.03 6.80
CA GLY O 212 75.53 17.24 5.59
C GLY O 212 76.92 16.94 5.07
N GLY O 213 77.95 17.52 5.68
CA GLY O 213 79.31 17.26 5.26
C GLY O 213 79.86 15.98 5.85
N PRO O 214 81.09 15.64 5.45
CA PRO O 214 81.71 14.41 5.98
C PRO O 214 81.92 14.46 7.49
N GLY O 215 82.42 15.57 8.01
CA GLY O 215 82.67 15.66 9.44
C GLY O 215 81.41 15.53 10.27
N HIS O 216 80.35 16.21 9.85
CA HIS O 216 79.09 16.13 10.59
C HIS O 216 78.53 14.71 10.56
N LYS O 217 78.57 14.06 9.40
CA LYS O 217 78.05 12.70 9.29
C LYS O 217 78.84 11.74 10.17
N ALA O 218 80.17 11.85 10.12
CA ALA O 218 81.00 10.99 10.98
C ALA O 218 80.70 11.25 12.46
N ARG O 219 80.53 12.53 12.83
CA ARG O 219 80.25 12.87 14.21
C ARG O 219 78.94 12.24 14.67
N VAL O 220 77.86 12.43 13.91
CA VAL O 220 76.56 11.94 14.34
C VAL O 220 76.54 10.41 14.36
N ILE O 221 77.24 9.78 13.41
CA ILE O 221 77.36 8.32 13.43
C ILE O 221 78.06 7.88 14.71
N ALA O 222 79.12 8.60 15.10
CA ALA O 222 79.83 8.26 16.32
C ALA O 222 78.92 8.39 17.55
N GLU O 223 78.16 9.48 17.63
CA GLU O 223 77.26 9.65 18.78
C GLU O 223 76.21 8.55 18.82
N ALA O 224 75.62 8.20 17.67
CA ALA O 224 74.60 7.16 17.64
C ALA O 224 75.18 5.82 18.07
N MET O 225 76.37 5.47 17.55
CA MET O 225 76.98 4.20 17.90
C MET O 225 77.33 4.15 19.39
N SER O 226 77.84 5.26 19.93
CA SER O 226 78.15 5.29 21.35
C SER O 226 76.89 5.18 22.20
N GLN O 227 75.80 5.83 21.76
CA GLN O 227 74.57 5.83 22.53
C GLN O 227 73.93 4.45 22.57
N VAL O 228 73.87 3.78 21.42
CA VAL O 228 73.22 2.46 21.39
C VAL O 228 74.04 1.43 22.14
N THR O 229 75.37 1.53 22.05
CA THR O 229 76.25 0.57 22.71
C THR O 229 76.62 1.04 24.11
N HIS P 2 12.49 -1.95 -49.78
CA HIS P 2 13.38 -1.81 -48.64
C HIS P 2 13.64 -3.17 -47.98
N GLN P 3 14.87 -3.37 -47.53
CA GLN P 3 15.27 -4.62 -46.87
C GLN P 3 15.03 -4.49 -45.37
N ALA P 4 14.07 -5.25 -44.86
CA ALA P 4 13.77 -5.25 -43.43
C ALA P 4 14.73 -6.21 -42.72
N ILE P 5 14.47 -6.47 -41.44
CA ILE P 5 15.31 -7.39 -40.70
C ILE P 5 15.04 -8.82 -41.13
N SER P 6 16.01 -9.69 -40.86
CA SER P 6 15.91 -11.10 -41.21
C SER P 6 15.89 -11.96 -39.95
N PRO P 7 15.30 -13.15 -40.00
CA PRO P 7 15.22 -13.98 -38.79
C PRO P 7 16.57 -14.34 -38.19
N ARG P 8 17.61 -14.50 -39.02
CA ARG P 8 18.90 -14.91 -38.50
C ARG P 8 19.50 -13.85 -37.58
N THR P 9 19.52 -12.59 -38.03
CA THR P 9 20.10 -11.53 -37.23
C THR P 9 19.33 -11.32 -35.94
N LEU P 10 18.00 -11.37 -36.01
CA LEU P 10 17.18 -11.19 -34.82
C LEU P 10 17.41 -12.33 -33.83
N ASN P 11 17.47 -13.57 -34.34
CA ASN P 11 17.75 -14.71 -33.46
C ASN P 11 19.12 -14.59 -32.82
N ALA P 12 20.12 -14.14 -33.58
CA ALA P 12 21.45 -13.96 -33.02
C ALA P 12 21.46 -12.87 -31.96
N TRP P 13 20.71 -11.79 -32.19
CA TRP P 13 20.61 -10.72 -31.21
C TRP P 13 19.98 -11.23 -29.91
N VAL P 14 18.90 -11.99 -30.02
CA VAL P 14 18.29 -12.57 -28.84
C VAL P 14 19.28 -13.50 -28.13
N LYS P 15 19.98 -14.33 -28.90
CA LYS P 15 20.91 -15.28 -28.31
C LYS P 15 22.04 -14.59 -27.57
N VAL P 16 22.61 -13.53 -28.16
CA VAL P 16 23.69 -12.84 -27.46
C VAL P 16 23.16 -12.14 -26.23
N VAL P 17 21.93 -11.62 -26.28
CA VAL P 17 21.35 -10.99 -25.09
C VAL P 17 21.25 -12.00 -23.95
N GLU P 18 20.71 -13.19 -24.24
CA GLU P 18 20.60 -14.19 -23.17
C GLU P 18 21.94 -14.81 -22.79
N GLU P 19 22.95 -14.74 -23.66
CA GLU P 19 24.24 -15.35 -23.34
C GLU P 19 25.07 -14.43 -22.45
N LYS P 20 25.32 -13.20 -22.90
CA LYS P 20 26.15 -12.29 -22.11
C LYS P 20 25.38 -11.60 -20.99
N ALA P 21 24.04 -11.67 -21.00
CA ALA P 21 23.21 -11.12 -19.93
C ALA P 21 23.48 -9.63 -19.72
N PHE P 22 23.31 -8.87 -20.81
CA PHE P 22 23.49 -7.42 -20.80
C PHE P 22 24.89 -7.02 -20.32
N SER P 23 25.89 -7.77 -20.76
CA SER P 23 27.27 -7.39 -20.57
C SER P 23 27.60 -6.26 -21.55
N PRO P 24 28.72 -5.56 -21.36
CA PRO P 24 29.08 -4.49 -22.32
C PRO P 24 29.18 -4.98 -23.75
N GLU P 25 29.49 -6.27 -23.96
CA GLU P 25 29.65 -6.79 -25.31
C GLU P 25 28.35 -6.75 -26.11
N VAL P 26 27.21 -6.53 -25.45
CA VAL P 26 25.96 -6.40 -26.20
C VAL P 26 25.83 -5.04 -26.87
N ILE P 27 26.54 -4.03 -26.40
CA ILE P 27 26.45 -2.70 -27.00
C ILE P 27 26.99 -2.70 -28.44
N PRO P 28 28.18 -3.25 -28.73
CA PRO P 28 28.61 -3.26 -30.13
C PRO P 28 27.74 -4.11 -31.03
N MET P 29 27.34 -5.30 -30.57
CA MET P 29 26.54 -6.19 -31.40
C MET P 29 25.24 -5.53 -31.83
N PHE P 30 24.59 -4.83 -30.90
CA PHE P 30 23.37 -4.10 -31.25
C PHE P 30 23.65 -3.06 -32.33
N SER P 31 24.78 -2.35 -32.22
CA SER P 31 25.13 -1.40 -33.26
C SER P 31 25.65 -2.08 -34.52
N ALA P 32 25.95 -3.38 -34.46
CA ALA P 32 26.42 -4.13 -35.61
C ALA P 32 25.30 -4.89 -36.32
N LEU P 33 24.40 -5.51 -35.56
CA LEU P 33 23.31 -6.26 -36.17
C LEU P 33 22.19 -5.36 -36.70
N SER P 34 22.15 -4.11 -36.27
CA SER P 34 21.09 -3.17 -36.66
C SER P 34 21.75 -1.95 -37.30
N GLU P 35 21.90 -1.98 -38.62
CA GLU P 35 22.46 -0.88 -39.37
C GLU P 35 21.49 -0.49 -40.47
N GLY P 36 21.16 0.81 -40.52
CA GLY P 36 20.15 1.27 -41.47
C GLY P 36 18.78 0.67 -41.20
N ALA P 37 18.45 0.49 -39.93
CA ALA P 37 17.21 -0.18 -39.53
C ALA P 37 16.13 0.85 -39.23
N THR P 38 14.93 0.61 -39.75
CA THR P 38 13.80 1.45 -39.42
C THR P 38 13.46 1.30 -37.93
N PRO P 39 12.88 2.33 -37.30
CA PRO P 39 12.55 2.21 -35.87
C PRO P 39 11.69 1.02 -35.55
N GLN P 40 10.85 0.57 -36.49
CA GLN P 40 10.10 -0.66 -36.29
C GLN P 40 11.03 -1.85 -36.09
N ASP P 41 12.14 -1.89 -36.83
CA ASP P 41 13.07 -3.01 -36.69
C ASP P 41 13.71 -3.04 -35.31
N LEU P 42 14.16 -1.88 -34.81
CA LEU P 42 14.72 -1.87 -33.47
C LEU P 42 13.67 -2.13 -32.40
N ASN P 43 12.42 -1.70 -32.64
CA ASN P 43 11.35 -2.07 -31.73
C ASN P 43 11.16 -3.59 -31.69
N THR P 44 11.23 -4.23 -32.85
CA THR P 44 11.15 -5.68 -32.90
C THR P 44 12.31 -6.34 -32.16
N MET P 45 13.52 -5.81 -32.33
CA MET P 45 14.68 -6.36 -31.64
C MET P 45 14.56 -6.18 -30.13
N LEU P 46 13.94 -5.08 -29.68
CA LEU P 46 13.81 -4.84 -28.25
C LEU P 46 12.70 -5.67 -27.62
N ASN P 47 11.56 -5.80 -28.31
CA ASN P 47 10.44 -6.55 -27.77
C ASN P 47 10.75 -8.05 -27.71
N THR P 48 11.47 -8.56 -28.70
CA THR P 48 11.74 -9.99 -28.77
C THR P 48 12.62 -10.47 -27.63
N VAL P 49 13.29 -9.57 -26.92
CA VAL P 49 14.10 -9.97 -25.79
C VAL P 49 13.23 -10.61 -24.72
N GLY P 50 13.61 -11.80 -24.29
CA GLY P 50 12.90 -12.51 -23.24
C GLY P 50 13.66 -12.40 -21.92
N GLY P 51 12.90 -12.25 -20.84
CA GLY P 51 13.49 -12.07 -19.53
C GLY P 51 14.05 -10.68 -19.36
N HIS P 52 14.72 -10.48 -18.22
CA HIS P 52 15.32 -9.19 -17.86
C HIS P 52 14.28 -8.08 -17.94
N GLN P 53 13.20 -8.25 -17.17
CA GLN P 53 12.12 -7.28 -17.19
C GLN P 53 12.56 -5.93 -16.62
N ALA P 54 13.36 -5.96 -15.56
CA ALA P 54 13.85 -4.71 -14.98
C ALA P 54 14.72 -3.94 -15.97
N ALA P 55 15.61 -4.65 -16.66
CA ALA P 55 16.47 -4.00 -17.64
C ALA P 55 15.66 -3.38 -18.77
N MET P 56 14.66 -4.11 -19.27
CA MET P 56 13.84 -3.57 -20.34
C MET P 56 12.99 -2.39 -19.87
N GLN P 57 12.53 -2.42 -18.61
CA GLN P 57 11.81 -1.28 -18.07
C GLN P 57 12.72 -0.05 -17.98
N MET P 58 13.96 -0.24 -17.54
CA MET P 58 14.91 0.87 -17.50
C MET P 58 15.19 1.41 -18.91
N LEU P 59 15.32 0.51 -19.87
CA LEU P 59 15.57 0.94 -21.24
C LEU P 59 14.38 1.72 -21.80
N LYS P 60 13.16 1.26 -21.50
CA LYS P 60 11.97 2.00 -21.92
C LYS P 60 11.91 3.38 -21.25
N GLU P 61 12.28 3.45 -19.97
CA GLU P 61 12.32 4.74 -19.29
C GLU P 61 13.32 5.68 -19.97
N THR P 62 14.49 5.17 -20.32
CA THR P 62 15.49 5.99 -21.00
C THR P 62 14.98 6.46 -22.37
N ILE P 63 14.32 5.58 -23.11
CA ILE P 63 13.76 5.97 -24.40
C ILE P 63 12.71 7.06 -24.22
N ASN P 64 11.86 6.93 -23.20
CA ASN P 64 10.86 7.95 -22.94
C ASN P 64 11.51 9.29 -22.59
N GLU P 65 12.56 9.25 -21.78
CA GLU P 65 13.26 10.48 -21.42
C GLU P 65 13.85 11.14 -22.66
N GLU P 66 14.50 10.36 -23.53
CA GLU P 66 15.10 10.93 -24.72
C GLU P 66 14.04 11.46 -25.67
N ALA P 67 12.90 10.77 -25.79
CA ALA P 67 11.82 11.27 -26.63
C ALA P 67 11.26 12.58 -26.10
N ALA P 68 11.09 12.68 -24.77
CA ALA P 68 10.63 13.92 -24.18
C ALA P 68 11.61 15.06 -24.44
N GLU P 69 12.90 14.77 -24.30
CA GLU P 69 13.91 15.80 -24.56
C GLU P 69 13.92 16.22 -26.02
N TRP P 70 13.74 15.26 -26.94
CA TRP P 70 13.66 15.60 -28.36
C TRP P 70 12.44 16.48 -28.63
N ASP P 71 11.30 16.16 -28.03
CA ASP P 71 10.12 16.99 -28.20
C ASP P 71 10.34 18.39 -27.63
N ARG P 72 11.05 18.48 -26.50
CA ARG P 72 11.31 19.79 -25.89
C ARG P 72 12.22 20.64 -26.77
N LEU P 73 13.35 20.08 -27.21
CA LEU P 73 14.30 20.86 -27.98
C LEU P 73 13.78 21.17 -29.38
N HIS P 74 13.08 20.22 -29.99
CA HIS P 74 12.57 20.41 -31.34
C HIS P 74 11.08 20.71 -31.29
N PRO P 75 10.65 21.93 -31.58
CA PRO P 75 9.23 22.25 -31.50
C PRO P 75 8.43 21.53 -32.57
N VAL P 76 7.18 21.23 -32.24
CA VAL P 76 6.24 20.61 -33.18
C VAL P 76 5.55 21.77 -33.90
N HIS P 77 6.09 22.16 -35.05
CA HIS P 77 5.55 23.27 -35.80
C HIS P 77 4.10 22.99 -36.21
N ALA P 78 3.24 23.97 -35.97
CA ALA P 78 1.81 23.83 -36.26
C ALA P 78 1.49 24.17 -37.72
N GLY P 79 2.21 23.54 -38.64
CA GLY P 79 1.94 23.70 -40.05
C GLY P 79 0.60 23.13 -40.44
N PRO P 80 -0.26 23.96 -41.04
CA PRO P 80 -1.59 23.47 -41.44
C PRO P 80 -1.54 22.31 -42.41
N ILE P 81 -0.58 22.31 -43.35
CA ILE P 81 -0.46 21.24 -44.33
C ILE P 81 0.93 21.34 -44.94
N ALA P 82 1.41 20.22 -45.49
CA ALA P 82 2.68 20.15 -46.20
C ALA P 82 2.42 19.50 -47.56
N PRO P 83 1.98 20.29 -48.54
CA PRO P 83 1.64 19.69 -49.85
C PRO P 83 2.81 19.01 -50.53
N GLY P 84 4.02 19.52 -50.37
CA GLY P 84 5.19 18.94 -51.01
C GLY P 84 6.00 18.00 -50.17
N GLN P 85 5.75 17.95 -48.87
CA GLN P 85 6.55 17.19 -47.91
C GLN P 85 5.60 16.42 -47.00
N MET P 86 6.13 15.91 -45.90
CA MET P 86 5.37 15.13 -44.92
C MET P 86 5.56 15.74 -43.54
N ARG P 87 4.87 15.17 -42.56
CA ARG P 87 4.91 15.70 -41.20
C ARG P 87 6.29 15.54 -40.59
N GLU P 88 6.64 16.48 -39.73
CA GLU P 88 7.93 16.41 -39.04
C GLU P 88 7.89 15.36 -37.93
N PRO P 89 8.99 14.66 -37.72
CA PRO P 89 9.03 13.64 -36.66
C PRO P 89 8.90 14.26 -35.28
N ARG P 90 8.39 13.46 -34.35
CA ARG P 90 8.27 13.84 -32.95
C ARG P 90 8.88 12.76 -32.08
N GLY P 91 9.03 13.07 -30.80
CA GLY P 91 9.71 12.15 -29.89
C GLY P 91 9.03 10.80 -29.81
N SER P 92 7.69 10.80 -29.76
CA SER P 92 6.96 9.54 -29.66
C SER P 92 7.17 8.67 -30.89
N ASP P 93 7.15 9.28 -32.08
CA ASP P 93 7.22 8.51 -33.31
C ASP P 93 8.63 8.16 -33.75
N ILE P 94 9.66 8.76 -33.13
CA ILE P 94 11.02 8.28 -33.35
C ILE P 94 11.18 6.88 -32.78
N ALA P 95 10.60 6.65 -31.60
CA ALA P 95 10.61 5.33 -30.99
C ALA P 95 9.66 4.35 -31.68
N GLY P 96 8.91 4.81 -32.68
CA GLY P 96 8.04 3.94 -33.45
C GLY P 96 6.67 3.71 -32.85
N THR P 97 6.37 4.30 -31.69
CA THR P 97 5.08 4.08 -31.06
C THR P 97 3.94 4.65 -31.92
N THR P 98 4.12 5.84 -32.47
CA THR P 98 3.08 6.52 -33.22
C THR P 98 3.51 6.79 -34.66
N SER P 99 4.22 5.86 -35.28
CA SER P 99 4.65 6.00 -36.66
C SER P 99 4.45 4.69 -37.40
N THR P 100 4.09 4.79 -38.68
CA THR P 100 3.99 3.62 -39.54
C THR P 100 5.31 3.39 -40.26
N LEU P 101 5.52 2.15 -40.70
CA LEU P 101 6.76 1.81 -41.39
C LEU P 101 6.92 2.61 -42.67
N GLN P 102 5.82 2.91 -43.37
CA GLN P 102 5.91 3.72 -44.57
C GLN P 102 6.45 5.10 -44.27
N GLU P 103 5.96 5.74 -43.20
CA GLU P 103 6.44 7.07 -42.83
C GLU P 103 7.91 7.03 -42.42
N GLN P 104 8.30 6.03 -41.64
CA GLN P 104 9.70 5.92 -41.24
C GLN P 104 10.62 5.71 -42.44
N ILE P 105 10.20 4.86 -43.38
CA ILE P 105 11.00 4.65 -44.58
C ILE P 105 11.09 5.93 -45.38
N GLY P 106 9.97 6.64 -45.54
CA GLY P 106 10.01 7.90 -46.27
C GLY P 106 10.93 8.91 -45.64
N TRP P 107 10.94 8.98 -44.31
CA TRP P 107 11.85 9.89 -43.62
C TRP P 107 13.31 9.48 -43.85
N MET P 108 13.61 8.18 -43.75
CA MET P 108 15.00 7.76 -43.79
C MET P 108 15.62 7.88 -45.18
N THR P 109 14.82 8.04 -46.23
CA THR P 109 15.33 8.32 -47.57
C THR P 109 14.56 9.52 -48.12
N HIS P 110 15.08 10.71 -47.85
CA HIS P 110 14.48 11.96 -48.29
C HIS P 110 15.59 12.94 -48.62
N ASN P 111 15.23 14.03 -49.29
CA ASN P 111 16.18 15.10 -49.62
C ASN P 111 15.73 16.40 -48.96
N PRO P 112 16.32 16.78 -47.82
CA PRO P 112 17.37 16.09 -47.06
C PRO P 112 16.83 14.96 -46.21
N PRO P 113 17.65 13.97 -45.88
CA PRO P 113 17.18 12.85 -45.07
C PRO P 113 16.99 13.24 -43.61
N ILE P 114 16.03 12.59 -42.96
CA ILE P 114 15.85 12.72 -41.51
C ILE P 114 16.15 11.35 -40.91
N PRO P 115 17.35 11.14 -40.39
CA PRO P 115 17.75 9.79 -39.96
C PRO P 115 17.10 9.37 -38.66
N VAL P 116 15.80 9.06 -38.71
CA VAL P 116 15.09 8.62 -37.51
C VAL P 116 15.69 7.32 -36.98
N GLY P 117 16.19 6.48 -37.88
CA GLY P 117 16.74 5.20 -37.44
C GLY P 117 17.96 5.35 -36.55
N GLU P 118 18.90 6.21 -36.94
CA GLU P 118 20.09 6.38 -36.13
C GLU P 118 19.80 7.13 -34.84
N ILE P 119 18.82 8.03 -34.85
CA ILE P 119 18.44 8.72 -33.61
C ILE P 119 17.86 7.72 -32.62
N TYR P 120 16.93 6.87 -33.09
CA TYR P 120 16.38 5.85 -32.21
C TYR P 120 17.48 4.90 -31.74
N LYS P 121 18.39 4.51 -32.64
CA LYS P 121 19.49 3.64 -32.26
C LYS P 121 20.34 4.27 -31.17
N ARG P 122 20.59 5.57 -31.28
CA ARG P 122 21.35 6.28 -30.26
C ARG P 122 20.62 6.25 -28.92
N TRP P 123 19.30 6.44 -28.94
CA TRP P 123 18.55 6.39 -27.69
C TRP P 123 18.62 5.00 -27.05
N ILE P 124 18.48 3.95 -27.86
CA ILE P 124 18.60 2.60 -27.30
C ILE P 124 20.01 2.33 -26.82
N ILE P 125 21.02 2.88 -27.48
CA ILE P 125 22.40 2.68 -27.03
C ILE P 125 22.62 3.36 -25.68
N LEU P 126 22.05 4.56 -25.51
CA LEU P 126 22.10 5.20 -24.20
C LEU P 126 21.42 4.36 -23.13
N GLY P 127 20.24 3.82 -23.46
CA GLY P 127 19.56 2.96 -22.52
C GLY P 127 20.35 1.71 -22.18
N LEU P 128 20.99 1.11 -23.19
CA LEU P 128 21.80 -0.08 -22.96
C LEU P 128 23.02 0.23 -22.09
N ASN P 129 23.64 1.41 -22.31
CA ASN P 129 24.75 1.81 -21.46
C ASN P 129 24.29 1.98 -20.02
N LYS P 130 23.12 2.61 -19.83
CA LYS P 130 22.57 2.71 -18.48
C LYS P 130 22.32 1.34 -17.87
N ILE P 131 21.82 0.40 -18.70
CA ILE P 131 21.54 -0.95 -18.22
C ILE P 131 22.83 -1.63 -17.75
N VAL P 132 23.86 -1.60 -18.60
CA VAL P 132 25.12 -2.26 -18.25
C VAL P 132 25.83 -1.56 -17.12
N ARG P 133 25.52 -0.28 -16.87
CA ARG P 133 26.13 0.42 -15.74
C ARG P 133 25.38 0.16 -14.44
N MET P 134 24.08 -0.07 -14.50
CA MET P 134 23.25 -0.19 -13.31
C MET P 134 22.70 -1.59 -13.08
N TYR P 135 22.09 -2.19 -14.10
CA TYR P 135 21.37 -3.45 -13.91
C TYR P 135 22.33 -4.60 -13.72
N SER P 136 22.04 -5.45 -12.75
CA SER P 136 22.78 -6.68 -12.51
C SER P 136 21.83 -7.86 -12.65
N PRO P 137 22.05 -8.77 -13.61
CA PRO P 137 21.12 -9.88 -13.80
C PRO P 137 21.13 -10.84 -12.62
N THR P 138 19.98 -11.47 -12.40
CA THR P 138 19.84 -12.46 -11.34
C THR P 138 20.10 -13.85 -11.88
N SER P 139 20.72 -14.69 -11.06
CA SER P 139 21.08 -16.04 -11.44
C SER P 139 20.67 -17.00 -10.34
N ILE P 140 20.68 -18.29 -10.68
CA ILE P 140 20.29 -19.31 -9.70
C ILE P 140 21.31 -19.37 -8.56
N LEU P 141 22.58 -19.15 -8.86
CA LEU P 141 23.60 -19.19 -7.81
C LEU P 141 23.49 -18.01 -6.86
N ASP P 142 22.76 -16.96 -7.24
CA ASP P 142 22.53 -15.84 -6.34
C ASP P 142 21.41 -16.11 -5.34
N ILE P 143 20.67 -17.20 -5.50
CA ILE P 143 19.59 -17.53 -4.58
C ILE P 143 20.20 -18.19 -3.36
N ARG P 144 20.13 -17.51 -2.22
CA ARG P 144 20.64 -18.03 -0.96
C ARG P 144 19.59 -17.80 0.12
N GLN P 145 19.41 -18.79 0.98
CA GLN P 145 18.40 -18.71 2.02
C GLN P 145 18.83 -17.72 3.10
N GLY P 146 17.90 -16.84 3.50
CA GLY P 146 18.17 -15.88 4.52
C GLY P 146 18.33 -16.54 5.88
N PRO P 147 19.01 -15.87 6.81
CA PRO P 147 19.24 -16.48 8.12
C PRO P 147 17.98 -16.83 8.87
N LYS P 148 16.92 -16.03 8.71
CA LYS P 148 15.63 -16.29 9.35
C LYS P 148 14.54 -16.65 8.36
N GLU P 149 14.90 -16.92 7.11
CA GLU P 149 13.93 -17.29 6.10
C GLU P 149 13.48 -18.73 6.29
N PRO P 150 12.18 -19.01 6.30
CA PRO P 150 11.73 -20.40 6.36
C PRO P 150 12.13 -21.16 5.11
N PHE P 151 12.37 -22.46 5.28
CA PHE P 151 12.90 -23.27 4.18
C PHE P 151 11.90 -23.38 3.04
N ARG P 152 10.60 -23.32 3.33
CA ARG P 152 9.61 -23.48 2.27
C ARG P 152 9.65 -22.30 1.30
N ASP P 153 9.68 -21.07 1.83
CA ASP P 153 9.78 -19.93 0.93
C ASP P 153 11.11 -19.88 0.22
N TYR P 154 12.18 -20.37 0.86
CA TYR P 154 13.45 -20.51 0.16
C TYR P 154 13.30 -21.42 -1.05
N VAL P 155 12.70 -22.59 -0.86
CA VAL P 155 12.53 -23.53 -1.97
C VAL P 155 11.65 -22.92 -3.05
N ASP P 156 10.59 -22.22 -2.64
CA ASP P 156 9.71 -21.60 -3.62
C ASP P 156 10.46 -20.56 -4.46
N ARG P 157 11.25 -19.71 -3.81
CA ARG P 157 12.04 -18.72 -4.55
C ARG P 157 13.08 -19.37 -5.44
N PHE P 158 13.75 -20.41 -4.92
CA PHE P 158 14.77 -21.11 -5.69
C PHE P 158 14.17 -21.68 -6.97
N TYR P 159 13.03 -22.37 -6.85
CA TYR P 159 12.40 -22.94 -8.04
C TYR P 159 11.83 -21.85 -8.93
N LYS P 160 11.36 -20.73 -8.37
CA LYS P 160 10.84 -19.66 -9.18
C LYS P 160 11.93 -19.07 -10.08
N THR P 161 13.14 -18.88 -9.54
CA THR P 161 14.23 -18.37 -10.37
C THR P 161 14.77 -19.46 -11.30
N LEU P 162 14.81 -20.71 -10.82
CA LEU P 162 15.35 -21.80 -11.64
C LEU P 162 14.48 -22.03 -12.86
N ARG P 163 13.15 -21.99 -12.68
CA ARG P 163 12.21 -22.24 -13.77
C ARG P 163 12.28 -21.18 -14.85
N ALA P 164 12.81 -20.00 -14.54
CA ALA P 164 12.99 -18.92 -15.51
C ALA P 164 14.39 -18.89 -16.10
N GLU P 165 15.21 -19.91 -15.85
CA GLU P 165 16.57 -19.93 -16.35
C GLU P 165 16.60 -20.27 -17.84
N GLN P 166 17.81 -20.37 -18.37
CA GLN P 166 18.04 -20.67 -19.78
C GLN P 166 18.69 -22.03 -20.00
N ALA P 167 18.93 -22.78 -18.93
CA ALA P 167 19.71 -24.02 -19.03
C ALA P 167 18.83 -25.16 -19.54
N SER P 168 19.35 -26.37 -19.45
CA SER P 168 18.67 -27.57 -19.94
C SER P 168 18.05 -28.34 -18.76
N GLN P 169 17.16 -29.27 -19.11
CA GLN P 169 16.39 -29.98 -18.10
C GLN P 169 17.29 -30.81 -17.19
N GLU P 170 18.25 -31.55 -17.78
CA GLU P 170 19.18 -32.32 -16.97
C GLU P 170 20.08 -31.39 -16.15
N VAL P 171 20.53 -30.29 -16.75
CA VAL P 171 21.34 -29.32 -16.01
C VAL P 171 20.52 -28.72 -14.88
N LYS P 172 19.23 -28.44 -15.13
CA LYS P 172 18.37 -27.91 -14.08
C LYS P 172 18.18 -28.92 -12.95
N ASN P 173 18.03 -30.20 -13.27
CA ASN P 173 17.92 -31.22 -12.24
C ASN P 173 19.20 -31.30 -11.42
N TRP P 174 20.36 -31.19 -12.08
CA TRP P 174 21.63 -31.19 -11.36
C TRP P 174 21.74 -29.98 -10.45
N MET P 175 21.29 -28.82 -10.92
CA MET P 175 21.26 -27.62 -10.07
C MET P 175 20.37 -27.83 -8.86
N THR P 176 19.20 -28.44 -9.06
CA THR P 176 18.32 -28.74 -7.94
C THR P 176 19.00 -29.67 -6.95
N GLU P 177 19.73 -30.67 -7.47
CA GLU P 177 20.41 -31.62 -6.59
C GLU P 177 21.50 -30.95 -5.76
N THR P 178 22.25 -30.03 -6.36
CA THR P 178 23.41 -29.46 -5.66
C THR P 178 23.10 -28.17 -4.90
N LEU P 179 22.62 -27.15 -5.62
CA LEU P 179 22.52 -25.81 -5.04
C LEU P 179 21.54 -25.74 -3.88
N LEU P 180 20.46 -26.54 -3.92
CA LEU P 180 19.45 -26.45 -2.87
C LEU P 180 20.06 -26.67 -1.49
N VAL P 181 20.81 -27.75 -1.32
CA VAL P 181 21.48 -27.98 -0.04
C VAL P 181 22.77 -27.19 0.08
N GLN P 182 23.37 -26.79 -1.05
CA GLN P 182 24.60 -26.00 -0.98
C GLN P 182 24.33 -24.62 -0.40
N ASN P 183 23.24 -23.98 -0.80
CA ASN P 183 22.87 -22.64 -0.32
C ASN P 183 21.76 -22.79 0.71
N ALA P 184 22.12 -22.79 1.99
CA ALA P 184 21.13 -22.89 3.05
C ALA P 184 21.75 -22.36 4.33
N ASN P 185 20.88 -22.02 5.29
CA ASN P 185 21.37 -21.58 6.59
C ASN P 185 22.10 -22.71 7.29
N PRO P 186 23.02 -22.39 8.19
CA PRO P 186 23.70 -23.46 8.94
C PRO P 186 22.73 -24.38 9.67
N ASP P 187 21.62 -23.86 10.18
CA ASP P 187 20.62 -24.72 10.82
C ASP P 187 19.97 -25.65 9.80
N CYS P 188 19.46 -25.08 8.70
CA CYS P 188 18.84 -25.90 7.67
C CYS P 188 19.86 -26.82 7.02
N LYS P 189 21.07 -26.32 6.78
CA LYS P 189 22.09 -27.15 6.16
C LYS P 189 22.50 -28.31 7.06
N THR P 190 22.61 -28.08 8.36
CA THR P 190 22.99 -29.16 9.26
C THR P 190 21.83 -30.16 9.43
N ILE P 191 20.58 -29.68 9.36
CA ILE P 191 19.45 -30.60 9.37
C ILE P 191 19.48 -31.48 8.14
N LEU P 192 19.78 -30.89 6.98
CA LEU P 192 19.81 -31.66 5.74
C LEU P 192 21.00 -32.61 5.69
N LYS P 193 22.13 -32.23 6.28
CA LYS P 193 23.29 -33.12 6.31
C LYS P 193 23.07 -34.28 7.27
N ALA P 194 22.45 -34.02 8.42
CA ALA P 194 22.11 -35.10 9.33
C ALA P 194 21.11 -36.05 8.68
N LEU P 195 20.14 -35.51 7.96
CA LEU P 195 19.25 -36.34 7.16
C LEU P 195 20.03 -37.02 6.04
N GLY P 196 19.66 -38.26 5.75
CA GLY P 196 20.38 -39.07 4.79
C GLY P 196 20.37 -38.47 3.39
N PRO P 197 21.46 -38.69 2.65
CA PRO P 197 21.50 -38.22 1.27
C PRO P 197 20.53 -38.97 0.39
N GLY P 198 20.09 -38.31 -0.68
CA GLY P 198 19.11 -38.88 -1.57
C GLY P 198 17.67 -38.73 -1.11
N ALA P 199 17.43 -38.03 -0.01
CA ALA P 199 16.07 -37.81 0.45
C ALA P 199 15.32 -36.91 -0.52
N THR P 200 14.02 -37.15 -0.63
CA THR P 200 13.18 -36.39 -1.54
C THR P 200 13.01 -34.95 -1.06
N LEU P 201 12.54 -34.09 -1.97
CA LEU P 201 12.31 -32.70 -1.61
C LEU P 201 11.26 -32.56 -0.52
N GLU P 202 10.20 -33.36 -0.58
CA GLU P 202 9.16 -33.30 0.44
C GLU P 202 9.72 -33.69 1.80
N GLU P 203 10.57 -34.71 1.86
CA GLU P 203 11.19 -35.10 3.11
C GLU P 203 12.11 -34.00 3.64
N MET P 204 12.83 -33.32 2.75
CA MET P 204 13.68 -32.21 3.16
C MET P 204 12.85 -31.08 3.75
N MET P 205 11.74 -30.72 3.09
CA MET P 205 10.88 -29.65 3.60
C MET P 205 10.26 -30.04 4.94
N THR P 206 9.88 -31.32 5.10
CA THR P 206 9.39 -31.77 6.38
C THR P 206 10.46 -31.65 7.46
N ALA P 207 11.71 -31.99 7.12
CA ALA P 207 12.79 -31.90 8.10
C ALA P 207 13.06 -30.46 8.52
N CYS P 208 13.03 -29.53 7.58
CA CYS P 208 13.32 -28.13 7.89
C CYS P 208 12.06 -27.30 8.18
N GLN P 209 10.91 -27.93 8.29
CA GLN P 209 9.71 -27.20 8.70
C GLN P 209 9.83 -26.60 10.09
N GLY P 210 10.70 -27.14 10.95
CA GLY P 210 10.76 -26.75 12.33
C GLY P 210 11.76 -25.68 12.71
N VAL P 211 12.52 -25.14 11.77
CA VAL P 211 13.53 -24.15 12.11
C VAL P 211 12.87 -22.79 12.30
N GLY P 212 13.13 -22.17 13.45
CA GLY P 212 12.50 -20.92 13.81
C GLY P 212 11.36 -21.08 14.79
N GLY P 213 10.97 -22.29 15.12
CA GLY P 213 9.92 -22.54 16.08
C GLY P 213 10.45 -22.67 17.49
N PRO P 214 9.56 -22.64 18.48
CA PRO P 214 10.03 -22.73 19.87
C PRO P 214 10.81 -23.99 20.18
N GLY P 215 10.40 -25.13 19.62
CA GLY P 215 11.09 -26.37 19.91
C GLY P 215 12.52 -26.38 19.41
N HIS P 216 12.72 -25.95 18.16
CA HIS P 216 14.07 -25.94 17.60
C HIS P 216 14.97 -24.96 18.33
N LYS P 217 14.46 -23.76 18.64
CA LYS P 217 15.27 -22.78 19.36
C LYS P 217 15.63 -23.30 20.74
N ALA P 218 14.68 -23.92 21.44
CA ALA P 218 14.96 -24.49 22.74
C ALA P 218 16.02 -25.58 22.63
N ARG P 219 15.91 -26.44 21.61
CA ARG P 219 16.86 -27.54 21.46
C ARG P 219 18.27 -27.01 21.20
N VAL P 220 18.41 -26.03 20.30
CA VAL P 220 19.74 -25.53 19.98
C VAL P 220 20.32 -24.77 21.17
N ILE P 221 19.49 -24.03 21.90
CA ILE P 221 19.98 -23.33 23.09
C ILE P 221 20.47 -24.33 24.13
N ALA P 222 19.70 -25.40 24.35
CA ALA P 222 20.11 -26.41 25.31
C ALA P 222 21.39 -27.11 24.88
N GLU P 223 21.53 -27.40 23.58
CA GLU P 223 22.74 -28.02 23.08
C GLU P 223 23.95 -27.12 23.29
N ALA P 224 23.80 -25.82 23.03
CA ALA P 224 24.90 -24.90 23.24
C ALA P 224 25.27 -24.80 24.71
N MET P 225 24.27 -24.73 25.59
CA MET P 225 24.55 -24.69 27.03
C MET P 225 25.29 -25.95 27.48
N SER P 226 24.87 -27.11 26.99
CA SER P 226 25.56 -28.35 27.34
C SER P 226 26.98 -28.34 26.81
N GLN P 227 27.19 -27.83 25.60
CA GLN P 227 28.53 -27.82 25.01
C GLN P 227 29.49 -26.94 25.80
N VAL P 228 29.06 -25.71 26.12
CA VAL P 228 29.99 -24.78 26.76
C VAL P 228 30.09 -24.95 28.26
N THR P 229 29.36 -25.92 28.83
CA THR P 229 29.44 -26.16 30.27
C THR P 229 29.72 -27.64 30.56
N HIS Q 2 0.78 -11.69 -48.12
CA HIS Q 2 -0.23 -12.51 -47.46
C HIS Q 2 0.19 -12.86 -46.04
N GLN Q 3 0.06 -14.14 -45.69
CA GLN Q 3 0.40 -14.61 -44.36
C GLN Q 3 1.87 -14.99 -44.30
N ALA Q 4 2.57 -14.46 -43.29
CA ALA Q 4 3.98 -14.75 -43.07
C ALA Q 4 4.21 -15.02 -41.60
N ILE Q 5 5.29 -15.75 -41.32
CA ILE Q 5 5.61 -16.13 -39.95
C ILE Q 5 6.20 -14.92 -39.22
N SER Q 6 5.65 -14.63 -38.04
CA SER Q 6 6.10 -13.48 -37.26
C SER Q 6 7.36 -13.84 -36.49
N PRO Q 7 8.21 -12.85 -36.18
CA PRO Q 7 9.42 -13.13 -35.41
C PRO Q 7 9.16 -13.71 -34.03
N ARG Q 8 8.05 -13.35 -33.39
CA ARG Q 8 7.77 -13.86 -32.05
C ARG Q 8 7.58 -15.37 -32.05
N THR Q 9 6.82 -15.88 -33.02
CA THR Q 9 6.62 -17.33 -33.10
C THR Q 9 7.93 -18.04 -33.40
N LEU Q 10 8.76 -17.46 -34.27
CA LEU Q 10 10.04 -18.07 -34.60
C LEU Q 10 10.96 -18.14 -33.39
N ASN Q 11 11.00 -17.05 -32.61
CA ASN Q 11 11.81 -17.07 -31.40
C ASN Q 11 11.26 -18.05 -30.37
N ALA Q 12 9.93 -18.16 -30.27
CA ALA Q 12 9.34 -19.15 -29.39
C ALA Q 12 9.72 -20.56 -29.84
N TRP Q 13 9.76 -20.81 -31.15
CA TRP Q 13 10.14 -22.11 -31.67
C TRP Q 13 11.58 -22.45 -31.34
N VAL Q 14 12.49 -21.50 -31.57
CA VAL Q 14 13.89 -21.79 -31.26
C VAL Q 14 14.09 -21.95 -29.75
N LYS Q 15 13.35 -21.19 -28.94
CA LYS Q 15 13.48 -21.31 -27.50
C LYS Q 15 12.94 -22.63 -26.99
N VAL Q 16 11.82 -23.11 -27.53
CA VAL Q 16 11.29 -24.39 -27.08
C VAL Q 16 12.19 -25.53 -27.54
N VAL Q 17 12.81 -25.40 -28.72
CA VAL Q 17 13.77 -26.42 -29.13
C VAL Q 17 14.97 -26.43 -28.19
N GLU Q 18 15.49 -25.25 -27.84
CA GLU Q 18 16.64 -25.17 -26.96
C GLU Q 18 16.32 -25.71 -25.57
N GLU Q 19 15.14 -25.37 -25.03
CA GLU Q 19 14.80 -25.74 -23.67
C GLU Q 19 14.66 -27.25 -23.52
N LYS Q 20 13.70 -27.84 -24.23
CA LYS Q 20 13.55 -29.29 -24.28
C LYS Q 20 14.31 -29.80 -25.50
N ALA Q 21 15.40 -30.52 -25.26
CA ALA Q 21 16.32 -30.92 -26.32
C ALA Q 21 15.69 -32.04 -27.14
N PHE Q 22 14.82 -31.63 -28.06
CA PHE Q 22 14.11 -32.56 -28.96
C PHE Q 22 13.38 -33.64 -28.18
N SER Q 23 12.73 -33.23 -27.09
CA SER Q 23 11.85 -34.11 -26.35
C SER Q 23 10.56 -34.31 -27.17
N PRO Q 24 9.74 -35.29 -26.81
CA PRO Q 24 8.47 -35.46 -27.54
C PRO Q 24 7.61 -34.20 -27.55
N GLU Q 25 7.68 -33.39 -26.49
CA GLU Q 25 6.91 -32.15 -26.44
C GLU Q 25 7.24 -31.19 -27.57
N VAL Q 26 8.30 -31.45 -28.34
CA VAL Q 26 8.61 -30.62 -29.49
C VAL Q 26 7.58 -30.84 -30.60
N ILE Q 27 7.14 -32.09 -30.79
CA ILE Q 27 6.22 -32.39 -31.90
C ILE Q 27 4.90 -31.61 -31.78
N PRO Q 28 4.25 -31.52 -30.62
CA PRO Q 28 3.03 -30.68 -30.56
C PRO Q 28 3.30 -29.22 -30.88
N MET Q 29 4.31 -28.63 -30.24
CA MET Q 29 4.54 -27.19 -30.35
C MET Q 29 4.79 -26.79 -31.80
N PHE Q 30 5.61 -27.57 -32.51
CA PHE Q 30 5.88 -27.29 -33.91
C PHE Q 30 4.60 -27.35 -34.74
N SER Q 31 3.73 -28.31 -34.43
CA SER Q 31 2.48 -28.41 -35.17
C SER Q 31 1.52 -27.27 -34.85
N ALA Q 32 1.80 -26.48 -33.81
CA ALA Q 32 0.94 -25.37 -33.42
C ALA Q 32 1.39 -24.03 -34.00
N LEU Q 33 2.70 -23.80 -34.09
CA LEU Q 33 3.20 -22.52 -34.58
C LEU Q 33 3.22 -22.43 -36.09
N SER Q 34 3.10 -23.55 -36.80
CA SER Q 34 3.24 -23.57 -38.26
C SER Q 34 1.94 -23.90 -38.96
N GLU Q 35 0.80 -23.68 -38.30
CA GLU Q 35 -0.47 -24.02 -38.91
C GLU Q 35 -0.77 -23.06 -40.06
N GLY Q 36 -1.08 -23.62 -41.22
CA GLY Q 36 -1.33 -22.82 -42.40
C GLY Q 36 -0.12 -22.04 -42.87
N ALA Q 37 1.05 -22.67 -42.89
CA ALA Q 37 2.30 -22.01 -43.24
C ALA Q 37 2.78 -22.48 -44.61
N THR Q 38 3.29 -21.54 -45.41
CA THR Q 38 3.87 -21.85 -46.70
C THR Q 38 5.18 -22.61 -46.50
N PRO Q 39 5.59 -23.42 -47.49
CA PRO Q 39 6.84 -24.18 -47.34
C PRO Q 39 8.06 -23.32 -47.08
N GLN Q 40 8.12 -22.10 -47.64
CA GLN Q 40 9.26 -21.23 -47.36
C GLN Q 40 9.30 -20.84 -45.89
N ASP Q 41 8.14 -20.57 -45.30
CA ASP Q 41 8.08 -20.28 -43.86
C ASP Q 41 8.53 -21.48 -43.05
N LEU Q 42 8.18 -22.69 -43.50
CA LEU Q 42 8.62 -23.89 -42.79
C LEU Q 42 10.13 -24.05 -42.89
N ASN Q 43 10.71 -23.77 -44.05
CA ASN Q 43 12.16 -23.83 -44.20
C ASN Q 43 12.85 -22.82 -43.30
N THR Q 44 12.29 -21.61 -43.21
CA THR Q 44 12.84 -20.61 -42.30
C THR Q 44 12.72 -21.08 -40.85
N MET Q 45 11.59 -21.69 -40.51
CA MET Q 45 11.39 -22.23 -39.17
C MET Q 45 12.43 -23.30 -38.85
N LEU Q 46 12.79 -24.11 -39.84
CA LEU Q 46 13.71 -25.22 -39.60
C LEU Q 46 15.17 -24.82 -39.66
N ASN Q 47 15.50 -23.75 -40.40
CA ASN Q 47 16.89 -23.37 -40.57
C ASN Q 47 17.47 -22.67 -39.35
N THR Q 48 16.65 -21.92 -38.62
CA THR Q 48 17.14 -21.12 -37.50
C THR Q 48 17.44 -21.96 -36.26
N VAL Q 49 17.24 -23.27 -36.32
CA VAL Q 49 17.56 -24.13 -35.18
C VAL Q 49 19.07 -24.18 -35.01
N GLY Q 50 19.58 -23.52 -33.96
CA GLY Q 50 21.00 -23.53 -33.70
C GLY Q 50 21.41 -24.79 -32.96
N GLY Q 51 22.58 -25.31 -33.31
CA GLY Q 51 23.07 -26.52 -32.69
C GLY Q 51 22.31 -27.74 -33.18
N HIS Q 52 22.56 -28.86 -32.49
CA HIS Q 52 21.95 -30.14 -32.80
C HIS Q 52 22.14 -30.49 -34.28
N GLN Q 53 23.40 -30.48 -34.71
CA GLN Q 53 23.71 -30.70 -36.12
C GLN Q 53 23.32 -32.09 -36.57
N ALA Q 54 23.54 -33.10 -35.72
CA ALA Q 54 23.17 -34.46 -36.08
C ALA Q 54 21.65 -34.59 -36.26
N ALA Q 55 20.88 -34.00 -35.36
CA ALA Q 55 19.43 -34.06 -35.48
C ALA Q 55 18.96 -33.40 -36.76
N MET Q 56 19.51 -32.23 -37.08
CA MET Q 56 19.13 -31.56 -38.32
C MET Q 56 19.55 -32.35 -39.55
N GLN Q 57 20.69 -33.05 -39.48
CA GLN Q 57 21.09 -33.91 -40.59
C GLN Q 57 20.09 -35.04 -40.79
N MET Q 58 19.67 -35.67 -39.69
CA MET Q 58 18.66 -36.73 -39.79
C MET Q 58 17.35 -36.19 -40.35
N LEU Q 59 16.93 -35.02 -39.89
CA LEU Q 59 15.70 -34.42 -40.40
C LEU Q 59 15.80 -34.15 -41.90
N LYS Q 60 16.91 -33.58 -42.33
CA LYS Q 60 17.09 -33.28 -43.75
C LYS Q 60 17.08 -34.55 -44.57
N GLU Q 61 17.75 -35.60 -44.08
CA GLU Q 61 17.73 -36.88 -44.80
C GLU Q 61 16.32 -37.42 -44.93
N THR Q 62 15.53 -37.30 -43.86
CA THR Q 62 14.12 -37.70 -43.95
C THR Q 62 13.39 -36.88 -45.01
N ILE Q 63 13.69 -35.59 -45.10
CA ILE Q 63 13.04 -34.75 -46.10
C ILE Q 63 13.38 -35.22 -47.51
N ASN Q 64 14.67 -35.50 -47.78
CA ASN Q 64 15.00 -35.95 -49.13
C ASN Q 64 14.37 -37.31 -49.43
N GLU Q 65 14.33 -38.21 -48.44
CA GLU Q 65 13.72 -39.51 -48.66
C GLU Q 65 12.24 -39.38 -48.98
N GLU Q 66 11.52 -38.53 -48.23
CA GLU Q 66 10.10 -38.35 -48.48
C GLU Q 66 9.86 -37.66 -49.83
N ALA Q 67 10.73 -36.71 -50.20
CA ALA Q 67 10.59 -36.06 -51.50
C ALA Q 67 10.82 -37.04 -52.63
N ALA Q 68 11.80 -37.93 -52.48
CA ALA Q 68 12.03 -38.95 -53.49
C ALA Q 68 10.84 -39.88 -53.61
N GLU Q 69 10.26 -40.28 -52.48
CA GLU Q 69 9.06 -41.10 -52.52
C GLU Q 69 7.91 -40.38 -53.20
N TRP Q 70 7.76 -39.08 -52.92
CA TRP Q 70 6.67 -38.30 -53.52
C TRP Q 70 6.82 -38.22 -55.04
N ASP Q 71 8.01 -37.84 -55.51
CA ASP Q 71 8.17 -37.70 -56.96
C ASP Q 71 8.27 -39.04 -57.67
N ARG Q 72 8.53 -40.13 -56.94
CA ARG Q 72 8.40 -41.46 -57.53
C ARG Q 72 6.93 -41.83 -57.70
N LEU Q 73 6.12 -41.60 -56.66
CA LEU Q 73 4.70 -41.97 -56.74
C LEU Q 73 3.94 -41.04 -57.66
N HIS Q 74 4.20 -39.73 -57.58
CA HIS Q 74 3.51 -38.76 -58.42
C HIS Q 74 4.31 -38.53 -59.68
N PRO Q 75 3.78 -38.85 -60.86
CA PRO Q 75 4.54 -38.67 -62.09
C PRO Q 75 4.58 -37.22 -62.53
N VAL Q 76 5.38 -36.95 -63.55
CA VAL Q 76 5.51 -35.63 -64.14
C VAL Q 76 4.76 -35.60 -65.46
N HIS Q 77 4.50 -34.40 -65.96
CA HIS Q 77 3.78 -34.26 -67.22
C HIS Q 77 4.67 -34.68 -68.39
N ALA Q 78 4.04 -34.89 -69.55
CA ALA Q 78 4.75 -35.34 -70.73
C ALA Q 78 5.77 -34.33 -71.23
N GLY Q 79 5.66 -33.06 -70.83
CA GLY Q 79 6.59 -32.05 -71.26
C GLY Q 79 5.95 -30.78 -71.78
N PRO Q 80 4.86 -30.89 -72.55
CA PRO Q 80 4.11 -29.68 -72.92
C PRO Q 80 3.52 -29.01 -71.70
N ILE Q 81 3.40 -27.69 -71.77
CA ILE Q 81 2.88 -26.87 -70.69
C ILE Q 81 1.42 -26.56 -70.98
N ALA Q 82 0.56 -26.74 -69.99
CA ALA Q 82 -0.86 -26.50 -70.17
C ALA Q 82 -1.14 -25.02 -70.39
N PRO Q 83 -2.21 -24.69 -71.12
CA PRO Q 83 -2.55 -23.27 -71.34
C PRO Q 83 -2.81 -22.50 -70.07
N GLY Q 84 -3.21 -23.18 -68.98
CA GLY Q 84 -3.40 -22.50 -67.71
C GLY Q 84 -2.12 -22.03 -67.06
N GLN Q 85 -0.97 -22.52 -67.55
CA GLN Q 85 0.35 -22.13 -67.04
C GLN Q 85 0.45 -22.41 -65.53
N MET Q 86 0.17 -23.65 -65.15
CA MET Q 86 0.19 -24.09 -63.76
C MET Q 86 0.92 -25.42 -63.70
N ARG Q 87 2.22 -25.38 -63.46
CA ARG Q 87 3.04 -26.59 -63.49
C ARG Q 87 2.75 -27.47 -62.28
N GLU Q 88 2.95 -28.77 -62.45
CA GLU Q 88 2.77 -29.71 -61.35
C GLU Q 88 3.94 -29.60 -60.37
N PRO Q 89 3.68 -29.66 -59.07
CA PRO Q 89 4.75 -29.55 -58.08
C PRO Q 89 5.56 -30.82 -58.00
N ARG Q 90 6.88 -30.71 -58.19
CA ARG Q 90 7.77 -31.84 -58.07
C ARG Q 90 8.05 -32.14 -56.60
N GLY Q 91 8.78 -33.23 -56.36
CA GLY Q 91 9.06 -33.62 -54.99
C GLY Q 91 9.91 -32.61 -54.24
N SER Q 92 10.86 -31.99 -54.94
CA SER Q 92 11.78 -31.07 -54.28
C SER Q 92 11.13 -29.76 -53.91
N ASP Q 93 10.25 -29.23 -54.77
CA ASP Q 93 9.70 -27.90 -54.54
C ASP Q 93 8.70 -27.87 -53.38
N ILE Q 94 8.20 -29.04 -52.95
CA ILE Q 94 7.39 -29.07 -51.73
C ILE Q 94 8.22 -28.64 -50.53
N ALA Q 95 9.46 -29.13 -50.45
CA ALA Q 95 10.36 -28.75 -49.38
C ALA Q 95 10.85 -27.31 -49.52
N GLY Q 96 10.57 -26.65 -50.63
CA GLY Q 96 10.98 -25.28 -50.85
C GLY Q 96 12.36 -25.11 -51.43
N THR Q 97 13.04 -26.19 -51.81
CA THR Q 97 14.39 -26.07 -52.37
C THR Q 97 14.36 -25.33 -53.70
N THR Q 98 13.38 -25.61 -54.56
CA THR Q 98 13.32 -25.03 -55.89
C THR Q 98 11.93 -24.46 -56.16
N SER Q 99 11.34 -23.80 -55.17
CA SER Q 99 10.03 -23.17 -55.33
C SER Q 99 10.08 -21.77 -54.74
N THR Q 100 9.62 -20.79 -55.50
CA THR Q 100 9.51 -19.44 -55.00
C THR Q 100 8.28 -19.31 -54.09
N LEU Q 101 8.25 -18.22 -53.32
CA LEU Q 101 7.11 -17.99 -52.44
C LEU Q 101 5.82 -17.79 -53.24
N GLN Q 102 5.92 -17.12 -54.38
CA GLN Q 102 4.74 -16.90 -55.20
C GLN Q 102 4.16 -18.21 -55.72
N GLU Q 103 5.04 -19.14 -56.14
CA GLU Q 103 4.56 -20.43 -56.62
C GLU Q 103 3.89 -21.23 -55.51
N GLN Q 104 4.47 -21.22 -54.31
CA GLN Q 104 3.85 -21.93 -53.19
C GLN Q 104 2.50 -21.31 -52.83
N ILE Q 105 2.42 -19.98 -52.85
CA ILE Q 105 1.14 -19.32 -52.56
C ILE Q 105 0.11 -19.68 -53.60
N GLY Q 106 0.50 -19.69 -54.88
CA GLY Q 106 -0.42 -20.11 -55.92
C GLY Q 106 -0.89 -21.54 -55.77
N TRP Q 107 0.03 -22.43 -55.36
CA TRP Q 107 -0.34 -23.81 -55.11
C TRP Q 107 -1.35 -23.92 -53.97
N MET Q 108 -1.12 -23.17 -52.89
CA MET Q 108 -2.00 -23.22 -51.73
C MET Q 108 -3.27 -22.39 -51.91
N THR Q 109 -3.37 -21.63 -52.99
CA THR Q 109 -4.55 -20.79 -53.26
C THR Q 109 -5.41 -21.30 -54.40
N HIS Q 110 -4.81 -22.01 -55.37
CA HIS Q 110 -5.54 -22.50 -56.52
C HIS Q 110 -6.72 -23.38 -56.10
N ASN Q 111 -7.72 -23.47 -56.97
CA ASN Q 111 -8.88 -24.32 -56.74
C ASN Q 111 -8.84 -25.51 -57.69
N PRO Q 112 -8.70 -26.74 -57.21
CA PRO Q 112 -8.57 -27.17 -55.80
C PRO Q 112 -7.19 -26.89 -55.24
N PRO Q 113 -7.06 -26.74 -53.92
CA PRO Q 113 -5.75 -26.38 -53.34
C PRO Q 113 -4.86 -27.58 -53.10
N ILE Q 114 -3.61 -27.51 -53.58
CA ILE Q 114 -2.59 -28.50 -53.27
C ILE Q 114 -1.88 -28.05 -52.00
N PRO Q 115 -2.06 -28.74 -50.87
CA PRO Q 115 -1.49 -28.27 -49.60
C PRO Q 115 0.00 -28.63 -49.47
N VAL Q 116 0.83 -27.94 -50.27
CA VAL Q 116 2.26 -28.19 -50.23
C VAL Q 116 2.81 -27.89 -48.83
N GLY Q 117 2.28 -26.84 -48.19
CA GLY Q 117 2.67 -26.57 -46.82
C GLY Q 117 2.32 -27.70 -45.88
N GLU Q 118 1.12 -28.26 -46.03
CA GLU Q 118 0.72 -29.39 -45.19
C GLU Q 118 1.59 -30.62 -45.44
N ILE Q 119 1.91 -30.89 -46.71
CA ILE Q 119 2.73 -32.05 -47.03
C ILE Q 119 4.14 -31.90 -46.43
N TYR Q 120 4.72 -30.71 -46.59
CA TYR Q 120 6.04 -30.47 -46.03
C TYR Q 120 6.00 -30.53 -44.51
N LYS Q 121 4.92 -30.04 -43.91
CA LYS Q 121 4.76 -30.13 -42.46
C LYS Q 121 4.70 -31.58 -42.02
N ARG Q 122 4.00 -32.43 -42.78
CA ARG Q 122 3.95 -33.85 -42.46
C ARG Q 122 5.33 -34.48 -42.55
N TRP Q 123 6.09 -34.14 -43.59
CA TRP Q 123 7.45 -34.69 -43.72
C TRP Q 123 8.33 -34.25 -42.56
N ILE Q 124 8.25 -32.98 -42.17
CA ILE Q 124 9.04 -32.50 -41.05
C ILE Q 124 8.58 -33.17 -39.76
N ILE Q 125 7.29 -33.46 -39.61
CA ILE Q 125 6.79 -34.17 -38.44
C ILE Q 125 7.38 -35.57 -38.39
N LEU Q 126 7.43 -36.25 -39.54
CA LEU Q 126 8.05 -37.57 -39.59
C LEU Q 126 9.51 -37.50 -39.19
N GLY Q 127 10.24 -36.51 -39.70
CA GLY Q 127 11.63 -36.35 -39.33
C GLY Q 127 11.81 -36.09 -37.83
N LEU Q 128 10.95 -35.24 -37.27
CA LEU Q 128 11.03 -34.95 -35.84
C LEU Q 128 10.72 -36.18 -35.00
N ASN Q 129 9.75 -36.99 -35.45
CA ASN Q 129 9.46 -38.23 -34.76
C ASN Q 129 10.65 -39.16 -34.78
N LYS Q 130 11.33 -39.26 -35.93
CA LYS Q 130 12.56 -40.06 -35.99
C LYS Q 130 13.62 -39.52 -35.04
N ILE Q 131 13.78 -38.20 -34.99
CA ILE Q 131 14.77 -37.59 -34.12
C ILE Q 131 14.50 -37.92 -32.67
N VAL Q 132 13.24 -37.81 -32.26
CA VAL Q 132 12.87 -38.17 -30.89
C VAL Q 132 13.08 -39.66 -30.66
N ARG Q 133 12.85 -40.48 -31.68
CA ARG Q 133 12.98 -41.93 -31.53
C ARG Q 133 14.41 -42.34 -31.25
N MET Q 134 15.36 -41.87 -32.07
CA MET Q 134 16.74 -42.38 -31.97
C MET Q 134 17.75 -41.36 -31.50
N TYR Q 135 17.66 -40.10 -31.93
CA TYR Q 135 18.68 -39.13 -31.57
C TYR Q 135 18.63 -38.83 -30.07
N SER Q 136 19.81 -38.75 -29.47
CA SER Q 136 19.93 -38.42 -28.04
C SER Q 136 20.85 -37.22 -27.91
N PRO Q 137 20.42 -36.14 -27.27
CA PRO Q 137 21.26 -34.95 -27.13
C PRO Q 137 22.47 -35.21 -26.24
N THR Q 138 23.50 -34.41 -26.44
CA THR Q 138 24.70 -34.46 -25.63
C THR Q 138 24.75 -33.23 -24.71
N SER Q 139 25.13 -33.46 -23.46
CA SER Q 139 25.17 -32.42 -22.45
C SER Q 139 26.50 -32.44 -21.74
N ILE Q 140 26.78 -31.35 -21.01
CA ILE Q 140 28.04 -31.25 -20.29
C ILE Q 140 28.15 -32.33 -19.21
N LEU Q 141 27.02 -32.73 -18.64
CA LEU Q 141 27.04 -33.76 -17.60
C LEU Q 141 27.41 -35.13 -18.17
N ASP Q 142 27.27 -35.33 -19.47
CA ASP Q 142 27.61 -36.59 -20.09
C ASP Q 142 29.10 -36.77 -20.32
N ILE Q 143 29.89 -35.71 -20.19
CA ILE Q 143 31.32 -35.76 -20.47
C ILE Q 143 32.02 -36.34 -19.24
N ARG Q 144 32.61 -37.52 -19.40
CA ARG Q 144 33.40 -38.15 -18.35
C ARG Q 144 34.73 -38.59 -18.95
N GLN Q 145 35.78 -38.49 -18.15
CA GLN Q 145 37.11 -38.90 -18.60
C GLN Q 145 37.16 -40.40 -18.79
N GLY Q 146 37.73 -40.82 -19.92
CA GLY Q 146 37.87 -42.24 -20.21
C GLY Q 146 38.87 -42.90 -19.29
N PRO Q 147 38.81 -44.22 -19.18
CA PRO Q 147 39.75 -44.92 -18.29
C PRO Q 147 41.20 -44.72 -18.69
N LYS Q 148 41.50 -44.69 -19.99
CA LYS Q 148 42.86 -44.48 -20.49
C LYS Q 148 43.00 -43.15 -21.22
N GLU Q 149 42.11 -42.20 -20.97
CA GLU Q 149 42.10 -40.95 -21.71
C GLU Q 149 43.08 -39.96 -21.09
N PRO Q 150 43.87 -39.27 -21.90
CA PRO Q 150 44.72 -38.19 -21.38
C PRO Q 150 43.89 -37.05 -20.84
N PHE Q 151 44.44 -36.38 -19.81
CA PHE Q 151 43.70 -35.30 -19.17
C PHE Q 151 43.51 -34.12 -20.10
N ARG Q 152 44.50 -33.83 -20.95
CA ARG Q 152 44.39 -32.69 -21.85
C ARG Q 152 43.26 -32.87 -22.85
N ASP Q 153 43.15 -34.07 -23.44
CA ASP Q 153 42.07 -34.33 -24.39
C ASP Q 153 40.71 -34.26 -23.70
N TYR Q 154 40.62 -34.79 -22.48
CA TYR Q 154 39.37 -34.71 -21.74
C TYR Q 154 38.99 -33.26 -21.46
N VAL Q 155 39.97 -32.43 -21.08
CA VAL Q 155 39.69 -31.01 -20.85
C VAL Q 155 39.24 -30.34 -22.14
N ASP Q 156 39.88 -30.67 -23.25
CA ASP Q 156 39.48 -30.09 -24.54
C ASP Q 156 38.04 -30.45 -24.88
N ARG Q 157 37.67 -31.72 -24.69
CA ARG Q 157 36.30 -32.14 -24.96
C ARG Q 157 35.32 -31.45 -24.02
N PHE Q 158 35.67 -31.37 -22.74
CA PHE Q 158 34.80 -30.72 -21.76
C PHE Q 158 34.55 -29.27 -22.13
N TYR Q 159 35.60 -28.54 -22.49
CA TYR Q 159 35.45 -27.13 -22.80
C TYR Q 159 34.74 -26.93 -24.14
N LYS Q 160 34.96 -27.83 -25.11
CA LYS Q 160 34.22 -27.71 -26.36
C LYS Q 160 32.73 -27.90 -26.15
N THR Q 161 32.35 -28.91 -25.36
CA THR Q 161 30.94 -29.10 -25.05
C THR Q 161 30.38 -27.93 -24.24
N LEU Q 162 31.18 -27.39 -23.32
CA LEU Q 162 30.73 -26.25 -22.53
C LEU Q 162 30.48 -25.04 -23.41
N ARG Q 163 31.36 -24.78 -24.38
CA ARG Q 163 31.14 -23.68 -25.30
C ARG Q 163 29.90 -23.93 -26.16
N ALA Q 164 29.70 -25.17 -26.60
CA ALA Q 164 28.52 -25.48 -27.39
C ALA Q 164 27.23 -25.44 -26.57
N GLU Q 165 27.33 -25.40 -25.25
CA GLU Q 165 26.14 -25.43 -24.40
C GLU Q 165 25.43 -24.08 -24.42
N GLN Q 166 24.12 -24.12 -24.18
CA GLN Q 166 23.29 -22.93 -24.06
C GLN Q 166 23.04 -22.69 -22.58
N ALA Q 167 23.79 -21.75 -22.02
CA ALA Q 167 23.67 -21.42 -20.60
C ALA Q 167 24.22 -20.01 -20.39
N SER Q 168 24.44 -19.65 -19.12
CA SER Q 168 24.97 -18.34 -18.76
C SER Q 168 26.42 -18.46 -18.30
N GLN Q 169 27.10 -17.31 -18.28
CA GLN Q 169 28.52 -17.31 -17.95
C GLN Q 169 28.77 -17.76 -16.51
N GLU Q 170 27.92 -17.32 -15.57
CA GLU Q 170 28.12 -17.69 -14.17
C GLU Q 170 27.93 -19.19 -13.96
N VAL Q 171 26.86 -19.75 -14.52
CA VAL Q 171 26.62 -21.17 -14.37
C VAL Q 171 27.68 -21.97 -15.12
N LYS Q 172 28.19 -21.45 -16.25
CA LYS Q 172 29.27 -22.14 -16.95
C LYS Q 172 30.54 -22.16 -16.11
N ASN Q 173 30.85 -21.04 -15.46
CA ASN Q 173 32.03 -21.01 -14.58
C ASN Q 173 31.85 -21.98 -13.41
N TRP Q 174 30.65 -22.04 -12.86
CA TRP Q 174 30.40 -22.99 -11.77
C TRP Q 174 30.54 -24.44 -12.25
N MET Q 175 30.05 -24.72 -13.46
CA MET Q 175 30.24 -26.05 -14.05
C MET Q 175 31.72 -26.37 -14.20
N THR Q 176 32.49 -25.43 -14.73
CA THR Q 176 33.94 -25.62 -14.84
C THR Q 176 34.54 -25.89 -13.47
N GLU Q 177 34.05 -25.19 -12.44
CA GLU Q 177 34.59 -25.36 -11.10
C GLU Q 177 34.35 -26.76 -10.56
N THR Q 178 33.13 -27.29 -10.72
CA THR Q 178 32.80 -28.54 -10.04
C THR Q 178 32.80 -29.77 -10.94
N LEU Q 179 32.13 -29.71 -12.10
CA LEU Q 179 31.95 -30.89 -12.92
C LEU Q 179 33.28 -31.44 -13.45
N LEU Q 180 34.19 -30.55 -13.85
CA LEU Q 180 35.41 -31.00 -14.50
C LEU Q 180 36.23 -31.88 -13.56
N VAL Q 181 36.35 -31.49 -12.30
CA VAL Q 181 37.04 -32.34 -11.33
C VAL Q 181 36.15 -33.45 -10.81
N GLN Q 182 34.81 -33.32 -10.94
CA GLN Q 182 33.93 -34.37 -10.48
C GLN Q 182 33.98 -35.59 -11.39
N ASN Q 183 33.97 -35.36 -12.71
CA ASN Q 183 33.99 -36.44 -13.69
C ASN Q 183 35.43 -36.60 -14.16
N ALA Q 184 36.11 -37.61 -13.63
CA ALA Q 184 37.51 -37.84 -13.98
C ALA Q 184 37.88 -39.28 -13.67
N ASN Q 185 39.01 -39.72 -14.23
CA ASN Q 185 39.53 -41.04 -13.94
C ASN Q 185 39.83 -41.14 -12.44
N PRO Q 186 39.64 -42.32 -11.85
CA PRO Q 186 39.98 -42.48 -10.42
C PRO Q 186 41.42 -42.09 -10.12
N ASP Q 187 42.36 -42.42 -11.01
CA ASP Q 187 43.73 -41.96 -10.83
C ASP Q 187 43.82 -40.45 -10.94
N CYS Q 188 43.22 -39.87 -11.98
CA CYS Q 188 43.23 -38.43 -12.13
C CYS Q 188 42.47 -37.75 -10.99
N LYS Q 189 41.34 -38.32 -10.59
CA LYS Q 189 40.57 -37.73 -9.50
C LYS Q 189 41.35 -37.75 -8.19
N THR Q 190 42.05 -38.84 -7.90
CA THR Q 190 42.83 -38.89 -6.66
C THR Q 190 44.04 -37.97 -6.75
N ILE Q 191 44.61 -37.80 -7.95
CA ILE Q 191 45.71 -36.85 -8.10
C ILE Q 191 45.23 -35.43 -7.83
N LEU Q 192 44.06 -35.08 -8.37
CA LEU Q 192 43.52 -33.75 -8.16
C LEU Q 192 43.06 -33.54 -6.72
N LYS Q 193 42.57 -34.59 -6.07
CA LYS Q 193 42.18 -34.47 -4.67
C LYS Q 193 43.40 -34.36 -3.76
N ALA Q 194 44.54 -34.93 -4.17
CA ALA Q 194 45.77 -34.68 -3.45
C ALA Q 194 46.14 -33.21 -3.48
N LEU Q 195 45.96 -32.55 -4.63
CA LEU Q 195 46.11 -31.11 -4.71
C LEU Q 195 45.03 -30.43 -3.89
N GLY Q 196 45.39 -29.32 -3.26
CA GLY Q 196 44.44 -28.55 -2.48
C GLY Q 196 43.43 -27.85 -3.36
N PRO Q 197 42.27 -27.52 -2.80
CA PRO Q 197 41.27 -26.78 -3.56
C PRO Q 197 41.77 -25.39 -3.92
N GLY Q 198 41.28 -24.87 -5.04
CA GLY Q 198 41.69 -23.58 -5.54
C GLY Q 198 42.85 -23.61 -6.50
N ALA Q 199 43.37 -24.78 -6.85
CA ALA Q 199 44.43 -24.88 -7.84
C ALA Q 199 43.89 -24.51 -9.22
N THR Q 200 44.69 -23.77 -9.98
CA THR Q 200 44.26 -23.35 -11.30
C THR Q 200 44.32 -24.52 -12.28
N LEU Q 201 43.74 -24.31 -13.46
CA LEU Q 201 43.63 -25.38 -14.44
C LEU Q 201 45.00 -25.86 -14.91
N GLU Q 202 45.95 -24.92 -15.06
CA GLU Q 202 47.30 -25.31 -15.49
C GLU Q 202 47.96 -26.21 -14.47
N GLU Q 203 47.76 -25.94 -13.18
CA GLU Q 203 48.29 -26.83 -12.15
C GLU Q 203 47.66 -28.21 -12.25
N MET Q 204 46.35 -28.28 -12.51
CA MET Q 204 45.69 -29.57 -12.66
C MET Q 204 46.29 -30.35 -13.82
N MET Q 205 46.47 -29.69 -14.96
CA MET Q 205 47.02 -30.36 -16.13
C MET Q 205 48.44 -30.82 -15.89
N THR Q 206 49.25 -29.98 -15.23
CA THR Q 206 50.62 -30.37 -14.94
C THR Q 206 50.67 -31.56 -13.99
N ALA Q 207 49.79 -31.58 -12.98
CA ALA Q 207 49.75 -32.71 -12.06
C ALA Q 207 49.31 -33.99 -12.76
N CYS Q 208 48.32 -33.89 -13.64
CA CYS Q 208 47.76 -35.07 -14.29
C CYS Q 208 48.50 -35.49 -15.55
N GLN Q 209 49.51 -34.72 -15.97
CA GLN Q 209 50.30 -35.13 -17.13
C GLN Q 209 51.00 -36.46 -16.90
N GLY Q 210 51.26 -36.83 -15.65
CA GLY Q 210 51.95 -38.07 -15.37
C GLY Q 210 51.08 -39.30 -15.41
N VAL Q 211 49.75 -39.14 -15.33
CA VAL Q 211 48.86 -40.27 -15.27
C VAL Q 211 48.90 -41.02 -16.59
N GLY Q 212 49.19 -42.32 -16.52
CA GLY Q 212 49.32 -43.15 -17.70
C GLY Q 212 50.74 -43.36 -18.18
N GLY Q 213 51.69 -42.57 -17.68
CA GLY Q 213 53.08 -42.72 -18.06
C GLY Q 213 53.74 -43.85 -17.31
N PRO Q 214 54.94 -44.22 -17.76
CA PRO Q 214 55.67 -45.32 -17.10
C PRO Q 214 55.92 -45.06 -15.63
N GLY Q 215 56.25 -43.82 -15.26
CA GLY Q 215 56.51 -43.52 -13.86
C GLY Q 215 55.29 -43.72 -12.99
N HIS Q 216 54.14 -43.21 -13.44
CA HIS Q 216 52.90 -43.39 -12.69
C HIS Q 216 52.52 -44.86 -12.58
N LYS Q 217 52.66 -45.60 -13.69
CA LYS Q 217 52.34 -47.02 -13.68
C LYS Q 217 53.19 -47.77 -12.67
N ALA Q 218 54.51 -47.52 -12.69
CA ALA Q 218 55.39 -48.17 -11.73
C ALA Q 218 55.04 -47.77 -10.31
N ARG Q 219 54.70 -46.49 -10.10
CA ARG Q 219 54.37 -46.02 -8.75
C ARG Q 219 53.13 -46.74 -8.21
N VAL Q 220 52.07 -46.83 -9.02
CA VAL Q 220 50.85 -47.45 -8.53
C VAL Q 220 51.05 -48.95 -8.35
N ILE Q 221 51.79 -49.59 -9.26
CA ILE Q 221 52.06 -51.02 -9.12
C ILE Q 221 52.82 -51.29 -7.82
N ALA Q 222 53.86 -50.50 -7.55
CA ALA Q 222 54.63 -50.68 -6.34
C ALA Q 222 53.81 -50.40 -5.09
N GLU Q 223 52.97 -49.35 -5.14
CA GLU Q 223 52.14 -49.02 -3.99
C GLU Q 223 51.15 -50.15 -3.70
N ALA Q 224 50.53 -50.71 -4.74
CA ALA Q 224 49.59 -51.80 -4.55
C ALA Q 224 50.31 -53.04 -4.00
N MET Q 225 51.49 -53.36 -4.55
CA MET Q 225 52.22 -54.52 -4.06
C MET Q 225 52.62 -54.35 -2.60
N SER Q 226 53.01 -53.14 -2.20
CA SER Q 226 53.33 -52.89 -0.81
C SER Q 226 52.09 -52.99 0.08
N GLN Q 227 50.96 -52.46 -0.40
CA GLN Q 227 49.74 -52.46 0.42
C GLN Q 227 49.22 -53.87 0.63
N VAL Q 228 49.21 -54.70 -0.41
CA VAL Q 228 48.68 -56.06 -0.27
C VAL Q 228 49.61 -56.93 0.57
N THR Q 229 50.88 -56.56 0.71
CA THR Q 229 51.82 -57.34 1.49
C THR Q 229 52.72 -56.44 2.33
N HIS R 2 35.51 6.65 -56.54
CA HIS R 2 35.06 6.28 -55.20
C HIS R 2 36.24 5.90 -54.32
N GLN R 3 36.08 6.10 -53.01
CA GLN R 3 37.13 5.79 -52.06
C GLN R 3 37.27 4.28 -51.89
N ALA R 4 38.35 3.89 -51.21
CA ALA R 4 38.62 2.49 -50.93
C ALA R 4 39.30 2.39 -49.57
N ILE R 5 39.50 1.16 -49.11
CA ILE R 5 40.17 0.95 -47.83
C ILE R 5 41.62 1.42 -47.94
N SER R 6 42.17 1.88 -46.82
CA SER R 6 43.52 2.40 -46.83
C SER R 6 44.51 1.35 -46.32
N PRO R 7 45.75 1.37 -46.82
CA PRO R 7 46.75 0.41 -46.32
C PRO R 7 46.97 0.50 -44.82
N ARG R 8 46.92 1.71 -44.26
CA ARG R 8 47.03 1.85 -42.81
C ARG R 8 45.84 1.23 -42.11
N THR R 9 44.63 1.40 -42.66
CA THR R 9 43.46 0.77 -42.08
C THR R 9 43.57 -0.74 -42.10
N LEU R 10 44.03 -1.30 -43.22
CA LEU R 10 44.21 -2.75 -43.31
C LEU R 10 45.25 -3.25 -42.32
N ASN R 11 46.37 -2.51 -42.20
CA ASN R 11 47.41 -2.90 -41.25
C ASN R 11 46.89 -2.86 -39.82
N ALA R 12 46.12 -1.83 -39.48
CA ALA R 12 45.51 -1.77 -38.16
C ALA R 12 44.57 -2.93 -37.93
N TRP R 13 43.75 -3.26 -38.94
CA TRP R 13 42.85 -4.40 -38.83
C TRP R 13 43.61 -5.68 -38.52
N VAL R 14 44.64 -5.97 -39.30
CA VAL R 14 45.39 -7.20 -39.06
C VAL R 14 46.08 -7.15 -37.70
N LYS R 15 46.51 -5.96 -37.26
CA LYS R 15 47.13 -5.85 -35.94
C LYS R 15 46.13 -6.23 -34.85
N VAL R 16 44.89 -5.74 -34.96
CA VAL R 16 43.87 -6.17 -34.00
C VAL R 16 43.65 -7.67 -34.09
N VAL R 17 43.65 -8.22 -35.30
CA VAL R 17 43.33 -9.64 -35.45
C VAL R 17 44.42 -10.51 -34.81
N GLU R 18 45.69 -10.11 -34.89
CA GLU R 18 46.71 -10.91 -34.23
C GLU R 18 46.79 -10.64 -32.73
N GLU R 19 46.63 -9.39 -32.30
CA GLU R 19 46.85 -9.07 -30.90
C GLU R 19 45.75 -9.63 -30.01
N LYS R 20 44.50 -9.31 -30.30
CA LYS R 20 43.41 -9.76 -29.45
C LYS R 20 43.10 -11.25 -29.61
N ALA R 21 43.53 -11.86 -30.72
CA ALA R 21 43.29 -13.28 -30.99
C ALA R 21 41.80 -13.61 -30.93
N PHE R 22 41.00 -12.80 -31.62
CA PHE R 22 39.55 -12.97 -31.71
C PHE R 22 38.88 -12.88 -30.34
N SER R 23 39.48 -12.15 -29.42
CA SER R 23 38.76 -11.75 -28.22
C SER R 23 37.65 -10.78 -28.62
N PRO R 24 36.49 -10.82 -27.93
CA PRO R 24 35.30 -10.09 -28.39
C PRO R 24 35.55 -8.67 -28.86
N GLU R 25 36.63 -8.04 -28.38
CA GLU R 25 36.99 -6.70 -28.81
C GLU R 25 37.23 -6.60 -30.31
N VAL R 26 37.32 -7.73 -31.02
CA VAL R 26 37.47 -7.68 -32.47
C VAL R 26 36.18 -7.18 -33.12
N ILE R 27 35.02 -7.58 -32.58
CA ILE R 27 33.75 -7.20 -33.20
C ILE R 27 33.55 -5.69 -33.27
N PRO R 28 33.82 -4.91 -32.22
CA PRO R 28 33.70 -3.45 -32.39
C PRO R 28 34.66 -2.89 -33.43
N MET R 29 35.95 -3.19 -33.30
CA MET R 29 36.97 -2.58 -34.15
C MET R 29 36.66 -2.79 -35.63
N PHE R 30 36.29 -4.03 -36.00
CA PHE R 30 35.91 -4.31 -37.38
C PHE R 30 34.78 -3.38 -37.81
N SER R 31 33.69 -3.34 -37.03
CA SER R 31 32.58 -2.46 -37.37
C SER R 31 33.00 -1.00 -37.33
N ALA R 32 34.06 -0.67 -36.57
CA ALA R 32 34.56 0.69 -36.55
C ALA R 32 35.38 0.98 -37.81
N LEU R 33 36.10 -0.01 -38.33
CA LEU R 33 37.02 0.21 -39.45
C LEU R 33 36.40 -0.08 -40.80
N SER R 34 35.14 -0.54 -40.84
CA SER R 34 34.53 -0.98 -42.09
C SER R 34 33.24 -0.25 -42.40
N GLU R 35 33.05 0.96 -41.87
CA GLU R 35 31.85 1.72 -42.16
C GLU R 35 31.89 2.21 -43.60
N GLY R 36 30.80 2.00 -44.34
CA GLY R 36 30.76 2.36 -45.73
C GLY R 36 31.66 1.54 -46.63
N ALA R 37 32.09 0.36 -46.19
CA ALA R 37 33.03 -0.43 -46.95
C ALA R 37 32.34 -1.22 -48.05
N THR R 38 32.95 -1.20 -49.23
CA THR R 38 32.46 -2.01 -50.35
C THR R 38 32.65 -3.49 -50.02
N PRO R 39 31.73 -4.36 -50.45
CA PRO R 39 31.91 -5.80 -50.17
C PRO R 39 33.22 -6.37 -50.70
N GLN R 40 33.74 -5.86 -51.82
CA GLN R 40 35.08 -6.24 -52.25
C GLN R 40 36.12 -5.77 -51.24
N ASP R 41 35.95 -4.56 -50.71
CA ASP R 41 36.85 -4.07 -49.67
C ASP R 41 36.73 -4.93 -48.42
N LEU R 42 35.52 -5.39 -48.09
CA LEU R 42 35.35 -6.30 -46.96
C LEU R 42 36.06 -7.63 -47.23
N ASN R 43 35.99 -8.12 -48.46
CA ASN R 43 36.66 -9.37 -48.80
C ASN R 43 38.16 -9.24 -48.65
N THR R 44 38.74 -8.14 -49.15
CA THR R 44 40.18 -7.96 -49.01
C THR R 44 40.55 -7.63 -47.57
N MET R 45 39.60 -7.13 -46.79
CA MET R 45 39.81 -6.93 -45.37
C MET R 45 39.90 -8.26 -44.64
N LEU R 46 39.06 -9.22 -45.04
CA LEU R 46 39.07 -10.54 -44.43
C LEU R 46 40.27 -11.38 -44.88
N ASN R 47 40.65 -11.28 -46.15
CA ASN R 47 41.65 -12.19 -46.70
C ASN R 47 43.02 -12.00 -46.07
N THR R 48 43.42 -10.75 -45.83
CA THR R 48 44.79 -10.49 -45.36
C THR R 48 45.02 -10.96 -43.93
N VAL R 49 43.98 -11.36 -43.20
CA VAL R 49 44.19 -11.89 -41.86
C VAL R 49 45.03 -13.16 -41.95
N GLY R 50 46.17 -13.15 -41.27
CA GLY R 50 47.10 -14.27 -41.29
C GLY R 50 46.84 -15.23 -40.15
N GLY R 51 47.04 -16.51 -40.41
CA GLY R 51 46.82 -17.52 -39.40
C GLY R 51 45.33 -17.68 -39.09
N HIS R 52 45.08 -18.43 -38.01
CA HIS R 52 43.73 -18.70 -37.54
C HIS R 52 42.86 -19.27 -38.66
N GLN R 53 43.37 -20.30 -39.32
CA GLN R 53 42.67 -20.88 -40.45
C GLN R 53 41.36 -21.54 -40.03
N ALA R 54 41.30 -22.09 -38.81
CA ALA R 54 40.05 -22.63 -38.31
C ALA R 54 38.99 -21.54 -38.16
N ALA R 55 39.40 -20.39 -37.62
CA ALA R 55 38.47 -19.27 -37.50
C ALA R 55 38.02 -18.78 -38.86
N MET R 56 38.94 -18.70 -39.83
CA MET R 56 38.55 -18.32 -41.18
C MET R 56 37.58 -19.31 -41.79
N GLN R 57 37.79 -20.61 -41.55
CA GLN R 57 36.88 -21.61 -42.07
C GLN R 57 35.49 -21.46 -41.46
N MET R 58 35.41 -21.26 -40.14
CA MET R 58 34.13 -21.04 -39.50
C MET R 58 33.44 -19.80 -40.06
N LEU R 59 34.20 -18.72 -40.23
CA LEU R 59 33.61 -17.50 -40.75
C LEU R 59 33.07 -17.71 -42.16
N LYS R 60 33.89 -18.31 -43.03
CA LYS R 60 33.47 -18.56 -44.41
C LYS R 60 32.24 -19.45 -44.47
N GLU R 61 32.16 -20.44 -43.56
CA GLU R 61 30.94 -21.23 -43.45
C GLU R 61 29.74 -20.34 -43.13
N THR R 62 29.95 -19.36 -42.24
CA THR R 62 28.84 -18.46 -41.89
C THR R 62 28.40 -17.61 -43.07
N ILE R 63 29.34 -17.03 -43.83
CA ILE R 63 28.92 -16.28 -45.02
C ILE R 63 28.23 -17.20 -46.01
N ASN R 64 28.72 -18.45 -46.16
CA ASN R 64 28.06 -19.35 -47.08
C ASN R 64 26.63 -19.63 -46.67
N GLU R 65 26.40 -19.86 -45.38
CA GLU R 65 25.05 -20.09 -44.88
C GLU R 65 24.15 -18.88 -45.13
N GLU R 66 24.64 -17.69 -44.76
CA GLU R 66 23.82 -16.49 -44.90
C GLU R 66 23.54 -16.17 -46.36
N ALA R 67 24.52 -16.39 -47.24
CA ALA R 67 24.30 -16.16 -48.67
C ALA R 67 23.30 -17.16 -49.23
N ALA R 68 23.37 -18.42 -48.78
CA ALA R 68 22.40 -19.40 -49.24
C ALA R 68 20.99 -19.02 -48.81
N GLU R 69 20.83 -18.55 -47.57
CA GLU R 69 19.48 -18.17 -47.14
C GLU R 69 19.03 -16.85 -47.75
N TRP R 70 19.97 -15.97 -48.12
CA TRP R 70 19.60 -14.81 -48.91
C TRP R 70 19.10 -15.22 -50.29
N ASP R 71 19.75 -16.23 -50.88
CA ASP R 71 19.27 -16.77 -52.15
C ASP R 71 17.88 -17.37 -52.00
N ARG R 72 17.64 -18.06 -50.88
CA ARG R 72 16.34 -18.69 -50.65
C ARG R 72 15.25 -17.64 -50.48
N LEU R 73 15.42 -16.73 -49.52
CA LEU R 73 14.36 -15.78 -49.20
C LEU R 73 14.11 -14.82 -50.37
N HIS R 74 15.18 -14.34 -51.00
CA HIS R 74 15.04 -13.38 -52.09
C HIS R 74 15.03 -14.11 -53.43
N PRO R 75 13.96 -14.06 -54.19
CA PRO R 75 13.88 -14.80 -55.45
C PRO R 75 14.66 -14.09 -56.56
N VAL R 76 14.57 -14.66 -57.75
CA VAL R 76 15.22 -14.12 -58.95
C VAL R 76 14.14 -13.74 -59.95
N HIS R 77 14.22 -12.52 -60.45
CA HIS R 77 13.28 -12.06 -61.48
C HIS R 77 13.64 -12.73 -62.80
N ALA R 78 12.74 -13.58 -63.30
CA ALA R 78 12.96 -14.31 -64.55
C ALA R 78 12.54 -13.47 -65.75
N GLY R 79 13.28 -12.38 -65.95
CA GLY R 79 13.01 -11.47 -67.05
C GLY R 79 14.26 -10.76 -67.52
N PRO R 80 14.26 -10.32 -68.77
CA PRO R 80 15.42 -9.57 -69.29
C PRO R 80 15.60 -8.26 -68.55
N ILE R 81 16.85 -7.84 -68.42
CA ILE R 81 17.18 -6.61 -67.70
C ILE R 81 16.86 -5.42 -68.59
N ALA R 82 15.95 -4.56 -68.14
CA ALA R 82 15.56 -3.38 -68.88
C ALA R 82 16.61 -2.28 -68.74
N PRO R 83 16.70 -1.37 -69.71
CA PRO R 83 17.62 -0.24 -69.58
C PRO R 83 17.19 0.67 -68.43
N GLY R 84 18.17 1.34 -67.84
CA GLY R 84 17.94 2.12 -66.64
C GLY R 84 18.00 1.34 -65.35
N GLN R 85 18.26 0.04 -65.42
CA GLN R 85 18.36 -0.81 -64.24
C GLN R 85 19.29 -1.96 -64.56
N MET R 86 19.80 -2.61 -63.52
CA MET R 86 20.66 -3.77 -63.69
C MET R 86 20.30 -4.83 -62.65
N ARG R 87 20.95 -5.98 -62.77
CA ARG R 87 20.50 -7.18 -62.08
C ARG R 87 20.51 -7.00 -60.57
N GLU R 88 19.52 -7.59 -59.90
CA GLU R 88 19.47 -7.58 -58.45
C GLU R 88 20.59 -8.46 -57.88
N PRO R 89 21.09 -8.13 -56.69
CA PRO R 89 22.19 -8.91 -56.12
C PRO R 89 21.74 -10.32 -55.73
N ARG R 90 22.58 -11.29 -56.04
CA ARG R 90 22.35 -12.67 -55.63
C ARG R 90 22.94 -12.89 -54.24
N GLY R 91 22.93 -14.14 -53.78
CA GLY R 91 23.53 -14.45 -52.50
C GLY R 91 25.04 -14.27 -52.50
N SER R 92 25.70 -14.72 -53.55
CA SER R 92 27.14 -14.55 -53.66
C SER R 92 27.53 -13.14 -54.09
N ASP R 93 26.62 -12.38 -54.69
CA ASP R 93 26.93 -11.02 -55.10
C ASP R 93 27.15 -10.13 -53.87
N ILE R 94 26.40 -10.35 -52.80
CA ILE R 94 26.58 -9.57 -51.58
C ILE R 94 27.96 -9.83 -51.00
N ALA R 95 28.43 -11.08 -51.06
CA ALA R 95 29.75 -11.41 -50.55
C ALA R 95 30.87 -11.01 -51.51
N GLY R 96 30.55 -10.54 -52.71
CA GLY R 96 31.55 -10.10 -53.64
C GLY R 96 32.25 -11.20 -54.40
N THR R 97 31.80 -12.45 -54.27
CA THR R 97 32.45 -13.55 -54.96
C THR R 97 32.32 -13.42 -56.48
N THR R 98 31.13 -13.05 -56.96
CA THR R 98 30.88 -12.97 -58.40
C THR R 98 30.30 -11.62 -58.79
N SER R 99 30.63 -10.57 -58.04
CA SER R 99 30.17 -9.22 -58.34
C SER R 99 31.38 -8.31 -58.49
N THR R 100 31.42 -7.55 -59.58
CA THR R 100 32.53 -6.64 -59.81
C THR R 100 32.42 -5.43 -58.89
N LEU R 101 33.53 -4.69 -58.79
CA LEU R 101 33.54 -3.48 -57.98
C LEU R 101 32.55 -2.46 -58.50
N GLN R 102 32.49 -2.28 -59.82
CA GLN R 102 31.58 -1.31 -60.41
C GLN R 102 30.13 -1.66 -60.09
N GLU R 103 29.77 -2.94 -60.15
CA GLU R 103 28.40 -3.35 -59.84
C GLU R 103 28.06 -3.08 -58.38
N GLN R 104 28.99 -3.36 -57.47
CA GLN R 104 28.74 -3.09 -56.05
C GLN R 104 28.58 -1.60 -55.79
N ILE R 105 29.41 -0.77 -56.43
CA ILE R 105 29.29 0.68 -56.27
C ILE R 105 27.96 1.15 -56.83
N GLY R 106 27.54 0.60 -57.98
CA GLY R 106 26.25 0.96 -58.54
C GLY R 106 25.10 0.58 -57.63
N TRP R 107 25.17 -0.60 -57.01
CA TRP R 107 24.15 -1.00 -56.05
C TRP R 107 24.11 -0.04 -54.87
N MET R 108 25.28 0.35 -54.35
CA MET R 108 25.31 1.26 -53.21
C MET R 108 24.76 2.63 -53.56
N THR R 109 25.11 3.14 -54.75
CA THR R 109 24.75 4.50 -55.13
C THR R 109 23.43 4.60 -55.89
N HIS R 110 22.75 3.49 -56.12
CA HIS R 110 21.49 3.51 -56.83
C HIS R 110 20.39 4.13 -55.95
N ASN R 111 19.36 4.65 -56.59
CA ASN R 111 18.19 5.17 -55.88
C ASN R 111 16.99 4.27 -56.16
N PRO R 112 16.47 3.55 -55.15
CA PRO R 112 16.90 3.49 -53.75
C PRO R 112 18.16 2.65 -53.56
N PRO R 113 18.93 2.92 -52.51
CA PRO R 113 20.18 2.19 -52.31
C PRO R 113 19.95 0.77 -51.83
N ILE R 114 20.75 -0.15 -52.37
CA ILE R 114 20.79 -1.53 -51.91
C ILE R 114 22.06 -1.68 -51.08
N PRO R 115 21.98 -1.79 -49.76
CA PRO R 115 23.19 -1.80 -48.92
C PRO R 115 23.90 -3.14 -48.92
N VAL R 116 24.52 -3.46 -50.07
CA VAL R 116 25.24 -4.72 -50.18
C VAL R 116 26.35 -4.78 -49.14
N GLY R 117 27.06 -3.67 -48.94
CA GLY R 117 28.10 -3.64 -47.93
C GLY R 117 27.56 -3.83 -46.53
N GLU R 118 26.41 -3.24 -46.23
CA GLU R 118 25.82 -3.39 -44.90
C GLU R 118 25.40 -4.83 -44.65
N ILE R 119 24.79 -5.48 -45.64
CA ILE R 119 24.37 -6.87 -45.46
C ILE R 119 25.57 -7.79 -45.32
N TYR R 120 26.59 -7.59 -46.16
CA TYR R 120 27.80 -8.40 -46.04
C TYR R 120 28.46 -8.18 -44.68
N LYS R 121 28.48 -6.94 -44.20
CA LYS R 121 29.02 -6.66 -42.87
C LYS R 121 28.22 -7.37 -41.80
N ARG R 122 26.89 -7.40 -41.94
CA ARG R 122 26.07 -8.11 -40.97
C ARG R 122 26.40 -9.60 -40.94
N TRP R 123 26.57 -10.21 -42.12
CA TRP R 123 26.95 -11.62 -42.16
C TRP R 123 28.31 -11.84 -41.52
N ILE R 124 29.26 -10.93 -41.77
CA ILE R 124 30.59 -11.08 -41.20
C ILE R 124 30.56 -10.91 -39.69
N ILE R 125 29.71 -10.02 -39.17
CA ILE R 125 29.57 -9.88 -37.73
C ILE R 125 28.94 -11.13 -37.12
N LEU R 126 27.97 -11.73 -37.80
CA LEU R 126 27.41 -12.99 -37.33
C LEU R 126 28.50 -14.06 -37.24
N GLY R 127 29.32 -14.15 -38.30
CA GLY R 127 30.40 -15.11 -38.28
C GLY R 127 31.40 -14.84 -37.17
N LEU R 128 31.75 -13.58 -36.96
CA LEU R 128 32.71 -13.22 -35.92
C LEU R 128 32.17 -13.53 -34.54
N ASN R 129 30.87 -13.29 -34.32
CA ASN R 129 30.26 -13.66 -33.05
C ASN R 129 30.32 -15.17 -32.84
N LYS R 130 30.06 -15.93 -33.90
CA LYS R 130 30.22 -17.38 -33.81
C LYS R 130 31.66 -17.75 -33.44
N ILE R 131 32.63 -17.07 -34.04
CA ILE R 131 34.04 -17.37 -33.76
C ILE R 131 34.36 -17.10 -32.29
N VAL R 132 33.98 -15.92 -31.80
CA VAL R 132 34.32 -15.58 -30.41
C VAL R 132 33.55 -16.47 -29.43
N ARG R 133 32.37 -16.97 -29.82
CA ARG R 133 31.65 -17.86 -28.92
C ARG R 133 32.26 -19.26 -28.89
N MET R 134 32.67 -19.77 -30.05
CA MET R 134 33.10 -21.16 -30.18
C MET R 134 34.61 -21.32 -30.31
N TYR R 135 35.22 -20.64 -31.27
CA TYR R 135 36.64 -20.85 -31.57
C TYR R 135 37.52 -20.39 -30.42
N SER R 136 38.60 -21.12 -30.19
CA SER R 136 39.59 -20.78 -29.17
C SER R 136 40.97 -20.91 -29.81
N PRO R 137 41.73 -19.83 -29.92
CA PRO R 137 43.04 -19.92 -30.58
C PRO R 137 44.02 -20.74 -29.77
N THR R 138 44.96 -21.35 -30.48
CA THR R 138 46.03 -22.12 -29.85
C THR R 138 47.23 -21.22 -29.59
N SER R 139 48.07 -21.62 -28.63
CA SER R 139 49.23 -20.84 -28.26
C SER R 139 50.35 -21.77 -27.84
N ILE R 140 51.57 -21.24 -27.86
CA ILE R 140 52.74 -22.04 -27.46
C ILE R 140 52.64 -22.42 -26.00
N LEU R 141 51.93 -21.62 -25.19
CA LEU R 141 51.76 -21.96 -23.78
C LEU R 141 50.87 -23.18 -23.57
N ASP R 142 50.03 -23.50 -24.56
CA ASP R 142 49.11 -24.63 -24.45
C ASP R 142 49.67 -25.91 -25.05
N ILE R 143 50.92 -25.90 -25.51
CA ILE R 143 51.54 -27.09 -26.09
C ILE R 143 52.21 -27.85 -24.95
N ARG R 144 51.63 -28.98 -24.57
CA ARG R 144 52.15 -29.82 -23.51
C ARG R 144 52.30 -31.24 -24.01
N GLN R 145 53.18 -31.99 -23.34
CA GLN R 145 53.46 -33.36 -23.74
C GLN R 145 52.40 -34.31 -23.22
N GLY R 146 52.01 -35.27 -24.06
CA GLY R 146 51.10 -36.31 -23.66
C GLY R 146 51.79 -37.33 -22.77
N PRO R 147 51.02 -37.99 -21.91
CA PRO R 147 51.64 -38.96 -20.99
C PRO R 147 52.41 -40.06 -21.69
N LYS R 148 51.90 -40.55 -22.83
CA LYS R 148 52.58 -41.58 -23.60
C LYS R 148 53.19 -41.04 -24.88
N GLU R 149 53.14 -39.74 -25.10
CA GLU R 149 53.65 -39.16 -26.34
C GLU R 149 55.17 -39.27 -26.38
N PRO R 150 55.74 -39.68 -27.51
CA PRO R 150 57.20 -39.69 -27.63
C PRO R 150 57.76 -38.28 -27.57
N PHE R 151 58.98 -38.17 -27.02
CA PHE R 151 59.58 -36.86 -26.84
C PHE R 151 59.87 -36.18 -28.17
N ARG R 152 60.33 -36.94 -29.16
CA ARG R 152 60.67 -36.35 -30.46
C ARG R 152 59.45 -35.75 -31.14
N ASP R 153 58.32 -36.46 -31.11
CA ASP R 153 57.10 -35.94 -31.71
C ASP R 153 56.62 -34.67 -30.99
N TYR R 154 56.72 -34.66 -29.67
CA TYR R 154 56.34 -33.46 -28.92
C TYR R 154 57.25 -32.29 -29.27
N VAL R 155 58.55 -32.54 -29.42
CA VAL R 155 59.47 -31.47 -29.80
C VAL R 155 59.12 -30.93 -31.17
N ASP R 156 58.81 -31.82 -32.12
CA ASP R 156 58.43 -31.38 -33.46
C ASP R 156 57.16 -30.55 -33.42
N ARG R 157 56.16 -30.98 -32.65
CA ARG R 157 54.91 -30.22 -32.55
C ARG R 157 55.14 -28.87 -31.90
N PHE R 158 55.98 -28.83 -30.86
CA PHE R 158 56.31 -27.56 -30.20
C PHE R 158 57.01 -26.62 -31.17
N TYR R 159 57.94 -27.13 -31.97
CA TYR R 159 58.63 -26.29 -32.93
C TYR R 159 57.68 -25.78 -34.01
N LYS R 160 56.76 -26.62 -34.46
CA LYS R 160 55.77 -26.17 -35.43
C LYS R 160 54.90 -25.05 -34.85
N THR R 161 54.45 -25.23 -33.61
CA THR R 161 53.62 -24.20 -32.98
C THR R 161 54.40 -22.90 -32.81
N LEU R 162 55.67 -22.99 -32.40
CA LEU R 162 56.49 -21.80 -32.23
C LEU R 162 56.73 -21.10 -33.56
N ARG R 163 56.98 -21.87 -34.62
CA ARG R 163 57.13 -21.28 -35.94
C ARG R 163 55.84 -20.62 -36.40
N ALA R 164 54.70 -21.11 -35.93
CA ALA R 164 53.43 -20.48 -36.25
C ALA R 164 53.14 -19.27 -35.37
N GLU R 165 53.92 -19.03 -34.32
CA GLU R 165 53.68 -17.92 -33.41
C GLU R 165 54.11 -16.60 -34.04
N GLN R 166 53.48 -15.51 -33.59
CA GLN R 166 53.81 -14.16 -34.02
C GLN R 166 54.56 -13.49 -32.88
N ALA R 167 55.89 -13.53 -32.95
CA ALA R 167 56.74 -12.95 -31.93
C ALA R 167 58.13 -12.74 -32.51
N SER R 168 58.98 -12.07 -31.74
CA SER R 168 60.34 -11.80 -32.17
C SER R 168 61.19 -13.06 -32.04
N GLN R 169 62.35 -13.03 -32.69
CA GLN R 169 63.25 -14.18 -32.64
C GLN R 169 63.80 -14.40 -31.24
N GLU R 170 64.17 -13.33 -30.53
CA GLU R 170 64.78 -13.48 -29.22
C GLU R 170 63.79 -14.07 -28.21
N VAL R 171 62.55 -13.58 -28.19
CA VAL R 171 61.57 -14.12 -27.26
C VAL R 171 61.26 -15.57 -27.60
N LYS R 172 61.21 -15.90 -28.90
CA LYS R 172 60.97 -17.28 -29.29
C LYS R 172 62.10 -18.20 -28.84
N ASN R 173 63.35 -17.73 -28.94
CA ASN R 173 64.46 -18.53 -28.42
C ASN R 173 64.37 -18.67 -26.91
N TRP R 174 63.89 -17.63 -26.22
CA TRP R 174 63.67 -17.73 -24.78
C TRP R 174 62.64 -18.81 -24.45
N MET R 175 61.54 -18.85 -25.21
CA MET R 175 60.55 -19.91 -25.00
C MET R 175 61.15 -21.28 -25.29
N THR R 176 61.94 -21.40 -26.36
CA THR R 176 62.63 -22.65 -26.64
C THR R 176 63.49 -23.07 -25.45
N GLU R 177 64.13 -22.11 -24.80
CA GLU R 177 65.00 -22.44 -23.67
C GLU R 177 64.18 -22.91 -22.46
N THR R 178 63.07 -22.24 -22.16
CA THR R 178 62.38 -22.52 -20.90
C THR R 178 61.22 -23.50 -21.02
N LEU R 179 60.29 -23.26 -21.95
CA LEU R 179 59.04 -24.01 -21.97
C LEU R 179 59.26 -25.48 -22.29
N LEU R 180 60.21 -25.78 -23.20
CA LEU R 180 60.40 -27.16 -23.64
C LEU R 180 60.67 -28.08 -22.46
N VAL R 181 61.63 -27.73 -21.61
CA VAL R 181 61.87 -28.50 -20.40
C VAL R 181 60.72 -28.30 -19.41
N GLN R 182 60.20 -27.09 -19.31
CA GLN R 182 59.14 -26.81 -18.34
C GLN R 182 57.87 -27.59 -18.66
N ASN R 183 57.50 -27.67 -19.93
CA ASN R 183 56.27 -28.33 -20.35
C ASN R 183 56.63 -29.67 -20.97
N ALA R 184 56.58 -30.71 -20.15
CA ALA R 184 56.87 -32.07 -20.60
C ALA R 184 56.29 -33.04 -19.58
N ASN R 185 56.23 -34.31 -19.96
CA ASN R 185 55.72 -35.32 -19.05
C ASN R 185 56.72 -35.52 -17.90
N PRO R 186 56.23 -35.98 -16.74
CA PRO R 186 57.14 -36.13 -15.59
C PRO R 186 58.34 -37.02 -15.86
N ASP R 187 58.20 -38.07 -16.66
CA ASP R 187 59.36 -38.89 -17.00
C ASP R 187 60.36 -38.11 -17.85
N CYS R 188 59.88 -37.47 -18.92
CA CYS R 188 60.75 -36.66 -19.76
C CYS R 188 61.32 -35.48 -18.99
N LYS R 189 60.49 -34.83 -18.16
CA LYS R 189 60.97 -33.71 -17.36
C LYS R 189 62.06 -34.16 -16.38
N THR R 190 61.87 -35.31 -15.75
CA THR R 190 62.89 -35.83 -14.84
C THR R 190 64.18 -36.15 -15.58
N ILE R 191 64.07 -36.76 -16.76
CA ILE R 191 65.26 -37.08 -17.53
C ILE R 191 66.01 -35.81 -17.91
N LEU R 192 65.27 -34.78 -18.36
CA LEU R 192 65.91 -33.53 -18.75
C LEU R 192 66.54 -32.82 -17.55
N LYS R 193 65.85 -32.81 -16.41
CA LYS R 193 66.36 -32.11 -15.24
C LYS R 193 67.58 -32.80 -14.67
N ALA R 194 67.60 -34.14 -14.69
CA ALA R 194 68.78 -34.86 -14.25
C ALA R 194 69.98 -34.54 -15.15
N LEU R 195 69.75 -34.44 -16.45
CA LEU R 195 70.78 -33.97 -17.36
C LEU R 195 71.12 -32.52 -17.05
N GLY R 196 72.40 -32.17 -17.22
CA GLY R 196 72.86 -30.83 -16.92
C GLY R 196 72.24 -29.78 -17.82
N PRO R 197 71.99 -28.59 -17.29
CA PRO R 197 71.45 -27.50 -18.10
C PRO R 197 72.46 -27.05 -19.15
N GLY R 198 71.92 -26.48 -20.22
CA GLY R 198 72.74 -26.03 -21.33
C GLY R 198 72.93 -27.06 -22.43
N ALA R 199 72.45 -28.29 -22.26
CA ALA R 199 72.54 -29.28 -23.31
C ALA R 199 71.69 -28.88 -24.51
N THR R 200 72.22 -29.09 -25.71
CA THR R 200 71.52 -28.68 -26.91
C THR R 200 70.32 -29.59 -27.17
N LEU R 201 69.55 -29.25 -28.21
CA LEU R 201 68.33 -29.97 -28.51
C LEU R 201 68.61 -31.43 -28.87
N GLU R 202 69.69 -31.66 -29.62
CA GLU R 202 70.00 -33.03 -30.05
C GLU R 202 70.34 -33.92 -28.85
N GLU R 203 71.12 -33.40 -27.89
CA GLU R 203 71.50 -34.21 -26.74
C GLU R 203 70.29 -34.54 -25.87
N MET R 204 69.40 -33.57 -25.64
CA MET R 204 68.22 -33.83 -24.83
C MET R 204 67.24 -34.74 -25.55
N MET R 205 67.17 -34.64 -26.89
CA MET R 205 66.36 -35.58 -27.66
C MET R 205 66.90 -36.99 -27.56
N THR R 206 68.22 -37.14 -27.64
CA THR R 206 68.83 -38.46 -27.50
C THR R 206 68.60 -39.03 -26.10
N ALA R 207 68.71 -38.19 -25.07
CA ALA R 207 68.50 -38.65 -23.70
C ALA R 207 67.07 -39.15 -23.51
N CYS R 208 66.10 -38.47 -24.11
CA CYS R 208 64.70 -38.84 -23.98
C CYS R 208 64.23 -39.77 -25.09
N GLN R 209 65.12 -40.20 -25.98
CA GLN R 209 64.72 -41.12 -27.04
C GLN R 209 64.31 -42.48 -26.48
N GLY R 210 64.86 -42.86 -25.33
CA GLY R 210 64.56 -44.13 -24.72
C GLY R 210 63.34 -44.15 -23.81
N VAL R 211 62.60 -43.05 -23.74
CA VAL R 211 61.41 -43.01 -22.89
C VAL R 211 60.32 -43.89 -23.50
N GLY R 212 59.54 -44.52 -22.63
CA GLY R 212 58.45 -45.37 -23.08
C GLY R 212 58.87 -46.70 -23.65
N GLY R 213 60.13 -47.07 -23.54
CA GLY R 213 60.61 -48.31 -24.09
C GLY R 213 60.62 -49.44 -23.08
N PRO R 214 61.10 -50.61 -23.48
CA PRO R 214 61.16 -51.75 -22.56
C PRO R 214 62.16 -51.54 -21.44
N GLY R 215 63.37 -51.12 -21.79
CA GLY R 215 64.40 -50.91 -20.78
C GLY R 215 64.02 -49.85 -19.77
N HIS R 216 63.48 -48.73 -20.25
CA HIS R 216 63.05 -47.66 -19.34
C HIS R 216 61.96 -48.15 -18.41
N LYS R 217 60.96 -48.85 -18.96
CA LYS R 217 59.86 -49.35 -18.14
C LYS R 217 60.37 -50.30 -17.07
N ALA R 218 61.24 -51.23 -17.45
CA ALA R 218 61.80 -52.16 -16.47
C ALA R 218 62.58 -51.41 -15.39
N ARG R 219 63.37 -50.40 -15.80
CA ARG R 219 64.16 -49.65 -14.84
C ARG R 219 63.29 -48.93 -13.84
N VAL R 220 62.24 -48.24 -14.32
CA VAL R 220 61.42 -47.46 -13.39
C VAL R 220 60.61 -48.40 -12.50
N ILE R 221 60.13 -49.51 -13.04
CA ILE R 221 59.39 -50.48 -12.24
C ILE R 221 60.27 -51.03 -11.13
N ALA R 222 61.51 -51.41 -11.48
CA ALA R 222 62.43 -51.93 -10.47
C ALA R 222 62.75 -50.88 -9.42
N GLU R 223 62.96 -49.63 -9.85
CA GLU R 223 63.27 -48.57 -8.90
C GLU R 223 62.11 -48.34 -7.94
N ALA R 224 60.89 -48.32 -8.45
CA ALA R 224 59.73 -48.14 -7.58
C ALA R 224 59.56 -49.30 -6.62
N MET R 225 59.74 -50.53 -7.10
CA MET R 225 59.61 -51.69 -6.24
C MET R 225 60.65 -51.69 -5.14
N SER R 226 61.89 -51.31 -5.47
CA SER R 226 62.94 -51.21 -4.45
C SER R 226 62.64 -50.09 -3.47
N GLN R 227 62.10 -48.98 -3.96
CA GLN R 227 61.82 -47.84 -3.08
C GLN R 227 60.74 -48.16 -2.07
N VAL R 228 59.63 -48.76 -2.53
CA VAL R 228 58.53 -49.04 -1.61
C VAL R 228 58.92 -50.13 -0.61
N THR R 229 59.69 -51.12 -1.05
CA THR R 229 60.09 -52.22 -0.18
C THR R 229 61.48 -51.98 0.40
C1 IHP S . 10.64 -11.72 18.83
C2 IHP S . 10.96 -13.10 18.22
C3 IHP S . 12.28 -13.01 17.44
C4 IHP S . 13.44 -12.51 18.34
C5 IHP S . 13.05 -11.17 19.00
C6 IHP S . 11.75 -11.35 19.80
O11 IHP S . 9.40 -11.70 19.45
P1 IHP S . 8.15 -10.84 18.74
O21 IHP S . 8.52 -9.36 18.80
O31 IHP S . 8.12 -11.42 17.33
O41 IHP S . 6.89 -11.16 19.55
O12 IHP S . 11.05 -14.05 19.25
P2 IHP S . 9.81 -15.08 19.68
O22 IHP S . 8.84 -15.15 18.51
O32 IHP S . 10.61 -16.37 19.91
O42 IHP S . 9.20 -14.53 20.97
O13 IHP S . 12.54 -14.20 16.75
P3 IHP S . 13.54 -15.43 17.29
O23 IHP S . 13.21 -16.67 16.45
O33 IHP S . 15.00 -15.00 17.06
O43 IHP S . 13.19 -15.59 18.77
O14 IHP S . 14.64 -12.36 17.63
P4 IHP S . 14.75 -11.66 16.11
O24 IHP S . 13.69 -10.56 15.96
O34 IHP S . 16.17 -11.08 16.00
O44 IHP S . 14.53 -12.86 15.18
O15 IHP S . 14.07 -10.69 19.81
P5 IHP S . 14.74 -9.19 19.51
O25 IHP S . 15.89 -9.55 18.57
O35 IHP S . 13.66 -8.31 18.88
O45 IHP S . 15.20 -8.62 20.86
O16 IHP S . 11.41 -10.19 20.49
P6 IHP S . 11.25 -10.18 22.15
O26 IHP S . 12.65 -10.32 22.77
O36 IHP S . 10.63 -8.80 22.39
O46 IHP S . 10.33 -11.34 22.53
C13 2I4 T . 22.46 -21.57 34.28
C18 2I4 T . 23.29 -22.70 34.93
C15 2I4 T . 20.39 -22.57 35.30
C19 2I4 T . 24.73 -22.46 35.45
C20 2I4 T . 25.91 -22.51 34.55
C21 2I4 T . 24.91 -23.60 36.50
C22 2I4 T . 23.58 -24.34 36.55
C23 2I4 T . 17.33 -17.46 30.68
C24 2I4 T . 16.51 -19.57 29.84
C34 2I4 T . 15.72 -16.54 24.83
C27 2I4 T . 20.90 -23.14 32.97
C33 2I4 T . 16.15 -15.64 26.02
C2 2I4 T . 20.11 -18.28 29.00
C3 2I4 T . 18.62 -18.56 28.85
C4 2I4 T . 17.79 -18.83 30.15
C5 2I4 T . 18.71 -19.57 31.18
C6 2I4 T . 18.08 -19.77 32.55
C7 2I4 T . 18.75 -20.99 33.18
C9 2I4 T . 20.91 -20.29 32.18
C14 2I4 T . 20.98 -22.01 33.99
C25 2I4 T . 20.54 -17.80 31.85
C26 2I4 T . 20.21 -19.76 34.66
C30 2I4 T . 25.95 -23.12 33.38
C31 2I4 T . 17.42 -17.45 27.14
C32 2I4 T . 17.54 -16.15 26.42
C35 2I4 T . 16.20 -14.19 25.55
C36 2I4 T . 15.22 -15.74 27.21
O1 2I4 T . 18.09 -17.37 28.30
O2 2I4 T . 22.61 -21.02 37.30
O3 2I4 T . 22.28 -22.82 38.53
O4 2I4 T . 16.84 -18.48 26.82
O5 2I4 T . 14.62 -17.12 24.93
O6 2I4 T . 16.49 -16.63 23.87
C1 2I4 T . 20.74 -19.29 29.90
C8 2I4 T . 20.22 -20.74 33.50
C10 2I4 T . 20.20 -19.18 31.31
C11 2I4 T . 22.40 -19.97 32.34
C12 2I4 T . 23.17 -21.10 33.01
C16 2I4 T . 21.21 -23.72 35.85
C17 2I4 T . 22.58 -23.24 36.19
C28 2I4 T . 22.49 -22.26 37.41
C29 2I4 T . 27.11 -21.79 35.11
#